data_8QFX
#
_entry.id   8QFX
#
_cell.length_a   74.229
_cell.length_b   103.395
_cell.length_c   115.416
_cell.angle_alpha   84.950
_cell.angle_beta   85.493
_cell.angle_gamma   81.549
#
_symmetry.space_group_name_H-M   'P 1'
#
loop_
_entity.id
_entity.type
_entity.pdbx_description
1 polymer 'Angiotensin-converting enzyme, soluble form'
2 polymer ILE-PRO-PRO
3 branched alpha-L-fucopyranose-(1-6)-2-acetamido-2-deoxy-beta-D-glucopyranose
4 branched 2-acetamido-2-deoxy-beta-D-glucopyranose-(1-4)-[alpha-L-fucopyranose-(1-6)]2-acetamido-2-deoxy-beta-D-glucopyranose
5 branched 2-acetamido-2-deoxy-beta-D-glucopyranose-(1-4)-2-acetamido-2-deoxy-beta-D-glucopyranose
6 non-polymer 'ZINC ION'
7 non-polymer 'CHLORIDE ION'
8 non-polymer 'MAGNESIUM ION'
9 non-polymer 'TRIETHYLENE GLYCOL'
10 non-polymer 'DODECAETHYLENE GLYCOL'
11 non-polymer 3,6,9,12,15,18,21,24,27-NONAOXANONACOSANE-1,29-DIOL
12 non-polymer DI(HYDROXYETHYL)ETHER
13 non-polymer 1,2-ETHANEDIOL
14 non-polymer 2-acetamido-2-deoxy-beta-D-glucopyranose
15 non-polymer beta-D-mannopyranose
16 non-polymer 'ACETATE ION'
17 non-polymer alpha-L-fucopyranose
18 non-polymer 'TETRAETHYLENE GLYCOL'
19 non-polymer 'PENTAETHYLENE GLYCOL'
20 water water
#
loop_
_entity_poly.entity_id
_entity_poly.type
_entity_poly.pdbx_seq_one_letter_code
_entity_poly.pdbx_strand_id
1 'polypeptide(L)'
;LDPGLQPGQFSADEAGAQLFAQSYQSSAEQVLFQSVAASWAHDTNITAENARRQEEAALLSQEFAEAWGQKAKELYEPIW
QQFTDPQLRRIIGAVRTLGSANLPLAKRQQYNALLSQMSRIYSTAKVCLPQKTATCWSLDPDLTNILASSRSYAMLLFAW
EGWHNAAGIPLKPLYEDFTALSNEAYKQDGFTDTGAYWRSWYNSPTFEDDLEHLYQQLEPLYLNLHAFVRRALHRRYGDR
YINLRGPIPAHLLGDMWAQSWENIYDMVVPFPDKPNLDVTSTMLQQGWQATHMFRVAEEFFTSLELSPMPPEFWEGSMLE
KPADGREVVCHASAWDFYNRKDFRIKQCTRVTMDQLSTVHHEMGHIQYYLQYKDLPVSLRRGANPGFHEAIGDVLALSVS
TPEHLHKIGLLDRVTNDTESDINYLLKMALEKIAFLPFGYLVDQWRWGVFSGRTPPSRYNFDWWYLRTKYQGICPPVTRN
ETHFDAGAKFHVPNVTPYIRYFVSFVLQFQFHEALCKEAGYEGPLHQCDIYRSTKAGAKLRKVLRAGSSRPWQEVLKDMV
GLDALDAQPLLKYFQLVTQWLQEQNQQNGEVLGWPEYQWHPPLPDNYPEGIDLVTDEAEASKFVEEYD
;
A,B,C,D
2 'polypeptide(L)' IPP E,F,G,H
#
loop_
_chem_comp.id
_chem_comp.type
_chem_comp.name
_chem_comp.formula
12P non-polymer 'DODECAETHYLENE GLYCOL' 'C24 H50 O13'
1PE non-polymer 'PENTAETHYLENE GLYCOL' 'C10 H22 O6'
ACT non-polymer 'ACETATE ION' 'C2 H3 O2 -1'
BMA D-saccharide, beta linking beta-D-mannopyranose 'C6 H12 O6'
CL non-polymer 'CHLORIDE ION' 'Cl -1'
EDO non-polymer 1,2-ETHANEDIOL 'C2 H6 O2'
FUC L-saccharide, alpha linking alpha-L-fucopyranose 'C6 H12 O5'
MG non-polymer 'MAGNESIUM ION' 'Mg 2'
NAG D-saccharide, beta linking 2-acetamido-2-deoxy-beta-D-glucopyranose 'C8 H15 N O6'
PEG non-polymer DI(HYDROXYETHYL)ETHER 'C4 H10 O3'
PG4 non-polymer 'TETRAETHYLENE GLYCOL' 'C8 H18 O5'
PGE non-polymer 'TRIETHYLENE GLYCOL' 'C6 H14 O4'
XPE non-polymer 3,6,9,12,15,18,21,24,27-NONAOXANONACOSANE-1,29-DIOL 'C20 H42 O11'
ZN non-polymer 'ZINC ION' 'Zn 2'
#
# COMPACT_ATOMS: atom_id res chain seq x y z
N LEU A 1 -23.42 -25.53 11.53
CA LEU A 1 -22.14 -26.22 11.27
C LEU A 1 -22.25 -26.81 9.87
N ASP A 2 -21.15 -26.76 9.13
CA ASP A 2 -21.10 -27.25 7.77
C ASP A 2 -21.57 -28.73 7.72
N PRO A 3 -22.36 -29.15 6.72
CA PRO A 3 -22.80 -30.56 6.63
C PRO A 3 -21.68 -31.59 6.78
N GLY A 4 -20.55 -31.28 6.14
CA GLY A 4 -19.36 -32.11 6.23
C GLY A 4 -18.84 -32.41 7.64
N LEU A 5 -19.13 -31.54 8.64
CA LEU A 5 -18.51 -31.60 9.96
C LEU A 5 -19.43 -32.12 11.06
N GLN A 6 -20.71 -32.36 10.72
CA GLN A 6 -21.68 -32.85 11.68
C GLN A 6 -21.51 -34.36 11.95
N PRO A 7 -21.79 -34.85 13.19
CA PRO A 7 -21.84 -36.30 13.42
C PRO A 7 -22.99 -37.09 12.82
N GLY A 8 -22.62 -38.23 12.22
CA GLY A 8 -23.47 -39.23 11.61
C GLY A 8 -24.07 -40.16 12.65
N GLN A 9 -24.38 -41.39 12.22
CA GLN A 9 -24.96 -42.44 13.06
C GLN A 9 -23.93 -43.54 13.37
N PHE A 10 -23.96 -44.10 14.60
CA PHE A 10 -23.15 -45.21 15.13
C PHE A 10 -23.92 -46.03 16.19
N SER A 11 -23.54 -47.31 16.39
CA SER A 11 -24.24 -48.14 17.39
C SER A 11 -23.85 -47.77 18.82
N ALA A 12 -24.78 -47.99 19.77
CA ALA A 12 -24.60 -47.54 21.15
C ALA A 12 -23.89 -48.65 21.97
N ASP A 13 -22.66 -49.00 21.55
CA ASP A 13 -21.91 -50.10 22.14
C ASP A 13 -20.44 -49.82 21.89
N GLU A 14 -19.52 -50.64 22.44
CA GLU A 14 -18.11 -50.23 22.44
C GLU A 14 -17.58 -50.20 21.01
N ALA A 15 -18.08 -51.15 20.21
CA ALA A 15 -17.77 -51.28 18.79
C ALA A 15 -18.23 -50.04 18.03
N GLY A 16 -19.48 -49.58 18.30
CA GLY A 16 -19.97 -48.32 17.75
C GLY A 16 -19.06 -47.14 18.15
N ALA A 17 -18.64 -47.12 19.43
CA ALA A 17 -17.80 -46.04 19.91
C ALA A 17 -16.46 -46.06 19.19
N GLN A 18 -15.96 -47.24 18.77
CA GLN A 18 -14.71 -47.25 18.02
C GLN A 18 -14.91 -46.49 16.70
N LEU A 19 -16.04 -46.72 16.01
CA LEU A 19 -16.27 -46.02 14.74
C LEU A 19 -16.50 -44.50 14.93
N PHE A 20 -17.26 -44.15 15.99
CA PHE A 20 -17.49 -42.76 16.41
C PHE A 20 -16.17 -42.02 16.60
N ALA A 21 -15.21 -42.64 17.33
CA ALA A 21 -13.95 -41.98 17.62
C ALA A 21 -13.16 -41.73 16.34
N GLN A 22 -13.22 -42.64 15.37
CA GLN A 22 -12.37 -42.46 14.19
C GLN A 22 -12.96 -41.38 13.30
N SER A 23 -14.31 -41.28 13.35
CA SER A 23 -15.00 -40.31 12.54
C SER A 23 -14.82 -38.93 13.20
N TYR A 24 -14.85 -38.94 14.54
CA TYR A 24 -14.66 -37.70 15.30
C TYR A 24 -13.33 -37.05 14.93
N GLN A 25 -12.32 -37.89 14.73
CA GLN A 25 -10.95 -37.40 14.55
C GLN A 25 -10.75 -36.86 13.14
N SER A 26 -11.43 -37.45 12.19
CA SER A 26 -11.26 -37.09 10.79
C SER A 26 -11.80 -35.68 10.51
N SER A 27 -12.80 -35.27 11.30
CA SER A 27 -13.42 -33.96 11.20
C SER A 27 -12.64 -32.92 11.99
N ALA A 28 -12.23 -33.33 13.19
CA ALA A 28 -11.56 -32.43 14.11
C ALA A 28 -10.37 -31.78 13.40
N GLU A 29 -9.68 -32.56 12.53
CA GLU A 29 -8.55 -32.01 11.79
C GLU A 29 -8.84 -30.69 11.10
N GLN A 30 -9.99 -30.57 10.39
CA GLN A 30 -10.26 -29.37 9.60
C GLN A 30 -10.61 -28.17 10.49
N VAL A 31 -11.26 -28.44 11.63
CA VAL A 31 -11.74 -27.38 12.54
C VAL A 31 -10.54 -26.78 13.28
N LEU A 32 -9.61 -27.66 13.71
CA LEU A 32 -8.34 -27.27 14.34
C LEU A 32 -7.53 -26.37 13.41
N PHE A 33 -7.37 -26.78 12.14
CA PHE A 33 -6.66 -25.95 11.19
C PHE A 33 -7.22 -24.52 11.13
N GLN A 34 -8.55 -24.36 10.97
CA GLN A 34 -9.10 -23.01 10.78
C GLN A 34 -8.85 -22.16 12.05
N SER A 35 -8.90 -22.80 13.22
CA SER A 35 -8.70 -22.12 14.51
C SER A 35 -7.25 -21.62 14.64
N VAL A 36 -6.33 -22.54 14.34
CA VAL A 36 -4.93 -22.17 14.52
C VAL A 36 -4.56 -21.07 13.50
N ALA A 37 -5.02 -21.17 12.22
CA ALA A 37 -4.74 -20.16 11.21
C ALA A 37 -5.25 -18.76 11.60
N ALA A 38 -6.50 -18.65 12.07
CA ALA A 38 -7.04 -17.36 12.54
C ALA A 38 -6.24 -16.83 13.75
N SER A 39 -5.85 -17.70 14.69
CA SER A 39 -5.03 -17.31 15.84
C SER A 39 -3.66 -16.76 15.41
N TRP A 40 -3.02 -17.41 14.42
CA TRP A 40 -1.75 -16.90 13.85
C TRP A 40 -1.90 -15.51 13.21
N ALA A 41 -2.98 -15.30 12.43
CA ALA A 41 -3.16 -14.04 11.70
C ALA A 41 -3.29 -12.90 12.72
N HIS A 42 -3.91 -13.21 13.88
CA HIS A 42 -4.08 -12.20 14.92
C HIS A 42 -2.77 -12.02 15.70
N ASP A 43 -2.13 -13.12 16.13
CA ASP A 43 -1.00 -12.97 17.06
C ASP A 43 0.24 -12.32 16.41
N THR A 44 0.28 -12.39 15.06
CA THR A 44 1.36 -11.79 14.26
C THR A 44 0.88 -10.44 13.68
N ASN A 45 -0.34 -9.98 14.06
CA ASN A 45 -0.85 -8.71 13.52
C ASN A 45 -2.11 -8.28 14.28
N ILE A 46 -1.94 -7.73 15.49
CA ILE A 46 -3.07 -7.44 16.38
C ILE A 46 -3.83 -6.23 15.84
N THR A 47 -5.10 -6.45 15.48
CA THR A 47 -6.02 -5.45 14.95
C THR A 47 -7.45 -5.86 15.35
N ALA A 48 -8.37 -4.86 15.37
CA ALA A 48 -9.75 -5.17 15.73
C ALA A 48 -10.33 -6.18 14.73
N GLU A 49 -9.98 -6.03 13.44
CA GLU A 49 -10.50 -6.93 12.42
C GLU A 49 -9.98 -8.37 12.60
N ASN A 50 -8.71 -8.52 12.93
CA ASN A 50 -8.17 -9.87 13.07
C ASN A 50 -8.71 -10.53 14.34
N ALA A 51 -8.99 -9.74 15.39
CA ALA A 51 -9.69 -10.27 16.58
C ALA A 51 -11.10 -10.77 16.19
N ARG A 52 -11.87 -9.96 15.43
CA ARG A 52 -13.19 -10.41 15.00
C ARG A 52 -13.12 -11.78 14.27
N ARG A 53 -12.18 -11.91 13.31
CA ARG A 53 -12.00 -13.15 12.58
C ARG A 53 -11.66 -14.33 13.51
N GLN A 54 -10.81 -14.13 14.50
CA GLN A 54 -10.41 -15.21 15.41
C GLN A 54 -11.60 -15.60 16.28
N GLU A 55 -12.44 -14.62 16.68
CA GLU A 55 -13.60 -14.92 17.50
C GLU A 55 -14.60 -15.76 16.70
N GLU A 56 -14.73 -15.45 15.40
CA GLU A 56 -15.64 -16.17 14.54
C GLU A 56 -15.14 -17.63 14.41
N ALA A 57 -13.82 -17.83 14.24
CA ALA A 57 -13.26 -19.18 14.24
C ALA A 57 -13.45 -19.89 15.57
N ALA A 58 -13.24 -19.20 16.71
CA ALA A 58 -13.51 -19.78 18.01
C ALA A 58 -14.96 -20.25 18.13
N LEU A 59 -15.94 -19.43 17.67
CA LEU A 59 -17.35 -19.84 17.78
C LEU A 59 -17.60 -21.15 17.03
N LEU A 60 -17.03 -21.28 15.85
CA LEU A 60 -17.21 -22.47 15.01
C LEU A 60 -16.65 -23.67 15.78
N SER A 61 -15.48 -23.50 16.41
N SER A 61 -15.49 -23.49 16.41
CA SER A 61 -14.85 -24.53 17.23
CA SER A 61 -14.87 -24.54 17.21
C SER A 61 -15.77 -25.00 18.36
C SER A 61 -15.78 -25.00 18.36
N GLN A 62 -16.43 -24.06 19.04
CA GLN A 62 -17.42 -24.38 20.08
C GLN A 62 -18.64 -25.13 19.54
N GLU A 63 -19.12 -24.75 18.35
CA GLU A 63 -20.28 -25.38 17.75
C GLU A 63 -19.95 -26.88 17.42
N PHE A 64 -18.76 -27.11 16.84
CA PHE A 64 -18.23 -28.46 16.62
C PHE A 64 -18.14 -29.26 17.93
N ALA A 65 -17.51 -28.71 18.98
CA ALA A 65 -17.40 -29.43 20.24
C ALA A 65 -18.74 -29.82 20.82
N GLU A 66 -19.69 -28.87 20.85
CA GLU A 66 -21.04 -29.15 21.28
C GLU A 66 -21.65 -30.32 20.48
N ALA A 67 -21.58 -30.31 19.14
CA ALA A 67 -22.32 -31.31 18.39
C ALA A 67 -21.75 -32.71 18.72
N TRP A 68 -20.42 -32.82 18.79
CA TRP A 68 -19.79 -34.13 19.00
C TRP A 68 -19.91 -34.65 20.43
N GLY A 69 -19.76 -33.74 21.42
CA GLY A 69 -20.05 -34.09 22.79
C GLY A 69 -21.47 -34.55 23.12
N GLN A 70 -22.47 -33.90 22.50
CA GLN A 70 -23.83 -34.31 22.72
C GLN A 70 -24.03 -35.72 22.17
N LYS A 71 -23.32 -36.02 21.08
CA LYS A 71 -23.56 -37.31 20.44
C LYS A 71 -22.95 -38.38 21.38
N ALA A 72 -21.76 -38.10 21.93
CA ALA A 72 -21.13 -39.01 22.90
C ALA A 72 -22.03 -39.28 24.10
N LYS A 73 -22.56 -38.23 24.71
CA LYS A 73 -23.59 -38.39 25.76
C LYS A 73 -24.79 -39.25 25.31
N GLU A 74 -25.41 -38.94 24.17
CA GLU A 74 -26.57 -39.62 23.64
C GLU A 74 -26.30 -41.13 23.55
N LEU A 75 -25.17 -41.50 22.96
CA LEU A 75 -24.85 -42.87 22.66
C LEU A 75 -24.19 -43.62 23.83
N TYR A 76 -23.34 -42.98 24.65
CA TYR A 76 -22.32 -43.68 25.45
C TYR A 76 -22.34 -43.32 26.94
N GLU A 77 -22.99 -42.21 27.36
CA GLU A 77 -22.74 -41.66 28.69
C GLU A 77 -22.84 -42.75 29.77
N PRO A 78 -23.92 -43.58 29.84
CA PRO A 78 -23.94 -44.68 30.80
C PRO A 78 -23.05 -45.93 30.64
N ILE A 79 -22.09 -45.96 29.67
CA ILE A 79 -21.39 -47.20 29.33
C ILE A 79 -19.90 -47.04 29.06
N TRP A 80 -19.43 -45.87 28.59
CA TRP A 80 -18.05 -45.62 28.15
C TRP A 80 -17.01 -45.88 29.25
N GLN A 81 -17.48 -45.77 30.51
CA GLN A 81 -16.55 -45.88 31.65
C GLN A 81 -16.16 -47.35 31.89
N GLN A 82 -17.01 -48.31 31.50
CA GLN A 82 -16.64 -49.73 31.57
C GLN A 82 -16.09 -50.28 30.24
N PHE A 83 -15.65 -49.41 29.31
CA PHE A 83 -15.27 -49.88 27.98
C PHE A 83 -14.00 -50.71 28.13
N THR A 84 -13.81 -51.81 27.36
CA THR A 84 -12.60 -52.60 27.59
C THR A 84 -11.29 -51.89 27.19
N ASP A 85 -11.35 -50.93 26.22
CA ASP A 85 -10.13 -50.35 25.66
C ASP A 85 -9.75 -49.07 26.45
N PRO A 86 -8.64 -49.09 27.24
CA PRO A 86 -8.17 -47.88 27.91
C PRO A 86 -8.05 -46.66 26.98
N GLN A 87 -7.55 -46.83 25.73
CA GLN A 87 -7.27 -45.69 24.85
C GLN A 87 -8.60 -44.99 24.42
N LEU A 88 -9.56 -45.83 24.03
CA LEU A 88 -10.92 -45.44 23.70
C LEU A 88 -11.53 -44.68 24.87
N ARG A 89 -11.25 -45.14 26.13
CA ARG A 89 -11.89 -44.54 27.30
C ARG A 89 -11.49 -43.08 27.39
N ARG A 90 -10.26 -42.83 26.91
CA ARG A 90 -9.49 -41.59 26.94
C ARG A 90 -10.10 -40.58 25.98
N ILE A 91 -10.43 -41.01 24.75
CA ILE A 91 -11.02 -40.09 23.78
C ILE A 91 -12.50 -39.80 24.09
N ILE A 92 -13.31 -40.81 24.38
CA ILE A 92 -14.70 -40.55 24.70
C ILE A 92 -14.78 -39.62 25.93
N GLY A 93 -13.84 -39.77 26.87
CA GLY A 93 -13.87 -39.03 28.12
C GLY A 93 -13.58 -37.55 27.89
N ALA A 94 -12.69 -37.28 26.91
CA ALA A 94 -12.38 -35.97 26.37
C ALA A 94 -13.56 -35.41 25.58
N VAL A 95 -14.18 -36.26 24.71
CA VAL A 95 -15.22 -35.71 23.84
C VAL A 95 -16.40 -35.28 24.69
N ARG A 96 -16.69 -35.98 25.79
CA ARG A 96 -17.82 -35.54 26.57
C ARG A 96 -17.49 -34.34 27.49
N THR A 97 -16.26 -33.83 27.42
CA THR A 97 -15.85 -32.65 28.20
C THR A 97 -15.95 -31.41 27.28
N LEU A 98 -17.03 -30.59 27.41
CA LEU A 98 -17.35 -29.53 26.43
C LEU A 98 -16.60 -28.21 26.71
N GLY A 99 -16.20 -27.97 27.97
CA GLY A 99 -15.47 -26.72 28.27
C GLY A 99 -16.36 -25.51 27.96
N SER A 100 -15.80 -24.51 27.27
N SER A 100 -15.78 -24.50 27.31
CA SER A 100 -16.51 -23.29 26.95
CA SER A 100 -16.48 -23.26 26.92
C SER A 100 -17.74 -23.53 26.06
C SER A 100 -17.71 -23.51 26.04
N ALA A 101 -17.76 -24.65 25.33
CA ALA A 101 -18.97 -25.03 24.57
C ALA A 101 -20.21 -25.31 25.43
N ASN A 102 -20.02 -25.46 26.74
CA ASN A 102 -21.17 -25.61 27.60
C ASN A 102 -21.93 -24.28 27.75
N LEU A 103 -21.25 -23.11 27.56
CA LEU A 103 -21.95 -21.83 27.72
C LEU A 103 -23.03 -21.62 26.65
N PRO A 104 -24.14 -20.90 26.97
CA PRO A 104 -25.13 -20.42 25.99
C PRO A 104 -24.45 -19.47 24.99
N LEU A 105 -24.98 -19.35 23.76
CA LEU A 105 -24.38 -18.53 22.71
C LEU A 105 -23.91 -17.13 23.17
N ALA A 106 -24.77 -16.34 23.83
CA ALA A 106 -24.33 -15.00 24.23
C ALA A 106 -23.12 -15.01 25.17
N LYS A 107 -23.06 -15.96 26.13
CA LYS A 107 -21.89 -16.03 26.99
C LYS A 107 -20.64 -16.59 26.27
N ARG A 108 -20.84 -17.47 25.27
CA ARG A 108 -19.69 -17.93 24.49
C ARG A 108 -19.04 -16.77 23.77
N GLN A 109 -19.89 -15.88 23.23
CA GLN A 109 -19.39 -14.66 22.57
C GLN A 109 -18.65 -13.76 23.57
N GLN A 110 -19.20 -13.62 24.78
N GLN A 110 -19.17 -13.61 24.80
CA GLN A 110 -18.60 -12.78 25.83
CA GLN A 110 -18.54 -12.76 25.82
C GLN A 110 -17.22 -13.33 26.18
C GLN A 110 -17.17 -13.33 26.18
N TYR A 111 -17.13 -14.66 26.38
CA TYR A 111 -15.86 -15.35 26.72
C TYR A 111 -14.80 -15.16 25.62
N ASN A 112 -15.18 -15.37 24.34
CA ASN A 112 -14.22 -15.27 23.23
C ASN A 112 -13.71 -13.82 23.13
N ALA A 113 -14.60 -12.84 23.35
CA ALA A 113 -14.16 -11.43 23.27
C ALA A 113 -13.20 -11.09 24.42
N LEU A 114 -13.49 -11.59 25.63
CA LEU A 114 -12.61 -11.33 26.77
C LEU A 114 -11.21 -11.84 26.46
N LEU A 115 -11.09 -13.06 25.89
CA LEU A 115 -9.74 -13.55 25.54
C LEU A 115 -9.00 -12.57 24.59
N SER A 116 -9.72 -12.10 23.56
N SER A 116 -9.72 -12.08 23.58
CA SER A 116 -9.10 -11.20 22.59
CA SER A 116 -9.02 -11.24 22.62
C SER A 116 -8.64 -9.93 23.31
C SER A 116 -8.65 -9.90 23.27
N GLN A 117 -9.51 -9.36 24.15
CA GLN A 117 -9.19 -8.04 24.75
C GLN A 117 -8.06 -8.15 25.79
N MET A 118 -8.01 -9.24 26.58
CA MET A 118 -6.91 -9.40 27.54
C MET A 118 -5.58 -9.55 26.76
N SER A 119 -5.60 -10.35 25.67
CA SER A 119 -4.37 -10.51 24.86
C SER A 119 -3.92 -9.14 24.32
N ARG A 120 -4.86 -8.35 23.79
CA ARG A 120 -4.53 -7.01 23.28
C ARG A 120 -3.87 -6.14 24.35
N ILE A 121 -4.48 -6.10 25.54
CA ILE A 121 -4.03 -5.19 26.60
C ILE A 121 -2.57 -5.54 26.96
N TYR A 122 -2.26 -6.83 27.10
CA TYR A 122 -0.94 -7.25 27.55
C TYR A 122 0.11 -6.95 26.47
N SER A 123 -0.21 -7.35 25.23
CA SER A 123 0.81 -7.29 24.17
C SER A 123 0.97 -5.91 23.53
N THR A 124 0.04 -4.97 23.82
CA THR A 124 0.15 -3.62 23.28
C THR A 124 0.46 -2.54 24.33
N ALA A 125 0.52 -2.90 25.63
CA ALA A 125 0.79 -1.93 26.69
C ALA A 125 2.18 -1.32 26.49
N LYS A 126 2.33 -0.02 26.83
CA LYS A 126 3.65 0.58 26.75
C LYS A 126 3.92 1.48 27.97
N VAL A 127 5.20 1.86 28.17
CA VAL A 127 5.60 2.79 29.19
C VAL A 127 6.15 4.05 28.51
N CYS A 128 5.44 5.17 28.70
CA CYS A 128 5.76 6.43 28.00
C CYS A 128 6.61 7.32 28.91
N LEU A 129 7.33 8.28 28.30
CA LEU A 129 8.28 9.08 29.08
C LEU A 129 7.76 10.51 29.22
N PRO A 130 8.35 11.35 30.12
CA PRO A 130 8.33 12.81 29.93
C PRO A 130 9.17 13.31 28.73
N THR A 135 8.14 9.06 22.70
CA THR A 135 8.03 7.70 22.09
C THR A 135 8.23 6.61 23.15
N CYS A 136 7.29 5.66 23.20
CA CYS A 136 7.05 4.84 24.38
C CYS A 136 7.76 3.48 24.27
N TRP A 137 8.11 2.88 25.42
CA TRP A 137 8.85 1.62 25.46
C TRP A 137 7.92 0.41 25.50
N SER A 138 8.22 -0.64 24.72
N SER A 138 8.24 -0.65 24.72
CA SER A 138 7.49 -1.90 24.78
CA SER A 138 7.51 -1.93 24.72
C SER A 138 8.13 -2.77 25.85
C SER A 138 8.19 -2.90 25.70
N LEU A 139 7.43 -3.83 26.29
CA LEU A 139 8.06 -4.85 27.15
C LEU A 139 9.25 -5.52 26.41
N ASP A 140 9.01 -5.99 25.18
CA ASP A 140 10.07 -6.67 24.42
C ASP A 140 10.23 -5.84 23.15
N PRO A 141 11.43 -5.25 22.87
CA PRO A 141 12.67 -5.47 23.61
C PRO A 141 13.00 -4.49 24.74
N ASP A 142 12.34 -3.34 24.82
CA ASP A 142 12.90 -2.21 25.54
C ASP A 142 12.93 -2.44 27.07
N LEU A 143 11.79 -2.82 27.69
CA LEU A 143 11.85 -2.93 29.15
C LEU A 143 12.72 -4.13 29.57
N THR A 144 12.63 -5.22 28.79
CA THR A 144 13.40 -6.44 29.05
C THR A 144 14.91 -6.12 29.09
N ASN A 145 15.38 -5.33 28.14
CA ASN A 145 16.78 -4.89 28.04
C ASN A 145 17.19 -4.06 29.28
N ILE A 146 16.31 -3.14 29.73
CA ILE A 146 16.57 -2.31 30.92
C ILE A 146 16.72 -3.21 32.18
N LEU A 147 15.72 -4.07 32.46
CA LEU A 147 15.75 -4.95 33.63
C LEU A 147 16.98 -5.86 33.61
N ALA A 148 17.45 -6.28 32.40
CA ALA A 148 18.61 -7.18 32.30
C ALA A 148 19.97 -6.45 32.53
N SER A 149 20.09 -5.18 32.11
N SER A 149 20.09 -5.19 32.07
CA SER A 149 21.43 -4.57 32.01
CA SER A 149 21.40 -4.55 31.99
C SER A 149 21.61 -3.28 32.81
C SER A 149 21.58 -3.37 32.95
N SER A 150 20.52 -2.56 33.17
CA SER A 150 20.68 -1.31 33.91
C SER A 150 21.09 -1.62 35.37
N ARG A 151 22.06 -0.84 35.91
CA ARG A 151 22.37 -0.90 37.33
C ARG A 151 21.98 0.44 38.01
N SER A 152 21.09 1.21 37.38
CA SER A 152 20.51 2.41 37.98
C SER A 152 19.23 2.08 38.76
N TYR A 153 19.28 2.22 40.10
CA TYR A 153 18.11 1.94 40.95
C TYR A 153 16.85 2.65 40.40
N ALA A 154 16.94 3.95 40.04
CA ALA A 154 15.78 4.75 39.61
C ALA A 154 15.28 4.36 38.21
N MET A 155 16.20 4.03 37.27
CA MET A 155 15.77 3.58 35.94
C MET A 155 15.05 2.22 36.01
N LEU A 156 15.61 1.27 36.78
CA LEU A 156 14.95 -0.01 37.02
C LEU A 156 13.56 0.22 37.64
N LEU A 157 13.45 1.12 38.61
CA LEU A 157 12.15 1.36 39.28
C LEU A 157 11.15 1.93 38.28
N PHE A 158 11.57 2.87 37.44
CA PHE A 158 10.70 3.49 36.46
C PHE A 158 10.12 2.40 35.54
N ALA A 159 10.99 1.46 35.07
CA ALA A 159 10.53 0.38 34.20
C ALA A 159 9.60 -0.61 34.91
N TRP A 160 9.91 -1.02 36.16
CA TRP A 160 9.09 -2.02 36.88
C TRP A 160 7.74 -1.38 37.20
N GLU A 161 7.74 -0.16 37.78
CA GLU A 161 6.46 0.48 38.12
C GLU A 161 5.62 0.79 36.87
N GLY A 162 6.26 1.33 35.82
CA GLY A 162 5.54 1.66 34.59
C GLY A 162 4.85 0.42 34.00
N TRP A 163 5.57 -0.70 33.94
CA TRP A 163 5.05 -1.93 33.36
C TRP A 163 3.87 -2.47 34.20
N HIS A 164 4.10 -2.59 35.53
CA HIS A 164 3.04 -3.18 36.39
C HIS A 164 1.75 -2.35 36.30
N ASN A 165 1.88 -1.04 36.34
CA ASN A 165 0.69 -0.16 36.31
C ASN A 165 0.01 -0.21 34.93
N ALA A 166 0.82 -0.17 33.83
CA ALA A 166 0.22 -0.09 32.48
C ALA A 166 -0.53 -1.38 32.08
N ALA A 167 0.09 -2.54 32.35
CA ALA A 167 -0.51 -3.82 31.99
C ALA A 167 -1.57 -4.28 33.00
N GLY A 168 -1.25 -4.20 34.31
CA GLY A 168 -2.09 -4.85 35.32
C GLY A 168 -3.41 -4.09 35.61
N ILE A 169 -3.34 -2.75 35.76
CA ILE A 169 -4.54 -2.02 36.19
C ILE A 169 -5.75 -2.24 35.26
N PRO A 170 -5.64 -2.06 33.90
CA PRO A 170 -6.82 -2.25 33.05
C PRO A 170 -7.31 -3.69 32.88
N LEU A 171 -6.44 -4.66 33.18
CA LEU A 171 -6.84 -6.08 33.02
C LEU A 171 -7.83 -6.56 34.09
N LYS A 172 -7.86 -5.91 35.28
CA LYS A 172 -8.53 -6.52 36.43
C LYS A 172 -10.02 -6.77 36.14
N PRO A 173 -10.82 -5.79 35.68
CA PRO A 173 -12.25 -6.03 35.52
C PRO A 173 -12.51 -7.19 34.54
N LEU A 174 -11.69 -7.29 33.49
CA LEU A 174 -11.84 -8.34 32.46
C LEU A 174 -11.49 -9.71 33.04
N TYR A 175 -10.49 -9.76 33.94
CA TYR A 175 -10.03 -11.04 34.50
C TYR A 175 -11.11 -11.58 35.46
N GLU A 176 -11.79 -10.67 36.18
N GLU A 176 -11.81 -10.68 36.19
CA GLU A 176 -12.88 -11.08 37.06
CA GLU A 176 -12.90 -11.10 37.06
C GLU A 176 -14.00 -11.76 36.24
C GLU A 176 -14.02 -11.76 36.24
N ASP A 177 -14.42 -11.13 35.13
CA ASP A 177 -15.46 -11.67 34.23
C ASP A 177 -15.03 -12.99 33.61
N PHE A 178 -13.75 -13.10 33.21
CA PHE A 178 -13.23 -14.34 32.59
C PHE A 178 -13.31 -15.49 33.59
N THR A 179 -12.88 -15.24 34.84
CA THR A 179 -12.84 -16.28 35.87
C THR A 179 -14.24 -16.86 36.06
N ALA A 180 -15.25 -15.96 36.21
CA ALA A 180 -16.60 -16.45 36.47
C ALA A 180 -17.14 -17.31 35.32
N LEU A 181 -16.91 -16.88 34.04
CA LEU A 181 -17.43 -17.63 32.89
C LEU A 181 -16.70 -18.97 32.73
N SER A 182 -15.37 -18.96 32.93
CA SER A 182 -14.58 -20.20 32.84
C SER A 182 -15.15 -21.24 33.84
N ASN A 183 -15.34 -20.82 35.10
CA ASN A 183 -15.89 -21.75 36.10
C ASN A 183 -17.29 -22.21 35.73
N GLU A 184 -18.15 -21.33 35.20
CA GLU A 184 -19.51 -21.76 34.85
C GLU A 184 -19.44 -22.84 33.76
N ALA A 185 -18.52 -22.69 32.81
CA ALA A 185 -18.27 -23.66 31.74
C ALA A 185 -17.87 -25.07 32.24
N TYR A 186 -16.80 -25.14 33.06
CA TYR A 186 -16.24 -26.41 33.53
C TYR A 186 -17.10 -27.09 34.59
N LYS A 187 -17.89 -26.31 35.35
CA LYS A 187 -18.89 -26.84 36.27
C LYS A 187 -19.87 -27.78 35.58
N GLN A 188 -20.22 -27.52 34.31
N GLN A 188 -20.18 -27.48 34.32
CA GLN A 188 -21.19 -28.36 33.61
CA GLN A 188 -21.15 -28.29 33.59
C GLN A 188 -20.52 -29.63 33.07
C GLN A 188 -20.55 -29.65 33.24
N ASP A 189 -19.21 -29.73 33.23
CA ASP A 189 -18.52 -31.01 32.97
C ASP A 189 -18.30 -31.80 34.25
N GLY A 190 -18.71 -31.25 35.40
CA GLY A 190 -18.63 -31.91 36.70
C GLY A 190 -17.34 -31.60 37.47
N PHE A 191 -16.61 -30.56 37.06
CA PHE A 191 -15.44 -30.09 37.82
C PHE A 191 -15.91 -29.01 38.81
N THR A 192 -15.34 -29.05 40.02
CA THR A 192 -15.66 -28.06 41.04
C THR A 192 -15.35 -26.61 40.61
N ASP A 193 -14.27 -26.46 39.85
CA ASP A 193 -13.82 -25.18 39.31
C ASP A 193 -12.79 -25.44 38.22
N THR A 194 -12.37 -24.39 37.50
CA THR A 194 -11.47 -24.54 36.36
C THR A 194 -10.11 -25.15 36.80
N GLY A 195 -9.63 -24.78 37.99
CA GLY A 195 -8.32 -25.28 38.44
C GLY A 195 -8.31 -26.79 38.64
N ALA A 196 -9.43 -27.34 39.15
CA ALA A 196 -9.57 -28.79 39.24
C ALA A 196 -9.51 -29.48 37.87
N TYR A 197 -10.16 -28.88 36.85
CA TYR A 197 -9.92 -29.31 35.46
C TYR A 197 -8.43 -29.29 35.07
N TRP A 198 -7.74 -28.14 35.23
CA TRP A 198 -6.32 -28.10 34.86
C TRP A 198 -5.49 -29.16 35.62
N ARG A 199 -5.74 -29.35 36.92
CA ARG A 199 -4.93 -30.35 37.64
C ARG A 199 -5.23 -31.77 37.16
N SER A 200 -6.43 -32.04 36.65
CA SER A 200 -6.81 -33.41 36.26
C SER A 200 -5.96 -33.98 35.11
N TRP A 201 -5.27 -33.11 34.34
CA TRP A 201 -4.37 -33.53 33.27
C TRP A 201 -3.19 -34.38 33.76
N TYR A 202 -2.84 -34.36 35.06
CA TYR A 202 -1.71 -35.12 35.58
C TYR A 202 -2.14 -36.51 36.05
N ASN A 203 -3.47 -36.74 36.09
CA ASN A 203 -4.04 -38.03 36.46
C ASN A 203 -3.32 -38.61 37.69
N SER A 204 -3.33 -37.84 38.76
CA SER A 204 -2.67 -38.28 39.98
C SER A 204 -3.50 -37.83 41.17
N PRO A 205 -4.05 -38.77 41.99
CA PRO A 205 -4.85 -38.39 43.16
C PRO A 205 -4.08 -37.56 44.19
N THR A 206 -2.73 -37.63 44.15
CA THR A 206 -1.90 -37.01 45.19
C THR A 206 -1.08 -35.84 44.64
N PHE A 207 -1.46 -35.24 43.51
CA PHE A 207 -0.66 -34.20 42.85
C PHE A 207 -0.23 -33.07 43.81
N GLU A 208 -1.15 -32.44 44.54
CA GLU A 208 -0.75 -31.23 45.29
C GLU A 208 0.20 -31.61 46.45
N ASP A 209 -0.02 -32.77 47.08
CA ASP A 209 0.88 -33.27 48.12
C ASP A 209 2.24 -33.61 47.54
N ASP A 210 2.26 -34.30 46.37
CA ASP A 210 3.57 -34.65 45.78
C ASP A 210 4.38 -33.37 45.43
N LEU A 211 3.72 -32.30 44.92
CA LEU A 211 4.41 -31.06 44.57
C LEU A 211 5.00 -30.43 45.85
N GLU A 212 4.22 -30.48 46.94
N GLU A 212 4.23 -30.43 46.94
CA GLU A 212 4.55 -29.89 48.25
CA GLU A 212 4.71 -29.81 48.17
C GLU A 212 5.78 -30.61 48.84
C GLU A 212 5.93 -30.58 48.69
N HIS A 213 5.89 -31.92 48.59
CA HIS A 213 7.02 -32.72 49.05
C HIS A 213 8.29 -32.42 48.26
N LEU A 214 8.14 -32.19 46.93
CA LEU A 214 9.28 -31.80 46.08
C LEU A 214 9.81 -30.45 46.55
N TYR A 215 8.93 -29.48 46.79
CA TYR A 215 9.36 -28.13 47.17
C TYR A 215 10.10 -28.16 48.53
N GLN A 216 9.66 -28.99 49.53
CA GLN A 216 10.37 -29.09 50.82
C GLN A 216 11.83 -29.52 50.60
N GLN A 217 12.06 -30.41 49.62
CA GLN A 217 13.43 -30.85 49.34
C GLN A 217 14.28 -29.73 48.69
N LEU A 218 13.65 -28.84 47.89
CA LEU A 218 14.39 -27.89 47.06
C LEU A 218 14.60 -26.55 47.79
N GLU A 219 13.73 -26.26 48.78
CA GLU A 219 13.70 -24.95 49.42
C GLU A 219 15.07 -24.59 50.03
N PRO A 220 15.83 -25.48 50.72
CA PRO A 220 17.12 -25.07 51.31
C PRO A 220 18.11 -24.52 50.27
N LEU A 221 18.09 -25.08 49.06
CA LEU A 221 19.00 -24.61 48.00
C LEU A 221 18.59 -23.19 47.59
N TYR A 222 17.28 -22.95 47.47
CA TYR A 222 16.80 -21.59 47.16
C TYR A 222 17.22 -20.61 48.29
N LEU A 223 17.00 -20.99 49.57
CA LEU A 223 17.28 -20.01 50.65
C LEU A 223 18.77 -19.63 50.65
N ASN A 224 19.66 -20.61 50.40
CA ASN A 224 21.11 -20.34 50.36
C ASN A 224 21.50 -19.46 49.14
N LEU A 225 20.93 -19.77 47.97
CA LEU A 225 21.21 -18.92 46.79
C LEU A 225 20.73 -17.47 47.05
N HIS A 226 19.53 -17.32 47.65
CA HIS A 226 18.91 -16.03 47.94
C HIS A 226 19.81 -15.20 48.88
N ALA A 227 20.30 -15.82 49.98
CA ALA A 227 21.12 -15.08 50.94
C ALA A 227 22.44 -14.58 50.29
N PHE A 228 23.10 -15.45 49.49
CA PHE A 228 24.39 -15.07 48.87
C PHE A 228 24.15 -13.94 47.84
N VAL A 229 23.08 -14.05 47.04
CA VAL A 229 22.80 -13.00 46.06
C VAL A 229 22.41 -11.70 46.78
N ARG A 230 21.58 -11.76 47.83
CA ARG A 230 21.28 -10.52 48.60
C ARG A 230 22.54 -9.80 49.09
N ARG A 231 23.54 -10.59 49.54
N ARG A 231 23.55 -10.58 49.55
CA ARG A 231 24.79 -10.00 50.03
CA ARG A 231 24.78 -9.96 50.03
C ARG A 231 25.52 -9.32 48.85
C ARG A 231 25.51 -9.31 48.84
N ALA A 232 25.58 -10.01 47.70
CA ALA A 232 26.25 -9.43 46.54
C ALA A 232 25.55 -8.11 46.15
N LEU A 233 24.21 -8.13 46.12
CA LEU A 233 23.46 -6.88 45.87
C LEU A 233 23.76 -5.79 46.89
N HIS A 234 23.82 -6.17 48.17
CA HIS A 234 24.16 -5.17 49.20
C HIS A 234 25.50 -4.44 48.94
N ARG A 235 26.50 -5.20 48.42
CA ARG A 235 27.82 -4.63 48.24
C ARG A 235 27.84 -3.59 47.11
N ARG A 236 26.77 -3.58 46.26
CA ARG A 236 26.62 -2.64 45.15
C ARG A 236 25.64 -1.49 45.45
N TYR A 237 24.45 -1.85 45.96
CA TYR A 237 23.43 -0.84 46.18
C TYR A 237 23.53 -0.19 47.54
N GLY A 238 24.11 -0.91 48.53
CA GLY A 238 24.32 -0.31 49.85
C GLY A 238 23.11 -0.50 50.77
N ASP A 239 23.26 0.04 51.97
CA ASP A 239 22.36 -0.22 53.09
C ASP A 239 21.00 0.45 52.88
N ARG A 240 20.92 1.52 52.08
CA ARG A 240 19.65 2.20 51.83
C ARG A 240 18.62 1.35 51.07
N TYR A 241 19.07 0.49 50.14
CA TYR A 241 18.15 -0.22 49.25
C TYR A 241 18.19 -1.74 49.47
N ILE A 242 19.12 -2.28 50.26
CA ILE A 242 19.21 -3.70 50.57
C ILE A 242 19.30 -3.89 52.12
N ASN A 243 18.31 -4.66 52.63
CA ASN A 243 18.19 -5.09 54.02
C ASN A 243 18.63 -6.55 54.11
N LEU A 244 19.78 -6.78 54.76
CA LEU A 244 20.39 -8.12 54.87
C LEU A 244 19.53 -9.09 55.70
N ARG A 245 18.47 -8.59 56.32
CA ARG A 245 17.52 -9.46 57.04
C ARG A 245 16.09 -9.33 56.49
N GLY A 246 15.93 -8.68 55.31
CA GLY A 246 14.59 -8.50 54.78
C GLY A 246 14.46 -8.99 53.32
N PRO A 247 13.26 -8.87 52.70
CA PRO A 247 13.05 -9.30 51.30
C PRO A 247 13.84 -8.42 50.32
N ILE A 248 14.26 -9.02 49.19
CA ILE A 248 14.98 -8.26 48.15
C ILE A 248 13.97 -7.42 47.34
N PRO A 249 14.23 -6.12 47.03
CA PRO A 249 13.35 -5.33 46.15
C PRO A 249 13.17 -6.00 44.78
N ALA A 250 11.91 -6.15 44.30
CA ALA A 250 11.55 -7.09 43.24
C ALA A 250 12.09 -6.67 41.85
N HIS A 251 12.73 -5.50 41.70
CA HIS A 251 13.19 -4.98 40.39
C HIS A 251 14.72 -5.13 40.18
N LEU A 252 15.46 -5.73 41.13
CA LEU A 252 16.95 -5.67 41.09
C LEU A 252 17.58 -7.02 40.68
N LEU A 253 16.78 -7.99 40.25
CA LEU A 253 17.30 -9.36 40.03
C LEU A 253 17.49 -9.71 38.56
N GLY A 254 17.42 -8.71 37.64
CA GLY A 254 17.77 -9.00 36.25
C GLY A 254 16.57 -9.22 35.32
N ASP A 255 15.35 -9.26 35.89
CA ASP A 255 14.18 -9.80 35.17
C ASP A 255 12.91 -9.10 35.70
N MET A 256 11.91 -8.84 34.84
CA MET A 256 10.74 -8.03 35.26
C MET A 256 9.93 -8.71 36.40
N TRP A 257 9.97 -10.06 36.48
CA TRP A 257 9.21 -10.83 37.48
C TRP A 257 10.13 -11.44 38.56
N ALA A 258 11.41 -11.04 38.52
CA ALA A 258 12.42 -11.61 39.45
C ALA A 258 12.46 -13.14 39.38
N GLN A 259 12.14 -13.70 38.20
CA GLN A 259 11.84 -15.13 38.15
C GLN A 259 13.08 -15.95 37.84
N SER A 260 14.07 -15.32 37.21
CA SER A 260 15.38 -15.96 37.09
C SER A 260 16.46 -14.88 37.02
N TRP A 261 17.66 -15.19 37.53
CA TRP A 261 18.60 -14.15 37.90
C TRP A 261 19.88 -14.17 37.06
N GLU A 262 19.88 -14.90 35.95
CA GLU A 262 21.15 -15.04 35.19
C GLU A 262 21.70 -13.72 34.67
N ASN A 263 20.80 -12.72 34.47
CA ASN A 263 21.26 -11.41 34.00
C ASN A 263 22.09 -10.60 35.01
N ILE A 264 22.13 -11.04 36.30
CA ILE A 264 22.98 -10.37 37.29
C ILE A 264 24.22 -11.22 37.64
N TYR A 265 24.51 -12.25 36.81
CA TYR A 265 25.74 -13.05 36.93
C TYR A 265 26.98 -12.21 37.22
N ASP A 266 27.21 -11.14 36.45
N ASP A 266 27.18 -11.13 36.46
CA ASP A 266 28.46 -10.41 36.63
CA ASP A 266 28.43 -10.41 36.59
C ASP A 266 28.63 -9.93 38.08
C ASP A 266 28.58 -9.74 37.96
N MET A 267 27.52 -9.68 38.78
CA MET A 267 27.58 -9.17 40.15
C MET A 267 27.80 -10.28 41.20
N VAL A 268 27.50 -11.53 40.81
CA VAL A 268 27.46 -12.68 41.72
C VAL A 268 28.67 -13.60 41.48
N VAL A 269 29.29 -13.60 40.28
CA VAL A 269 30.33 -14.58 39.93
C VAL A 269 31.43 -14.64 41.00
N PRO A 270 31.59 -15.87 41.59
CA PRO A 270 32.61 -16.13 42.60
C PRO A 270 34.06 -15.84 42.22
N PHE A 271 34.52 -16.29 41.04
CA PHE A 271 35.93 -16.28 40.67
C PHE A 271 36.07 -15.59 39.32
N PRO A 272 36.02 -14.22 39.28
CA PRO A 272 36.01 -13.49 37.99
C PRO A 272 37.24 -13.58 37.08
N ASP A 273 38.35 -14.19 37.50
CA ASP A 273 39.43 -14.30 36.51
C ASP A 273 39.51 -15.67 35.80
N LYS A 274 38.47 -16.52 35.97
CA LYS A 274 38.25 -17.70 35.15
C LYS A 274 37.52 -17.31 33.86
N PRO A 275 37.30 -18.24 32.89
CA PRO A 275 36.64 -17.89 31.61
C PRO A 275 35.29 -17.20 31.87
N ASN A 276 34.95 -16.17 31.06
CA ASN A 276 33.65 -15.49 31.14
C ASN A 276 32.56 -16.32 30.46
N LEU A 277 31.65 -16.89 31.29
CA LEU A 277 30.67 -17.88 30.84
C LEU A 277 29.43 -17.25 30.21
N ASP A 278 29.26 -15.95 30.37
CA ASP A 278 28.23 -15.25 29.57
C ASP A 278 28.79 -14.89 28.20
N VAL A 279 28.38 -15.63 27.15
CA VAL A 279 28.99 -15.42 25.84
C VAL A 279 28.22 -14.36 25.02
N THR A 280 27.23 -13.62 25.58
CA THR A 280 26.51 -12.65 24.75
C THR A 280 27.45 -11.71 23.99
N SER A 281 28.47 -11.13 24.67
CA SER A 281 29.29 -10.13 24.01
C SER A 281 30.08 -10.75 22.83
N THR A 282 30.36 -12.06 22.90
CA THR A 282 31.03 -12.77 21.81
C THR A 282 30.08 -13.00 20.63
N MET A 283 28.83 -13.39 20.93
CA MET A 283 27.81 -13.47 19.88
C MET A 283 27.71 -12.14 19.14
N LEU A 284 27.69 -11.00 19.88
CA LEU A 284 27.57 -9.70 19.23
C LEU A 284 28.85 -9.37 18.43
N GLN A 285 30.01 -9.71 18.96
CA GLN A 285 31.25 -9.40 18.26
C GLN A 285 31.37 -10.17 16.93
N GLN A 286 30.89 -11.44 16.93
CA GLN A 286 30.92 -12.32 15.79
C GLN A 286 29.77 -12.06 14.81
N GLY A 287 28.78 -11.23 15.21
CA GLY A 287 27.75 -10.85 14.23
C GLY A 287 26.65 -11.90 14.07
N TRP A 288 26.37 -12.67 15.15
CA TRP A 288 25.23 -13.60 15.10
C TRP A 288 23.90 -12.84 14.91
N GLN A 289 22.97 -13.45 14.16
N GLN A 289 22.97 -13.45 14.16
CA GLN A 289 21.60 -12.97 13.99
CA GLN A 289 21.60 -12.94 14.00
C GLN A 289 20.61 -14.08 14.38
C GLN A 289 20.62 -14.09 14.26
N ALA A 290 19.31 -13.78 14.26
CA ALA A 290 18.29 -14.79 14.59
C ALA A 290 18.43 -16.05 13.73
N THR A 291 18.72 -15.85 12.44
N THR A 291 18.62 -15.89 12.41
CA THR A 291 18.78 -16.95 11.51
CA THR A 291 18.76 -17.05 11.55
C THR A 291 19.94 -17.91 11.84
C THR A 291 19.88 -17.95 12.06
N HIS A 292 21.05 -17.38 12.32
CA HIS A 292 22.18 -18.21 12.81
C HIS A 292 21.78 -19.02 14.07
N MET A 293 21.10 -18.38 15.03
CA MET A 293 20.74 -19.06 16.27
C MET A 293 19.80 -20.26 15.98
N PHE A 294 18.79 -20.04 15.09
CA PHE A 294 17.86 -21.11 14.72
C PHE A 294 18.64 -22.25 14.00
N ARG A 295 19.59 -21.95 13.09
CA ARG A 295 20.27 -23.00 12.33
C ARG A 295 21.19 -23.81 13.25
N VAL A 296 21.79 -23.13 14.22
CA VAL A 296 22.67 -23.84 15.16
C VAL A 296 21.87 -24.75 16.10
N ALA A 297 20.68 -24.30 16.53
CA ALA A 297 19.77 -25.17 17.29
C ALA A 297 19.35 -26.38 16.45
N GLU A 298 18.96 -26.10 15.18
CA GLU A 298 18.55 -27.21 14.29
C GLU A 298 19.67 -28.28 14.23
N GLU A 299 20.90 -27.82 14.10
CA GLU A 299 22.01 -28.77 13.86
C GLU A 299 22.27 -29.63 15.11
N PHE A 300 21.99 -29.11 16.33
CA PHE A 300 22.03 -29.97 17.53
C PHE A 300 20.99 -31.13 17.42
N PHE A 301 19.76 -30.80 17.00
CA PHE A 301 18.74 -31.83 16.80
C PHE A 301 19.16 -32.87 15.75
N THR A 302 19.65 -32.44 14.55
CA THR A 302 20.10 -33.41 13.56
C THR A 302 21.32 -34.22 14.02
N SER A 303 22.15 -33.70 14.95
CA SER A 303 23.33 -34.44 15.44
C SER A 303 22.90 -35.71 16.19
N LEU A 304 21.68 -35.65 16.72
CA LEU A 304 21.12 -36.74 17.52
C LEU A 304 20.31 -37.66 16.61
N GLU A 305 20.34 -37.41 15.29
CA GLU A 305 19.45 -38.10 14.33
C GLU A 305 17.95 -37.88 14.58
N LEU A 306 17.58 -36.72 15.12
CA LEU A 306 16.21 -36.21 15.09
C LEU A 306 15.99 -35.40 13.81
N SER A 307 14.78 -34.86 13.61
CA SER A 307 14.37 -34.30 12.33
C SER A 307 14.85 -32.86 12.18
N PRO A 308 15.28 -32.44 10.95
CA PRO A 308 15.49 -31.00 10.72
C PRO A 308 14.11 -30.31 10.62
N MET A 309 14.14 -28.97 10.58
CA MET A 309 12.93 -28.16 10.38
C MET A 309 12.61 -28.20 8.90
N PRO A 310 11.32 -28.46 8.50
CA PRO A 310 10.94 -28.56 7.10
C PRO A 310 10.86 -27.20 6.39
N PRO A 311 10.79 -27.18 5.05
CA PRO A 311 10.69 -25.93 4.31
C PRO A 311 9.56 -25.03 4.80
N GLU A 312 8.39 -25.61 5.10
CA GLU A 312 7.26 -24.83 5.60
C GLU A 312 7.55 -24.05 6.89
N PHE A 313 8.46 -24.57 7.74
CA PHE A 313 8.88 -23.89 8.97
C PHE A 313 9.64 -22.60 8.62
N TRP A 314 10.63 -22.71 7.71
CA TRP A 314 11.45 -21.56 7.34
C TRP A 314 10.62 -20.52 6.57
N GLU A 315 9.71 -20.96 5.68
CA GLU A 315 8.96 -20.03 4.87
C GLU A 315 7.92 -19.27 5.73
N GLY A 316 7.38 -19.89 6.77
CA GLY A 316 6.19 -19.32 7.42
C GLY A 316 6.46 -18.72 8.82
N SER A 317 7.61 -19.04 9.44
CA SER A 317 7.87 -18.60 10.80
C SER A 317 8.08 -17.08 10.89
N MET A 318 7.91 -16.53 12.10
CA MET A 318 8.23 -15.12 12.36
C MET A 318 9.40 -15.13 13.35
N LEU A 319 10.67 -14.89 12.89
CA LEU A 319 11.81 -15.10 13.83
C LEU A 319 12.37 -13.79 14.38
N GLU A 320 11.83 -12.62 13.97
CA GLU A 320 12.23 -11.32 14.53
C GLU A 320 10.97 -10.46 14.70
N LYS A 321 11.01 -9.49 15.63
N LYS A 321 10.99 -9.52 15.65
CA LYS A 321 9.94 -8.51 15.76
CA LYS A 321 9.88 -8.58 15.76
C LYS A 321 9.77 -7.72 14.46
C LYS A 321 9.76 -7.73 14.49
N PRO A 322 8.56 -7.64 13.86
CA PRO A 322 8.38 -6.82 12.65
C PRO A 322 8.78 -5.36 12.84
N ALA A 323 9.45 -4.81 11.81
CA ALA A 323 9.85 -3.41 11.77
C ALA A 323 8.85 -2.50 11.02
N ASP A 324 7.64 -2.97 10.67
CA ASP A 324 6.70 -2.22 9.83
C ASP A 324 5.62 -1.47 10.63
N GLY A 325 5.70 -1.42 11.97
CA GLY A 325 4.63 -0.83 12.77
C GLY A 325 3.46 -1.76 13.20
N ARG A 326 3.46 -3.05 12.85
CA ARG A 326 2.45 -3.98 13.35
C ARG A 326 2.66 -4.15 14.87
N GLU A 327 1.56 -4.25 15.62
CA GLU A 327 1.58 -4.78 16.97
C GLU A 327 1.56 -6.32 16.87
N VAL A 328 2.33 -7.03 17.74
CA VAL A 328 2.37 -8.50 17.70
C VAL A 328 2.41 -9.00 19.17
N VAL A 329 2.04 -10.28 19.40
CA VAL A 329 2.35 -10.97 20.64
C VAL A 329 3.84 -11.38 20.56
N CYS A 330 4.70 -10.67 21.32
CA CYS A 330 6.11 -11.07 21.30
C CYS A 330 6.45 -12.32 22.10
N HIS A 331 5.72 -12.62 23.19
CA HIS A 331 6.12 -13.78 24.00
C HIS A 331 6.15 -15.06 23.12
N ALA A 332 7.23 -15.85 23.19
CA ALA A 332 7.53 -16.85 22.15
C ALA A 332 6.53 -18.00 22.20
N SER A 333 6.33 -18.66 21.03
CA SER A 333 5.45 -19.82 20.95
C SER A 333 5.72 -20.61 19.66
N ALA A 334 5.32 -21.89 19.72
CA ALA A 334 5.47 -22.87 18.61
C ALA A 334 4.09 -23.40 18.22
N TRP A 335 3.85 -23.52 16.91
CA TRP A 335 2.52 -23.73 16.33
C TRP A 335 2.42 -25.03 15.54
N ASP A 336 1.44 -25.90 15.90
CA ASP A 336 1.04 -27.06 15.08
C ASP A 336 -0.31 -26.73 14.40
N PHE A 337 -0.34 -26.72 13.07
CA PHE A 337 -1.54 -26.38 12.29
C PHE A 337 -2.46 -27.60 12.17
N TYR A 338 -2.04 -28.79 12.68
CA TYR A 338 -2.86 -30.01 12.66
C TYR A 338 -3.12 -30.49 11.24
N ASN A 339 -2.21 -30.17 10.28
CA ASN A 339 -2.40 -30.70 8.93
C ASN A 339 -1.19 -31.56 8.52
N ARG A 340 -0.32 -31.91 9.46
CA ARG A 340 0.89 -32.72 9.32
C ARG A 340 1.92 -32.09 8.36
N LYS A 341 1.82 -30.78 8.05
CA LYS A 341 2.71 -30.12 7.10
C LYS A 341 3.27 -28.77 7.62
N ASP A 342 2.39 -27.94 8.21
CA ASP A 342 2.66 -26.57 8.63
C ASP A 342 2.96 -26.55 10.12
N PHE A 343 4.20 -26.10 10.46
CA PHE A 343 4.72 -25.99 11.82
C PHE A 343 5.62 -24.74 11.84
N ARG A 344 5.46 -23.86 12.86
CA ARG A 344 6.07 -22.53 12.80
C ARG A 344 6.43 -22.02 14.19
N ILE A 345 7.49 -21.19 14.29
CA ILE A 345 7.73 -20.46 15.53
C ILE A 345 7.44 -18.99 15.30
N LYS A 346 6.98 -18.31 16.39
CA LYS A 346 6.77 -16.86 16.41
C LYS A 346 7.55 -16.32 17.63
N GLN A 347 8.72 -15.67 17.41
CA GLN A 347 9.62 -15.23 18.48
C GLN A 347 10.20 -13.88 18.07
N CYS A 348 10.18 -12.88 18.98
CA CYS A 348 10.84 -11.59 18.72
C CYS A 348 12.32 -11.70 19.14
N THR A 349 13.07 -12.56 18.43
CA THR A 349 14.42 -13.00 18.86
C THR A 349 15.40 -11.83 19.00
N ARG A 350 16.12 -11.83 20.14
CA ARG A 350 17.25 -10.91 20.36
C ARG A 350 18.55 -11.73 20.44
N VAL A 351 19.68 -11.11 20.09
CA VAL A 351 20.96 -11.83 20.12
C VAL A 351 21.59 -11.78 21.53
N THR A 352 21.25 -12.79 22.34
CA THR A 352 21.82 -12.93 23.68
C THR A 352 21.96 -14.43 24.02
N MET A 353 22.75 -14.77 25.04
CA MET A 353 22.91 -16.19 25.40
C MET A 353 21.59 -16.79 25.94
N ASP A 354 20.81 -16.05 26.73
CA ASP A 354 19.55 -16.59 27.27
C ASP A 354 18.58 -16.78 26.11
N GLN A 355 18.60 -15.89 25.09
CA GLN A 355 17.72 -16.12 23.95
C GLN A 355 18.13 -17.37 23.17
N LEU A 356 19.43 -17.66 23.03
CA LEU A 356 19.80 -18.94 22.40
C LEU A 356 19.15 -20.14 23.10
N SER A 357 19.02 -20.12 24.46
N SER A 357 19.08 -20.06 24.45
CA SER A 357 18.31 -21.23 25.10
CA SER A 357 18.36 -21.05 25.23
C SER A 357 16.81 -21.16 24.82
C SER A 357 16.89 -21.11 24.82
N THR A 358 16.22 -19.95 24.76
CA THR A 358 14.80 -19.82 24.38
C THR A 358 14.52 -20.44 22.99
N VAL A 359 15.45 -20.24 22.02
CA VAL A 359 15.30 -20.83 20.69
C VAL A 359 15.23 -22.37 20.78
N HIS A 360 16.10 -22.94 21.65
CA HIS A 360 16.13 -24.38 21.86
C HIS A 360 14.81 -24.84 22.54
N HIS A 361 14.32 -24.05 23.51
CA HIS A 361 13.01 -24.35 24.15
C HIS A 361 11.91 -24.48 23.10
N GLU A 362 11.78 -23.50 22.21
CA GLU A 362 10.71 -23.51 21.20
C GLU A 362 10.92 -24.63 20.20
N MET A 363 12.17 -24.81 19.77
CA MET A 363 12.44 -25.85 18.79
C MET A 363 12.19 -27.26 19.36
N GLY A 364 12.33 -27.45 20.69
CA GLY A 364 11.87 -28.66 21.37
C GLY A 364 10.37 -28.98 21.14
N HIS A 365 9.52 -27.95 21.22
CA HIS A 365 8.08 -28.09 21.01
C HIS A 365 7.84 -28.52 19.55
N ILE A 366 8.50 -27.82 18.58
CA ILE A 366 8.38 -28.25 17.15
C ILE A 366 8.78 -29.70 16.97
N GLN A 367 9.93 -30.13 17.55
CA GLN A 367 10.40 -31.49 17.38
C GLN A 367 9.33 -32.48 17.86
N TYR A 368 8.64 -32.19 18.98
CA TYR A 368 7.58 -33.07 19.51
C TYR A 368 6.48 -33.17 18.43
N TYR A 369 6.08 -32.01 17.87
CA TYR A 369 5.02 -32.03 16.83
C TYR A 369 5.47 -32.85 15.61
N LEU A 370 6.73 -32.71 15.15
CA LEU A 370 7.17 -33.53 14.01
C LEU A 370 7.11 -35.03 14.30
N GLN A 371 7.42 -35.44 15.53
CA GLN A 371 7.55 -36.84 15.89
C GLN A 371 6.20 -37.54 16.10
N TYR A 372 5.14 -36.80 16.44
CA TYR A 372 3.85 -37.47 16.70
C TYR A 372 2.78 -37.05 15.68
N LYS A 373 3.19 -36.41 14.57
CA LYS A 373 2.24 -35.89 13.60
C LYS A 373 1.38 -36.97 12.93
N ASP A 374 1.76 -38.25 13.03
CA ASP A 374 0.98 -39.32 12.40
C ASP A 374 -0.01 -40.04 13.33
N LEU A 375 -0.06 -39.64 14.60
CA LEU A 375 -0.97 -40.22 15.58
C LEU A 375 -2.33 -39.59 15.34
N PRO A 376 -3.44 -40.17 15.85
CA PRO A 376 -4.74 -39.49 15.84
C PRO A 376 -4.68 -38.12 16.49
N VAL A 377 -5.43 -37.13 15.95
CA VAL A 377 -5.29 -35.77 16.46
C VAL A 377 -5.45 -35.69 17.98
N SER A 378 -6.33 -36.51 18.59
CA SER A 378 -6.58 -36.35 20.03
C SER A 378 -5.35 -36.64 20.90
N LEU A 379 -4.39 -37.39 20.35
CA LEU A 379 -3.17 -37.84 21.03
C LEU A 379 -1.91 -37.08 20.60
N ARG A 380 -2.08 -35.98 19.83
CA ARG A 380 -0.99 -35.08 19.45
C ARG A 380 -0.84 -34.02 20.55
N ARG A 381 -0.34 -34.51 21.72
CA ARG A 381 -0.07 -33.73 22.91
C ARG A 381 1.12 -34.35 23.64
N GLY A 382 1.68 -33.62 24.62
CA GLY A 382 2.76 -34.20 25.45
C GLY A 382 2.22 -35.28 26.40
N ALA A 383 3.09 -36.17 26.87
CA ALA A 383 2.63 -37.16 27.84
C ALA A 383 1.88 -36.49 29.01
N ASN A 384 2.43 -35.38 29.51
CA ASN A 384 1.68 -34.36 30.25
C ASN A 384 2.28 -33.00 29.87
N PRO A 385 1.68 -31.82 30.25
CA PRO A 385 2.18 -30.57 29.73
C PRO A 385 3.63 -30.23 30.14
N GLY A 386 4.05 -30.74 31.30
CA GLY A 386 5.45 -30.62 31.76
C GLY A 386 6.45 -31.27 30.78
N PHE A 387 6.08 -32.42 30.19
CA PHE A 387 7.00 -33.05 29.22
C PHE A 387 7.21 -32.11 28.02
N HIS A 388 6.15 -31.46 27.49
CA HIS A 388 6.31 -30.59 26.32
C HIS A 388 7.26 -29.44 26.69
N GLU A 389 7.13 -28.85 27.89
CA GLU A 389 7.98 -27.70 28.21
C GLU A 389 9.45 -28.10 28.50
N ALA A 390 9.71 -29.38 28.77
CA ALA A 390 11.06 -29.83 29.18
C ALA A 390 11.97 -30.18 27.97
N ILE A 391 11.40 -30.53 26.80
CA ILE A 391 12.24 -31.18 25.76
C ILE A 391 13.41 -30.28 25.32
N GLY A 392 13.10 -29.02 24.98
CA GLY A 392 14.14 -28.11 24.45
C GLY A 392 15.13 -27.72 25.56
N ASP A 393 14.63 -27.54 26.78
CA ASP A 393 15.46 -27.21 27.93
C ASP A 393 16.55 -28.27 28.14
N VAL A 394 16.22 -29.56 27.93
CA VAL A 394 17.22 -30.61 28.14
C VAL A 394 18.38 -30.40 27.16
N LEU A 395 18.09 -30.17 25.85
CA LEU A 395 19.22 -29.96 24.92
C LEU A 395 19.98 -28.68 25.29
N ALA A 396 19.27 -27.64 25.76
CA ALA A 396 19.97 -26.42 26.18
C ALA A 396 20.92 -26.69 27.35
N LEU A 397 20.64 -27.69 28.22
CA LEU A 397 21.59 -27.96 29.32
C LEU A 397 22.95 -28.33 28.72
N SER A 398 22.96 -29.17 27.67
CA SER A 398 24.20 -29.59 27.03
C SER A 398 24.88 -28.41 26.33
N VAL A 399 24.08 -27.58 25.63
CA VAL A 399 24.65 -26.47 24.86
C VAL A 399 25.42 -25.50 25.77
N SER A 400 24.89 -25.28 26.99
CA SER A 400 25.45 -24.25 27.86
CA SER A 400 25.38 -24.30 27.97
C SER A 400 26.76 -24.66 28.54
N THR A 401 27.15 -25.94 28.47
CA THR A 401 28.42 -26.34 29.11
C THR A 401 29.62 -25.61 28.49
N PRO A 402 30.62 -25.16 29.31
CA PRO A 402 31.85 -24.57 28.75
C PRO A 402 32.49 -25.39 27.62
N GLU A 403 32.45 -26.73 27.76
CA GLU A 403 33.00 -27.58 26.71
C GLU A 403 32.22 -27.44 25.39
N HIS A 404 30.88 -27.42 25.44
CA HIS A 404 30.10 -27.32 24.19
C HIS A 404 30.30 -25.93 23.58
N LEU A 405 30.27 -24.90 24.43
CA LEU A 405 30.45 -23.52 23.94
C LEU A 405 31.77 -23.43 23.17
N HIS A 406 32.82 -24.12 23.64
CA HIS A 406 34.12 -24.11 22.96
C HIS A 406 33.99 -24.72 21.57
N LYS A 407 33.27 -25.86 21.47
CA LYS A 407 33.11 -26.55 20.19
C LYS A 407 32.45 -25.65 19.14
N ILE A 408 31.61 -24.70 19.56
CA ILE A 408 30.85 -23.88 18.61
C ILE A 408 31.42 -22.46 18.49
N GLY A 409 32.64 -22.26 19.05
CA GLY A 409 33.45 -21.07 18.82
C GLY A 409 33.02 -19.87 19.67
N LEU A 410 32.26 -20.11 20.75
CA LEU A 410 31.75 -19.11 21.67
C LEU A 410 32.58 -18.97 22.95
N LEU A 411 33.62 -19.80 23.16
CA LEU A 411 34.41 -19.64 24.38
C LEU A 411 35.78 -20.24 24.12
N ASP A 412 36.80 -19.39 23.89
CA ASP A 412 38.10 -19.84 23.41
C ASP A 412 38.89 -20.62 24.46
N ARG A 413 38.84 -20.13 25.69
CA ARG A 413 39.64 -20.65 26.81
C ARG A 413 38.92 -21.86 27.44
N VAL A 414 39.71 -22.88 27.80
CA VAL A 414 39.26 -24.16 28.35
C VAL A 414 39.88 -24.32 29.74
N THR A 415 39.10 -24.61 30.79
CA THR A 415 39.69 -24.91 32.09
C THR A 415 38.91 -26.05 32.75
N ASN A 416 39.55 -26.88 33.58
CA ASN A 416 38.82 -27.85 34.38
C ASN A 416 39.38 -27.80 35.80
N ASP A 417 38.82 -26.96 36.68
CA ASP A 417 39.30 -26.83 38.05
C ASP A 417 38.10 -26.51 38.95
N THR A 418 38.32 -26.51 40.30
CA THR A 418 37.15 -26.45 41.19
C THR A 418 36.47 -25.06 41.12
N GLU A 419 37.29 -24.00 40.96
CA GLU A 419 36.70 -22.65 40.89
C GLU A 419 35.83 -22.55 39.63
N SER A 420 36.29 -23.13 38.51
CA SER A 420 35.55 -23.04 37.24
C SER A 420 34.23 -23.79 37.30
N ASP A 421 34.26 -24.93 38.02
CA ASP A 421 33.02 -25.66 38.31
C ASP A 421 32.06 -24.81 39.13
N ILE A 422 32.52 -24.15 40.21
CA ILE A 422 31.63 -23.33 41.01
C ILE A 422 31.02 -22.17 40.20
N ASN A 423 31.83 -21.45 39.41
CA ASN A 423 31.26 -20.42 38.52
C ASN A 423 30.11 -20.95 37.68
N TYR A 424 30.32 -22.12 37.03
CA TYR A 424 29.31 -22.65 36.09
C TYR A 424 28.03 -23.07 36.82
N LEU A 425 28.21 -23.81 37.94
CA LEU A 425 27.03 -24.24 38.69
C LEU A 425 26.26 -23.07 39.32
N LEU A 426 26.98 -22.01 39.69
CA LEU A 426 26.29 -20.83 40.21
C LEU A 426 25.49 -20.18 39.07
N LYS A 427 26.13 -20.07 37.87
CA LYS A 427 25.38 -19.43 36.80
C LYS A 427 24.11 -20.25 36.48
N MET A 428 24.21 -21.56 36.51
CA MET A 428 23.06 -22.41 36.20
C MET A 428 22.05 -22.37 37.36
N ALA A 429 22.53 -22.15 38.60
CA ALA A 429 21.60 -21.99 39.71
C ALA A 429 20.75 -20.71 39.57
N LEU A 430 21.35 -19.61 39.08
CA LEU A 430 20.64 -18.33 38.90
C LEU A 430 19.50 -18.53 37.89
N GLU A 431 19.72 -19.42 36.91
CA GLU A 431 18.72 -19.70 35.86
C GLU A 431 17.68 -20.69 36.38
N LYS A 432 18.05 -21.72 37.16
CA LYS A 432 17.16 -22.87 37.37
C LYS A 432 16.63 -22.93 38.80
N ILE A 433 17.52 -22.74 39.80
N ILE A 433 17.50 -22.72 39.80
CA ILE A 433 17.09 -22.77 41.20
CA ILE A 433 17.08 -22.75 41.20
C ILE A 433 16.30 -21.52 41.61
C ILE A 433 16.27 -21.51 41.59
N ALA A 434 16.72 -20.31 41.17
CA ALA A 434 15.95 -19.10 41.50
C ALA A 434 14.51 -19.16 40.98
N PHE A 435 14.25 -19.92 39.89
CA PHE A 435 12.90 -19.99 39.28
C PHE A 435 11.96 -20.83 40.14
N LEU A 436 12.49 -21.84 40.88
CA LEU A 436 11.61 -22.86 41.49
C LEU A 436 10.46 -22.26 42.33
N PRO A 437 10.72 -21.31 43.29
CA PRO A 437 9.59 -20.72 44.03
C PRO A 437 8.55 -20.04 43.13
N PHE A 438 8.96 -19.37 42.05
CA PHE A 438 8.00 -18.70 41.16
C PHE A 438 7.18 -19.72 40.38
N GLY A 439 7.87 -20.73 39.83
CA GLY A 439 7.18 -21.82 39.10
C GLY A 439 6.14 -22.53 39.98
N TYR A 440 6.37 -22.61 41.32
CA TYR A 440 5.40 -23.21 42.26
C TYR A 440 4.26 -22.24 42.58
N LEU A 441 4.58 -20.92 42.75
CA LEU A 441 3.56 -20.06 43.40
C LEU A 441 2.46 -19.57 42.46
N VAL A 442 2.75 -19.44 41.14
CA VAL A 442 1.80 -18.78 40.20
C VAL A 442 0.45 -19.51 40.24
N ASP A 443 0.44 -20.82 40.03
CA ASP A 443 -0.84 -21.53 40.08
C ASP A 443 -1.38 -21.76 41.49
N GLN A 444 -0.56 -21.67 42.55
N GLN A 444 -0.55 -21.66 42.53
CA GLN A 444 -1.23 -21.62 43.85
CA GLN A 444 -1.17 -21.59 43.86
C GLN A 444 -2.16 -20.38 43.91
C GLN A 444 -2.14 -20.39 43.89
N TRP A 445 -1.67 -19.21 43.46
CA TRP A 445 -2.53 -18.01 43.40
C TRP A 445 -3.76 -18.28 42.52
N ARG A 446 -3.53 -18.77 41.29
CA ARG A 446 -4.64 -18.91 40.33
C ARG A 446 -5.63 -19.99 40.77
N TRP A 447 -5.14 -21.06 41.41
CA TRP A 447 -6.08 -22.06 41.89
C TRP A 447 -6.97 -21.46 42.99
N GLY A 448 -6.39 -20.60 43.85
CA GLY A 448 -7.21 -19.92 44.86
C GLY A 448 -8.21 -18.94 44.25
N VAL A 449 -7.87 -18.29 43.14
CA VAL A 449 -8.87 -17.42 42.47
C VAL A 449 -10.00 -18.26 41.89
N PHE A 450 -9.67 -19.36 41.15
CA PHE A 450 -10.75 -20.20 40.60
C PHE A 450 -11.64 -20.84 41.67
N SER A 451 -11.05 -21.23 42.84
CA SER A 451 -11.84 -21.85 43.91
C SER A 451 -12.72 -20.84 44.66
N GLY A 452 -12.42 -19.54 44.57
CA GLY A 452 -13.15 -18.54 45.37
C GLY A 452 -12.48 -18.18 46.72
N ARG A 453 -11.40 -18.91 47.07
CA ARG A 453 -10.60 -18.59 48.25
C ARG A 453 -10.01 -17.17 48.20
N THR A 454 -9.67 -16.69 46.98
CA THR A 454 -9.16 -15.36 46.72
C THR A 454 -10.18 -14.64 45.83
N PRO A 455 -11.09 -13.81 46.39
CA PRO A 455 -12.03 -13.03 45.57
C PRO A 455 -11.26 -11.83 45.01
N PRO A 456 -11.87 -11.07 44.07
CA PRO A 456 -11.28 -9.83 43.55
C PRO A 456 -10.79 -8.82 44.58
N SER A 457 -11.47 -8.78 45.76
CA SER A 457 -11.07 -7.89 46.85
C SER A 457 -9.72 -8.25 47.46
N ARG A 458 -9.17 -9.44 47.13
CA ARG A 458 -7.86 -9.87 47.64
C ARG A 458 -6.86 -10.32 46.54
N TYR A 459 -7.09 -9.95 45.27
CA TYR A 459 -6.16 -10.41 44.21
C TYR A 459 -4.71 -10.01 44.50
N ASN A 460 -4.47 -8.73 44.85
CA ASN A 460 -3.11 -8.25 44.97
C ASN A 460 -2.52 -8.60 46.35
N PHE A 461 -3.33 -8.54 47.42
CA PHE A 461 -2.92 -8.90 48.78
C PHE A 461 -2.42 -10.34 48.82
N ASP A 462 -3.16 -11.26 48.13
CA ASP A 462 -2.78 -12.67 48.14
C ASP A 462 -1.62 -12.95 47.16
N TRP A 463 -1.56 -12.27 46.02
CA TRP A 463 -0.36 -12.35 45.15
C TRP A 463 0.92 -11.97 45.93
N TRP A 464 0.93 -10.80 46.59
CA TRP A 464 2.14 -10.40 47.33
C TRP A 464 2.42 -11.24 48.58
N TYR A 465 1.39 -11.79 49.25
CA TYR A 465 1.64 -12.77 50.32
C TYR A 465 2.51 -13.92 49.74
N LEU A 466 2.06 -14.50 48.61
CA LEU A 466 2.78 -15.63 48.01
C LEU A 466 4.20 -15.23 47.52
N ARG A 467 4.32 -14.11 46.82
CA ARG A 467 5.63 -13.70 46.28
C ARG A 467 6.62 -13.52 47.45
N THR A 468 6.20 -12.91 48.57
CA THR A 468 7.09 -12.76 49.73
C THR A 468 7.35 -14.13 50.39
N LYS A 469 6.29 -14.94 50.69
CA LYS A 469 6.47 -16.25 51.35
C LYS A 469 7.49 -17.14 50.62
N TYR A 470 7.40 -17.22 49.26
CA TYR A 470 8.19 -18.16 48.48
C TYR A 470 9.50 -17.54 47.97
N GLN A 471 9.40 -16.37 47.32
CA GLN A 471 10.60 -15.78 46.70
C GLN A 471 11.37 -14.85 47.64
N GLY A 472 10.78 -14.38 48.78
CA GLY A 472 11.52 -13.47 49.62
C GLY A 472 11.85 -12.13 48.91
N ILE A 473 10.89 -11.59 48.14
CA ILE A 473 11.01 -10.28 47.48
C ILE A 473 9.87 -9.37 47.99
N CYS A 474 10.01 -8.05 47.78
CA CYS A 474 9.00 -7.07 48.13
C CYS A 474 8.79 -6.08 46.99
N PRO A 475 7.58 -5.49 46.79
CA PRO A 475 7.42 -4.50 45.71
C PRO A 475 8.21 -3.26 46.13
N PRO A 476 8.89 -2.57 45.18
CA PRO A 476 9.69 -1.39 45.53
C PRO A 476 8.91 -0.07 45.62
N VAL A 477 7.60 -0.06 45.28
CA VAL A 477 6.69 1.06 45.59
C VAL A 477 5.45 0.45 46.26
N THR A 478 4.66 1.29 46.97
CA THR A 478 3.46 0.79 47.67
C THR A 478 2.42 0.31 46.63
N ARG A 479 1.68 -0.78 46.93
CA ARG A 479 0.63 -1.34 46.05
C ARG A 479 -0.67 -1.43 46.84
N ASN A 480 -1.81 -1.31 46.14
CA ASN A 480 -3.11 -1.53 46.76
C ASN A 480 -4.01 -2.33 45.80
N GLU A 481 -5.30 -2.55 46.16
CA GLU A 481 -6.13 -3.45 45.32
C GLU A 481 -6.61 -2.83 43.99
N THR A 482 -6.26 -1.58 43.70
CA THR A 482 -6.43 -1.08 42.34
C THR A 482 -5.35 -1.67 41.42
N HIS A 483 -4.16 -1.95 41.97
CA HIS A 483 -3.11 -2.67 41.21
C HIS A 483 -3.53 -4.14 41.01
N PHE A 484 -3.09 -4.72 39.87
CA PHE A 484 -3.35 -6.14 39.63
C PHE A 484 -2.06 -6.76 39.07
N ASP A 485 -1.09 -6.97 39.98
CA ASP A 485 0.29 -7.24 39.53
C ASP A 485 0.41 -8.64 38.87
N ALA A 486 -0.47 -9.58 39.25
CA ALA A 486 -0.45 -10.89 38.59
C ALA A 486 -0.77 -10.72 37.09
N GLY A 487 -1.59 -9.70 36.79
CA GLY A 487 -2.03 -9.47 35.41
C GLY A 487 -0.88 -9.00 34.50
N ALA A 488 0.26 -8.56 35.10
CA ALA A 488 1.39 -8.04 34.35
C ALA A 488 2.39 -9.16 34.02
N LYS A 489 1.97 -10.43 34.22
CA LYS A 489 2.73 -11.62 33.79
C LYS A 489 1.99 -12.28 32.62
N PHE A 490 2.65 -12.59 31.49
CA PHE A 490 2.01 -13.06 30.24
C PHE A 490 0.92 -14.11 30.49
N HIS A 491 1.27 -15.20 31.20
CA HIS A 491 0.45 -16.40 31.29
C HIS A 491 -0.94 -16.11 31.95
N VAL A 492 -1.11 -15.03 32.71
CA VAL A 492 -2.39 -14.79 33.40
C VAL A 492 -3.43 -14.26 32.37
N PRO A 493 -3.24 -13.10 31.70
CA PRO A 493 -4.19 -12.66 30.68
C PRO A 493 -4.29 -13.57 29.45
N ASN A 494 -3.19 -14.33 29.16
CA ASN A 494 -3.14 -15.23 28.01
C ASN A 494 -3.61 -16.66 28.38
N VAL A 495 -4.10 -16.88 29.61
CA VAL A 495 -4.76 -18.08 30.07
C VAL A 495 -3.90 -19.32 29.71
N THR A 496 -2.62 -19.27 30.09
CA THR A 496 -1.69 -20.40 29.95
C THR A 496 -1.35 -20.94 31.35
N PRO A 497 -1.69 -22.21 31.70
CA PRO A 497 -1.37 -22.82 33.02
C PRO A 497 0.15 -22.81 33.30
N TYR A 498 0.54 -22.73 34.59
CA TYR A 498 1.93 -22.46 34.97
C TYR A 498 2.57 -23.65 35.68
N ILE A 499 1.82 -24.55 36.37
CA ILE A 499 2.47 -25.58 37.18
C ILE A 499 3.36 -26.51 36.28
N ARG A 500 3.11 -26.55 34.95
CA ARG A 500 3.93 -27.27 33.99
C ARG A 500 5.42 -26.86 34.04
N TYR A 501 5.71 -25.59 34.39
CA TYR A 501 7.12 -25.18 34.40
C TYR A 501 7.81 -25.70 35.68
N PHE A 502 7.12 -25.73 36.84
CA PHE A 502 7.72 -26.34 38.05
C PHE A 502 7.97 -27.83 37.74
N VAL A 503 6.98 -28.50 37.12
CA VAL A 503 7.16 -29.91 36.73
C VAL A 503 8.36 -30.04 35.77
N SER A 504 8.36 -29.21 34.72
CA SER A 504 9.45 -29.26 33.73
C SER A 504 10.84 -29.06 34.36
N PHE A 505 10.99 -28.11 35.33
CA PHE A 505 12.32 -27.81 35.86
C PHE A 505 12.89 -29.01 36.66
N VAL A 506 12.01 -29.83 37.25
CA VAL A 506 12.42 -31.06 37.93
C VAL A 506 12.70 -32.14 36.87
N LEU A 507 11.72 -32.36 35.96
N LEU A 507 11.76 -32.25 35.94
CA LEU A 507 11.81 -33.42 34.95
CA LEU A 507 11.77 -33.33 34.97
C LEU A 507 13.09 -33.26 34.13
C LEU A 507 13.00 -33.25 34.07
N GLN A 508 13.46 -32.02 33.73
CA GLN A 508 14.55 -31.87 32.76
C GLN A 508 15.86 -32.51 33.26
N PHE A 509 16.09 -32.47 34.57
CA PHE A 509 17.32 -33.03 35.14
C PHE A 509 17.20 -34.56 35.15
N GLN A 510 15.97 -35.10 35.40
CA GLN A 510 15.74 -36.54 35.25
C GLN A 510 16.07 -37.00 33.84
N PHE A 511 15.61 -36.24 32.82
CA PHE A 511 15.82 -36.64 31.43
C PHE A 511 17.32 -36.53 31.07
N HIS A 512 17.96 -35.43 31.50
CA HIS A 512 19.39 -35.23 31.21
C HIS A 512 20.23 -36.37 31.77
N GLU A 513 19.96 -36.74 33.05
CA GLU A 513 20.71 -37.84 33.64
C GLU A 513 20.56 -39.14 32.85
N ALA A 514 19.33 -39.43 32.39
CA ALA A 514 19.07 -40.66 31.65
C ALA A 514 19.73 -40.64 30.28
N LEU A 515 19.73 -39.46 29.62
CA LEU A 515 20.28 -39.43 28.27
C LEU A 515 21.82 -39.47 28.32
N CYS A 516 22.39 -38.87 29.37
CA CYS A 516 23.83 -38.86 29.55
C CYS A 516 24.30 -40.31 29.80
N LYS A 517 23.50 -41.07 30.59
CA LYS A 517 23.89 -42.45 30.83
C LYS A 517 23.80 -43.28 29.52
N GLU A 518 22.75 -43.04 28.72
CA GLU A 518 22.54 -43.83 27.50
C GLU A 518 23.64 -43.48 26.48
N ALA A 519 24.17 -42.24 26.54
CA ALA A 519 25.26 -41.78 25.68
C ALA A 519 26.58 -42.45 26.04
N GLY A 520 26.63 -43.17 27.17
CA GLY A 520 27.89 -43.73 27.66
C GLY A 520 28.82 -42.71 28.34
N TYR A 521 28.29 -41.56 28.82
CA TYR A 521 29.11 -40.55 29.45
C TYR A 521 29.40 -40.95 30.89
N GLU A 522 30.65 -40.82 31.37
CA GLU A 522 31.00 -41.27 32.71
C GLU A 522 31.60 -40.19 33.62
N GLY A 523 31.58 -38.91 33.26
CA GLY A 523 32.07 -37.86 34.14
C GLY A 523 30.98 -37.24 35.01
N PRO A 524 31.27 -36.11 35.71
CA PRO A 524 30.30 -35.39 36.54
C PRO A 524 29.09 -34.98 35.67
N LEU A 525 27.89 -35.10 36.23
CA LEU A 525 26.65 -34.86 35.50
C LEU A 525 26.62 -33.46 34.89
N HIS A 526 27.14 -32.43 35.61
CA HIS A 526 27.10 -31.07 35.11
C HIS A 526 28.09 -30.80 33.98
N GLN A 527 29.00 -31.73 33.63
CA GLN A 527 29.88 -31.56 32.49
C GLN A 527 29.43 -32.43 31.28
N CYS A 528 28.36 -33.22 31.38
CA CYS A 528 27.90 -34.01 30.22
C CYS A 528 27.43 -33.12 29.04
N ASP A 529 27.76 -33.53 27.80
CA ASP A 529 27.21 -32.93 26.58
C ASP A 529 26.77 -34.11 25.70
N ILE A 530 25.47 -34.18 25.34
CA ILE A 530 25.01 -35.33 24.56
C ILE A 530 25.16 -35.05 23.06
N TYR A 531 25.66 -33.87 22.63
CA TYR A 531 25.82 -33.61 21.19
C TYR A 531 26.41 -34.82 20.45
N ARG A 532 25.87 -35.11 19.24
CA ARG A 532 26.31 -36.16 18.34
C ARG A 532 26.08 -37.58 18.90
N SER A 533 25.33 -37.72 20.04
CA SER A 533 25.01 -39.08 20.50
C SER A 533 23.74 -39.61 19.85
N THR A 534 23.90 -40.53 18.87
CA THR A 534 22.73 -41.09 18.20
C THR A 534 21.95 -42.01 19.16
N LYS A 535 22.64 -42.64 20.14
CA LYS A 535 21.92 -43.44 21.16
C LYS A 535 21.04 -42.59 22.11
N ALA A 536 21.52 -41.43 22.57
CA ALA A 536 20.68 -40.53 23.35
C ALA A 536 19.48 -40.06 22.48
N GLY A 537 19.77 -39.77 21.20
CA GLY A 537 18.66 -39.40 20.31
C GLY A 537 17.54 -40.44 20.23
N ALA A 538 17.89 -41.72 20.09
CA ALA A 538 16.91 -42.79 19.91
C ALA A 538 16.02 -42.91 21.15
N LYS A 539 16.64 -42.82 22.35
CA LYS A 539 15.92 -42.83 23.63
C LYS A 539 14.93 -41.65 23.76
N LEU A 540 15.34 -40.43 23.38
CA LEU A 540 14.45 -39.29 23.43
C LEU A 540 13.34 -39.42 22.37
N ARG A 541 13.66 -39.98 21.20
N ARG A 541 13.67 -40.01 21.22
CA ARG A 541 12.67 -40.13 20.14
CA ARG A 541 12.74 -40.16 20.12
C ARG A 541 11.50 -40.97 20.64
C ARG A 541 11.55 -41.04 20.54
N LYS A 542 11.82 -42.06 21.37
CA LYS A 542 10.74 -42.95 21.85
C LYS A 542 9.72 -42.16 22.68
N VAL A 543 10.19 -41.21 23.53
CA VAL A 543 9.27 -40.33 24.25
C VAL A 543 8.40 -39.53 23.27
N LEU A 544 9.04 -38.85 22.30
CA LEU A 544 8.34 -37.88 21.47
C LEU A 544 7.27 -38.54 20.61
N ARG A 545 7.58 -39.70 20.03
CA ARG A 545 6.66 -40.47 19.18
C ARG A 545 5.41 -40.97 19.93
N ALA A 546 5.47 -41.02 21.28
CA ALA A 546 4.39 -41.60 22.08
C ALA A 546 3.23 -40.60 22.18
N GLY A 547 3.53 -39.28 22.10
CA GLY A 547 2.44 -38.32 22.31
C GLY A 547 1.74 -38.57 23.66
N SER A 548 0.39 -38.53 23.68
CA SER A 548 -0.40 -38.80 24.88
C SER A 548 -1.09 -40.15 24.75
N SER A 549 -0.53 -41.04 23.92
CA SER A 549 -1.14 -42.35 23.71
C SER A 549 -1.04 -43.27 24.94
N ARG A 550 -0.11 -43.00 25.88
CA ARG A 550 0.12 -43.80 27.09
C ARG A 550 0.25 -42.91 28.36
N PRO A 551 -0.11 -43.42 29.57
CA PRO A 551 0.00 -42.66 30.83
C PRO A 551 1.43 -42.10 31.00
N TRP A 552 1.60 -40.83 31.42
CA TRP A 552 2.93 -40.23 31.55
C TRP A 552 3.82 -41.03 32.52
N GLN A 553 3.24 -41.62 33.59
CA GLN A 553 4.02 -42.36 34.60
C GLN A 553 4.73 -43.54 33.94
N GLU A 554 4.08 -44.16 32.93
CA GLU A 554 4.69 -45.31 32.26
C GLU A 554 5.75 -44.85 31.26
N VAL A 555 5.47 -43.79 30.48
CA VAL A 555 6.49 -43.27 29.56
C VAL A 555 7.76 -42.90 30.33
N LEU A 556 7.60 -42.22 31.48
CA LEU A 556 8.76 -41.83 32.32
C LEU A 556 9.54 -43.06 32.79
N LYS A 557 8.82 -44.15 33.18
CA LYS A 557 9.51 -45.33 33.68
C LYS A 557 10.39 -45.92 32.57
N ASP A 558 9.84 -46.05 31.34
CA ASP A 558 10.64 -46.58 30.25
C ASP A 558 11.88 -45.71 30.03
N MET A 559 11.78 -44.39 30.26
CA MET A 559 12.86 -43.50 29.87
C MET A 559 13.93 -43.44 30.96
N VAL A 560 13.54 -43.41 32.25
CA VAL A 560 14.51 -43.06 33.30
C VAL A 560 14.57 -44.14 34.38
N GLY A 561 13.68 -45.13 34.33
CA GLY A 561 13.68 -46.20 35.32
C GLY A 561 12.76 -45.99 36.52
N LEU A 562 12.11 -44.82 36.65
CA LEU A 562 11.21 -44.56 37.77
C LEU A 562 9.85 -44.03 37.25
N ASP A 563 8.71 -44.29 37.93
CA ASP A 563 7.41 -43.82 37.43
C ASP A 563 6.91 -42.55 38.14
N ALA A 564 7.82 -41.69 38.65
CA ALA A 564 7.44 -40.53 39.45
C ALA A 564 8.42 -39.38 39.24
N LEU A 565 7.94 -38.15 39.44
CA LEU A 565 8.84 -37.01 39.55
C LEU A 565 9.76 -37.24 40.75
N ASP A 566 11.02 -36.82 40.66
CA ASP A 566 12.05 -37.13 41.63
C ASP A 566 13.05 -35.98 41.56
N ALA A 567 13.31 -35.32 42.73
CA ALA A 567 14.29 -34.22 42.82
C ALA A 567 15.75 -34.70 42.87
N GLN A 568 16.03 -36.00 43.03
CA GLN A 568 17.43 -36.40 43.25
C GLN A 568 18.34 -36.05 42.07
N PRO A 569 17.95 -36.22 40.78
CA PRO A 569 18.84 -35.80 39.68
C PRO A 569 19.21 -34.31 39.74
N LEU A 570 18.25 -33.41 39.98
CA LEU A 570 18.58 -31.99 40.18
C LEU A 570 19.58 -31.81 41.33
N LEU A 571 19.33 -32.45 42.49
CA LEU A 571 20.24 -32.26 43.64
C LEU A 571 21.66 -32.75 43.30
N LYS A 572 21.77 -33.90 42.58
CA LYS A 572 23.07 -34.45 42.21
C LYS A 572 23.82 -33.50 41.27
N TYR A 573 23.09 -32.93 40.29
CA TYR A 573 23.70 -32.00 39.33
C TYR A 573 24.32 -30.81 40.12
N PHE A 574 23.58 -30.23 41.08
CA PHE A 574 24.05 -29.03 41.81
C PHE A 574 24.92 -29.26 43.07
N GLN A 575 25.16 -30.51 43.46
CA GLN A 575 25.70 -30.86 44.77
C GLN A 575 26.89 -29.99 45.19
N LEU A 576 27.86 -29.76 44.27
CA LEU A 576 29.08 -29.04 44.65
C LEU A 576 28.78 -27.59 45.04
N VAL A 577 27.92 -26.93 44.29
CA VAL A 577 27.54 -25.55 44.57
C VAL A 577 26.60 -25.47 45.79
N THR A 578 25.71 -26.46 46.01
CA THR A 578 24.88 -26.51 47.20
C THR A 578 25.72 -26.48 48.48
N GLN A 579 26.78 -27.32 48.54
CA GLN A 579 27.67 -27.36 49.67
C GLN A 579 28.46 -26.04 49.80
N TRP A 580 29.01 -25.53 48.68
CA TRP A 580 29.82 -24.32 48.67
C TRP A 580 29.00 -23.12 49.19
N LEU A 581 27.78 -22.92 48.68
CA LEU A 581 26.94 -21.80 49.16
C LEU A 581 26.63 -21.90 50.66
N GLN A 582 26.31 -23.12 51.15
CA GLN A 582 26.03 -23.29 52.59
C GLN A 582 27.26 -22.90 53.43
N GLU A 583 28.47 -23.29 52.98
CA GLU A 583 29.69 -22.91 53.72
C GLU A 583 29.98 -21.40 53.64
N GLN A 584 29.86 -20.79 52.45
CA GLN A 584 30.08 -19.34 52.33
C GLN A 584 29.08 -18.52 53.19
N ASN A 585 27.80 -18.85 53.15
CA ASN A 585 26.84 -18.11 53.95
C ASN A 585 27.16 -18.22 55.45
N GLN A 586 27.59 -19.40 55.90
CA GLN A 586 27.96 -19.57 57.32
C GLN A 586 29.20 -18.75 57.65
N GLN A 587 30.23 -18.80 56.80
CA GLN A 587 31.44 -18.03 57.07
C GLN A 587 31.18 -16.52 57.06
N ASN A 588 30.20 -16.07 56.30
CA ASN A 588 29.89 -14.67 56.11
C ASN A 588 28.93 -14.19 57.20
N GLY A 589 28.38 -15.09 58.01
CA GLY A 589 27.42 -14.73 59.05
C GLY A 589 26.03 -14.29 58.56
N GLU A 590 25.57 -14.90 57.45
CA GLU A 590 24.31 -14.49 56.87
C GLU A 590 23.17 -14.99 57.73
N VAL A 591 22.04 -14.31 57.70
CA VAL A 591 20.81 -14.90 58.18
C VAL A 591 20.07 -15.47 56.96
N LEU A 592 19.65 -16.73 57.01
CA LEU A 592 18.88 -17.35 55.96
C LEU A 592 17.41 -16.94 56.09
N GLY A 593 16.75 -16.55 54.98
CA GLY A 593 15.37 -16.10 55.06
C GLY A 593 15.26 -14.57 55.25
N TRP A 594 14.04 -14.07 55.59
CA TRP A 594 13.75 -12.64 55.58
C TRP A 594 12.85 -12.29 56.79
N PRO A 595 13.35 -12.43 58.03
CA PRO A 595 12.57 -12.19 59.25
C PRO A 595 12.01 -10.76 59.33
N GLU A 596 12.63 -9.77 58.63
CA GLU A 596 12.00 -8.43 58.65
C GLU A 596 11.02 -8.30 57.50
N TYR A 597 9.93 -9.11 57.56
CA TYR A 597 9.00 -9.32 56.47
C TYR A 597 8.22 -8.06 56.09
N GLN A 598 8.15 -7.05 56.95
CA GLN A 598 7.45 -5.80 56.63
C GLN A 598 8.30 -4.80 55.83
N TRP A 599 9.60 -5.10 55.66
CA TRP A 599 10.48 -4.06 55.12
C TRP A 599 10.22 -3.83 53.64
N HIS A 600 10.22 -2.53 53.23
CA HIS A 600 10.22 -2.08 51.82
C HIS A 600 11.28 -0.97 51.71
N PRO A 601 11.96 -0.83 50.55
CA PRO A 601 12.97 0.23 50.42
C PRO A 601 12.37 1.63 50.32
N PRO A 602 13.15 2.72 50.56
CA PRO A 602 12.66 4.08 50.34
C PRO A 602 12.68 4.41 48.83
N LEU A 603 12.04 5.53 48.48
CA LEU A 603 12.09 6.02 47.11
C LEU A 603 13.41 6.73 46.80
N PRO A 604 13.93 6.71 45.56
CA PRO A 604 15.07 7.59 45.21
C PRO A 604 14.75 9.09 45.36
N ASP A 605 15.78 9.88 45.64
CA ASP A 605 15.68 11.34 45.67
C ASP A 605 15.07 11.83 44.35
N ASN A 606 14.05 12.66 44.45
CA ASN A 606 13.47 13.34 43.31
C ASN A 606 12.57 12.40 42.49
N TYR A 607 12.34 11.15 42.93
CA TYR A 607 11.73 10.17 42.02
C TYR A 607 10.31 10.61 41.62
N PRO A 608 9.86 10.50 40.33
CA PRO A 608 10.70 10.14 39.18
C PRO A 608 11.45 11.15 38.31
N GLU A 609 11.86 12.30 38.86
CA GLU A 609 12.33 13.40 38.01
C GLU A 609 13.82 13.33 37.67
N GLY A 610 14.61 12.49 38.34
CA GLY A 610 16.04 12.78 38.17
C GLY A 610 16.72 11.75 37.28
N ILE A 611 15.96 11.22 36.33
CA ILE A 611 16.53 10.20 35.47
C ILE A 611 16.71 10.83 34.09
N ASP A 612 17.86 10.62 33.45
CA ASP A 612 18.06 11.05 32.08
C ASP A 612 17.48 10.04 31.06
N LEU A 613 16.64 10.58 30.13
CA LEU A 613 15.69 9.91 29.23
C LEU A 613 15.16 8.61 29.86
N LEU B 1 -42.49 20.55 -50.02
CA LEU B 1 -41.24 19.80 -50.28
C LEU B 1 -41.40 19.26 -51.70
N ASP B 2 -40.41 19.50 -52.58
CA ASP B 2 -40.56 18.97 -53.94
C ASP B 2 -40.92 17.47 -53.93
N PRO B 3 -41.71 16.97 -54.90
CA PRO B 3 -42.08 15.54 -55.02
C PRO B 3 -40.92 14.54 -54.90
N GLY B 4 -39.80 14.80 -55.59
CA GLY B 4 -38.71 13.84 -55.67
C GLY B 4 -37.96 13.72 -54.33
N LEU B 5 -38.27 14.61 -53.37
CA LEU B 5 -37.60 14.61 -52.07
C LEU B 5 -38.48 14.05 -50.95
N GLN B 6 -39.75 13.68 -51.28
CA GLN B 6 -40.67 13.20 -50.26
C GLN B 6 -40.50 11.69 -50.03
N PRO B 7 -40.71 11.17 -48.79
CA PRO B 7 -40.69 9.70 -48.58
C PRO B 7 -41.89 8.96 -49.15
N GLY B 8 -41.65 7.80 -49.81
CA GLY B 8 -42.75 6.98 -50.30
C GLY B 8 -43.10 5.84 -49.33
N GLN B 9 -43.57 4.69 -49.84
N GLN B 9 -43.39 4.68 -49.94
CA GLN B 9 -43.94 3.64 -48.90
CA GLN B 9 -43.90 3.50 -49.28
C GLN B 9 -42.92 2.51 -48.89
C GLN B 9 -42.73 2.58 -48.91
N PHE B 10 -42.65 2.09 -47.66
CA PHE B 10 -41.75 0.98 -47.35
C PHE B 10 -42.45 -0.03 -46.40
N SER B 11 -42.14 -1.34 -46.51
CA SER B 11 -42.67 -2.32 -45.55
C SER B 11 -42.19 -1.99 -44.12
N ALA B 12 -43.00 -2.39 -43.11
CA ALA B 12 -42.73 -2.10 -41.70
C ALA B 12 -41.94 -3.25 -41.05
N ASP B 13 -40.71 -3.49 -41.53
CA ASP B 13 -39.88 -4.60 -41.09
C ASP B 13 -38.42 -4.22 -41.37
N GLU B 14 -37.45 -5.12 -41.12
CA GLU B 14 -36.07 -4.63 -41.14
C GLU B 14 -35.63 -4.48 -42.59
N ALA B 15 -36.07 -5.38 -43.48
CA ALA B 15 -35.83 -5.30 -44.92
C ALA B 15 -36.32 -3.96 -45.50
N GLY B 16 -37.58 -3.62 -45.17
CA GLY B 16 -38.13 -2.29 -45.44
C GLY B 16 -37.27 -1.13 -44.94
N ALA B 17 -36.81 -1.20 -43.67
CA ALA B 17 -35.96 -0.14 -43.14
C ALA B 17 -34.66 0.03 -43.95
N GLN B 18 -34.10 -1.07 -44.49
CA GLN B 18 -32.88 -0.91 -45.30
C GLN B 18 -33.18 -0.12 -46.57
N LEU B 19 -34.33 -0.40 -47.18
CA LEU B 19 -34.75 0.28 -48.41
C LEU B 19 -35.05 1.75 -48.10
N PHE B 20 -35.72 1.99 -46.98
CA PHE B 20 -35.96 3.36 -46.47
C PHE B 20 -34.66 4.16 -46.31
N ALA B 21 -33.62 3.50 -45.71
CA ALA B 21 -32.40 4.22 -45.47
C ALA B 21 -31.70 4.56 -46.80
N GLN B 22 -31.68 3.65 -47.78
CA GLN B 22 -31.16 3.95 -49.12
C GLN B 22 -31.85 5.15 -49.79
N SER B 23 -33.20 5.16 -49.81
CA SER B 23 -33.97 6.28 -50.36
C SER B 23 -33.69 7.61 -49.62
N TYR B 24 -33.69 7.61 -48.29
CA TYR B 24 -33.33 8.78 -47.46
C TYR B 24 -32.01 9.40 -47.91
N GLN B 25 -30.98 8.53 -48.05
CA GLN B 25 -29.65 9.02 -48.40
C GLN B 25 -29.67 9.73 -49.76
N SER B 26 -30.36 9.18 -50.78
CA SER B 26 -30.40 9.86 -52.09
C SER B 26 -30.88 11.31 -51.93
N SER B 27 -32.01 11.50 -51.23
CA SER B 27 -32.64 12.83 -51.11
C SER B 27 -31.83 13.72 -50.18
N ALA B 28 -31.30 13.16 -49.07
CA ALA B 28 -30.66 14.00 -48.06
C ALA B 28 -29.39 14.65 -48.62
N GLU B 29 -28.63 13.96 -49.48
CA GLU B 29 -27.43 14.58 -50.06
C GLU B 29 -27.81 15.86 -50.82
N GLN B 30 -28.97 15.89 -51.49
CA GLN B 30 -29.39 17.05 -52.28
C GLN B 30 -29.82 18.21 -51.37
N VAL B 31 -30.54 17.87 -50.29
CA VAL B 31 -30.96 18.87 -49.30
C VAL B 31 -29.75 19.46 -48.56
N LEU B 32 -28.82 18.59 -48.14
CA LEU B 32 -27.62 19.08 -47.45
C LEU B 32 -26.77 19.96 -48.39
N PHE B 33 -26.53 19.53 -49.64
CA PHE B 33 -25.79 20.36 -50.59
C PHE B 33 -26.34 21.79 -50.64
N GLN B 34 -27.69 21.93 -50.83
CA GLN B 34 -28.29 23.26 -50.88
C GLN B 34 -28.03 24.05 -49.59
N SER B 35 -28.13 23.38 -48.43
N SER B 35 -28.16 23.40 -48.42
CA SER B 35 -27.97 23.98 -47.11
CA SER B 35 -27.99 24.12 -47.17
C SER B 35 -26.54 24.48 -46.93
C SER B 35 -26.52 24.55 -47.05
N VAL B 36 -25.59 23.61 -47.26
CA VAL B 36 -24.18 23.94 -47.09
C VAL B 36 -23.75 25.02 -48.10
N ALA B 37 -24.24 24.99 -49.36
CA ALA B 37 -23.87 26.03 -50.33
C ALA B 37 -24.38 27.41 -49.85
N ALA B 38 -25.64 27.48 -49.36
CA ALA B 38 -26.17 28.78 -48.89
C ALA B 38 -25.40 29.29 -47.67
N SER B 39 -25.04 28.38 -46.76
CA SER B 39 -24.22 28.79 -45.61
C SER B 39 -22.87 29.34 -46.09
N TRP B 40 -22.22 28.63 -47.03
CA TRP B 40 -20.93 29.11 -47.62
C TRP B 40 -21.08 30.51 -48.23
N ALA B 41 -22.17 30.74 -49.00
CA ALA B 41 -22.37 32.03 -49.69
C ALA B 41 -22.53 33.14 -48.63
N HIS B 42 -23.12 32.83 -47.46
CA HIS B 42 -23.26 33.84 -46.41
C HIS B 42 -21.94 34.05 -45.65
N ASP B 43 -21.29 32.94 -45.26
CA ASP B 43 -20.16 33.04 -44.34
C ASP B 43 -18.94 33.66 -45.05
N THR B 44 -18.89 33.60 -46.38
CA THR B 44 -17.81 34.23 -47.14
C THR B 44 -18.21 35.64 -47.63
N ASN B 45 -19.42 36.14 -47.23
CA ASN B 45 -19.94 37.40 -47.77
C ASN B 45 -21.21 37.80 -46.99
N ILE B 46 -21.03 38.32 -45.75
CA ILE B 46 -22.15 38.53 -44.82
C ILE B 46 -22.96 39.71 -45.32
N THR B 47 -24.21 39.46 -45.76
CA THR B 47 -25.13 40.48 -46.21
C THR B 47 -26.53 40.08 -45.76
N ALA B 48 -27.47 41.07 -45.65
CA ALA B 48 -28.87 40.76 -45.37
C ALA B 48 -29.47 39.81 -46.43
N GLU B 49 -29.13 40.01 -47.71
CA GLU B 49 -29.66 39.13 -48.75
C GLU B 49 -29.13 37.69 -48.61
N ASN B 50 -27.84 37.53 -48.29
CA ASN B 50 -27.30 36.17 -48.18
C ASN B 50 -27.88 35.51 -46.92
N ALA B 51 -28.14 36.28 -45.86
CA ALA B 51 -28.81 35.70 -44.68
C ALA B 51 -30.22 35.20 -45.06
N ARG B 52 -30.97 36.05 -45.81
CA ARG B 52 -32.31 35.68 -46.23
C ARG B 52 -32.28 34.36 -47.02
N ARG B 53 -31.30 34.19 -47.95
CA ARG B 53 -31.14 32.96 -48.73
C ARG B 53 -30.81 31.74 -47.85
N GLN B 54 -29.92 31.92 -46.85
CA GLN B 54 -29.57 30.82 -45.99
C GLN B 54 -30.79 30.43 -45.14
N GLU B 55 -31.59 31.44 -44.71
CA GLU B 55 -32.79 31.15 -43.90
C GLU B 55 -33.79 30.32 -44.72
N GLU B 56 -33.92 30.63 -46.00
N GLU B 56 -33.94 30.63 -46.01
CA GLU B 56 -34.80 29.87 -46.89
CA GLU B 56 -34.83 29.87 -46.88
C GLU B 56 -34.33 28.42 -47.00
C GLU B 56 -34.33 28.43 -47.03
N ALA B 57 -33.02 28.25 -47.20
CA ALA B 57 -32.41 26.91 -47.32
C ALA B 57 -32.64 26.10 -46.03
N ALA B 58 -32.56 26.78 -44.88
CA ALA B 58 -32.72 26.14 -43.57
C ALA B 58 -34.17 25.67 -43.39
N LEU B 59 -35.14 26.49 -43.82
CA LEU B 59 -36.56 26.09 -43.79
C LEU B 59 -36.81 24.83 -44.62
N LEU B 60 -36.18 24.74 -45.81
CA LEU B 60 -36.36 23.52 -46.61
C LEU B 60 -35.80 22.31 -45.85
N SER B 61 -34.62 22.47 -45.23
N SER B 61 -34.61 22.48 -45.25
CA SER B 61 -33.96 21.43 -44.46
CA SER B 61 -33.98 21.44 -44.47
C SER B 61 -34.90 20.95 -43.33
C SER B 61 -34.95 20.96 -43.39
N GLN B 62 -35.52 21.91 -42.62
CA GLN B 62 -36.52 21.59 -41.59
C GLN B 62 -37.71 20.81 -42.17
N GLU B 63 -38.24 21.22 -43.31
CA GLU B 63 -39.37 20.50 -43.92
C GLU B 63 -38.97 19.06 -44.27
N PHE B 64 -37.76 18.87 -44.77
CA PHE B 64 -37.31 17.53 -45.18
C PHE B 64 -37.14 16.66 -43.92
N ALA B 65 -36.58 17.22 -42.83
CA ALA B 65 -36.28 16.46 -41.62
C ALA B 65 -37.60 16.04 -40.95
N GLU B 66 -38.62 16.93 -41.04
CA GLU B 66 -39.89 16.58 -40.44
C GLU B 66 -40.52 15.41 -41.22
N ALA B 67 -40.56 15.52 -42.57
CA ALA B 67 -41.20 14.49 -43.41
C ALA B 67 -40.57 13.10 -43.20
N TRP B 68 -39.24 13.02 -43.27
CA TRP B 68 -38.50 11.76 -43.14
C TRP B 68 -38.56 11.21 -41.70
N GLY B 69 -38.53 12.10 -40.68
CA GLY B 69 -38.61 11.75 -39.27
C GLY B 69 -39.97 11.14 -38.94
N GLN B 70 -41.05 11.74 -39.45
CA GLN B 70 -42.38 11.25 -39.14
C GLN B 70 -42.60 9.93 -39.86
N LYS B 71 -42.02 9.76 -41.07
CA LYS B 71 -42.20 8.48 -41.77
C LYS B 71 -41.45 7.37 -41.00
N ALA B 72 -40.25 7.67 -40.51
CA ALA B 72 -39.47 6.69 -39.71
C ALA B 72 -40.26 6.25 -38.49
N LYS B 73 -40.93 7.20 -37.84
CA LYS B 73 -41.76 6.85 -36.69
C LYS B 73 -42.98 6.03 -37.08
N GLU B 74 -43.69 6.39 -38.15
CA GLU B 74 -44.89 5.68 -38.56
C GLU B 74 -44.56 4.20 -38.78
N LEU B 75 -43.41 3.91 -39.39
CA LEU B 75 -43.15 2.56 -39.88
C LEU B 75 -42.38 1.73 -38.84
N TYR B 76 -41.49 2.35 -38.07
CA TYR B 76 -40.40 1.61 -37.39
C TYR B 76 -40.35 1.86 -35.86
N GLU B 77 -41.22 2.72 -35.29
CA GLU B 77 -41.08 3.17 -33.91
C GLU B 77 -41.02 1.96 -32.96
N PRO B 78 -41.96 1.00 -32.98
CA PRO B 78 -41.88 -0.08 -32.01
C PRO B 78 -40.85 -1.16 -32.35
N ILE B 79 -40.06 -0.99 -33.42
CA ILE B 79 -39.29 -2.14 -33.86
C ILE B 79 -37.81 -1.79 -34.08
N TRP B 80 -37.47 -0.55 -34.38
CA TRP B 80 -36.09 -0.27 -34.80
C TRP B 80 -35.02 -0.65 -33.75
N GLN B 81 -35.39 -0.66 -32.46
CA GLN B 81 -34.37 -0.97 -31.46
C GLN B 81 -33.96 -2.44 -31.51
N GLN B 82 -34.70 -3.30 -32.20
CA GLN B 82 -34.42 -4.73 -32.19
C GLN B 82 -33.88 -5.17 -33.55
N PHE B 83 -33.56 -4.23 -34.46
CA PHE B 83 -33.02 -4.62 -35.76
C PHE B 83 -31.67 -5.33 -35.57
N THR B 84 -31.31 -6.24 -36.48
CA THR B 84 -30.10 -7.02 -36.28
C THR B 84 -28.85 -6.24 -36.71
N ASP B 85 -29.01 -5.37 -37.72
CA ASP B 85 -27.93 -4.51 -38.22
C ASP B 85 -27.66 -3.33 -37.29
N PRO B 86 -26.46 -3.22 -36.63
CA PRO B 86 -26.20 -2.11 -35.71
C PRO B 86 -26.05 -0.76 -36.43
N GLN B 87 -25.56 -0.78 -37.67
CA GLN B 87 -25.44 0.50 -38.38
C GLN B 87 -26.83 1.02 -38.79
N LEU B 88 -27.74 0.13 -39.24
CA LEU B 88 -29.13 0.46 -39.50
C LEU B 88 -29.80 1.08 -38.26
N ARG B 89 -29.59 0.48 -37.07
CA ARG B 89 -30.12 1.07 -35.85
C ARG B 89 -29.64 2.53 -35.69
N ARG B 90 -28.36 2.77 -35.97
CA ARG B 90 -27.85 4.12 -35.74
C ARG B 90 -28.47 5.13 -36.74
N ILE B 91 -28.64 4.70 -37.99
CA ILE B 91 -29.30 5.49 -39.03
C ILE B 91 -30.72 5.88 -38.64
N ILE B 92 -31.58 4.89 -38.36
N ILE B 92 -31.57 4.89 -38.32
CA ILE B 92 -32.93 5.23 -37.96
CA ILE B 92 -32.96 5.15 -37.93
C ILE B 92 -32.89 6.19 -36.76
C ILE B 92 -33.03 6.04 -36.68
N GLY B 93 -32.08 5.86 -35.76
CA GLY B 93 -32.02 6.69 -34.55
C GLY B 93 -31.72 8.16 -34.90
N ALA B 94 -30.82 8.40 -35.88
CA ALA B 94 -30.56 9.77 -36.35
C ALA B 94 -31.79 10.38 -37.05
N VAL B 95 -32.44 9.63 -37.96
CA VAL B 95 -33.54 10.17 -38.78
C VAL B 95 -34.72 10.55 -37.88
N ARG B 96 -34.96 9.77 -36.83
CA ARG B 96 -36.12 10.04 -35.98
C ARG B 96 -35.87 11.23 -35.03
N THR B 97 -34.65 11.80 -34.98
CA THR B 97 -34.38 12.98 -34.16
C THR B 97 -34.68 14.27 -34.95
N LEU B 98 -35.72 15.04 -34.61
CA LEU B 98 -36.13 16.20 -35.42
C LEU B 98 -35.45 17.53 -35.05
N GLY B 99 -35.07 17.76 -33.78
CA GLY B 99 -34.41 19.03 -33.46
C GLY B 99 -35.32 20.22 -33.78
N SER B 100 -34.76 21.27 -34.40
N SER B 100 -34.73 21.29 -34.35
CA SER B 100 -35.54 22.47 -34.65
CA SER B 100 -35.49 22.51 -34.70
C SER B 100 -36.73 22.20 -35.57
C SER B 100 -36.71 22.20 -35.58
N ALA B 101 -36.72 21.06 -36.30
CA ALA B 101 -37.88 20.72 -37.12
C ALA B 101 -39.11 20.36 -36.30
N ASN B 102 -38.96 20.16 -34.98
CA ASN B 102 -40.11 20.03 -34.10
C ASN B 102 -40.90 21.35 -33.91
N LEU B 103 -40.29 22.52 -34.17
CA LEU B 103 -40.96 23.80 -33.93
C LEU B 103 -42.00 24.04 -35.04
N PRO B 104 -43.16 24.70 -34.80
CA PRO B 104 -44.07 25.13 -35.87
C PRO B 104 -43.40 26.17 -36.77
N LEU B 105 -43.88 26.34 -38.02
CA LEU B 105 -43.23 27.21 -39.02
C LEU B 105 -42.88 28.60 -38.44
N ALA B 106 -43.78 29.27 -37.71
CA ALA B 106 -43.45 30.63 -37.27
C ALA B 106 -42.24 30.64 -36.31
N LYS B 107 -42.10 29.61 -35.46
CA LYS B 107 -40.96 29.54 -34.56
C LYS B 107 -39.70 29.05 -35.30
N ARG B 108 -39.83 28.21 -36.37
CA ARG B 108 -38.63 27.91 -37.18
C ARG B 108 -38.10 29.24 -37.75
N GLN B 109 -38.99 30.09 -38.24
CA GLN B 109 -38.56 31.36 -38.83
C GLN B 109 -37.84 32.25 -37.79
N GLN B 110 -38.35 32.28 -36.54
N GLN B 110 -38.37 32.31 -36.56
CA GLN B 110 -37.75 33.07 -35.46
CA GLN B 110 -37.74 33.05 -35.46
C GLN B 110 -36.38 32.47 -35.09
C GLN B 110 -36.35 32.46 -35.19
N TYR B 111 -36.29 31.12 -35.06
CA TYR B 111 -35.04 30.44 -34.70
C TYR B 111 -33.93 30.71 -35.76
N ASN B 112 -34.26 30.53 -37.04
CA ASN B 112 -33.30 30.65 -38.13
C ASN B 112 -32.81 32.10 -38.22
N ALA B 113 -33.68 33.08 -37.94
CA ALA B 113 -33.26 34.49 -37.96
C ALA B 113 -32.31 34.83 -36.80
N LEU B 114 -32.62 34.27 -35.62
CA LEU B 114 -31.71 34.45 -34.48
C LEU B 114 -30.30 33.95 -34.79
N LEU B 115 -30.17 32.77 -35.43
CA LEU B 115 -28.84 32.27 -35.79
C LEU B 115 -28.12 33.25 -36.75
N SER B 116 -28.86 33.81 -37.73
CA SER B 116 -28.21 34.71 -38.68
C SER B 116 -27.75 35.97 -37.95
N GLN B 117 -28.62 36.47 -37.09
CA GLN B 117 -28.38 37.78 -36.47
C GLN B 117 -27.22 37.69 -35.45
N MET B 118 -27.14 36.62 -34.64
CA MET B 118 -26.03 36.45 -33.71
C MET B 118 -24.73 36.26 -34.49
N SER B 119 -24.76 35.53 -35.62
CA SER B 119 -23.53 35.38 -36.40
C SER B 119 -23.02 36.73 -36.94
N ARG B 120 -23.91 37.53 -37.51
CA ARG B 120 -23.63 38.88 -38.01
C ARG B 120 -22.98 39.77 -36.91
N ILE B 121 -23.60 39.83 -35.72
CA ILE B 121 -23.12 40.71 -34.65
C ILE B 121 -21.67 40.35 -34.27
N TYR B 122 -21.37 39.04 -34.09
CA TYR B 122 -20.02 38.64 -33.68
C TYR B 122 -18.99 38.94 -34.78
N SER B 123 -19.28 38.55 -36.04
CA SER B 123 -18.26 38.60 -37.09
C SER B 123 -18.05 40.02 -37.67
N THR B 124 -18.96 40.99 -37.38
CA THR B 124 -18.82 42.36 -37.88
C THR B 124 -18.53 43.38 -36.78
N ALA B 125 -18.48 42.96 -35.50
CA ALA B 125 -18.11 43.89 -34.41
C ALA B 125 -16.72 44.49 -34.61
N LYS B 126 -16.52 45.76 -34.20
CA LYS B 126 -15.22 46.43 -34.36
C LYS B 126 -14.92 47.26 -33.10
N VAL B 127 -13.64 47.62 -32.90
CA VAL B 127 -13.21 48.50 -31.80
C VAL B 127 -12.61 49.72 -32.49
N CYS B 128 -13.26 50.87 -32.35
CA CYS B 128 -12.66 52.09 -32.89
C CYS B 128 -11.82 52.89 -31.90
N LEU B 129 -10.75 53.54 -32.44
CA LEU B 129 -9.79 54.39 -31.73
C LEU B 129 -10.37 55.81 -31.63
N PRO B 130 -9.93 56.67 -30.70
CA PRO B 130 -10.26 58.11 -30.81
C PRO B 130 -9.66 58.77 -32.09
N GLN B 131 -10.55 59.19 -33.01
CA GLN B 131 -10.23 59.58 -34.38
C GLN B 131 -9.52 58.45 -35.13
N THR B 135 -9.99 53.00 -39.80
CA THR B 135 -9.72 53.53 -38.43
C THR B 135 -10.25 52.55 -37.37
N CYS B 136 -10.99 51.49 -37.76
CA CYS B 136 -11.48 50.62 -36.70
C CYS B 136 -10.93 49.21 -36.84
N TRP B 137 -10.71 48.59 -35.67
CA TRP B 137 -9.98 47.34 -35.57
C TRP B 137 -10.96 46.17 -35.65
N SER B 138 -10.63 45.14 -36.47
CA SER B 138 -11.34 43.87 -36.55
CA SER B 138 -11.42 43.91 -36.46
C SER B 138 -10.76 42.93 -35.50
N LEU B 139 -11.52 41.89 -35.11
CA LEU B 139 -10.95 40.86 -34.24
C LEU B 139 -9.77 40.18 -34.96
N ASP B 140 -9.98 39.72 -36.19
CA ASP B 140 -8.94 39.05 -36.98
C ASP B 140 -8.76 39.87 -38.25
N PRO B 141 -7.58 40.51 -38.48
CA PRO B 141 -6.34 40.26 -37.70
C PRO B 141 -5.95 41.20 -36.56
N ASP B 142 -6.61 42.38 -36.43
CA ASP B 142 -6.04 43.50 -35.67
C ASP B 142 -5.96 43.19 -34.17
N LEU B 143 -7.11 42.83 -33.56
CA LEU B 143 -7.08 42.64 -32.11
C LEU B 143 -6.31 41.37 -31.75
N THR B 144 -6.45 40.28 -32.54
CA THR B 144 -5.66 39.06 -32.31
C THR B 144 -4.15 39.39 -32.25
N ASN B 145 -3.69 40.20 -33.19
CA ASN B 145 -2.26 40.63 -33.24
C ASN B 145 -1.86 41.45 -31.99
N ILE B 146 -2.73 42.38 -31.54
CA ILE B 146 -2.44 43.18 -30.36
C ILE B 146 -2.33 42.29 -29.11
N LEU B 147 -3.34 41.42 -28.85
CA LEU B 147 -3.31 40.52 -27.69
C LEU B 147 -2.04 39.63 -27.74
N ALA B 148 -1.58 39.23 -28.94
CA ALA B 148 -0.44 38.31 -29.04
C ALA B 148 0.92 39.03 -28.87
N SER B 149 1.05 40.28 -29.37
N SER B 149 1.05 40.27 -29.37
CA SER B 149 2.37 40.90 -29.55
CA SER B 149 2.38 40.92 -29.53
C SER B 149 2.62 42.16 -28.73
C SER B 149 2.62 42.10 -28.60
N SER B 150 1.55 42.83 -28.22
CA SER B 150 1.79 44.04 -27.42
C SER B 150 2.34 43.61 -26.05
N ARG B 151 3.22 44.41 -25.43
CA ARG B 151 3.63 44.33 -24.04
C ARG B 151 3.39 45.70 -23.38
N SER B 152 2.33 46.42 -23.83
CA SER B 152 1.85 47.66 -23.23
C SER B 152 0.57 47.37 -22.44
N TYR B 153 0.58 47.60 -21.11
CA TYR B 153 -0.58 47.22 -20.30
C TYR B 153 -1.79 48.00 -20.87
N ALA B 154 -1.59 49.29 -21.17
CA ALA B 154 -2.72 50.15 -21.59
C ALA B 154 -3.29 49.78 -22.97
N MET B 155 -2.45 49.45 -23.95
N MET B 155 -2.43 49.44 -23.94
CA MET B 155 -2.97 49.05 -25.26
CA MET B 155 -2.87 49.03 -25.28
C MET B 155 -3.75 47.74 -25.15
C MET B 155 -3.70 47.74 -25.18
N LEU B 156 -3.21 46.81 -24.35
CA LEU B 156 -3.85 45.50 -24.23
C LEU B 156 -5.21 45.71 -23.56
N LEU B 157 -5.26 46.60 -22.57
CA LEU B 157 -6.52 46.87 -21.88
C LEU B 157 -7.58 47.47 -22.84
N PHE B 158 -7.20 48.51 -23.60
CA PHE B 158 -8.13 49.12 -24.57
C PHE B 158 -8.70 48.04 -25.52
N ALA B 159 -7.86 47.11 -26.00
CA ALA B 159 -8.32 46.07 -26.93
C ALA B 159 -9.29 45.11 -26.21
N TRP B 160 -8.92 44.69 -24.99
CA TRP B 160 -9.75 43.72 -24.25
C TRP B 160 -11.13 44.29 -23.93
N GLU B 161 -11.13 45.48 -23.36
CA GLU B 161 -12.39 46.12 -22.94
C GLU B 161 -13.26 46.48 -24.17
N GLY B 162 -12.62 47.08 -25.19
CA GLY B 162 -13.34 47.45 -26.40
C GLY B 162 -14.04 46.24 -27.04
N TRP B 163 -13.36 45.08 -27.12
CA TRP B 163 -13.92 43.91 -27.80
C TRP B 163 -15.10 43.34 -26.98
N HIS B 164 -14.88 43.12 -25.67
CA HIS B 164 -15.93 42.51 -24.85
C HIS B 164 -17.19 43.37 -24.90
N ASN B 165 -17.04 44.71 -24.83
CA ASN B 165 -18.22 45.61 -24.83
C ASN B 165 -18.91 45.54 -26.21
N ALA B 166 -18.11 45.62 -27.30
CA ALA B 166 -18.69 45.74 -28.64
C ALA B 166 -19.39 44.46 -29.06
N ALA B 167 -18.80 43.29 -28.79
CA ALA B 167 -19.39 42.05 -29.28
C ALA B 167 -20.47 41.54 -28.29
N GLY B 168 -20.18 41.59 -26.96
CA GLY B 168 -21.10 40.88 -26.05
C GLY B 168 -22.43 41.62 -25.75
N ILE B 169 -22.37 42.97 -25.55
CA ILE B 169 -23.56 43.70 -25.08
C ILE B 169 -24.80 43.48 -26.00
N PRO B 170 -24.68 43.70 -27.33
CA PRO B 170 -25.82 43.58 -28.23
C PRO B 170 -26.33 42.14 -28.40
N LEU B 171 -25.49 41.13 -28.08
CA LEU B 171 -25.95 39.74 -28.24
C LEU B 171 -26.93 39.30 -27.14
N LYS B 172 -26.91 39.96 -25.97
CA LYS B 172 -27.58 39.36 -24.81
C LYS B 172 -29.09 39.08 -25.07
N PRO B 173 -29.92 40.05 -25.56
CA PRO B 173 -31.35 39.73 -25.71
C PRO B 173 -31.60 38.56 -26.67
N LEU B 174 -30.81 38.51 -27.76
CA LEU B 174 -30.92 37.46 -28.77
C LEU B 174 -30.63 36.08 -28.18
N TYR B 175 -29.58 36.04 -27.34
CA TYR B 175 -29.10 34.78 -26.76
C TYR B 175 -30.19 34.18 -25.82
N GLU B 176 -30.89 35.05 -25.07
N GLU B 176 -30.90 35.05 -25.07
CA GLU B 176 -32.01 34.61 -24.24
CA GLU B 176 -32.02 34.60 -24.23
C GLU B 176 -33.12 33.99 -25.08
C GLU B 176 -33.14 33.99 -25.08
N ASP B 177 -33.52 34.67 -26.18
CA ASP B 177 -34.58 34.16 -27.04
C ASP B 177 -34.14 32.85 -27.70
N PHE B 178 -32.88 32.75 -28.21
CA PHE B 178 -32.38 31.51 -28.80
C PHE B 178 -32.47 30.34 -27.79
N THR B 179 -31.99 30.56 -26.53
CA THR B 179 -31.95 29.51 -25.50
C THR B 179 -33.35 28.89 -25.31
N ALA B 180 -34.40 29.75 -25.26
CA ALA B 180 -35.74 29.23 -24.97
C ALA B 180 -36.27 28.40 -26.15
N LEU B 181 -36.00 28.90 -27.40
CA LEU B 181 -36.51 28.18 -28.57
C LEU B 181 -35.80 26.84 -28.74
N SER B 182 -34.48 26.83 -28.52
CA SER B 182 -33.68 25.60 -28.68
C SER B 182 -34.24 24.57 -27.68
N ASN B 183 -34.45 25.00 -26.42
CA ASN B 183 -34.97 24.05 -25.43
C ASN B 183 -36.33 23.48 -25.89
N GLU B 184 -37.22 24.36 -26.38
CA GLU B 184 -38.57 23.97 -26.82
C GLU B 184 -38.48 22.89 -27.93
N ALA B 185 -37.55 23.06 -28.89
CA ALA B 185 -37.30 22.10 -29.95
C ALA B 185 -36.87 20.71 -29.41
N TYR B 186 -35.83 20.63 -28.56
CA TYR B 186 -35.30 19.34 -28.12
C TYR B 186 -36.20 18.64 -27.09
N LYS B 187 -37.03 19.40 -26.36
CA LYS B 187 -38.01 18.83 -25.42
C LYS B 187 -38.93 17.86 -26.16
N GLN B 188 -39.18 18.12 -27.45
CA GLN B 188 -40.07 17.27 -28.24
C GLN B 188 -39.36 16.01 -28.74
N ASP B 189 -38.04 15.94 -28.62
CA ASP B 189 -37.27 14.74 -28.92
C ASP B 189 -37.05 13.90 -27.64
N GLY B 190 -37.58 14.39 -26.50
CA GLY B 190 -37.57 13.71 -25.19
C GLY B 190 -36.42 14.15 -24.26
N PHE B 191 -35.67 15.20 -24.60
CA PHE B 191 -34.58 15.71 -23.75
C PHE B 191 -35.05 16.83 -22.82
N THR B 192 -34.55 16.81 -21.59
CA THR B 192 -34.98 17.78 -20.59
C THR B 192 -34.59 19.23 -21.00
N ASP B 193 -33.43 19.38 -21.65
CA ASP B 193 -32.94 20.68 -22.11
C ASP B 193 -31.91 20.41 -23.24
N THR B 194 -31.48 21.50 -23.87
CA THR B 194 -30.59 21.33 -25.03
C THR B 194 -29.25 20.71 -24.62
N GLY B 195 -28.77 21.06 -23.44
CA GLY B 195 -27.48 20.53 -22.94
C GLY B 195 -27.51 19.00 -22.76
N ALA B 196 -28.66 18.46 -22.32
CA ALA B 196 -28.79 16.99 -22.21
C ALA B 196 -28.67 16.34 -23.59
N TYR B 197 -29.28 16.99 -24.60
CA TYR B 197 -29.13 16.53 -25.98
C TYR B 197 -27.65 16.57 -26.37
N TRP B 198 -26.91 17.69 -26.14
CA TRP B 198 -25.49 17.70 -26.58
C TRP B 198 -24.64 16.63 -25.83
N ARG B 199 -24.90 16.41 -24.54
CA ARG B 199 -24.13 15.43 -23.78
C ARG B 199 -24.43 14.00 -24.29
N SER B 200 -25.63 13.75 -24.82
CA SER B 200 -26.03 12.39 -25.24
C SER B 200 -25.16 11.84 -26.39
N TRP B 201 -24.45 12.73 -27.14
CA TRP B 201 -23.56 12.32 -28.21
C TRP B 201 -22.46 11.39 -27.68
N TYR B 202 -22.11 11.45 -26.38
CA TYR B 202 -21.00 10.67 -25.84
C TYR B 202 -21.46 9.29 -25.35
N ASN B 203 -22.76 9.05 -25.41
CA ASN B 203 -23.34 7.77 -25.00
C ASN B 203 -22.61 7.20 -23.75
N SER B 204 -22.52 8.01 -22.70
CA SER B 204 -21.89 7.48 -21.50
C SER B 204 -22.73 7.93 -20.31
N PRO B 205 -23.31 7.00 -19.51
CA PRO B 205 -24.07 7.38 -18.33
C PRO B 205 -23.28 8.16 -17.26
N THR B 206 -21.93 8.08 -17.28
CA THR B 206 -21.13 8.67 -16.19
C THR B 206 -20.24 9.80 -16.77
N PHE B 207 -20.68 10.44 -17.87
CA PHE B 207 -19.89 11.43 -18.58
C PHE B 207 -19.41 12.57 -17.66
N GLU B 208 -20.31 13.26 -16.96
CA GLU B 208 -19.92 14.42 -16.14
C GLU B 208 -18.96 14.00 -15.01
N ASP B 209 -19.25 12.91 -14.32
CA ASP B 209 -18.35 12.35 -13.31
C ASP B 209 -16.99 12.02 -13.91
N ASP B 210 -16.98 11.41 -15.12
CA ASP B 210 -15.73 11.04 -15.77
C ASP B 210 -14.87 12.27 -16.12
N LEU B 211 -15.49 13.36 -16.61
CA LEU B 211 -14.73 14.57 -16.93
C LEU B 211 -14.17 15.18 -15.65
N GLU B 212 -14.97 15.16 -14.59
CA GLU B 212 -14.53 15.76 -13.32
C GLU B 212 -13.30 15.03 -12.76
N HIS B 213 -13.29 13.68 -12.82
CA HIS B 213 -12.13 12.89 -12.43
C HIS B 213 -10.89 13.25 -13.26
N LEU B 214 -11.08 13.43 -14.59
CA LEU B 214 -9.92 13.80 -15.42
C LEU B 214 -9.41 15.15 -14.95
N TYR B 215 -10.31 16.13 -14.77
CA TYR B 215 -9.85 17.47 -14.34
C TYR B 215 -9.07 17.40 -13.00
N GLN B 216 -9.54 16.58 -12.03
CA GLN B 216 -8.79 16.48 -10.78
C GLN B 216 -7.34 16.01 -10.99
N GLN B 217 -7.07 15.13 -11.97
CA GLN B 217 -5.69 14.68 -12.22
C GLN B 217 -4.82 15.77 -12.85
N LEU B 218 -5.43 16.66 -13.65
CA LEU B 218 -4.72 17.65 -14.49
C LEU B 218 -4.50 18.96 -13.72
N GLU B 219 -5.40 19.26 -12.76
CA GLU B 219 -5.41 20.57 -12.12
C GLU B 219 -4.02 20.93 -11.52
N PRO B 220 -3.26 20.04 -10.82
CA PRO B 220 -1.94 20.43 -10.29
C PRO B 220 -0.96 20.96 -11.36
N LEU B 221 -0.99 20.41 -12.60
CA LEU B 221 -0.14 20.88 -13.68
C LEU B 221 -0.51 22.34 -14.01
N TYR B 222 -1.84 22.59 -14.11
CA TYR B 222 -2.31 23.97 -14.34
C TYR B 222 -1.85 24.92 -13.20
N LEU B 223 -2.10 24.54 -11.92
CA LEU B 223 -1.78 25.47 -10.81
C LEU B 223 -0.30 25.88 -10.84
N ASN B 224 0.56 24.89 -11.17
CA ASN B 224 2.01 25.16 -11.21
C ASN B 224 2.40 26.06 -12.40
N LEU B 225 1.80 25.84 -13.59
CA LEU B 225 2.09 26.70 -14.75
C LEU B 225 1.61 28.13 -14.47
N HIS B 226 0.40 28.25 -13.89
CA HIS B 226 -0.19 29.56 -13.51
C HIS B 226 0.72 30.34 -12.56
N ALA B 227 1.23 29.69 -11.50
CA ALA B 227 2.05 30.41 -10.53
C ALA B 227 3.37 30.93 -11.15
N PHE B 228 3.99 30.09 -12.02
CA PHE B 228 5.25 30.40 -12.70
C PHE B 228 5.06 31.62 -13.62
N VAL B 229 3.97 31.63 -14.40
CA VAL B 229 3.68 32.74 -15.34
C VAL B 229 3.31 34.02 -14.55
N ARG B 230 2.52 33.87 -13.49
CA ARG B 230 2.16 35.05 -12.68
C ARG B 230 3.39 35.74 -12.09
N ARG B 231 4.39 34.97 -11.64
CA ARG B 231 5.67 35.51 -11.20
C ARG B 231 6.36 36.38 -12.26
N ALA B 232 6.44 35.85 -13.49
CA ALA B 232 7.04 36.57 -14.62
C ALA B 232 6.28 37.89 -14.87
N LEU B 233 4.92 37.86 -14.81
CA LEU B 233 4.08 39.06 -15.03
C LEU B 233 4.32 40.09 -13.92
N HIS B 234 4.53 39.63 -12.66
CA HIS B 234 4.75 40.53 -11.55
C HIS B 234 6.04 41.34 -11.75
N ARG B 235 7.11 40.66 -12.18
CA ARG B 235 8.40 41.28 -12.47
C ARG B 235 8.31 42.34 -13.57
N ARG B 236 7.45 42.10 -14.57
CA ARG B 236 7.29 43.00 -15.70
C ARG B 236 6.37 44.19 -15.38
N TYR B 237 5.20 43.94 -14.78
CA TYR B 237 4.12 44.94 -14.68
C TYR B 237 4.01 45.55 -13.28
N GLY B 238 4.61 44.89 -12.28
CA GLY B 238 4.75 45.41 -10.92
C GLY B 238 3.59 45.10 -9.96
N ASP B 239 3.81 45.39 -8.67
CA ASP B 239 2.90 44.95 -7.60
C ASP B 239 1.53 45.62 -7.69
N ARG B 240 1.44 46.82 -8.29
CA ARG B 240 0.15 47.50 -8.40
C ARG B 240 -0.82 46.73 -9.33
N TYR B 241 -0.30 46.08 -10.38
CA TYR B 241 -1.12 45.42 -11.42
C TYR B 241 -1.14 43.89 -11.32
N ILE B 242 -0.29 43.31 -10.46
CA ILE B 242 -0.24 41.82 -10.38
C ILE B 242 -0.20 41.47 -8.88
N ASN B 243 -1.15 40.60 -8.44
CA ASN B 243 -1.23 40.11 -7.06
C ASN B 243 -0.66 38.69 -7.01
N LEU B 244 0.46 38.43 -6.28
CA LEU B 244 1.11 37.12 -6.24
C LEU B 244 0.27 36.07 -5.49
N ARG B 245 -0.83 36.52 -4.86
CA ARG B 245 -1.78 35.59 -4.22
C ARG B 245 -3.19 35.67 -4.83
N GLY B 246 -3.32 36.34 -5.98
CA GLY B 246 -4.64 36.66 -6.53
C GLY B 246 -4.79 36.15 -7.97
N PRO B 247 -5.97 36.32 -8.62
CA PRO B 247 -6.14 35.94 -10.03
C PRO B 247 -5.34 36.86 -10.95
N ILE B 248 -4.94 36.32 -12.11
CA ILE B 248 -4.17 37.12 -13.07
C ILE B 248 -5.15 38.01 -13.89
N PRO B 249 -4.86 39.31 -14.17
CA PRO B 249 -5.72 40.13 -15.05
C PRO B 249 -5.86 39.52 -16.47
N ALA B 250 -7.10 39.42 -16.96
CA ALA B 250 -7.46 38.51 -18.07
C ALA B 250 -6.92 38.93 -19.48
N HIS B 251 -6.29 40.09 -19.60
CA HIS B 251 -5.80 40.60 -20.90
C HIS B 251 -4.27 40.41 -21.10
N LEU B 252 -3.53 39.79 -20.15
CA LEU B 252 -2.07 39.81 -20.16
C LEU B 252 -1.47 38.48 -20.60
N LEU B 253 -2.29 37.55 -21.10
CA LEU B 253 -1.83 36.17 -21.32
C LEU B 253 -1.70 35.75 -22.80
N GLY B 254 -1.72 36.72 -23.71
CA GLY B 254 -1.37 36.49 -25.11
C GLY B 254 -2.58 36.27 -26.05
N ASP B 255 -3.78 36.28 -25.47
CA ASP B 255 -4.96 35.76 -26.15
C ASP B 255 -6.21 36.50 -25.59
N MET B 256 -7.14 36.86 -26.51
CA MET B 256 -8.34 37.63 -26.11
C MET B 256 -9.14 36.96 -24.96
N TRP B 257 -9.16 35.60 -24.91
CA TRP B 257 -9.87 34.82 -23.88
C TRP B 257 -8.94 34.21 -22.81
N ALA B 258 -7.64 34.60 -22.82
CA ALA B 258 -6.64 33.98 -21.94
C ALA B 258 -6.68 32.45 -22.03
N GLN B 259 -7.08 31.93 -23.19
CA GLN B 259 -7.34 30.48 -23.32
C GLN B 259 -6.11 29.63 -23.64
N SER B 260 -5.11 30.23 -24.28
CA SER B 260 -3.81 29.57 -24.31
C SER B 260 -2.76 30.66 -24.36
N TRP B 261 -1.56 30.33 -23.92
CA TRP B 261 -0.58 31.34 -23.52
C TRP B 261 0.68 31.29 -24.39
N GLU B 262 0.71 30.54 -25.53
CA GLU B 262 1.96 30.40 -26.27
C GLU B 262 2.50 31.76 -26.79
N ASN B 263 1.61 32.79 -26.97
CA ASN B 263 2.09 34.06 -27.51
C ASN B 263 2.85 34.91 -26.48
N ILE B 264 2.86 34.52 -25.17
CA ILE B 264 3.77 35.22 -24.25
C ILE B 264 5.01 34.36 -23.95
N TYR B 265 5.30 33.30 -24.75
CA TYR B 265 6.51 32.48 -24.52
C TYR B 265 7.77 33.38 -24.37
N ASP B 266 7.89 34.42 -25.21
CA ASP B 266 9.10 35.22 -25.24
C ASP B 266 9.30 36.05 -23.94
N MET B 267 8.29 36.09 -23.08
CA MET B 267 8.34 36.78 -21.80
C MET B 267 8.66 35.78 -20.67
N VAL B 268 8.51 34.45 -20.92
CA VAL B 268 8.69 33.50 -19.80
C VAL B 268 9.76 32.41 -20.05
N VAL B 269 10.38 32.37 -21.23
CA VAL B 269 11.29 31.28 -21.67
C VAL B 269 12.33 30.98 -20.57
N PRO B 270 12.40 29.69 -20.11
CA PRO B 270 13.29 29.33 -19.02
C PRO B 270 14.76 29.62 -19.33
N PHE B 271 15.26 29.28 -20.53
CA PHE B 271 16.71 29.31 -20.87
C PHE B 271 16.91 30.05 -22.19
N PRO B 272 16.98 31.40 -22.15
CA PRO B 272 17.22 32.24 -23.34
C PRO B 272 18.35 31.91 -24.33
N ASP B 273 19.41 31.19 -23.92
CA ASP B 273 20.60 30.95 -24.76
C ASP B 273 20.44 29.80 -25.77
N LYS B 274 19.34 29.05 -25.63
CA LYS B 274 19.05 27.90 -26.46
C LYS B 274 18.30 28.34 -27.71
N PRO B 275 18.05 27.44 -28.68
CA PRO B 275 17.47 27.88 -29.95
C PRO B 275 16.12 28.56 -29.71
N ASN B 276 15.78 29.56 -30.55
CA ASN B 276 14.46 30.22 -30.46
C ASN B 276 13.39 29.36 -31.09
N LEU B 277 12.42 28.88 -30.27
CA LEU B 277 11.49 27.85 -30.74
C LEU B 277 10.27 28.43 -31.45
N ASP B 278 10.15 29.75 -31.44
CA ASP B 278 9.14 30.42 -32.28
C ASP B 278 9.71 30.71 -33.65
N VAL B 279 9.29 29.94 -34.70
CA VAL B 279 9.89 30.04 -36.01
C VAL B 279 9.16 31.10 -36.91
N THR B 280 8.21 31.88 -36.34
CA THR B 280 7.45 32.90 -37.09
C THR B 280 8.37 33.82 -37.90
N SER B 281 9.44 34.36 -37.29
CA SER B 281 10.28 35.28 -38.06
C SER B 281 11.00 34.62 -39.25
N THR B 282 11.36 33.34 -39.09
CA THR B 282 11.96 32.55 -40.20
C THR B 282 10.95 32.34 -41.33
N MET B 283 9.68 32.02 -40.97
CA MET B 283 8.66 31.88 -42.01
C MET B 283 8.55 33.17 -42.83
N LEU B 284 8.50 34.32 -42.13
CA LEU B 284 8.42 35.61 -42.82
C LEU B 284 9.67 35.88 -43.69
N GLN B 285 10.87 35.61 -43.17
CA GLN B 285 12.11 35.84 -43.90
C GLN B 285 12.16 35.03 -45.19
N GLN B 286 11.58 33.81 -45.18
CA GLN B 286 11.67 32.92 -46.32
C GLN B 286 10.53 33.15 -47.31
N GLY B 287 9.59 34.05 -46.97
CA GLY B 287 8.51 34.39 -47.90
C GLY B 287 7.35 33.40 -47.94
N TRP B 288 7.10 32.69 -46.83
CA TRP B 288 5.94 31.81 -46.76
C TRP B 288 4.65 32.63 -46.91
N GLN B 289 3.66 32.05 -47.58
CA GLN B 289 2.34 32.64 -47.68
C GLN B 289 1.30 31.59 -47.29
N ALA B 290 0.00 31.93 -47.26
CA ALA B 290 -0.97 30.93 -46.83
C ALA B 290 -0.89 29.64 -47.68
N THR B 291 -0.78 29.77 -49.00
CA THR B 291 -0.87 28.55 -49.80
C THR B 291 0.29 27.60 -49.48
N HIS B 292 1.47 28.13 -49.16
CA HIS B 292 2.59 27.23 -48.85
C HIS B 292 2.32 26.47 -47.55
N MET B 293 1.70 27.15 -46.59
CA MET B 293 1.37 26.51 -45.31
C MET B 293 0.41 25.32 -45.51
N PHE B 294 -0.65 25.52 -46.34
CA PHE B 294 -1.57 24.42 -46.70
C PHE B 294 -0.82 23.34 -47.50
N ARG B 295 0.11 23.70 -48.41
CA ARG B 295 0.83 22.67 -49.18
C ARG B 295 1.72 21.80 -48.25
N VAL B 296 2.42 22.43 -47.29
CA VAL B 296 3.29 21.68 -46.37
C VAL B 296 2.46 20.78 -45.45
N ALA B 297 1.29 21.27 -45.00
CA ALA B 297 0.34 20.44 -44.26
C ALA B 297 -0.07 19.23 -45.08
N GLU B 298 -0.44 19.48 -46.35
CA GLU B 298 -0.92 18.39 -47.19
C GLU B 298 0.17 17.32 -47.30
N GLU B 299 1.43 17.76 -47.42
CA GLU B 299 2.50 16.78 -47.70
C GLU B 299 2.74 15.85 -46.48
N PHE B 300 2.47 16.35 -45.26
CA PHE B 300 2.52 15.50 -44.04
C PHE B 300 1.47 14.40 -44.13
N PHE B 301 0.20 14.78 -44.46
CA PHE B 301 -0.82 13.75 -44.71
C PHE B 301 -0.43 12.69 -45.76
N THR B 302 0.12 13.09 -46.94
CA THR B 302 0.50 12.11 -47.94
C THR B 302 1.73 11.26 -47.51
N SER B 303 2.59 11.83 -46.67
CA SER B 303 3.72 11.07 -46.13
C SER B 303 3.29 9.84 -45.35
N LEU B 304 2.06 9.93 -44.81
CA LEU B 304 1.43 8.85 -44.04
C LEU B 304 0.63 7.94 -44.98
N GLU B 305 0.66 8.19 -46.29
CA GLU B 305 -0.23 7.48 -47.23
C GLU B 305 -1.71 7.78 -46.93
N LEU B 306 -2.00 8.98 -46.39
CA LEU B 306 -3.38 9.46 -46.44
C LEU B 306 -3.60 10.30 -47.72
N SER B 307 -4.83 10.84 -47.97
CA SER B 307 -5.22 11.40 -49.28
C SER B 307 -4.70 12.83 -49.44
N PRO B 308 -4.31 13.26 -50.66
CA PRO B 308 -4.01 14.68 -50.90
C PRO B 308 -5.35 15.41 -50.97
N MET B 309 -5.33 16.74 -50.93
CA MET B 309 -6.52 17.54 -51.18
C MET B 309 -6.92 17.49 -52.66
N PRO B 310 -8.23 17.30 -53.00
CA PRO B 310 -8.69 17.26 -54.39
C PRO B 310 -8.68 18.63 -55.09
N PRO B 311 -8.76 18.68 -56.43
CA PRO B 311 -8.74 19.96 -57.14
C PRO B 311 -9.87 20.88 -56.68
N GLU B 312 -11.03 20.30 -56.37
CA GLU B 312 -12.14 21.14 -55.92
C GLU B 312 -11.80 21.91 -54.63
N PHE B 313 -10.96 21.31 -53.74
CA PHE B 313 -10.47 21.99 -52.54
C PHE B 313 -9.72 23.26 -52.89
N TRP B 314 -8.71 23.15 -53.77
CA TRP B 314 -7.87 24.30 -54.08
C TRP B 314 -8.63 25.35 -54.87
N GLU B 315 -9.55 24.93 -55.77
CA GLU B 315 -10.32 25.86 -56.60
C GLU B 315 -11.37 26.59 -55.75
N GLY B 316 -11.94 25.93 -54.74
CA GLY B 316 -13.10 26.51 -54.07
C GLY B 316 -12.82 27.19 -52.72
N SER B 317 -11.70 26.84 -52.04
CA SER B 317 -11.43 27.32 -50.67
C SER B 317 -11.16 28.82 -50.61
N MET B 318 -11.37 29.40 -49.40
CA MET B 318 -11.01 30.79 -49.10
C MET B 318 -9.88 30.79 -48.06
N LEU B 319 -8.62 30.96 -48.51
CA LEU B 319 -7.50 30.70 -47.60
C LEU B 319 -6.84 32.01 -47.08
N GLU B 320 -7.34 33.18 -47.48
CA GLU B 320 -6.93 34.47 -46.90
C GLU B 320 -8.18 35.34 -46.74
N LYS B 321 -8.11 36.30 -45.81
N LYS B 321 -8.19 36.26 -45.76
CA LYS B 321 -9.11 37.36 -45.69
CA LYS B 321 -9.30 37.20 -45.64
C LYS B 321 -9.30 38.07 -47.03
C LYS B 321 -9.35 38.12 -46.87
N PRO B 322 -10.54 38.28 -47.52
CA PRO B 322 -10.70 39.09 -48.74
C PRO B 322 -10.31 40.55 -48.53
N ALA B 323 -9.65 41.08 -49.55
CA ALA B 323 -9.20 42.46 -49.60
C ALA B 323 -10.23 43.37 -50.27
N ASP B 324 -11.40 42.89 -50.65
CA ASP B 324 -12.24 43.70 -51.52
C ASP B 324 -13.31 44.48 -50.75
N GLY B 325 -13.28 44.48 -49.43
CA GLY B 325 -14.40 45.12 -48.75
C GLY B 325 -15.41 44.19 -48.04
N ARG B 326 -15.72 42.99 -48.60
CA ARG B 326 -16.63 42.02 -48.00
C ARG B 326 -16.39 41.86 -46.48
N GLU B 327 -17.48 41.71 -45.71
CA GLU B 327 -17.44 41.16 -44.35
C GLU B 327 -17.51 39.62 -44.46
N VAL B 328 -16.70 38.90 -43.67
CA VAL B 328 -16.68 37.43 -43.66
C VAL B 328 -16.65 36.93 -42.22
N VAL B 329 -17.00 35.65 -42.04
CA VAL B 329 -16.75 34.98 -40.76
C VAL B 329 -15.30 34.50 -40.84
N CYS B 330 -14.40 35.13 -40.10
CA CYS B 330 -12.99 34.72 -40.11
C CYS B 330 -12.67 33.46 -39.30
N HIS B 331 -13.43 33.11 -38.24
CA HIS B 331 -13.06 31.96 -37.41
C HIS B 331 -13.02 30.71 -38.28
N ALA B 332 -11.88 29.96 -38.26
CA ALA B 332 -11.68 28.94 -39.32
C ALA B 332 -12.72 27.81 -39.24
N SER B 333 -12.96 27.15 -40.40
CA SER B 333 -13.86 26.00 -40.47
C SER B 333 -13.60 25.24 -41.78
N ALA B 334 -14.06 23.98 -41.73
CA ALA B 334 -13.93 23.02 -42.84
C ALA B 334 -15.30 22.46 -43.24
N TRP B 335 -15.51 22.33 -44.57
CA TRP B 335 -16.85 22.23 -45.16
C TRP B 335 -16.93 20.94 -45.97
N ASP B 336 -17.94 20.11 -45.64
CA ASP B 336 -18.32 18.94 -46.41
C ASP B 336 -19.65 19.27 -47.10
N PHE B 337 -19.70 19.17 -48.45
CA PHE B 337 -20.89 19.56 -49.21
C PHE B 337 -21.83 18.34 -49.41
N TYR B 338 -21.40 17.15 -48.88
CA TYR B 338 -22.26 15.97 -48.90
C TYR B 338 -22.48 15.46 -50.32
N ASN B 339 -21.64 15.83 -51.30
CA ASN B 339 -21.80 15.27 -52.64
C ASN B 339 -20.60 14.40 -52.99
N ARG B 340 -19.73 14.15 -52.00
CA ARG B 340 -18.57 13.25 -52.09
C ARG B 340 -17.50 13.83 -53.05
N LYS B 341 -17.60 15.13 -53.42
CA LYS B 341 -16.78 15.79 -54.44
C LYS B 341 -16.18 17.11 -53.91
N ASP B 342 -17.06 18.01 -53.41
CA ASP B 342 -16.65 19.33 -52.94
C ASP B 342 -16.34 19.33 -51.45
N PHE B 343 -15.14 19.83 -51.06
CA PHE B 343 -14.67 19.95 -49.67
C PHE B 343 -13.77 21.19 -49.66
N ARG B 344 -13.93 22.09 -48.66
CA ARG B 344 -13.30 23.42 -48.65
C ARG B 344 -12.91 23.84 -47.24
N ILE B 345 -11.85 24.67 -47.12
CA ILE B 345 -11.60 25.38 -45.88
C ILE B 345 -11.88 26.88 -46.10
N LYS B 346 -12.36 27.54 -45.04
CA LYS B 346 -12.49 28.99 -45.02
C LYS B 346 -11.70 29.49 -43.80
N GLN B 347 -10.53 30.10 -44.04
CA GLN B 347 -9.61 30.54 -42.96
C GLN B 347 -9.03 31.90 -43.36
N CYS B 348 -9.00 32.89 -42.40
CA CYS B 348 -8.34 34.16 -42.66
C CYS B 348 -6.87 34.00 -42.29
N THR B 349 -6.14 33.17 -43.05
CA THR B 349 -4.81 32.68 -42.61
C THR B 349 -3.81 33.83 -42.48
N ARG B 350 -3.05 33.82 -41.37
CA ARG B 350 -1.91 34.72 -41.14
C ARG B 350 -0.63 33.87 -41.09
N VAL B 351 0.53 34.43 -41.48
CA VAL B 351 1.78 33.66 -41.50
C VAL B 351 2.47 33.77 -40.13
N THR B 352 2.14 32.80 -39.27
CA THR B 352 2.67 32.65 -37.93
C THR B 352 2.77 31.17 -37.57
N MET B 353 3.65 30.87 -36.60
CA MET B 353 3.80 29.48 -36.16
C MET B 353 2.48 28.94 -35.57
N ASP B 354 1.73 29.75 -34.79
CA ASP B 354 0.49 29.19 -34.24
C ASP B 354 -0.58 28.96 -35.33
N GLN B 355 -0.55 29.77 -36.39
CA GLN B 355 -1.45 29.52 -37.54
C GLN B 355 -1.09 28.29 -38.37
N LEU B 356 0.21 27.90 -38.41
CA LEU B 356 0.60 26.68 -39.10
C LEU B 356 -0.09 25.50 -38.38
N SER B 357 -0.16 25.55 -37.03
N SER B 357 -0.16 25.60 -37.04
CA SER B 357 -0.90 24.49 -36.33
CA SER B 357 -0.89 24.61 -36.26
C SER B 357 -2.41 24.52 -36.67
C SER B 357 -2.38 24.55 -36.64
N THR B 358 -3.02 25.72 -36.67
CA THR B 358 -4.43 25.90 -37.08
C THR B 358 -4.71 25.29 -38.47
N VAL B 359 -3.82 25.50 -39.45
CA VAL B 359 -3.93 24.92 -40.79
C VAL B 359 -4.03 23.39 -40.68
N HIS B 360 -3.17 22.77 -39.83
CA HIS B 360 -3.21 21.31 -39.69
C HIS B 360 -4.50 20.84 -39.00
N HIS B 361 -4.95 21.62 -38.01
CA HIS B 361 -6.24 21.37 -37.33
C HIS B 361 -7.36 21.27 -38.38
N GLU B 362 -7.47 22.28 -39.24
CA GLU B 362 -8.59 22.25 -40.20
C GLU B 362 -8.37 21.19 -41.29
N MET B 363 -7.12 20.96 -41.71
CA MET B 363 -6.95 19.90 -42.69
C MET B 363 -7.25 18.48 -42.14
N GLY B 364 -7.09 18.24 -40.82
CA GLY B 364 -7.54 17.01 -40.17
C GLY B 364 -9.05 16.76 -40.33
N HIS B 365 -9.85 17.84 -40.20
CA HIS B 365 -11.29 17.74 -40.46
C HIS B 365 -11.53 17.28 -41.91
N ILE B 366 -10.89 17.99 -42.89
CA ILE B 366 -11.02 17.58 -44.31
C ILE B 366 -10.66 16.11 -44.53
N GLN B 367 -9.52 15.65 -43.96
CA GLN B 367 -9.08 14.28 -44.10
C GLN B 367 -10.18 13.33 -43.59
N TYR B 368 -10.84 13.66 -42.46
CA TYR B 368 -11.92 12.77 -41.96
C TYR B 368 -13.02 12.69 -43.05
N TYR B 369 -13.38 13.86 -43.64
CA TYR B 369 -14.46 13.89 -44.65
C TYR B 369 -14.09 12.98 -45.84
N LEU B 370 -12.82 13.11 -46.34
CA LEU B 370 -12.41 12.29 -47.49
C LEU B 370 -12.51 10.79 -47.19
N GLN B 371 -12.11 10.39 -45.97
CA GLN B 371 -11.99 8.99 -45.61
C GLN B 371 -13.37 8.35 -45.38
N TYR B 372 -14.36 9.11 -44.91
CA TYR B 372 -15.67 8.49 -44.67
C TYR B 372 -16.75 8.83 -45.71
N LYS B 373 -16.37 9.38 -46.88
CA LYS B 373 -17.37 9.95 -47.79
C LYS B 373 -18.34 8.89 -48.37
N ASP B 374 -17.94 7.61 -48.33
CA ASP B 374 -18.75 6.54 -48.90
C ASP B 374 -19.70 5.87 -47.90
N LEU B 375 -19.62 6.26 -46.61
CA LEU B 375 -20.56 5.73 -45.63
C LEU B 375 -21.95 6.32 -45.90
N PRO B 376 -23.01 5.69 -45.38
CA PRO B 376 -24.35 6.34 -45.37
C PRO B 376 -24.21 7.73 -44.71
N VAL B 377 -25.04 8.69 -45.20
CA VAL B 377 -24.95 10.10 -44.85
C VAL B 377 -25.01 10.30 -43.34
N SER B 378 -25.92 9.58 -42.62
CA SER B 378 -26.06 9.79 -41.17
C SER B 378 -24.82 9.40 -40.36
N LEU B 379 -23.93 8.57 -40.92
CA LEU B 379 -22.72 8.12 -40.19
C LEU B 379 -21.46 8.89 -40.64
N ARG B 380 -21.61 9.94 -41.46
CA ARG B 380 -20.50 10.83 -41.85
C ARG B 380 -20.24 11.89 -40.75
N ARG B 381 -19.66 11.42 -39.63
CA ARG B 381 -19.42 12.19 -38.42
C ARG B 381 -18.24 11.54 -37.72
N GLY B 382 -17.62 12.24 -36.76
CA GLY B 382 -16.54 11.59 -35.97
C GLY B 382 -17.10 10.51 -35.04
N ALA B 383 -16.23 9.59 -34.56
CA ALA B 383 -16.73 8.61 -33.61
C ALA B 383 -17.43 9.28 -32.41
N ASN B 384 -16.86 10.42 -31.96
CA ASN B 384 -17.59 11.44 -31.17
C ASN B 384 -17.05 12.83 -31.57
N PRO B 385 -17.64 13.98 -31.17
CA PRO B 385 -17.11 15.29 -31.62
C PRO B 385 -15.63 15.52 -31.29
N GLY B 386 -15.19 14.97 -30.17
CA GLY B 386 -13.81 15.16 -29.68
C GLY B 386 -12.79 14.53 -30.67
N PHE B 387 -13.15 13.36 -31.22
CA PHE B 387 -12.26 12.73 -32.21
C PHE B 387 -12.05 13.65 -33.42
N HIS B 388 -13.16 14.28 -33.94
CA HIS B 388 -13.04 15.18 -35.09
C HIS B 388 -12.08 16.33 -34.77
N GLU B 389 -12.20 16.96 -33.58
CA GLU B 389 -11.27 18.06 -33.21
C GLU B 389 -9.82 17.60 -32.98
N ALA B 390 -9.57 16.31 -32.71
CA ALA B 390 -8.23 15.83 -32.33
C ALA B 390 -7.31 15.53 -33.54
N ILE B 391 -7.90 15.21 -34.71
CA ILE B 391 -7.09 14.57 -35.79
C ILE B 391 -5.90 15.47 -36.20
N GLY B 392 -6.21 16.73 -36.57
CA GLY B 392 -5.12 17.56 -37.10
C GLY B 392 -4.14 17.98 -35.99
N ASP B 393 -4.64 18.15 -34.75
CA ASP B 393 -3.79 18.50 -33.60
C ASP B 393 -2.75 17.39 -33.38
N VAL B 394 -3.08 16.09 -33.62
CA VAL B 394 -2.08 15.03 -33.46
C VAL B 394 -0.91 15.29 -34.41
N LEU B 395 -1.20 15.52 -35.72
CA LEU B 395 -0.11 15.73 -36.70
C LEU B 395 0.68 16.97 -36.28
N ALA B 396 0.01 17.97 -35.73
CA ALA B 396 0.68 19.23 -35.39
C ALA B 396 1.67 19.04 -34.21
N LEU B 397 1.39 18.05 -33.34
CA LEU B 397 2.34 17.76 -32.24
C LEU B 397 3.66 17.28 -32.87
N SER B 398 3.62 16.45 -33.94
CA SER B 398 4.89 15.99 -34.56
C SER B 398 5.60 17.18 -35.26
N VAL B 399 4.82 18.06 -35.94
CA VAL B 399 5.39 19.16 -36.73
C VAL B 399 6.16 20.15 -35.83
N SER B 400 5.65 20.39 -34.62
N SER B 400 5.60 20.37 -34.63
CA SER B 400 6.25 21.39 -33.74
CA SER B 400 6.13 21.29 -33.62
C SER B 400 7.50 20.89 -33.03
C SER B 400 7.52 20.91 -33.11
N THR B 401 7.88 19.60 -33.17
CA THR B 401 9.13 19.20 -32.51
C THR B 401 10.33 19.92 -33.13
N PRO B 402 11.37 20.33 -32.34
CA PRO B 402 12.56 20.94 -32.96
C PRO B 402 13.14 20.06 -34.06
N GLU B 403 13.07 18.73 -33.90
CA GLU B 403 13.62 17.86 -34.94
C GLU B 403 12.89 18.02 -36.27
N HIS B 404 11.56 18.03 -36.24
CA HIS B 404 10.78 18.14 -37.48
C HIS B 404 11.00 19.52 -38.13
N LEU B 405 11.00 20.59 -37.30
CA LEU B 405 11.14 21.95 -37.84
C LEU B 405 12.50 22.05 -38.52
N HIS B 406 13.55 21.46 -37.92
CA HIS B 406 14.81 21.33 -38.66
C HIS B 406 14.63 20.72 -40.06
N LYS B 407 13.88 19.58 -40.17
CA LYS B 407 13.76 18.84 -41.43
C LYS B 407 13.12 19.71 -42.50
N ILE B 408 12.20 20.61 -42.11
CA ILE B 408 11.46 21.44 -43.07
C ILE B 408 12.08 22.84 -43.22
N GLY B 409 13.30 23.05 -42.69
CA GLY B 409 14.05 24.24 -43.00
C GLY B 409 13.71 25.45 -42.12
N LEU B 410 13.01 25.25 -41.00
CA LEU B 410 12.53 26.31 -40.13
C LEU B 410 13.35 26.47 -38.84
N LEU B 411 14.37 25.65 -38.58
CA LEU B 411 15.10 25.76 -37.33
C LEU B 411 16.49 25.18 -37.54
N ASP B 412 17.49 26.06 -37.63
CA ASP B 412 18.78 25.69 -38.18
C ASP B 412 19.58 24.95 -37.12
N ARG B 413 19.54 25.47 -35.89
CA ARG B 413 20.39 24.94 -34.81
C ARG B 413 19.71 23.71 -34.19
N VAL B 414 20.50 22.65 -33.99
CA VAL B 414 20.06 21.40 -33.40
C VAL B 414 20.70 21.26 -32.01
N THR B 415 19.94 20.98 -30.95
CA THR B 415 20.48 20.73 -29.61
C THR B 415 19.67 19.57 -28.98
N ASN B 416 20.28 18.75 -28.10
CA ASN B 416 19.55 17.75 -27.32
C ASN B 416 20.14 17.78 -25.91
N ASP B 417 19.64 18.67 -25.06
CA ASP B 417 20.16 18.80 -23.71
C ASP B 417 18.98 19.17 -22.81
N THR B 418 19.21 19.13 -21.47
CA THR B 418 18.08 19.21 -20.55
C THR B 418 17.41 20.59 -20.63
N GLU B 419 18.21 21.67 -20.82
CA GLU B 419 17.65 23.03 -20.86
C GLU B 419 16.75 23.19 -22.08
N SER B 420 17.16 22.60 -23.22
CA SER B 420 16.40 22.75 -24.46
C SER B 420 15.10 21.94 -24.41
N ASP B 421 15.13 20.78 -23.74
CA ASP B 421 13.89 20.06 -23.46
C ASP B 421 12.92 20.88 -22.62
N ILE B 422 13.41 21.52 -21.55
CA ILE B 422 12.53 22.28 -20.65
C ILE B 422 11.89 23.44 -21.47
N ASN B 423 12.66 24.12 -22.31
CA ASN B 423 12.09 25.22 -23.14
C ASN B 423 10.97 24.69 -24.03
N TYR B 424 11.20 23.55 -24.71
CA TYR B 424 10.17 23.04 -25.62
C TYR B 424 8.89 22.64 -24.85
N LEU B 425 9.07 21.88 -23.76
CA LEU B 425 7.92 21.41 -22.96
C LEU B 425 7.18 22.61 -22.32
N LEU B 426 7.90 23.65 -21.92
CA LEU B 426 7.20 24.83 -21.34
C LEU B 426 6.38 25.50 -22.45
N LYS B 427 6.97 25.63 -23.66
CA LYS B 427 6.24 26.23 -24.78
C LYS B 427 4.98 25.40 -25.10
N MET B 428 5.12 24.07 -25.09
CA MET B 428 3.92 23.25 -25.37
C MET B 428 2.88 23.32 -24.22
N ALA B 429 3.36 23.49 -22.99
CA ALA B 429 2.45 23.56 -21.84
C ALA B 429 1.62 24.85 -21.91
N LEU B 430 2.27 25.95 -22.38
CA LEU B 430 1.50 27.19 -22.59
C LEU B 430 0.39 27.00 -23.64
N GLU B 431 0.65 26.19 -24.68
CA GLU B 431 -0.36 25.92 -25.71
C GLU B 431 -1.47 24.95 -25.23
N LYS B 432 -1.13 23.90 -24.46
CA LYS B 432 -2.01 22.76 -24.17
C LYS B 432 -2.51 22.74 -22.70
N ILE B 433 -1.61 22.87 -21.71
N ILE B 433 -1.60 22.88 -21.71
CA ILE B 433 -2.01 22.81 -20.29
CA ILE B 433 -1.98 22.83 -20.28
C ILE B 433 -2.85 24.04 -19.88
C ILE B 433 -2.86 24.05 -19.91
N ALA B 434 -2.46 25.24 -20.37
CA ALA B 434 -3.18 26.47 -20.02
C ALA B 434 -4.62 26.39 -20.51
N PHE B 435 -4.87 25.63 -21.58
CA PHE B 435 -6.21 25.57 -22.21
C PHE B 435 -7.19 24.73 -21.39
N LEU B 436 -6.66 23.74 -20.63
CA LEU B 436 -7.50 22.75 -19.97
C LEU B 436 -8.69 23.34 -19.17
N PRO B 437 -8.45 24.28 -18.25
CA PRO B 437 -9.58 24.84 -17.47
C PRO B 437 -10.64 25.52 -18.36
N PHE B 438 -10.21 26.21 -19.43
CA PHE B 438 -11.16 26.90 -20.33
C PHE B 438 -11.95 25.87 -21.16
N GLY B 439 -11.27 24.82 -21.69
CA GLY B 439 -12.05 23.80 -22.41
C GLY B 439 -13.08 23.11 -21.51
N TYR B 440 -12.81 23.05 -20.17
CA TYR B 440 -13.76 22.43 -19.23
C TYR B 440 -14.91 23.39 -18.90
N LEU B 441 -14.61 24.68 -18.69
CA LEU B 441 -15.62 25.56 -18.06
C LEU B 441 -16.73 26.02 -19.02
N VAL B 442 -16.44 26.19 -20.33
CA VAL B 442 -17.37 26.94 -21.18
C VAL B 442 -18.73 26.22 -21.24
N ASP B 443 -18.72 24.91 -21.45
CA ASP B 443 -20.04 24.22 -21.42
C ASP B 443 -20.61 23.98 -20.02
N GLN B 444 -19.80 24.03 -18.93
CA GLN B 444 -20.48 24.07 -17.62
C GLN B 444 -21.38 25.32 -17.56
N TRP B 445 -20.85 26.47 -18.05
CA TRP B 445 -21.67 27.71 -18.13
C TRP B 445 -22.94 27.46 -18.97
N ARG B 446 -22.77 26.96 -20.21
CA ARG B 446 -23.89 26.82 -21.14
C ARG B 446 -24.86 25.75 -20.66
N TRP B 447 -24.37 24.62 -20.07
CA TRP B 447 -25.29 23.63 -19.47
C TRP B 447 -26.17 24.27 -18.40
N GLY B 448 -25.61 25.14 -17.51
CA GLY B 448 -26.48 25.80 -16.53
C GLY B 448 -27.44 26.83 -17.16
N VAL B 449 -27.06 27.54 -18.22
CA VAL B 449 -28.04 28.39 -18.91
C VAL B 449 -29.18 27.51 -19.51
N PHE B 450 -28.85 26.43 -20.23
CA PHE B 450 -29.94 25.61 -20.82
C PHE B 450 -30.85 25.00 -19.76
N SER B 451 -30.29 24.59 -18.59
CA SER B 451 -31.14 23.93 -17.56
C SER B 451 -31.96 24.96 -16.74
N GLY B 452 -31.64 26.25 -16.88
CA GLY B 452 -32.33 27.29 -16.11
C GLY B 452 -31.71 27.58 -14.73
N ARG B 453 -30.61 26.90 -14.34
CA ARG B 453 -29.87 27.28 -13.10
C ARG B 453 -29.23 28.66 -13.21
N THR B 454 -28.85 29.06 -14.44
CA THR B 454 -28.32 30.41 -14.67
C THR B 454 -29.34 31.20 -15.55
N PRO B 455 -30.19 32.06 -14.92
CA PRO B 455 -31.13 32.88 -15.68
C PRO B 455 -30.41 34.09 -16.25
N PRO B 456 -31.00 34.83 -17.22
CA PRO B 456 -30.38 36.06 -17.74
C PRO B 456 -29.82 37.03 -16.67
N SER B 457 -30.52 37.16 -15.52
CA SER B 457 -30.09 38.06 -14.44
C SER B 457 -28.76 37.65 -13.80
N ARG B 458 -28.25 36.43 -14.08
CA ARG B 458 -26.93 36.08 -13.60
C ARG B 458 -25.99 35.59 -14.71
N TYR B 459 -26.28 35.85 -16.03
CA TYR B 459 -25.34 35.43 -17.10
C TYR B 459 -23.87 35.82 -16.83
N ASN B 460 -23.64 37.10 -16.45
CA ASN B 460 -22.22 37.53 -16.30
C ASN B 460 -21.61 37.13 -14.92
N PHE B 461 -22.41 37.23 -13.83
CA PHE B 461 -22.03 36.80 -12.47
C PHE B 461 -21.54 35.34 -12.50
N ASP B 462 -22.29 34.44 -13.17
CA ASP B 462 -21.92 33.02 -13.25
C ASP B 462 -20.75 32.75 -14.19
N TRP B 463 -20.67 33.49 -15.33
CA TRP B 463 -19.52 33.39 -16.25
C TRP B 463 -18.24 33.69 -15.46
N TRP B 464 -18.22 34.83 -14.72
CA TRP B 464 -16.99 35.20 -14.02
C TRP B 464 -16.72 34.29 -12.82
N TYR B 465 -17.78 33.75 -12.18
CA TYR B 465 -17.55 32.78 -11.12
C TYR B 465 -16.72 31.60 -11.69
N LEU B 466 -17.15 31.04 -12.85
CA LEU B 466 -16.43 29.90 -13.45
C LEU B 466 -15.05 30.26 -13.98
N ARG B 467 -14.89 31.44 -14.64
CA ARG B 467 -13.58 31.93 -15.08
C ARG B 467 -12.57 31.99 -13.92
N THR B 468 -13.00 32.57 -12.76
CA THR B 468 -12.13 32.64 -11.59
C THR B 468 -11.86 31.22 -11.03
N LYS B 469 -12.93 30.42 -10.84
CA LYS B 469 -12.82 29.11 -10.19
C LYS B 469 -11.78 28.24 -10.93
N TYR B 470 -11.89 28.16 -12.29
CA TYR B 470 -11.03 27.26 -13.09
C TYR B 470 -9.73 27.92 -13.61
N GLN B 471 -9.82 29.13 -14.21
CA GLN B 471 -8.60 29.71 -14.82
C GLN B 471 -7.82 30.59 -13.82
N GLY B 472 -8.48 31.07 -12.74
CA GLY B 472 -7.69 31.91 -11.84
C GLY B 472 -7.36 33.26 -12.52
N ILE B 473 -8.33 33.84 -13.26
CA ILE B 473 -8.16 35.17 -13.90
C ILE B 473 -9.29 36.07 -13.43
N CYS B 474 -9.14 37.38 -13.63
CA CYS B 474 -10.16 38.36 -13.21
C CYS B 474 -10.28 39.40 -14.31
N PRO B 475 -11.45 40.06 -14.49
CA PRO B 475 -11.54 41.08 -15.55
C PRO B 475 -10.76 42.33 -15.14
N PRO B 476 -10.04 42.97 -16.11
CA PRO B 476 -9.15 44.08 -15.77
C PRO B 476 -9.85 45.43 -15.76
N VAL B 477 -11.18 45.45 -16.05
CA VAL B 477 -12.11 46.54 -15.79
C VAL B 477 -13.35 45.96 -15.06
N THR B 478 -14.03 46.77 -14.23
CA THR B 478 -15.26 46.35 -13.52
C THR B 478 -16.33 45.92 -14.54
N ARG B 479 -16.99 44.79 -14.31
CA ARG B 479 -18.09 44.32 -15.15
C ARG B 479 -19.36 44.25 -14.30
N ASN B 480 -20.52 44.39 -14.95
CA ASN B 480 -21.82 44.26 -14.28
C ASN B 480 -22.77 43.47 -15.17
N GLU B 481 -24.06 43.32 -14.80
CA GLU B 481 -24.94 42.55 -15.65
C GLU B 481 -25.46 43.24 -16.92
N THR B 482 -25.02 44.49 -17.23
CA THR B 482 -25.27 44.92 -18.60
C THR B 482 -24.27 44.26 -19.56
N HIS B 483 -23.14 43.80 -19.04
CA HIS B 483 -22.15 43.12 -19.87
C HIS B 483 -22.53 41.66 -20.12
N PHE B 484 -22.13 41.08 -21.28
CA PHE B 484 -22.44 39.67 -21.57
C PHE B 484 -21.14 39.07 -22.14
N ASP B 485 -20.17 38.81 -21.23
CA ASP B 485 -18.81 38.50 -21.67
C ASP B 485 -18.69 37.11 -22.35
N ALA B 486 -19.57 36.15 -21.97
CA ALA B 486 -19.64 34.85 -22.68
C ALA B 486 -19.96 35.04 -24.18
N GLY B 487 -20.75 36.11 -24.53
CA GLY B 487 -21.12 36.42 -25.91
C GLY B 487 -19.94 36.86 -26.78
N ALA B 488 -18.84 37.30 -26.16
CA ALA B 488 -17.68 37.77 -26.93
C ALA B 488 -16.72 36.62 -27.30
N LYS B 489 -17.16 35.35 -27.12
CA LYS B 489 -16.34 34.20 -27.57
C LYS B 489 -17.12 33.51 -28.69
N PHE B 490 -16.49 33.28 -29.86
CA PHE B 490 -17.12 32.74 -31.11
C PHE B 490 -18.20 31.69 -30.84
N HIS B 491 -17.85 30.58 -30.14
CA HIS B 491 -18.69 29.39 -30.07
C HIS B 491 -20.05 29.67 -29.38
N VAL B 492 -20.19 30.75 -28.58
CA VAL B 492 -21.50 31.03 -27.96
C VAL B 492 -22.49 31.55 -29.02
N PRO B 493 -22.33 32.73 -29.65
CA PRO B 493 -23.31 33.16 -30.66
C PRO B 493 -23.37 32.25 -31.88
N ASN B 494 -22.30 31.47 -32.16
CA ASN B 494 -22.27 30.59 -33.33
C ASN B 494 -22.77 29.17 -32.97
N VAL B 495 -23.23 28.96 -31.73
CA VAL B 495 -23.90 27.73 -31.31
C VAL B 495 -23.07 26.48 -31.63
N THR B 496 -21.76 26.56 -31.30
CA THR B 496 -20.88 25.39 -31.49
C THR B 496 -20.56 24.86 -30.08
N PRO B 497 -20.87 23.58 -29.76
CA PRO B 497 -20.52 22.98 -28.45
C PRO B 497 -19.00 23.03 -28.18
N TYR B 498 -18.63 23.03 -26.89
CA TYR B 498 -17.22 23.23 -26.51
C TYR B 498 -16.59 22.04 -25.77
N ILE B 499 -17.35 21.17 -25.07
CA ILE B 499 -16.72 20.10 -24.27
C ILE B 499 -15.83 19.23 -25.18
N ARG B 500 -16.17 19.11 -26.49
CA ARG B 500 -15.35 18.44 -27.49
C ARG B 500 -13.86 18.86 -27.40
N TYR B 501 -13.57 20.13 -27.03
CA TYR B 501 -12.16 20.55 -26.99
C TYR B 501 -11.44 20.06 -25.72
N PHE B 502 -12.10 20.00 -24.58
CA PHE B 502 -11.48 19.31 -23.42
C PHE B 502 -11.20 17.83 -23.74
N VAL B 503 -12.20 17.12 -24.29
CA VAL B 503 -12.07 15.72 -24.75
C VAL B 503 -10.86 15.62 -25.74
N SER B 504 -10.84 16.47 -26.76
N SER B 504 -10.81 16.51 -26.73
CA SER B 504 -9.74 16.43 -27.73
CA SER B 504 -9.76 16.41 -27.74
C SER B 504 -8.36 16.61 -27.08
C SER B 504 -8.35 16.68 -27.16
N PHE B 505 -8.20 17.60 -26.19
CA PHE B 505 -6.85 17.85 -25.65
C PHE B 505 -6.32 16.66 -24.84
N VAL B 506 -7.25 15.87 -24.23
CA VAL B 506 -6.87 14.60 -23.60
C VAL B 506 -6.60 13.51 -24.65
N LEU B 507 -7.57 13.26 -25.56
N LEU B 507 -7.55 13.31 -25.57
CA LEU B 507 -7.48 12.21 -26.59
CA LEU B 507 -7.50 12.24 -26.56
C LEU B 507 -6.18 12.34 -27.40
C LEU B 507 -6.27 12.36 -27.48
N GLN B 508 -5.83 13.58 -27.80
CA GLN B 508 -4.77 13.73 -28.80
C GLN B 508 -3.44 13.15 -28.30
N PHE B 509 -3.16 13.26 -26.98
CA PHE B 509 -1.96 12.62 -26.41
C PHE B 509 -2.10 11.08 -26.42
N GLN B 510 -3.33 10.54 -26.17
CA GLN B 510 -3.53 9.10 -26.29
C GLN B 510 -3.25 8.61 -27.72
N PHE B 511 -3.74 9.36 -28.73
CA PHE B 511 -3.50 9.06 -30.14
C PHE B 511 -2.00 9.17 -30.48
N HIS B 512 -1.37 10.23 -30.02
CA HIS B 512 0.09 10.43 -30.26
C HIS B 512 0.93 9.27 -29.73
N GLU B 513 0.64 8.85 -28.49
CA GLU B 513 1.38 7.73 -27.90
C GLU B 513 1.21 6.47 -28.76
N ALA B 514 -0.04 6.16 -29.16
CA ALA B 514 -0.28 4.94 -29.90
C ALA B 514 0.38 4.94 -31.28
N LEU B 515 0.30 6.08 -31.99
CA LEU B 515 0.89 6.21 -33.31
C LEU B 515 2.43 6.17 -33.23
N CYS B 516 3.01 6.79 -32.20
CA CYS B 516 4.45 6.71 -31.98
C CYS B 516 4.93 5.27 -31.70
N LYS B 517 4.13 4.48 -30.99
CA LYS B 517 4.50 3.09 -30.79
C LYS B 517 4.40 2.27 -32.09
N GLU B 518 3.32 2.54 -32.88
CA GLU B 518 3.08 1.80 -34.13
C GLU B 518 4.18 2.10 -35.16
N ALA B 519 4.75 3.32 -35.13
CA ALA B 519 5.86 3.74 -36.00
C ALA B 519 7.17 3.06 -35.60
N GLY B 520 7.24 2.51 -34.39
CA GLY B 520 8.46 1.84 -33.95
C GLY B 520 9.42 2.80 -33.29
N TYR B 521 8.91 3.97 -32.82
CA TYR B 521 9.74 4.97 -32.15
C TYR B 521 9.95 4.55 -30.68
N GLU B 522 11.17 4.68 -30.13
CA GLU B 522 11.45 4.21 -28.77
C GLU B 522 12.02 5.28 -27.80
N GLY B 523 12.11 6.53 -28.23
CA GLY B 523 12.68 7.58 -27.38
C GLY B 523 11.62 8.27 -26.52
N PRO B 524 11.95 9.43 -25.90
CA PRO B 524 10.97 10.17 -25.09
C PRO B 524 9.78 10.59 -25.97
N LEU B 525 8.58 10.44 -25.40
CA LEU B 525 7.34 10.62 -26.14
C LEU B 525 7.32 12.05 -26.72
N HIS B 526 7.86 13.07 -25.99
CA HIS B 526 7.74 14.42 -26.52
C HIS B 526 8.73 14.72 -27.67
N GLN B 527 9.59 13.75 -28.06
CA GLN B 527 10.52 13.91 -29.17
C GLN B 527 10.08 13.07 -30.40
N CYS B 528 8.95 12.38 -30.31
CA CYS B 528 8.47 11.52 -31.41
C CYS B 528 7.96 12.39 -32.58
N ASP B 529 8.39 12.02 -33.80
CA ASP B 529 7.85 12.59 -35.04
C ASP B 529 7.33 11.44 -35.90
N ILE B 530 6.04 11.43 -36.27
CA ILE B 530 5.47 10.28 -37.00
C ILE B 530 5.58 10.47 -38.52
N TYR B 531 6.18 11.59 -38.96
CA TYR B 531 6.37 11.85 -40.40
C TYR B 531 6.89 10.60 -41.15
N ARG B 532 6.32 10.34 -42.32
CA ARG B 532 6.76 9.25 -43.19
C ARG B 532 6.53 7.83 -42.63
N SER B 533 5.86 7.70 -41.46
CA SER B 533 5.45 6.36 -40.99
C SER B 533 4.18 5.85 -41.70
N THR B 534 4.34 4.94 -42.65
CA THR B 534 3.13 4.40 -43.29
C THR B 534 2.36 3.49 -42.32
N LYS B 535 3.04 2.78 -41.42
CA LYS B 535 2.32 2.03 -40.37
C LYS B 535 1.44 2.90 -39.47
N ALA B 536 2.00 4.04 -39.03
CA ALA B 536 1.20 4.96 -38.23
C ALA B 536 0.02 5.45 -39.07
N GLY B 537 0.30 5.78 -40.33
CA GLY B 537 -0.76 6.18 -41.28
C GLY B 537 -1.93 5.18 -41.29
N ALA B 538 -1.61 3.89 -41.41
CA ALA B 538 -2.63 2.86 -41.56
C ALA B 538 -3.47 2.76 -40.29
N LYS B 539 -2.85 2.98 -39.12
CA LYS B 539 -3.57 2.92 -37.85
C LYS B 539 -4.55 4.10 -37.77
N LEU B 540 -4.11 5.27 -38.23
CA LEU B 540 -5.01 6.43 -38.17
C LEU B 540 -6.15 6.30 -39.20
N ARG B 541 -5.84 5.74 -40.36
N ARG B 541 -5.87 5.72 -40.36
CA ARG B 541 -6.83 5.55 -41.42
CA ARG B 541 -6.86 5.58 -41.43
C ARG B 541 -8.01 4.73 -40.90
C ARG B 541 -8.00 4.67 -40.98
N LYS B 542 -7.72 3.66 -40.13
CA LYS B 542 -8.82 2.78 -39.68
C LYS B 542 -9.83 3.60 -38.83
N VAL B 543 -9.34 4.55 -38.03
CA VAL B 543 -10.24 5.41 -37.25
C VAL B 543 -11.08 6.24 -38.23
N LEU B 544 -10.43 6.92 -39.18
CA LEU B 544 -11.13 7.92 -39.96
C LEU B 544 -12.21 7.25 -40.82
N ARG B 545 -11.90 6.03 -41.34
CA ARG B 545 -12.87 5.37 -42.21
C ARG B 545 -14.10 4.88 -41.44
N ALA B 546 -14.03 4.79 -40.09
CA ALA B 546 -15.15 4.23 -39.33
C ALA B 546 -16.28 5.26 -39.21
N GLY B 547 -15.96 6.55 -39.40
CA GLY B 547 -16.96 7.61 -39.13
C GLY B 547 -17.67 7.39 -37.77
N SER B 548 -19.06 7.38 -37.76
CA SER B 548 -19.81 7.09 -36.53
C SER B 548 -20.56 5.75 -36.67
N SER B 549 -20.03 4.83 -37.48
CA SER B 549 -20.64 3.51 -37.68
C SER B 549 -20.59 2.66 -36.41
N ARG B 550 -19.62 2.91 -35.51
CA ARG B 550 -19.39 2.02 -34.37
C ARG B 550 -19.21 2.82 -33.07
N PRO B 551 -19.51 2.27 -31.87
CA PRO B 551 -19.30 3.04 -30.64
C PRO B 551 -17.86 3.54 -30.46
N TRP B 552 -17.76 4.82 -30.05
CA TRP B 552 -16.45 5.46 -29.90
C TRP B 552 -15.54 4.61 -29.00
N GLN B 553 -16.11 3.98 -27.95
CA GLN B 553 -15.28 3.30 -26.93
C GLN B 553 -14.57 2.10 -27.59
N GLU B 554 -15.23 1.46 -28.59
CA GLU B 554 -14.62 0.34 -29.31
C GLU B 554 -13.57 0.81 -30.34
N VAL B 555 -13.85 1.91 -31.10
CA VAL B 555 -12.87 2.47 -32.04
C VAL B 555 -11.59 2.86 -31.27
N LEU B 556 -11.78 3.46 -30.10
CA LEU B 556 -10.63 3.88 -29.28
C LEU B 556 -9.85 2.65 -28.78
N LYS B 557 -10.53 1.60 -28.26
CA LYS B 557 -9.83 0.38 -27.85
C LYS B 557 -8.99 -0.23 -29.00
N ASP B 558 -9.57 -0.27 -30.21
CA ASP B 558 -8.82 -0.86 -31.34
C ASP B 558 -7.56 -0.01 -31.60
N MET B 559 -7.66 1.31 -31.45
CA MET B 559 -6.53 2.21 -31.75
C MET B 559 -5.46 2.19 -30.64
N VAL B 560 -5.84 2.33 -29.36
CA VAL B 560 -4.84 2.63 -28.32
C VAL B 560 -4.80 1.54 -27.24
N GLY B 561 -5.70 0.55 -27.29
CA GLY B 561 -5.69 -0.54 -26.33
C GLY B 561 -6.56 -0.32 -25.08
N LEU B 562 -7.21 0.85 -24.94
CA LEU B 562 -8.10 1.20 -23.83
C LEU B 562 -9.43 1.74 -24.35
N ASP B 563 -10.56 1.45 -23.66
CA ASP B 563 -11.90 1.87 -24.11
C ASP B 563 -12.40 3.15 -23.42
N ALA B 564 -11.50 4.05 -23.00
CA ALA B 564 -11.89 5.19 -22.15
C ALA B 564 -10.86 6.30 -22.31
N LEU B 565 -11.29 7.55 -22.11
CA LEU B 565 -10.40 8.68 -21.94
C LEU B 565 -9.45 8.43 -20.75
N ASP B 566 -8.18 8.85 -20.90
CA ASP B 566 -7.15 8.57 -19.92
C ASP B 566 -6.11 9.69 -19.97
N ALA B 567 -5.82 10.31 -18.81
CA ALA B 567 -4.89 11.44 -18.74
C ALA B 567 -3.42 10.99 -18.71
N GLN B 568 -3.15 9.69 -18.54
CA GLN B 568 -1.77 9.21 -18.34
C GLN B 568 -0.86 9.60 -19.52
N PRO B 569 -1.26 9.43 -20.81
CA PRO B 569 -0.36 9.84 -21.91
C PRO B 569 0.03 11.32 -21.83
N LEU B 570 -0.94 12.24 -21.58
CA LEU B 570 -0.60 13.66 -21.41
C LEU B 570 0.43 13.83 -20.27
N LEU B 571 0.17 13.17 -19.12
CA LEU B 571 1.07 13.38 -17.97
C LEU B 571 2.47 12.85 -18.35
N LYS B 572 2.55 11.72 -19.10
CA LYS B 572 3.84 11.16 -19.49
C LYS B 572 4.61 12.13 -20.41
N TYR B 573 3.89 12.70 -21.40
CA TYR B 573 4.47 13.67 -22.34
C TYR B 573 5.13 14.84 -21.58
N PHE B 574 4.44 15.38 -20.56
CA PHE B 574 4.91 16.60 -19.88
C PHE B 574 5.77 16.36 -18.62
N GLN B 575 6.04 15.10 -18.26
CA GLN B 575 6.64 14.77 -16.95
C GLN B 575 7.84 15.63 -16.51
N LEU B 576 8.79 15.83 -17.46
CA LEU B 576 10.01 16.59 -17.08
C LEU B 576 9.68 18.04 -16.70
N VAL B 577 8.74 18.71 -17.41
CA VAL B 577 8.42 20.11 -17.10
C VAL B 577 7.51 20.19 -15.88
N THR B 578 6.67 19.14 -15.69
CA THR B 578 5.83 19.10 -14.49
C THR B 578 6.72 19.13 -13.24
N GLN B 579 7.78 18.31 -13.22
CA GLN B 579 8.73 18.25 -12.11
C GLN B 579 9.53 19.55 -11.98
N TRP B 580 10.01 20.13 -13.11
CA TRP B 580 10.78 21.36 -13.12
C TRP B 580 9.96 22.53 -12.55
N LEU B 581 8.69 22.68 -13.02
CA LEU B 581 7.87 23.78 -12.53
C LEU B 581 7.60 23.64 -11.02
N GLN B 582 7.28 22.43 -10.50
CA GLN B 582 7.03 22.34 -9.06
C GLN B 582 8.28 22.75 -8.27
N GLU B 583 9.47 22.38 -8.75
CA GLU B 583 10.70 22.74 -8.04
C GLU B 583 10.93 24.25 -8.09
N GLN B 584 10.75 24.87 -9.26
CA GLN B 584 10.90 26.33 -9.39
C GLN B 584 9.99 27.08 -8.41
N ASN B 585 8.71 26.72 -8.35
CA ASN B 585 7.70 27.41 -7.56
C ASN B 585 7.99 27.22 -6.06
N GLN B 586 8.48 26.01 -5.69
CA GLN B 586 8.83 25.79 -4.29
C GLN B 586 10.03 26.66 -3.88
N GLN B 587 11.05 26.76 -4.75
CA GLN B 587 12.24 27.54 -4.45
C GLN B 587 11.92 29.04 -4.32
N ASN B 588 10.92 29.56 -5.04
CA ASN B 588 10.50 30.94 -5.00
C ASN B 588 9.46 31.17 -3.91
N GLY B 589 9.03 30.11 -3.19
CA GLY B 589 8.02 30.27 -2.15
C GLY B 589 6.64 30.70 -2.65
N GLU B 590 6.22 30.23 -3.83
CA GLU B 590 4.93 30.65 -4.37
C GLU B 590 3.78 30.07 -3.56
N VAL B 591 2.63 30.78 -3.59
CA VAL B 591 1.35 30.22 -3.20
C VAL B 591 0.76 29.58 -4.47
N LEU B 592 0.35 28.31 -4.38
CA LEU B 592 -0.28 27.73 -5.55
C LEU B 592 -1.78 28.08 -5.44
N GLY B 593 -2.38 28.64 -6.50
CA GLY B 593 -3.79 29.01 -6.45
C GLY B 593 -3.90 30.53 -6.27
N TRP B 594 -5.13 31.01 -6.00
CA TRP B 594 -5.43 32.44 -5.94
C TRP B 594 -6.38 32.70 -4.74
N PRO B 595 -5.91 32.50 -3.49
CA PRO B 595 -6.76 32.62 -2.30
C PRO B 595 -7.34 34.04 -2.14
N GLU B 596 -6.73 35.10 -2.73
CA GLU B 596 -7.36 36.43 -2.67
C GLU B 596 -8.34 36.57 -3.83
N TYR B 597 -9.45 35.81 -3.76
CA TYR B 597 -10.36 35.61 -4.85
C TYR B 597 -11.11 36.89 -5.25
N GLN B 598 -11.21 37.89 -4.33
CA GLN B 598 -11.90 39.15 -4.61
C GLN B 598 -11.04 40.09 -5.46
N TRP B 599 -9.74 39.81 -5.61
CA TRP B 599 -8.85 40.87 -6.09
C TRP B 599 -9.03 41.22 -7.58
N HIS B 600 -8.98 42.52 -7.92
CA HIS B 600 -9.03 43.02 -9.31
C HIS B 600 -8.03 44.19 -9.45
N PRO B 601 -7.33 44.38 -10.60
CA PRO B 601 -6.33 45.45 -10.70
C PRO B 601 -7.05 46.81 -10.75
N PRO B 602 -6.38 47.92 -10.37
CA PRO B 602 -6.97 49.24 -10.65
C PRO B 602 -6.79 49.65 -12.12
N LEU B 603 -7.40 50.79 -12.51
CA LEU B 603 -7.21 51.34 -13.84
C LEU B 603 -5.83 52.01 -13.93
N PRO B 604 -5.12 51.98 -15.06
CA PRO B 604 -3.95 52.86 -15.23
C PRO B 604 -4.25 54.35 -15.23
N ASP B 605 -3.27 55.18 -14.79
CA ASP B 605 -3.41 56.63 -14.83
C ASP B 605 -3.62 57.11 -16.26
N ASN B 606 -4.50 58.09 -16.46
CA ASN B 606 -4.61 58.70 -17.78
C ASN B 606 -5.22 57.69 -18.77
N TYR B 607 -6.14 56.82 -18.29
CA TYR B 607 -6.77 55.81 -19.15
C TYR B 607 -8.28 56.06 -19.17
N PRO B 608 -8.95 56.20 -20.33
CA PRO B 608 -8.31 55.98 -21.64
C PRO B 608 -7.86 57.18 -22.47
N GLU B 609 -7.81 58.41 -21.91
CA GLU B 609 -7.59 59.60 -22.74
C GLU B 609 -6.18 59.62 -23.35
N GLY B 610 -5.22 58.95 -22.70
CA GLY B 610 -3.87 58.90 -23.23
C GLY B 610 -3.66 57.81 -24.29
N ILE B 611 -4.73 57.17 -24.76
CA ILE B 611 -4.51 56.03 -25.67
C ILE B 611 -3.89 56.49 -27.00
N ASP B 612 -4.19 57.73 -27.43
CA ASP B 612 -3.65 58.25 -28.68
C ASP B 612 -2.11 58.34 -28.65
N LEU B 613 -1.50 58.39 -27.45
CA LEU B 613 -0.03 58.45 -27.29
C LEU B 613 0.66 57.12 -27.55
N VAL B 614 -0.09 56.00 -27.46
CA VAL B 614 0.52 54.67 -27.48
C VAL B 614 -0.06 53.77 -28.58
N THR B 615 -0.83 54.39 -29.50
CA THR B 615 -1.37 53.76 -30.69
C THR B 615 -0.97 54.58 -31.91
N ASP B 616 -0.89 53.91 -33.08
CA ASP B 616 -0.67 54.59 -34.34
C ASP B 616 -2.04 54.96 -34.95
N LEU C 1 56.78 -56.75 1.20
CA LEU C 1 55.37 -56.49 1.61
C LEU C 1 55.06 -57.45 2.76
N ASP C 2 54.24 -57.02 3.74
CA ASP C 2 53.88 -57.94 4.82
C ASP C 2 53.18 -59.16 4.22
N PRO C 3 53.56 -60.39 4.60
CA PRO C 3 52.84 -61.57 4.09
C PRO C 3 51.32 -61.58 4.32
N GLY C 4 50.83 -60.85 5.36
CA GLY C 4 49.39 -60.85 5.57
C GLY C 4 48.63 -60.03 4.51
N LEU C 5 49.38 -59.24 3.74
CA LEU C 5 48.80 -58.47 2.65
C LEU C 5 48.95 -59.20 1.30
N GLN C 6 49.50 -60.42 1.31
CA GLN C 6 49.82 -61.13 0.06
C GLN C 6 48.65 -62.07 -0.28
N PRO C 7 48.38 -62.38 -1.57
CA PRO C 7 47.29 -63.34 -1.89
C PRO C 7 47.53 -64.78 -1.50
N GLY C 8 46.46 -65.46 -1.04
CA GLY C 8 46.49 -66.89 -0.78
C GLY C 8 46.18 -67.68 -2.03
N GLN C 9 45.45 -68.81 -1.87
CA GLN C 9 45.19 -69.77 -2.94
C GLN C 9 43.72 -69.64 -3.40
N PHE C 10 43.49 -69.50 -4.71
CA PHE C 10 42.12 -69.39 -5.24
C PHE C 10 41.98 -70.23 -6.54
N SER C 11 40.79 -70.84 -6.78
CA SER C 11 40.53 -71.63 -7.99
C SER C 11 40.38 -70.72 -9.24
N ALA C 12 40.79 -71.23 -10.44
CA ALA C 12 40.83 -70.46 -11.69
C ALA C 12 39.46 -70.56 -12.36
N ASP C 13 38.44 -69.98 -11.71
CA ASP C 13 37.07 -70.06 -12.19
C ASP C 13 36.27 -68.92 -11.52
N GLU C 14 34.98 -68.80 -11.87
CA GLU C 14 34.22 -67.65 -11.34
C GLU C 14 34.06 -67.79 -9.82
N ALA C 15 33.84 -69.02 -9.34
CA ALA C 15 33.74 -69.33 -7.91
C ALA C 15 34.99 -68.82 -7.16
N GLY C 16 36.18 -69.14 -7.70
CA GLY C 16 37.44 -68.61 -7.13
C GLY C 16 37.59 -67.11 -7.17
N ALA C 17 37.21 -66.50 -8.33
CA ALA C 17 37.38 -65.09 -8.51
C ALA C 17 36.54 -64.27 -7.51
N GLN C 18 35.36 -64.77 -7.11
CA GLN C 18 34.53 -64.03 -6.14
C GLN C 18 35.25 -64.03 -4.77
N LEU C 19 35.92 -65.15 -4.42
CA LEU C 19 36.66 -65.16 -3.16
C LEU C 19 37.93 -64.29 -3.27
N PHE C 20 38.60 -64.33 -4.45
CA PHE C 20 39.74 -63.46 -4.72
C PHE C 20 39.35 -61.99 -4.50
N ALA C 21 38.21 -61.56 -5.08
CA ALA C 21 37.86 -60.14 -4.99
C ALA C 21 37.62 -59.79 -3.52
N GLN C 22 36.96 -60.68 -2.77
CA GLN C 22 36.68 -60.41 -1.35
C GLN C 22 37.98 -60.25 -0.54
N SER C 23 38.93 -61.17 -0.77
CA SER C 23 40.22 -61.12 -0.10
C SER C 23 41.03 -59.88 -0.52
N TYR C 24 40.99 -59.55 -1.80
CA TYR C 24 41.65 -58.36 -2.30
C TYR C 24 41.13 -57.11 -1.58
N GLN C 25 39.79 -57.02 -1.44
CA GLN C 25 39.26 -55.78 -0.90
C GLN C 25 39.69 -55.59 0.57
N SER C 26 39.74 -56.69 1.32
CA SER C 26 40.10 -56.68 2.73
C SER C 26 41.53 -56.11 2.95
N SER C 27 42.52 -56.56 2.17
CA SER C 27 43.87 -55.99 2.18
C SER C 27 43.99 -54.62 1.49
N ALA C 28 43.36 -54.45 0.32
CA ALA C 28 43.40 -53.15 -0.36
C ALA C 28 42.92 -51.98 0.51
N GLU C 29 41.88 -52.17 1.33
CA GLU C 29 41.42 -51.06 2.17
C GLU C 29 42.54 -50.58 3.12
N GLN C 30 43.39 -51.50 3.59
CA GLN C 30 44.46 -51.17 4.52
C GLN C 30 45.56 -50.40 3.78
N VAL C 31 45.92 -50.90 2.58
CA VAL C 31 46.97 -50.29 1.77
C VAL C 31 46.54 -48.89 1.32
N LEU C 32 45.27 -48.75 0.87
CA LEU C 32 44.77 -47.44 0.42
C LEU C 32 44.75 -46.45 1.58
N PHE C 33 44.28 -46.90 2.74
CA PHE C 33 44.20 -45.97 3.89
C PHE C 33 45.60 -45.40 4.21
N GLN C 34 46.63 -46.28 4.27
CA GLN C 34 47.98 -45.78 4.60
C GLN C 34 48.46 -44.79 3.52
N SER C 35 48.18 -45.09 2.23
CA SER C 35 48.65 -44.24 1.13
C SER C 35 47.98 -42.85 1.23
N VAL C 36 46.64 -42.86 1.43
CA VAL C 36 45.89 -41.59 1.39
C VAL C 36 46.29 -40.78 2.63
N ALA C 37 46.45 -41.49 3.77
CA ALA C 37 46.89 -40.82 4.99
C ALA C 37 48.26 -40.13 4.78
N ALA C 38 49.22 -40.86 4.17
CA ALA C 38 50.55 -40.23 3.97
C ALA C 38 50.48 -39.07 2.99
N SER C 39 49.65 -39.20 1.94
CA SER C 39 49.42 -38.07 1.02
C SER C 39 48.81 -36.83 1.71
N TRP C 40 47.81 -37.05 2.57
CA TRP C 40 47.21 -35.95 3.33
C TRP C 40 48.27 -35.26 4.16
N ALA C 41 49.13 -36.04 4.85
CA ALA C 41 50.08 -35.49 5.80
C ALA C 41 51.08 -34.65 5.02
N HIS C 42 51.40 -35.04 3.78
CA HIS C 42 52.33 -34.23 2.98
C HIS C 42 51.64 -33.00 2.36
N ASP C 43 50.43 -33.18 1.76
CA ASP C 43 49.77 -32.07 1.08
C ASP C 43 49.31 -30.92 2.02
N THR C 44 49.11 -31.20 3.33
CA THR C 44 48.75 -30.19 4.31
C THR C 44 49.98 -29.73 5.09
N ASN C 45 51.19 -30.19 4.69
CA ASN C 45 52.41 -29.80 5.38
C ASN C 45 53.62 -30.32 4.59
N ILE C 46 54.04 -29.54 3.58
CA ILE C 46 55.01 -30.02 2.63
C ILE C 46 56.38 -29.90 3.30
N THR C 47 57.05 -31.04 3.51
CA THR C 47 58.38 -31.06 4.09
C THR C 47 59.15 -32.24 3.51
N ALA C 48 60.49 -32.20 3.65
CA ALA C 48 61.25 -33.33 3.11
C ALA C 48 60.85 -34.64 3.81
N GLU C 49 60.65 -34.59 5.14
CA GLU C 49 60.27 -35.79 5.89
C GLU C 49 58.89 -36.28 5.48
N ASN C 50 57.93 -35.39 5.20
CA ASN C 50 56.62 -35.92 4.77
C ASN C 50 56.69 -36.50 3.36
N ALA C 51 57.56 -35.95 2.50
CA ALA C 51 57.76 -36.53 1.17
C ALA C 51 58.38 -37.93 1.32
N ARG C 52 59.35 -38.08 2.24
CA ARG C 52 59.99 -39.38 2.42
C ARG C 52 58.92 -40.41 2.82
N ARG C 53 58.03 -40.02 3.75
CA ARG C 53 57.03 -40.96 4.25
C ARG C 53 56.02 -41.35 3.17
N GLN C 54 55.66 -40.39 2.31
N GLN C 54 55.63 -40.40 2.31
CA GLN C 54 54.67 -40.66 1.26
CA GLN C 54 54.65 -40.70 1.26
C GLN C 54 55.30 -41.58 0.21
C GLN C 54 55.30 -41.60 0.20
N GLU C 55 56.61 -41.41 -0.09
CA GLU C 55 57.27 -42.28 -1.05
C GLU C 55 57.37 -43.71 -0.53
N GLU C 56 57.62 -43.85 0.77
CA GLU C 56 57.58 -45.17 1.35
C GLU C 56 56.18 -45.81 1.19
N ALA C 57 55.11 -45.08 1.47
CA ALA C 57 53.77 -45.62 1.33
C ALA C 57 53.53 -45.95 -0.15
N ALA C 58 54.05 -45.14 -1.07
CA ALA C 58 53.92 -45.43 -2.51
C ALA C 58 54.62 -46.73 -2.93
N LEU C 59 55.83 -46.99 -2.38
CA LEU C 59 56.53 -48.23 -2.75
C LEU C 59 55.73 -49.46 -2.28
N LEU C 60 55.14 -49.37 -1.08
CA LEU C 60 54.39 -50.49 -0.51
C LEU C 60 53.17 -50.74 -1.41
N SER C 61 52.54 -49.65 -1.86
N SER C 61 52.54 -49.65 -1.83
CA SER C 61 51.39 -49.71 -2.77
CA SER C 61 51.40 -49.77 -2.74
C SER C 61 51.76 -50.35 -4.12
C SER C 61 51.80 -50.47 -4.04
N GLN C 62 52.97 -50.12 -4.62
CA GLN C 62 53.48 -50.82 -5.82
C GLN C 62 53.71 -52.32 -5.58
N GLU C 63 54.30 -52.70 -4.44
CA GLU C 63 54.52 -54.13 -4.21
C GLU C 63 53.18 -54.86 -4.13
N PHE C 64 52.19 -54.22 -3.44
CA PHE C 64 50.85 -54.80 -3.28
C PHE C 64 50.21 -54.98 -4.68
N ALA C 65 50.32 -53.95 -5.55
CA ALA C 65 49.68 -53.97 -6.87
C ALA C 65 50.33 -55.05 -7.75
N GLU C 66 51.67 -55.19 -7.69
CA GLU C 66 52.35 -56.28 -8.39
C GLU C 66 51.86 -57.65 -7.89
N ALA C 67 51.82 -57.85 -6.56
CA ALA C 67 51.47 -59.18 -6.07
C ALA C 67 50.06 -59.63 -6.51
N TRP C 68 49.09 -58.73 -6.37
CA TRP C 68 47.69 -59.11 -6.60
C TRP C 68 47.41 -59.10 -8.10
N GLY C 69 48.11 -58.21 -8.82
CA GLY C 69 48.01 -58.10 -10.26
C GLY C 69 48.55 -59.30 -11.01
N GLN C 70 49.78 -59.77 -10.63
CA GLN C 70 50.30 -60.97 -11.27
C GLN C 70 49.42 -62.18 -10.96
N LYS C 71 48.89 -62.26 -9.73
CA LYS C 71 48.09 -63.43 -9.36
C LYS C 71 46.81 -63.43 -10.22
N ALA C 72 46.16 -62.27 -10.38
CA ALA C 72 44.96 -62.07 -11.22
C ALA C 72 45.19 -62.57 -12.65
N LYS C 73 46.35 -62.24 -13.24
CA LYS C 73 46.67 -62.66 -14.61
C LYS C 73 46.90 -64.16 -14.66
N GLU C 74 47.62 -64.68 -13.67
CA GLU C 74 47.94 -66.08 -13.67
C GLU C 74 46.64 -66.91 -13.58
N LEU C 75 45.63 -66.43 -12.85
CA LEU C 75 44.47 -67.30 -12.63
C LEU C 75 43.34 -67.03 -13.65
N TYR C 76 43.15 -65.77 -14.08
CA TYR C 76 41.89 -65.35 -14.68
C TYR C 76 42.08 -64.79 -16.11
N GLU C 77 43.35 -64.74 -16.57
CA GLU C 77 43.72 -64.01 -17.81
C GLU C 77 42.81 -64.44 -18.98
N PRO C 78 42.65 -65.75 -19.25
CA PRO C 78 41.82 -66.12 -20.39
C PRO C 78 40.29 -66.17 -20.18
N ILE C 79 39.77 -65.72 -19.01
CA ILE C 79 38.41 -66.10 -18.63
C ILE C 79 37.63 -64.94 -18.01
N TRP C 80 38.30 -63.93 -17.45
CA TRP C 80 37.59 -62.90 -16.71
C TRP C 80 36.56 -62.13 -17.56
N GLN C 81 36.81 -62.02 -18.87
CA GLN C 81 35.96 -61.21 -19.74
C GLN C 81 34.58 -61.83 -19.93
N GLN C 82 34.47 -63.11 -19.59
CA GLN C 82 33.25 -63.88 -19.76
C GLN C 82 32.56 -64.19 -18.43
N PHE C 83 32.99 -63.62 -17.27
CA PHE C 83 32.28 -63.88 -16.00
C PHE C 83 30.84 -63.34 -16.09
N THR C 84 29.91 -64.00 -15.37
CA THR C 84 28.49 -63.65 -15.36
C THR C 84 28.20 -62.36 -14.59
N ASP C 85 29.05 -62.04 -13.59
CA ASP C 85 28.85 -60.88 -12.73
C ASP C 85 29.58 -59.67 -13.29
N PRO C 86 28.87 -58.57 -13.70
CA PRO C 86 29.56 -57.40 -14.27
C PRO C 86 30.43 -56.60 -13.29
N GLN C 87 30.05 -56.58 -11.98
CA GLN C 87 30.91 -55.96 -10.98
C GLN C 87 32.23 -56.74 -10.93
N LEU C 88 32.13 -58.10 -10.91
CA LEU C 88 33.34 -58.92 -10.80
C LEU C 88 34.25 -58.70 -12.03
N ARG C 89 33.65 -58.61 -13.24
CA ARG C 89 34.48 -58.34 -14.43
C ARG C 89 35.27 -57.05 -14.31
N ARG C 90 34.62 -56.01 -13.79
CA ARG C 90 35.32 -54.73 -13.60
C ARG C 90 36.42 -54.75 -12.54
N ILE C 91 36.19 -55.51 -11.46
CA ILE C 91 37.19 -55.58 -10.40
C ILE C 91 38.42 -56.33 -10.93
N ILE C 92 38.26 -57.46 -11.64
CA ILE C 92 39.44 -58.19 -12.12
C ILE C 92 40.13 -57.34 -13.17
N GLY C 93 39.36 -56.61 -13.99
CA GLY C 93 39.94 -55.73 -15.00
C GLY C 93 40.82 -54.60 -14.43
N ALA C 94 40.40 -54.00 -13.31
CA ALA C 94 41.22 -53.03 -12.57
C ALA C 94 42.48 -53.68 -12.02
N VAL C 95 42.36 -54.80 -11.29
CA VAL C 95 43.50 -55.38 -10.59
C VAL C 95 44.59 -55.84 -11.58
N ARG C 96 44.26 -56.33 -12.79
CA ARG C 96 45.31 -56.82 -13.72
C ARG C 96 46.10 -55.69 -14.42
N THR C 97 45.76 -54.42 -14.18
CA THR C 97 46.52 -53.30 -14.76
C THR C 97 47.51 -52.82 -13.68
N LEU C 98 48.83 -52.98 -13.91
CA LEU C 98 49.85 -52.75 -12.88
C LEU C 98 50.33 -51.29 -12.80
N GLY C 99 50.28 -50.53 -13.91
CA GLY C 99 50.78 -49.15 -13.89
C GLY C 99 52.26 -49.09 -13.48
N SER C 100 52.59 -48.14 -12.59
CA SER C 100 53.97 -47.93 -12.16
C SER C 100 54.58 -49.17 -11.48
N ALA C 101 53.72 -50.12 -11.04
CA ALA C 101 54.18 -51.37 -10.42
C ALA C 101 54.85 -52.28 -11.46
N ASN C 102 54.71 -51.96 -12.76
CA ASN C 102 55.50 -52.65 -13.80
C ASN C 102 56.99 -52.25 -13.77
N LEU C 103 57.36 -51.11 -13.17
CA LEU C 103 58.78 -50.68 -13.17
C LEU C 103 59.59 -51.50 -12.14
N PRO C 104 60.90 -51.78 -12.41
CA PRO C 104 61.78 -52.39 -11.44
C PRO C 104 62.06 -51.39 -10.31
N LEU C 105 62.55 -51.91 -9.17
CA LEU C 105 62.67 -51.10 -7.97
C LEU C 105 63.34 -49.72 -8.21
N ALA C 106 64.52 -49.67 -8.86
CA ALA C 106 65.21 -48.38 -8.95
C ALA C 106 64.35 -47.36 -9.69
N LYS C 107 63.54 -47.82 -10.68
CA LYS C 107 62.73 -46.90 -11.45
C LYS C 107 61.44 -46.54 -10.69
N ARG C 108 60.97 -47.42 -9.81
CA ARG C 108 59.83 -47.05 -8.95
C ARG C 108 60.25 -45.90 -8.03
N GLN C 109 61.42 -46.03 -7.39
CA GLN C 109 61.96 -45.01 -6.49
C GLN C 109 62.15 -43.68 -7.23
N GLN C 110 62.69 -43.73 -8.46
CA GLN C 110 62.87 -42.52 -9.28
C GLN C 110 61.51 -41.87 -9.58
N TYR C 111 60.51 -42.68 -10.00
CA TYR C 111 59.16 -42.21 -10.36
C TYR C 111 58.50 -41.51 -9.16
N ASN C 112 58.51 -42.22 -8.00
CA ASN C 112 57.88 -41.70 -6.79
C ASN C 112 58.55 -40.36 -6.37
N ALA C 113 59.89 -40.29 -6.51
CA ALA C 113 60.57 -39.06 -6.10
C ALA C 113 60.24 -37.90 -7.05
N LEU C 114 60.09 -38.19 -8.35
CA LEU C 114 59.73 -37.14 -9.30
C LEU C 114 58.34 -36.59 -8.95
N LEU C 115 57.37 -37.47 -8.63
CA LEU C 115 56.03 -36.96 -8.26
C LEU C 115 56.13 -36.00 -7.05
N SER C 116 56.93 -36.37 -6.03
N SER C 116 56.90 -36.39 -6.01
CA SER C 116 57.06 -35.51 -4.86
CA SER C 116 57.12 -35.54 -4.85
C SER C 116 57.76 -34.18 -5.18
C SER C 116 57.72 -34.18 -5.26
N GLN C 117 58.83 -34.24 -5.99
CA GLN C 117 59.58 -33.02 -6.29
C GLN C 117 58.80 -32.08 -7.22
N MET C 118 58.03 -32.61 -8.18
CA MET C 118 57.25 -31.75 -9.07
C MET C 118 56.14 -31.05 -8.25
N SER C 119 55.53 -31.81 -7.30
CA SER C 119 54.51 -31.21 -6.44
C SER C 119 55.08 -30.09 -5.57
N ARG C 120 56.26 -30.30 -4.98
CA ARG C 120 56.90 -29.30 -4.14
C ARG C 120 57.17 -28.03 -4.95
N ILE C 121 57.76 -28.18 -6.13
CA ILE C 121 58.13 -27.01 -6.95
C ILE C 121 56.89 -26.14 -7.20
N TYR C 122 55.83 -26.77 -7.68
CA TYR C 122 54.61 -26.05 -8.10
C TYR C 122 53.99 -25.34 -6.90
N SER C 123 53.84 -26.07 -5.75
CA SER C 123 53.06 -25.53 -4.63
C SER C 123 53.89 -24.63 -3.71
N THR C 124 55.22 -24.56 -3.89
CA THR C 124 56.06 -23.66 -3.10
C THR C 124 56.68 -22.47 -3.86
N ALA C 125 56.47 -22.39 -5.17
CA ALA C 125 57.14 -21.36 -5.98
C ALA C 125 56.58 -19.99 -5.60
N LYS C 126 57.43 -18.95 -5.61
CA LYS C 126 57.00 -17.60 -5.18
C LYS C 126 57.53 -16.57 -6.18
N VAL C 127 56.88 -15.39 -6.24
CA VAL C 127 57.36 -14.29 -7.08
C VAL C 127 57.84 -13.18 -6.14
N CYS C 128 59.14 -12.87 -6.17
CA CYS C 128 59.74 -11.90 -5.24
C CYS C 128 59.84 -10.48 -5.85
N LEU C 129 59.72 -9.43 -5.02
CA LEU C 129 59.63 -8.06 -5.52
C LEU C 129 61.03 -7.45 -5.61
N PRO C 130 61.27 -6.46 -6.50
CA PRO C 130 62.59 -5.83 -6.64
C PRO C 130 63.22 -5.30 -5.35
N GLN C 131 62.41 -4.74 -4.43
CA GLN C 131 62.89 -4.32 -3.12
C GLN C 131 62.55 -5.38 -2.08
N LYS C 132 63.54 -6.20 -1.71
CA LYS C 132 63.36 -7.18 -0.65
C LYS C 132 63.11 -6.45 0.68
N CYS C 136 57.58 -12.06 -0.45
CA CYS C 136 57.33 -12.70 -1.76
C CYS C 136 55.91 -13.21 -1.85
N TRP C 137 55.37 -13.25 -3.07
CA TRP C 137 53.96 -13.53 -3.26
C TRP C 137 53.77 -15.00 -3.65
N SER C 138 52.75 -15.67 -3.09
N SER C 138 52.73 -15.65 -3.10
CA SER C 138 52.37 -17.02 -3.50
CA SER C 138 52.34 -17.00 -3.47
C SER C 138 51.27 -16.94 -4.55
C SER C 138 51.29 -16.92 -4.57
N LEU C 139 51.05 -18.04 -5.27
CA LEU C 139 49.99 -18.09 -6.27
C LEU C 139 48.63 -17.77 -5.61
N ASP C 140 48.33 -18.49 -4.53
CA ASP C 140 47.04 -18.40 -3.84
C ASP C 140 47.40 -18.02 -2.40
N PRO C 141 47.00 -16.84 -1.83
CA PRO C 141 46.10 -15.91 -2.52
C PRO C 141 46.69 -14.81 -3.43
N ASP C 142 47.98 -14.55 -3.36
CA ASP C 142 48.48 -13.22 -3.77
C ASP C 142 48.32 -12.99 -5.29
N LEU C 143 48.90 -13.88 -6.09
CA LEU C 143 48.91 -13.65 -7.52
C LEU C 143 47.50 -13.86 -8.11
N THR C 144 46.70 -14.77 -7.51
N THR C 144 46.69 -14.76 -7.51
CA THR C 144 45.34 -14.95 -8.01
CA THR C 144 45.32 -14.99 -7.97
C THR C 144 44.59 -13.62 -7.87
C THR C 144 44.51 -13.70 -7.82
N ASN C 145 44.74 -12.98 -6.70
CA ASN C 145 44.05 -11.73 -6.39
C ASN C 145 44.49 -10.62 -7.35
N ILE C 146 45.79 -10.53 -7.66
CA ILE C 146 46.32 -9.58 -8.65
C ILE C 146 45.67 -9.80 -10.03
N LEU C 147 45.71 -11.06 -10.55
CA LEU C 147 45.15 -11.35 -11.87
C LEU C 147 43.64 -11.03 -11.93
N ALA C 148 42.92 -11.18 -10.78
CA ALA C 148 41.47 -10.98 -10.73
C ALA C 148 41.10 -9.49 -10.71
N SER C 149 41.89 -8.66 -10.03
CA SER C 149 41.41 -7.32 -9.71
C SER C 149 42.33 -6.19 -10.21
N SER C 150 43.64 -6.41 -10.47
CA SER C 150 44.48 -5.30 -10.97
C SER C 150 44.09 -4.92 -12.40
N ARG C 151 44.05 -3.60 -12.70
CA ARG C 151 43.80 -3.16 -14.07
C ARG C 151 45.02 -2.37 -14.51
N SER C 152 46.17 -2.65 -13.89
CA SER C 152 47.44 -2.08 -14.31
C SER C 152 48.19 -3.04 -15.24
N TYR C 153 48.43 -2.66 -16.51
CA TYR C 153 48.99 -3.57 -17.51
C TYR C 153 50.33 -4.09 -16.94
N ALA C 154 51.19 -3.18 -16.45
CA ALA C 154 52.53 -3.53 -15.95
C ALA C 154 52.50 -4.43 -14.72
N MET C 155 51.51 -4.23 -13.82
CA MET C 155 51.45 -5.03 -12.60
C MET C 155 51.00 -6.44 -12.97
N LEU C 156 50.05 -6.53 -13.90
CA LEU C 156 49.54 -7.81 -14.37
C LEU C 156 50.70 -8.55 -15.04
N LEU C 157 51.54 -7.81 -15.79
CA LEU C 157 52.63 -8.44 -16.52
C LEU C 157 53.67 -9.03 -15.56
N PHE C 158 54.08 -8.24 -14.57
CA PHE C 158 54.98 -8.68 -13.52
C PHE C 158 54.51 -9.98 -12.88
N ALA C 159 53.20 -10.12 -12.61
CA ALA C 159 52.68 -11.31 -11.95
C ALA C 159 52.66 -12.52 -12.92
N TRP C 160 52.21 -12.26 -14.17
CA TRP C 160 52.14 -13.32 -15.20
C TRP C 160 53.54 -13.89 -15.51
N GLU C 161 54.49 -13.00 -15.85
CA GLU C 161 55.83 -13.46 -16.20
C GLU C 161 56.51 -14.09 -14.98
N GLY C 162 56.38 -13.42 -13.81
CA GLY C 162 57.06 -13.95 -12.63
C GLY C 162 56.63 -15.39 -12.33
N TRP C 163 55.31 -15.65 -12.34
CA TRP C 163 54.75 -16.98 -12.03
C TRP C 163 55.23 -17.99 -13.08
N HIS C 164 55.06 -17.65 -14.36
CA HIS C 164 55.37 -18.66 -15.39
C HIS C 164 56.86 -19.00 -15.29
N ASN C 165 57.73 -17.99 -15.08
CA ASN C 165 59.16 -18.30 -15.01
C ASN C 165 59.51 -19.09 -13.73
N ALA C 166 58.90 -18.72 -12.56
CA ALA C 166 59.29 -19.33 -11.30
C ALA C 166 58.85 -20.81 -11.26
N ALA C 167 57.63 -21.11 -11.72
CA ALA C 167 57.11 -22.49 -11.64
C ALA C 167 57.61 -23.34 -12.82
N GLY C 168 57.58 -22.80 -14.06
CA GLY C 168 57.79 -23.61 -15.28
C GLY C 168 59.26 -24.01 -15.52
N ILE C 169 60.23 -23.07 -15.35
CA ILE C 169 61.62 -23.28 -15.77
C ILE C 169 62.19 -24.50 -15.02
N PRO C 170 62.10 -24.56 -13.66
CA PRO C 170 62.70 -25.67 -12.93
C PRO C 170 62.01 -27.03 -13.16
N LEU C 171 60.77 -27.01 -13.61
CA LEU C 171 60.01 -28.27 -13.73
C LEU C 171 60.43 -29.07 -14.96
N LYS C 172 60.97 -28.42 -16.00
CA LYS C 172 61.07 -29.07 -17.33
C LYS C 172 61.93 -30.34 -17.25
N PRO C 173 63.15 -30.36 -16.64
CA PRO C 173 63.95 -31.60 -16.67
C PRO C 173 63.25 -32.73 -15.94
N LEU C 174 62.54 -32.43 -14.83
CA LEU C 174 61.81 -33.49 -14.13
C LEU C 174 60.67 -34.05 -15.00
N TYR C 175 59.93 -33.16 -15.69
CA TYR C 175 58.77 -33.59 -16.50
C TYR C 175 59.21 -34.54 -17.63
N GLU C 176 60.38 -34.25 -18.23
N GLU C 176 60.37 -34.28 -18.25
CA GLU C 176 60.93 -35.12 -19.28
CA GLU C 176 60.88 -35.17 -19.30
C GLU C 176 61.15 -36.54 -18.73
C GLU C 176 61.09 -36.58 -18.72
N ASP C 177 61.75 -36.64 -17.54
CA ASP C 177 62.07 -37.95 -16.96
C ASP C 177 60.77 -38.66 -16.55
N PHE C 178 59.78 -37.89 -15.98
CA PHE C 178 58.49 -38.45 -15.61
C PHE C 178 57.78 -39.08 -16.83
N THR C 179 57.74 -38.36 -17.95
CA THR C 179 57.07 -38.82 -19.17
C THR C 179 57.67 -40.16 -19.62
N ALA C 180 59.02 -40.25 -19.67
CA ALA C 180 59.61 -41.52 -20.11
C ALA C 180 59.27 -42.68 -19.18
N LEU C 181 59.32 -42.48 -17.85
CA LEU C 181 59.05 -43.56 -16.89
C LEU C 181 57.57 -43.98 -16.96
N SER C 182 56.67 -42.99 -17.08
CA SER C 182 55.23 -43.30 -17.17
C SER C 182 54.96 -44.19 -18.38
N ASN C 183 55.52 -43.81 -19.53
CA ASN C 183 55.26 -44.58 -20.75
C ASN C 183 55.80 -46.00 -20.59
N GLU C 184 57.02 -46.12 -20.03
N GLU C 184 57.02 -46.09 -20.02
CA GLU C 184 57.63 -47.44 -19.87
CA GLU C 184 57.69 -47.37 -19.80
C GLU C 184 56.71 -48.35 -19.05
C GLU C 184 56.75 -48.32 -19.05
N ALA C 185 56.13 -47.80 -17.98
CA ALA C 185 55.19 -48.50 -17.09
C ALA C 185 53.94 -49.02 -17.82
N TYR C 186 53.22 -48.14 -18.55
CA TYR C 186 51.93 -48.46 -19.14
C TYR C 186 52.11 -49.29 -20.42
N LYS C 187 53.27 -49.21 -21.08
CA LYS C 187 53.52 -50.11 -22.22
C LYS C 187 53.43 -51.57 -21.79
N GLN C 188 53.81 -51.87 -20.54
CA GLN C 188 53.76 -53.26 -20.10
C GLN C 188 52.34 -53.72 -19.76
N ASP C 189 51.37 -52.79 -19.71
CA ASP C 189 49.98 -53.16 -19.57
C ASP C 189 49.35 -53.27 -20.95
N GLY C 190 50.15 -53.06 -22.02
CA GLY C 190 49.70 -53.22 -23.40
C GLY C 190 49.21 -51.93 -24.10
N PHE C 191 49.38 -50.75 -23.47
CA PHE C 191 49.07 -49.43 -24.06
C PHE C 191 50.26 -48.87 -24.88
N THR C 192 49.99 -48.22 -26.00
CA THR C 192 51.04 -47.61 -26.81
C THR C 192 51.80 -46.50 -26.06
N ASP C 193 51.08 -45.79 -25.17
CA ASP C 193 51.61 -44.72 -24.36
C ASP C 193 50.61 -44.40 -23.24
N THR C 194 51.04 -43.56 -22.30
CA THR C 194 50.21 -43.26 -21.13
C THR C 194 48.87 -42.61 -21.57
N GLY C 195 48.93 -41.70 -22.53
CA GLY C 195 47.69 -41.06 -23.03
C GLY C 195 46.66 -42.06 -23.55
N ALA C 196 47.09 -43.13 -24.21
CA ALA C 196 46.12 -44.15 -24.61
C ALA C 196 45.49 -44.80 -23.39
N TYR C 197 46.25 -45.01 -22.30
CA TYR C 197 45.64 -45.57 -21.10
C TYR C 197 44.60 -44.55 -20.57
N TRP C 198 44.99 -43.27 -20.45
CA TRP C 198 44.03 -42.29 -19.93
C TRP C 198 42.74 -42.27 -20.78
N ARG C 199 42.85 -42.32 -22.12
CA ARG C 199 41.65 -42.22 -22.97
C ARG C 199 40.80 -43.51 -22.86
N SER C 200 41.43 -44.67 -22.55
CA SER C 200 40.71 -45.94 -22.39
C SER C 200 39.60 -45.90 -21.33
N TRP C 201 39.68 -45.01 -20.34
CA TRP C 201 38.70 -44.96 -19.26
C TRP C 201 37.29 -44.64 -19.80
N TYR C 202 37.19 -43.94 -20.95
CA TYR C 202 35.90 -43.57 -21.55
C TYR C 202 35.29 -44.69 -22.40
N ASN C 203 36.06 -45.77 -22.65
CA ASN C 203 35.50 -46.97 -23.30
C ASN C 203 34.70 -46.62 -24.55
N SER C 204 35.34 -45.84 -25.44
CA SER C 204 34.65 -45.39 -26.64
C SER C 204 35.61 -45.35 -27.82
N PRO C 205 35.47 -46.20 -28.87
CA PRO C 205 36.45 -46.20 -29.97
C PRO C 205 36.50 -44.92 -30.80
N THR C 206 35.46 -44.08 -30.71
CA THR C 206 35.42 -42.87 -31.51
C THR C 206 35.62 -41.62 -30.61
N PHE C 207 36.17 -41.78 -29.39
CA PHE C 207 36.33 -40.69 -28.40
C PHE C 207 36.89 -39.39 -29.01
N GLU C 208 38.03 -39.44 -29.69
CA GLU C 208 38.69 -38.19 -30.13
C GLU C 208 37.90 -37.50 -31.24
N ASP C 209 37.34 -38.27 -32.18
CA ASP C 209 36.47 -37.72 -33.21
C ASP C 209 35.23 -37.08 -32.60
N ASP C 210 34.61 -37.76 -31.62
CA ASP C 210 33.39 -37.22 -31.01
C ASP C 210 33.68 -35.90 -30.29
N LEU C 211 34.82 -35.78 -29.54
CA LEU C 211 35.19 -34.50 -28.95
C LEU C 211 35.36 -33.40 -30.01
N GLU C 212 36.02 -33.76 -31.14
CA GLU C 212 36.27 -32.78 -32.20
C GLU C 212 34.97 -32.23 -32.75
N HIS C 213 33.97 -33.09 -32.97
CA HIS C 213 32.66 -32.68 -33.49
C HIS C 213 31.94 -31.79 -32.48
N LEU C 214 32.06 -32.11 -31.16
CA LEU C 214 31.45 -31.23 -30.14
C LEU C 214 32.09 -29.85 -30.25
N TYR C 215 33.44 -29.77 -30.31
CA TYR C 215 34.12 -28.47 -30.34
C TYR C 215 33.66 -27.66 -31.57
N GLN C 216 33.48 -28.32 -32.75
CA GLN C 216 33.03 -27.61 -33.96
C GLN C 216 31.72 -26.87 -33.71
N GLN C 217 30.80 -27.46 -32.92
CA GLN C 217 29.51 -26.81 -32.65
C GLN C 217 29.62 -25.66 -31.66
N LEU C 218 30.64 -25.71 -30.79
CA LEU C 218 30.79 -24.72 -29.71
C LEU C 218 31.68 -23.55 -30.14
N GLU C 219 32.55 -23.74 -31.16
CA GLU C 219 33.56 -22.72 -31.50
C GLU C 219 32.90 -21.38 -31.88
N PRO C 220 31.80 -21.31 -32.67
CA PRO C 220 31.23 -19.99 -32.99
C PRO C 220 30.86 -19.17 -31.75
N LEU C 221 30.37 -19.82 -30.67
CA LEU C 221 30.01 -19.10 -29.45
C LEU C 221 31.28 -18.49 -28.87
N TYR C 222 32.37 -19.28 -28.76
CA TYR C 222 33.62 -18.74 -28.24
C TYR C 222 34.12 -17.57 -29.12
N LEU C 223 34.08 -17.72 -30.46
CA LEU C 223 34.68 -16.65 -31.30
C LEU C 223 33.95 -15.32 -31.09
N ASN C 224 32.63 -15.40 -30.90
CA ASN C 224 31.84 -14.18 -30.70
C ASN C 224 32.11 -13.57 -29.33
N LEU C 225 32.20 -14.44 -28.27
CA LEU C 225 32.55 -13.91 -26.94
C LEU C 225 33.92 -13.24 -26.93
N HIS C 226 34.90 -13.90 -27.60
CA HIS C 226 36.26 -13.38 -27.70
C HIS C 226 36.29 -11.98 -28.35
N ALA C 227 35.61 -11.82 -29.50
CA ALA C 227 35.65 -10.53 -30.19
C ALA C 227 35.00 -9.41 -29.34
N PHE C 228 33.90 -9.72 -28.65
CA PHE C 228 33.18 -8.74 -27.83
C PHE C 228 34.09 -8.31 -26.65
N VAL C 229 34.79 -9.25 -26.00
CA VAL C 229 35.67 -8.96 -24.85
C VAL C 229 36.92 -8.19 -25.33
N ARG C 230 37.52 -8.61 -26.49
CA ARG C 230 38.70 -7.92 -27.02
C ARG C 230 38.40 -6.43 -27.25
N ARG C 231 37.21 -6.12 -27.78
CA ARG C 231 36.73 -4.75 -27.99
C ARG C 231 36.69 -3.99 -26.65
N ALA C 232 36.19 -4.64 -25.58
CA ALA C 232 36.11 -4.00 -24.25
C ALA C 232 37.53 -3.69 -23.74
N LEU C 233 38.46 -4.65 -23.88
CA LEU C 233 39.86 -4.46 -23.48
C LEU C 233 40.54 -3.34 -24.27
N HIS C 234 40.19 -3.20 -25.56
CA HIS C 234 40.74 -2.10 -26.36
C HIS C 234 40.31 -0.74 -25.79
N ARG C 235 39.08 -0.60 -25.29
N ARG C 235 39.06 -0.61 -25.30
CA ARG C 235 38.68 0.71 -24.77
CA ARG C 235 38.58 0.63 -24.70
C ARG C 235 39.42 1.01 -23.45
C ARG C 235 39.43 0.98 -23.48
N ARG C 236 39.78 -0.02 -22.68
CA ARG C 236 40.57 0.17 -21.46
C ARG C 236 42.07 0.42 -21.74
N TYR C 237 42.71 -0.42 -22.60
CA TYR C 237 44.16 -0.45 -22.69
C TYR C 237 44.72 0.26 -23.92
N GLY C 238 43.88 0.47 -24.95
CA GLY C 238 44.27 1.26 -26.12
C GLY C 238 44.93 0.43 -27.22
N ASP C 239 45.11 1.09 -28.36
CA ASP C 239 45.70 0.52 -29.56
C ASP C 239 47.12 -0.02 -29.32
N ARG C 240 47.91 0.59 -28.44
CA ARG C 240 49.26 0.07 -28.17
C ARG C 240 49.23 -1.41 -27.73
N TYR C 241 48.26 -1.80 -26.91
CA TYR C 241 48.36 -3.10 -26.22
C TYR C 241 47.29 -4.09 -26.64
N ILE C 242 46.33 -3.63 -27.46
CA ILE C 242 45.26 -4.49 -27.97
C ILE C 242 45.20 -4.30 -29.48
N ASN C 243 45.32 -5.43 -30.21
CA ASN C 243 45.20 -5.45 -31.66
C ASN C 243 43.81 -6.03 -31.99
N LEU C 244 42.93 -5.23 -32.63
CA LEU C 244 41.56 -5.70 -32.84
C LEU C 244 41.50 -6.84 -33.86
N ARG C 245 42.63 -7.15 -34.53
CA ARG C 245 42.64 -8.23 -35.55
C ARG C 245 43.64 -9.31 -35.12
N GLY C 246 44.08 -9.30 -33.84
CA GLY C 246 45.11 -10.24 -33.40
C GLY C 246 44.78 -10.93 -32.08
N PRO C 247 45.66 -11.83 -31.55
CA PRO C 247 45.41 -12.56 -30.29
C PRO C 247 45.45 -11.60 -29.10
N ILE C 248 44.61 -11.88 -28.06
CA ILE C 248 44.58 -11.07 -26.83
C ILE C 248 45.80 -11.39 -25.97
N PRO C 249 46.55 -10.42 -25.40
CA PRO C 249 47.62 -10.75 -24.47
C PRO C 249 47.15 -11.58 -23.27
N ALA C 250 47.94 -12.62 -22.90
CA ALA C 250 47.43 -13.72 -22.06
C ALA C 250 47.28 -13.35 -20.57
N HIS C 251 47.62 -12.12 -20.17
CA HIS C 251 47.53 -11.75 -18.74
C HIS C 251 46.35 -10.81 -18.46
N LEU C 252 45.48 -10.52 -19.47
CA LEU C 252 44.47 -9.44 -19.28
C LEU C 252 43.02 -9.91 -19.04
N LEU C 253 42.83 -11.23 -18.85
CA LEU C 253 41.51 -11.85 -18.90
C LEU C 253 40.99 -12.27 -17.51
N GLY C 254 41.67 -11.85 -16.44
CA GLY C 254 41.16 -12.02 -15.06
C GLY C 254 41.71 -13.23 -14.27
N ASP C 255 42.52 -14.08 -14.94
CA ASP C 255 42.90 -15.42 -14.52
C ASP C 255 44.34 -15.68 -15.03
N MET C 256 45.16 -16.36 -14.21
CA MET C 256 46.56 -16.60 -14.57
C MET C 256 46.71 -17.41 -15.88
N TRP C 257 45.75 -18.28 -16.20
CA TRP C 257 45.81 -19.12 -17.40
C TRP C 257 44.87 -18.62 -18.50
N ALA C 258 44.20 -17.46 -18.30
CA ALA C 258 43.18 -16.93 -19.21
C ALA C 258 42.09 -17.99 -19.44
N GLN C 259 41.80 -18.83 -18.41
CA GLN C 259 40.94 -19.98 -18.66
C GLN C 259 39.46 -19.67 -18.42
N SER C 260 39.19 -18.65 -17.60
CA SER C 260 37.81 -18.18 -17.48
C SER C 260 37.86 -16.72 -17.07
N TRP C 261 36.80 -15.99 -17.50
CA TRP C 261 36.94 -14.54 -17.61
C TRP C 261 35.97 -13.81 -16.69
N GLU C 262 35.37 -14.51 -15.72
CA GLU C 262 34.33 -13.83 -14.95
C GLU C 262 34.90 -12.69 -14.10
N ASN C 263 36.22 -12.69 -13.80
CA ASN C 263 36.78 -11.63 -12.95
C ASN C 263 36.90 -10.29 -13.67
N ILE C 264 36.73 -10.25 -15.02
CA ILE C 264 36.61 -8.99 -15.76
C ILE C 264 35.16 -8.61 -16.10
N TYR C 265 34.13 -9.28 -15.52
CA TYR C 265 32.74 -8.91 -15.75
C TYR C 265 32.47 -7.40 -15.59
N ASP C 266 33.13 -6.74 -14.63
CA ASP C 266 32.81 -5.33 -14.37
C ASP C 266 33.28 -4.44 -15.52
N MET C 267 34.19 -4.94 -16.38
CA MET C 267 34.66 -4.17 -17.53
C MET C 267 33.76 -4.35 -18.75
N VAL C 268 33.05 -5.49 -18.83
CA VAL C 268 32.40 -5.86 -20.10
C VAL C 268 30.87 -5.93 -19.95
N VAL C 269 30.34 -5.75 -18.73
CA VAL C 269 28.93 -5.90 -18.43
C VAL C 269 28.08 -5.12 -19.46
N PRO C 270 27.20 -5.82 -20.22
CA PRO C 270 26.33 -5.16 -21.22
C PRO C 270 25.50 -3.98 -20.73
N PHE C 271 24.76 -4.13 -19.62
CA PHE C 271 23.89 -3.07 -19.08
C PHE C 271 24.36 -2.64 -17.69
N PRO C 272 25.41 -1.77 -17.62
CA PRO C 272 26.05 -1.40 -16.35
C PRO C 272 25.12 -0.75 -15.34
N ASP C 273 23.94 -0.27 -15.78
CA ASP C 273 23.00 0.44 -14.91
C ASP C 273 22.12 -0.45 -14.03
N LYS C 274 22.08 -1.77 -14.26
CA LYS C 274 21.22 -2.69 -13.52
C LYS C 274 21.93 -3.18 -12.26
N PRO C 275 21.31 -3.99 -11.36
CA PRO C 275 21.99 -4.44 -10.14
C PRO C 275 23.19 -5.35 -10.43
N ASN C 276 24.18 -5.33 -9.53
CA ASN C 276 25.43 -6.05 -9.70
C ASN C 276 25.22 -7.54 -9.41
N LEU C 277 25.38 -8.39 -10.45
CA LEU C 277 25.20 -9.82 -10.30
C LEU C 277 26.43 -10.50 -9.66
N ASP C 278 27.56 -9.79 -9.48
CA ASP C 278 28.65 -10.34 -8.67
C ASP C 278 28.42 -10.01 -7.20
N VAL C 279 28.10 -11.03 -6.39
CA VAL C 279 27.69 -10.83 -5.00
C VAL C 279 28.89 -10.82 -4.00
N THR C 280 30.13 -10.81 -4.50
CA THR C 280 31.28 -10.89 -3.59
C THR C 280 31.27 -9.73 -2.58
N SER C 281 31.04 -8.51 -3.04
CA SER C 281 31.15 -7.42 -2.08
C SER C 281 30.04 -7.52 -1.01
N THR C 282 28.85 -8.06 -1.36
CA THR C 282 27.82 -8.30 -0.34
C THR C 282 28.21 -9.40 0.66
N MET C 283 28.91 -10.46 0.19
CA MET C 283 29.39 -11.52 1.10
C MET C 283 30.34 -10.93 2.12
N LEU C 284 31.22 -10.02 1.64
CA LEU C 284 32.19 -9.38 2.53
C LEU C 284 31.50 -8.43 3.52
N GLN C 285 30.52 -7.65 3.05
CA GLN C 285 29.86 -6.70 3.94
C GLN C 285 29.08 -7.45 5.03
N GLN C 286 28.51 -8.62 4.68
CA GLN C 286 27.78 -9.45 5.63
C GLN C 286 28.67 -10.30 6.55
N GLY C 287 29.98 -10.34 6.34
CA GLY C 287 30.84 -11.12 7.24
C GLY C 287 30.86 -12.64 6.98
N TRP C 288 30.58 -13.10 5.75
CA TRP C 288 30.72 -14.53 5.46
C TRP C 288 32.17 -14.99 5.68
N GLN C 289 32.31 -16.25 6.13
N GLN C 289 32.29 -16.25 6.12
CA GLN C 289 33.60 -16.90 6.25
CA GLN C 289 33.58 -16.92 6.29
C GLN C 289 33.51 -18.30 5.66
C GLN C 289 33.50 -18.31 5.67
N ALA C 290 34.65 -19.01 5.59
CA ALA C 290 34.65 -20.35 4.96
C ALA C 290 33.60 -21.30 5.53
N THR C 291 33.44 -21.30 6.86
CA THR C 291 32.45 -22.16 7.53
C THR C 291 31.02 -21.90 7.04
N HIS C 292 30.61 -20.63 6.94
CA HIS C 292 29.29 -20.30 6.40
C HIS C 292 29.13 -20.85 4.99
N MET C 293 30.20 -20.68 4.15
CA MET C 293 30.12 -21.12 2.75
C MET C 293 29.89 -22.64 2.67
N PHE C 294 30.64 -23.41 3.49
CA PHE C 294 30.49 -24.85 3.52
C PHE C 294 29.12 -25.27 4.07
N ARG C 295 28.63 -24.59 5.10
CA ARG C 295 27.29 -24.95 5.64
C ARG C 295 26.14 -24.62 4.65
N VAL C 296 26.27 -23.49 3.93
CA VAL C 296 25.27 -23.14 2.92
C VAL C 296 25.25 -24.16 1.75
N ALA C 297 26.43 -24.55 1.22
CA ALA C 297 26.56 -25.65 0.26
C ALA C 297 25.89 -26.92 0.81
N GLU C 298 26.19 -27.29 2.05
CA GLU C 298 25.66 -28.53 2.61
C GLU C 298 24.12 -28.51 2.62
N GLU C 299 23.52 -27.37 2.95
CA GLU C 299 22.06 -27.30 3.09
C GLU C 299 21.37 -27.41 1.72
N PHE C 300 22.03 -26.95 0.63
CA PHE C 300 21.48 -27.28 -0.71
C PHE C 300 21.42 -28.80 -0.95
N PHE C 301 22.50 -29.55 -0.64
CA PHE C 301 22.43 -31.01 -0.82
C PHE C 301 21.31 -31.67 0.01
N THR C 302 21.18 -31.25 1.29
CA THR C 302 20.14 -31.81 2.16
C THR C 302 18.73 -31.40 1.67
N SER C 303 18.59 -30.25 0.98
CA SER C 303 17.26 -29.83 0.50
C SER C 303 16.76 -30.81 -0.58
N LEU C 304 17.71 -31.51 -1.22
CA LEU C 304 17.41 -32.52 -2.26
C LEU C 304 17.26 -33.90 -1.62
N GLU C 305 17.31 -33.98 -0.28
CA GLU C 305 17.40 -35.26 0.45
C GLU C 305 18.62 -36.10 0.05
N LEU C 306 19.76 -35.44 -0.21
CA LEU C 306 21.04 -36.13 -0.27
C LEU C 306 21.67 -36.02 1.14
N SER C 307 22.85 -36.60 1.34
CA SER C 307 23.43 -36.77 2.68
C SER C 307 24.08 -35.47 3.16
N PRO C 308 23.97 -35.17 4.48
CA PRO C 308 24.79 -34.10 5.08
C PRO C 308 26.25 -34.57 5.17
N MET C 309 27.14 -33.65 5.51
CA MET C 309 28.56 -34.01 5.74
C MET C 309 28.63 -34.67 7.12
N PRO C 310 29.37 -35.80 7.32
CA PRO C 310 29.46 -36.42 8.66
C PRO C 310 30.44 -35.73 9.63
N PRO C 311 30.37 -36.06 10.93
CA PRO C 311 31.28 -35.50 11.95
C PRO C 311 32.76 -35.55 11.54
N GLU C 312 33.16 -36.67 10.93
CA GLU C 312 34.58 -36.81 10.55
C GLU C 312 35.01 -35.79 9.47
N PHE C 313 34.08 -35.34 8.62
CA PHE C 313 34.35 -34.29 7.64
C PHE C 313 34.66 -32.97 8.35
N TRP C 314 33.82 -32.54 9.32
CA TRP C 314 34.06 -31.26 9.99
C TRP C 314 35.31 -31.33 10.85
N GLU C 315 35.51 -32.46 11.55
CA GLU C 315 36.66 -32.56 12.44
C GLU C 315 37.97 -32.59 11.64
N GLY C 316 37.97 -33.28 10.49
CA GLY C 316 39.21 -33.53 9.75
C GLY C 316 39.64 -32.55 8.64
N SER C 317 38.69 -31.80 8.01
CA SER C 317 38.95 -30.97 6.84
C SER C 317 39.91 -29.79 7.15
N MET C 318 40.59 -29.27 6.10
CA MET C 318 41.35 -28.01 6.18
C MET C 318 40.59 -27.01 5.30
N LEU C 319 39.85 -26.06 5.92
CA LEU C 319 38.96 -25.20 5.12
C LEU C 319 39.50 -23.78 4.92
N GLU C 320 40.67 -23.44 5.49
CA GLU C 320 41.38 -22.19 5.21
C GLU C 320 42.88 -22.51 5.05
N LYS C 321 43.63 -21.65 4.34
CA LYS C 321 45.10 -21.70 4.32
C LYS C 321 45.67 -21.51 5.74
N PRO C 322 46.55 -22.43 6.21
CA PRO C 322 47.11 -22.32 7.55
C PRO C 322 47.88 -21.03 7.75
N ALA C 323 47.76 -20.47 8.95
CA ALA C 323 48.35 -19.18 9.24
C ALA C 323 49.70 -19.32 9.96
N ASP C 324 50.16 -20.58 10.16
CA ASP C 324 51.36 -20.85 10.96
C ASP C 324 52.62 -20.91 10.08
N GLY C 325 52.49 -20.62 8.78
CA GLY C 325 53.65 -20.58 7.89
C GLY C 325 54.05 -21.93 7.27
N ARG C 326 53.28 -23.01 7.51
CA ARG C 326 53.48 -24.27 6.84
C ARG C 326 53.27 -24.01 5.34
N GLU C 327 54.01 -24.74 4.49
CA GLU C 327 53.67 -24.76 3.08
C GLU C 327 52.62 -25.85 2.89
N VAL C 328 51.62 -25.58 2.02
CA VAL C 328 50.57 -26.56 1.66
C VAL C 328 50.32 -26.54 0.16
N VAL C 329 49.74 -27.65 -0.36
CA VAL C 329 49.12 -27.62 -1.66
C VAL C 329 47.79 -26.86 -1.54
N CYS C 330 47.69 -25.65 -2.12
CA CYS C 330 46.43 -24.90 -2.01
C CYS C 330 45.38 -25.37 -3.00
N HIS C 331 45.76 -25.87 -4.20
CA HIS C 331 44.72 -26.22 -5.18
C HIS C 331 43.71 -27.21 -4.58
N ALA C 332 42.41 -26.94 -4.67
CA ALA C 332 41.43 -27.64 -3.81
C ALA C 332 41.28 -29.12 -4.21
N SER C 333 40.91 -29.99 -3.23
CA SER C 333 40.67 -31.39 -3.53
C SER C 333 39.84 -32.03 -2.41
N ALA C 334 39.21 -33.17 -2.76
CA ALA C 334 38.33 -33.90 -1.86
C ALA C 334 38.88 -35.34 -1.70
N TRP C 335 38.87 -35.87 -0.45
CA TRP C 335 39.67 -37.03 -0.06
C TRP C 335 38.74 -38.15 0.42
N ASP C 336 38.84 -39.34 -0.23
CA ASP C 336 38.23 -40.56 0.30
C ASP C 336 39.33 -41.49 0.88
N PHE C 337 39.23 -41.81 2.18
CA PHE C 337 40.27 -42.62 2.83
C PHE C 337 40.00 -44.12 2.63
N TYR C 338 38.92 -44.48 1.91
CA TYR C 338 38.65 -45.89 1.60
C TYR C 338 38.31 -46.71 2.85
N ASN C 339 37.84 -46.06 3.94
CA ASN C 339 37.43 -46.83 5.13
C ASN C 339 35.94 -46.69 5.42
N ARG C 340 35.17 -46.07 4.51
CA ARG C 340 33.74 -45.89 4.72
C ARG C 340 33.42 -44.87 5.83
N LYS C 341 34.44 -44.19 6.38
CA LYS C 341 34.25 -43.33 7.55
C LYS C 341 34.83 -41.94 7.39
N ASP C 342 36.12 -41.86 7.01
CA ASP C 342 36.87 -40.60 6.86
C ASP C 342 36.76 -40.02 5.45
N PHE C 343 36.28 -38.73 5.34
CA PHE C 343 36.13 -38.02 4.08
C PHE C 343 36.39 -36.55 4.38
N ARG C 344 37.22 -35.87 3.56
CA ARG C 344 37.73 -34.55 3.92
C ARG C 344 37.88 -33.67 2.68
N ILE C 345 37.75 -32.33 2.87
CA ILE C 345 38.17 -31.37 1.83
C ILE C 345 39.41 -30.62 2.32
N LYS C 346 40.32 -30.31 1.38
CA LYS C 346 41.47 -29.43 1.65
C LYS C 346 41.34 -28.24 0.68
N GLN C 347 40.92 -27.05 1.16
CA GLN C 347 40.73 -25.89 0.27
C GLN C 347 41.29 -24.63 0.99
N CYS C 348 42.10 -23.78 0.30
CA CYS C 348 42.50 -22.47 0.86
C CYS C 348 41.41 -21.41 0.61
N THR C 349 40.23 -21.60 1.24
CA THR C 349 39.02 -20.89 0.84
C THR C 349 39.17 -19.39 1.04
N ARG C 350 38.75 -18.61 0.01
CA ARG C 350 38.67 -17.15 0.09
C ARG C 350 37.19 -16.76 -0.01
N VAL C 351 36.80 -15.60 0.55
CA VAL C 351 35.41 -15.16 0.53
C VAL C 351 35.10 -14.38 -0.78
N THR C 352 34.69 -15.12 -1.84
CA THR C 352 34.27 -14.54 -3.10
C THR C 352 33.12 -15.39 -3.69
N MET C 353 32.43 -14.83 -4.70
CA MET C 353 31.36 -15.55 -5.36
C MET C 353 31.93 -16.77 -6.11
N ASP C 354 33.07 -16.60 -6.80
CA ASP C 354 33.66 -17.73 -7.54
C ASP C 354 34.12 -18.87 -6.62
N GLN C 355 34.58 -18.52 -5.41
CA GLN C 355 34.95 -19.53 -4.42
C GLN C 355 33.72 -20.22 -3.83
N LEU C 356 32.56 -19.55 -3.75
CA LEU C 356 31.35 -20.27 -3.32
C LEU C 356 31.06 -21.40 -4.32
N SER C 357 31.25 -21.14 -5.62
N SER C 357 31.24 -21.12 -5.62
CA SER C 357 31.04 -22.20 -6.62
CA SER C 357 31.07 -22.17 -6.64
C SER C 357 32.06 -23.34 -6.48
C SER C 357 32.05 -23.32 -6.42
N THR C 358 33.34 -23.01 -6.25
CA THR C 358 34.36 -24.07 -6.03
C THR C 358 34.00 -24.90 -4.77
N VAL C 359 33.50 -24.27 -3.69
CA VAL C 359 33.01 -25.05 -2.52
C VAL C 359 31.95 -26.10 -2.93
N HIS C 360 30.99 -25.70 -3.78
CA HIS C 360 30.01 -26.67 -4.29
C HIS C 360 30.66 -27.78 -5.14
N HIS C 361 31.60 -27.40 -5.99
CA HIS C 361 32.34 -28.36 -6.84
C HIS C 361 33.04 -29.42 -5.97
N GLU C 362 33.75 -29.02 -4.90
CA GLU C 362 34.37 -30.05 -4.03
C GLU C 362 33.35 -30.87 -3.23
N MET C 363 32.29 -30.19 -2.75
CA MET C 363 31.31 -30.93 -1.94
C MET C 363 30.55 -31.94 -2.82
N GLY C 364 30.50 -31.73 -4.14
CA GLY C 364 29.85 -32.72 -5.03
C GLY C 364 30.71 -34.00 -5.11
N HIS C 365 32.06 -33.83 -5.10
CA HIS C 365 32.93 -35.01 -5.05
C HIS C 365 32.73 -35.79 -3.74
N ILE C 366 32.62 -35.05 -2.60
CA ILE C 366 32.34 -35.73 -1.31
C ILE C 366 31.01 -36.47 -1.35
N GLN C 367 29.96 -35.83 -1.91
CA GLN C 367 28.67 -36.52 -1.93
C GLN C 367 28.75 -37.81 -2.72
N TYR C 368 29.48 -37.81 -3.85
CA TYR C 368 29.70 -39.05 -4.61
C TYR C 368 30.31 -40.13 -3.69
N TYR C 369 31.36 -39.78 -2.92
CA TYR C 369 32.01 -40.75 -2.02
C TYR C 369 31.01 -41.36 -1.03
N LEU C 370 30.18 -40.49 -0.39
CA LEU C 370 29.24 -40.94 0.65
C LEU C 370 28.25 -41.93 0.02
N GLN C 371 27.85 -41.65 -1.25
CA GLN C 371 26.78 -42.46 -1.88
C GLN C 371 27.28 -43.83 -2.37
N TYR C 372 28.54 -43.90 -2.80
CA TYR C 372 29.03 -45.20 -3.29
C TYR C 372 29.96 -45.97 -2.31
N LYS C 373 29.98 -45.59 -1.01
CA LYS C 373 30.98 -46.13 -0.07
C LYS C 373 30.79 -47.63 0.19
N ASP C 374 29.61 -48.20 -0.15
CA ASP C 374 29.40 -49.61 0.14
C ASP C 374 29.63 -50.50 -1.09
N LEU C 375 30.05 -49.94 -2.22
CA LEU C 375 30.52 -50.78 -3.32
C LEU C 375 31.90 -51.41 -3.02
N PRO C 376 32.26 -52.46 -3.79
CA PRO C 376 33.63 -52.96 -3.81
C PRO C 376 34.58 -51.79 -4.18
N VAL C 377 35.72 -51.78 -3.49
CA VAL C 377 36.68 -50.69 -3.49
C VAL C 377 37.11 -50.26 -4.90
N SER C 378 37.25 -51.23 -5.84
CA SER C 378 37.66 -50.92 -7.21
C SER C 378 36.59 -50.14 -7.97
N LEU C 379 35.34 -50.13 -7.45
CA LEU C 379 34.22 -49.49 -8.18
C LEU C 379 33.80 -48.15 -7.54
N ARG C 380 34.57 -47.69 -6.52
CA ARG C 380 34.38 -46.41 -5.82
C ARG C 380 35.02 -45.29 -6.65
N ARG C 381 34.41 -44.98 -7.82
CA ARG C 381 34.92 -44.07 -8.86
C ARG C 381 33.67 -43.54 -9.57
N GLY C 382 33.82 -42.48 -10.37
CA GLY C 382 32.70 -41.96 -11.15
C GLY C 382 32.36 -42.91 -12.31
N ALA C 383 31.16 -42.76 -12.92
CA ALA C 383 30.84 -43.51 -14.11
C ALA C 383 31.91 -43.28 -15.19
N ASN C 384 32.34 -42.04 -15.29
CA ASN C 384 33.65 -41.77 -15.90
C ASN C 384 34.18 -40.54 -15.17
N PRO C 385 35.44 -40.12 -15.38
CA PRO C 385 35.96 -38.99 -14.58
C PRO C 385 35.24 -37.67 -14.82
N GLY C 386 34.69 -37.45 -16.03
CA GLY C 386 33.85 -36.28 -16.29
C GLY C 386 32.62 -36.23 -15.38
N PHE C 387 31.94 -37.37 -15.11
CA PHE C 387 30.79 -37.36 -14.17
C PHE C 387 31.20 -36.82 -12.79
N HIS C 388 32.36 -37.26 -12.25
CA HIS C 388 32.82 -36.81 -10.93
C HIS C 388 32.96 -35.28 -10.94
N GLU C 389 33.60 -34.71 -12.00
CA GLU C 389 33.88 -33.26 -11.95
C GLU C 389 32.58 -32.45 -12.22
N ALA C 390 31.49 -33.05 -12.75
CA ALA C 390 30.27 -32.31 -13.08
C ALA C 390 29.29 -32.14 -11.88
N ILE C 391 29.30 -33.05 -10.87
CA ILE C 391 28.17 -33.11 -9.90
C ILE C 391 27.94 -31.77 -9.18
N GLY C 392 29.02 -31.26 -8.60
CA GLY C 392 28.95 -30.01 -7.82
C GLY C 392 28.64 -28.80 -8.70
N ASP C 393 29.20 -28.78 -9.92
CA ASP C 393 28.96 -27.64 -10.81
C ASP C 393 27.47 -27.53 -11.20
N VAL C 394 26.75 -28.67 -11.32
CA VAL C 394 25.33 -28.63 -11.66
C VAL C 394 24.58 -27.90 -10.52
N LEU C 395 24.85 -28.27 -9.23
CA LEU C 395 24.20 -27.51 -8.15
C LEU C 395 24.56 -26.03 -8.18
N ALA C 396 25.85 -25.71 -8.45
CA ALA C 396 26.27 -24.31 -8.52
C ALA C 396 25.53 -23.56 -9.66
N LEU C 397 25.04 -24.24 -10.72
CA LEU C 397 24.26 -23.51 -11.71
C LEU C 397 22.95 -22.99 -11.09
N SER C 398 22.33 -23.80 -10.23
CA SER C 398 21.09 -23.33 -9.60
C SER C 398 21.41 -22.19 -8.62
N VAL C 399 22.50 -22.34 -7.82
CA VAL C 399 22.84 -21.34 -6.79
C VAL C 399 23.07 -19.95 -7.39
N SER C 400 23.69 -19.86 -8.58
CA SER C 400 24.10 -18.62 -9.24
C SER C 400 22.90 -17.81 -9.74
N THR C 401 21.72 -18.40 -9.86
CA THR C 401 20.62 -17.65 -10.47
C THR C 401 20.24 -16.46 -9.58
N PRO C 402 19.83 -15.30 -10.17
CA PRO C 402 19.43 -14.15 -9.36
C PRO C 402 18.29 -14.50 -8.40
N GLU C 403 17.40 -15.39 -8.86
CA GLU C 403 16.31 -15.75 -7.94
C GLU C 403 16.81 -16.57 -6.73
N HIS C 404 17.78 -17.51 -6.90
CA HIS C 404 18.34 -18.23 -5.75
C HIS C 404 19.13 -17.29 -4.81
N LEU C 405 19.97 -16.41 -5.39
CA LEU C 405 20.80 -15.49 -4.63
C LEU C 405 19.88 -14.59 -3.77
N HIS C 406 18.75 -14.18 -4.33
CA HIS C 406 17.75 -13.48 -3.51
C HIS C 406 17.25 -14.32 -2.34
N LYS C 407 16.93 -15.61 -2.58
CA LYS C 407 16.46 -16.48 -1.52
C LYS C 407 17.46 -16.58 -0.35
N ILE C 408 18.75 -16.54 -0.62
CA ILE C 408 19.74 -16.73 0.42
C ILE C 408 20.31 -15.39 0.93
N GLY C 409 19.65 -14.27 0.63
CA GLY C 409 19.95 -12.97 1.25
C GLY C 409 21.13 -12.23 0.62
N LEU C 410 21.57 -12.61 -0.60
CA LEU C 410 22.74 -12.06 -1.30
C LEU C 410 22.42 -11.04 -2.40
N LEU C 411 21.14 -10.80 -2.72
CA LEU C 411 20.82 -9.93 -3.85
C LEU C 411 19.37 -9.46 -3.71
N ASP C 412 19.12 -8.15 -3.77
CA ASP C 412 17.73 -7.67 -3.91
C ASP C 412 17.07 -8.24 -5.17
N ARG C 413 15.74 -8.46 -5.12
CA ARG C 413 15.02 -9.04 -6.25
C ARG C 413 15.29 -8.21 -7.51
N VAL C 414 15.55 -8.87 -8.63
CA VAL C 414 15.87 -8.17 -9.88
C VAL C 414 14.59 -8.06 -10.67
N THR C 415 14.51 -7.06 -11.54
CA THR C 415 13.45 -7.05 -12.53
C THR C 415 13.74 -8.18 -13.53
N ASN C 416 12.70 -8.96 -13.86
CA ASN C 416 12.80 -10.03 -14.84
C ASN C 416 12.57 -9.44 -16.23
N ASP C 417 13.58 -8.74 -16.76
CA ASP C 417 13.47 -8.11 -18.08
C ASP C 417 14.61 -8.58 -18.99
N THR C 418 14.59 -8.10 -20.24
CA THR C 418 15.49 -8.52 -21.31
C THR C 418 16.92 -8.24 -20.92
N GLU C 419 17.15 -7.00 -20.41
CA GLU C 419 18.52 -6.54 -20.15
C GLU C 419 19.14 -7.32 -18.99
N SER C 420 18.38 -7.58 -17.90
CA SER C 420 18.87 -8.40 -16.79
C SER C 420 19.19 -9.83 -17.24
N ASP C 421 18.36 -10.41 -18.15
CA ASP C 421 18.64 -11.75 -18.68
C ASP C 421 20.01 -11.79 -19.41
N ILE C 422 20.23 -10.78 -20.27
CA ILE C 422 21.47 -10.70 -21.05
C ILE C 422 22.68 -10.53 -20.10
N ASN C 423 22.55 -9.68 -19.06
CA ASN C 423 23.66 -9.50 -18.11
C ASN C 423 24.03 -10.84 -17.45
N TYR C 424 23.02 -11.60 -17.01
CA TYR C 424 23.25 -12.88 -16.34
C TYR C 424 23.92 -13.88 -17.30
N LEU C 425 23.32 -13.99 -18.51
CA LEU C 425 23.84 -14.95 -19.47
C LEU C 425 25.28 -14.59 -19.90
N LEU C 426 25.59 -13.30 -20.00
CA LEU C 426 26.96 -12.89 -20.35
C LEU C 426 27.91 -13.27 -19.21
N LYS C 427 27.52 -13.01 -17.94
CA LYS C 427 28.41 -13.36 -16.82
C LYS C 427 28.68 -14.88 -16.82
N MET C 428 27.63 -15.69 -17.04
CA MET C 428 27.81 -17.14 -17.08
C MET C 428 28.64 -17.55 -18.30
N ALA C 429 28.54 -16.81 -19.43
CA ALA C 429 29.37 -17.19 -20.58
C ALA C 429 30.87 -16.98 -20.30
N LEU C 430 31.18 -15.88 -19.57
CA LEU C 430 32.56 -15.58 -19.18
C LEU C 430 33.13 -16.78 -18.38
N GLU C 431 32.28 -17.47 -17.60
CA GLU C 431 32.74 -18.57 -16.74
C GLU C 431 32.78 -19.89 -17.53
N LYS C 432 31.79 -20.13 -18.41
CA LYS C 432 31.60 -21.47 -19.00
C LYS C 432 32.09 -21.51 -20.46
N ILE C 433 31.75 -20.50 -21.29
N ILE C 433 31.73 -20.50 -21.28
CA ILE C 433 32.11 -20.54 -22.71
CA ILE C 433 32.08 -20.51 -22.71
C ILE C 433 33.60 -20.23 -22.91
C ILE C 433 33.58 -20.24 -22.89
N ALA C 434 34.12 -19.24 -22.20
CA ALA C 434 35.55 -18.93 -22.34
C ALA C 434 36.46 -20.12 -21.99
N PHE C 435 36.01 -21.05 -21.14
CA PHE C 435 36.82 -22.18 -20.67
C PHE C 435 36.95 -23.25 -21.77
N LEU C 436 35.93 -23.33 -22.65
CA LEU C 436 35.81 -24.50 -23.56
C LEU C 436 37.08 -24.75 -24.38
N PRO C 437 37.69 -23.77 -25.11
CA PRO C 437 38.95 -24.05 -25.80
C PRO C 437 40.09 -24.54 -24.89
N PHE C 438 40.19 -24.02 -23.63
CA PHE C 438 41.26 -24.42 -22.71
C PHE C 438 41.02 -25.83 -22.21
N GLY C 439 39.76 -26.13 -21.82
CA GLY C 439 39.38 -27.52 -21.47
C GLY C 439 39.72 -28.54 -22.55
N TYR C 440 39.57 -28.17 -23.85
CA TYR C 440 39.90 -29.06 -24.96
C TYR C 440 41.41 -29.13 -25.24
N LEU C 441 42.19 -28.05 -25.12
CA LEU C 441 43.57 -28.06 -25.64
C LEU C 441 44.58 -28.75 -24.71
N VAL C 442 44.34 -28.75 -23.38
CA VAL C 442 45.43 -29.10 -22.46
C VAL C 442 45.86 -30.56 -22.76
N ASP C 443 44.90 -31.48 -22.83
CA ASP C 443 45.27 -32.87 -23.16
C ASP C 443 45.59 -33.11 -24.64
N GLN C 444 45.16 -32.23 -25.57
N GLN C 444 45.17 -32.24 -25.58
CA GLN C 444 45.80 -32.33 -26.89
CA GLN C 444 45.79 -32.36 -26.89
C GLN C 444 47.32 -32.17 -26.76
C GLN C 444 47.31 -32.18 -26.76
N TRP C 445 47.74 -31.20 -25.96
CA TRP C 445 49.17 -30.98 -25.74
C TRP C 445 49.80 -32.23 -25.07
N ARG C 446 49.19 -32.69 -23.94
CA ARG C 446 49.82 -33.77 -23.20
C ARG C 446 49.79 -35.11 -23.99
N TRP C 447 48.69 -35.39 -24.71
CA TRP C 447 48.67 -36.62 -25.51
C TRP C 447 49.79 -36.61 -26.56
N GLY C 448 50.04 -35.46 -27.20
CA GLY C 448 51.19 -35.38 -28.11
C GLY C 448 52.58 -35.58 -27.45
N VAL C 449 52.74 -35.08 -26.22
CA VAL C 449 53.94 -35.38 -25.44
C VAL C 449 54.10 -36.88 -25.17
N PHE C 450 53.04 -37.52 -24.63
CA PHE C 450 53.11 -38.95 -24.33
C PHE C 450 53.39 -39.80 -25.59
N SER C 451 52.84 -39.41 -26.76
CA SER C 451 53.01 -40.22 -27.98
C SER C 451 54.37 -39.96 -28.64
N GLY C 452 55.12 -38.93 -28.17
CA GLY C 452 56.39 -38.63 -28.83
C GLY C 452 56.24 -37.67 -30.01
N ARG C 453 55.02 -37.28 -30.40
CA ARG C 453 54.82 -36.23 -31.39
C ARG C 453 55.41 -34.87 -30.98
N THR C 454 55.37 -34.58 -29.68
CA THR C 454 55.93 -33.36 -29.09
C THR C 454 57.14 -33.74 -28.19
N PRO C 455 58.41 -33.78 -28.71
CA PRO C 455 59.57 -34.09 -27.88
C PRO C 455 59.90 -32.87 -27.01
N PRO C 456 60.79 -32.99 -25.98
CA PRO C 456 61.19 -31.81 -25.16
C PRO C 456 61.59 -30.57 -25.94
N SER C 457 62.29 -30.75 -27.08
CA SER C 457 62.71 -29.66 -27.96
C SER C 457 61.52 -28.83 -28.52
N ARG C 458 60.26 -29.29 -28.37
CA ARG C 458 59.11 -28.47 -28.81
C ARG C 458 58.03 -28.31 -27.73
N TYR C 459 58.32 -28.61 -26.44
CA TYR C 459 57.24 -28.48 -25.43
C TYR C 459 56.55 -27.08 -25.47
N ASN C 460 57.35 -25.98 -25.54
CA ASN C 460 56.74 -24.66 -25.44
C ASN C 460 56.22 -24.18 -26.81
N PHE C 461 56.95 -24.47 -27.87
CA PHE C 461 56.47 -24.23 -29.26
C PHE C 461 55.07 -24.83 -29.52
N ASP C 462 54.85 -26.10 -29.14
CA ASP C 462 53.57 -26.77 -29.35
C ASP C 462 52.49 -26.30 -28.36
N TRP C 463 52.89 -25.96 -27.10
CA TRP C 463 51.94 -25.37 -26.14
C TRP C 463 51.38 -24.07 -26.72
N TRP C 464 52.26 -23.17 -27.20
CA TRP C 464 51.78 -21.87 -27.68
C TRP C 464 51.08 -21.98 -29.03
N TYR C 465 51.45 -22.93 -29.89
CA TYR C 465 50.65 -23.21 -31.09
C TYR C 465 49.18 -23.44 -30.70
N LEU C 466 48.98 -24.35 -29.72
CA LEU C 466 47.63 -24.75 -29.32
C LEU C 466 46.88 -23.60 -28.59
N ARG C 467 47.58 -22.90 -27.68
CA ARG C 467 46.98 -21.73 -26.99
C ARG C 467 46.46 -20.67 -27.98
N THR C 468 47.26 -20.32 -29.01
CA THR C 468 46.83 -19.37 -30.05
C THR C 468 45.72 -19.96 -30.96
N LYS C 469 45.91 -21.20 -31.46
CA LYS C 469 44.90 -21.84 -32.30
C LYS C 469 43.49 -21.82 -31.65
N TYR C 470 43.37 -22.29 -30.40
CA TYR C 470 42.04 -22.49 -29.78
C TYR C 470 41.59 -21.24 -29.02
N GLN C 471 42.44 -20.72 -28.11
CA GLN C 471 42.09 -19.57 -27.25
C GLN C 471 42.28 -18.20 -27.94
N GLY C 472 43.16 -18.06 -28.97
CA GLY C 472 43.33 -16.75 -29.60
C GLY C 472 43.95 -15.77 -28.59
N ILE C 473 44.97 -16.27 -27.84
CA ILE C 473 45.78 -15.42 -26.97
C ILE C 473 47.25 -15.55 -27.39
N CYS C 474 48.13 -14.65 -26.91
CA CYS C 474 49.55 -14.67 -27.21
C CYS C 474 50.28 -14.34 -25.89
N PRO C 475 51.54 -14.82 -25.70
CA PRO C 475 52.27 -14.47 -24.46
C PRO C 475 52.66 -13.00 -24.53
N PRO C 476 52.56 -12.26 -23.39
CA PRO C 476 52.86 -10.84 -23.41
C PRO C 476 54.34 -10.48 -23.31
N VAL C 477 55.23 -11.50 -23.18
CA VAL C 477 56.68 -11.37 -23.31
C VAL C 477 57.17 -12.54 -24.16
N THR C 478 58.33 -12.36 -24.83
CA THR C 478 58.91 -13.44 -25.64
C THR C 478 59.18 -14.68 -24.79
N ARG C 479 58.92 -15.87 -25.38
CA ARG C 479 59.24 -17.14 -24.74
C ARG C 479 60.17 -17.96 -25.64
N ASN C 480 60.94 -18.88 -25.05
CA ASN C 480 61.79 -19.83 -25.78
C ASN C 480 61.67 -21.22 -25.13
N GLU C 481 62.48 -22.20 -25.60
CA GLU C 481 62.33 -23.55 -25.04
C GLU C 481 62.96 -23.75 -23.65
N THR C 482 63.68 -22.75 -23.11
CA THR C 482 64.03 -22.76 -21.69
C THR C 482 62.77 -22.65 -20.84
N HIS C 483 61.80 -21.84 -21.31
CA HIS C 483 60.52 -21.72 -20.62
C HIS C 483 59.71 -23.03 -20.81
N PHE C 484 58.88 -23.37 -19.80
CA PHE C 484 57.99 -24.53 -19.84
C PHE C 484 56.63 -24.07 -19.28
N ASP C 485 55.87 -23.32 -20.12
CA ASP C 485 54.64 -22.66 -19.67
C ASP C 485 53.52 -23.64 -19.34
N ALA C 486 53.47 -24.83 -19.98
CA ALA C 486 52.49 -25.84 -19.51
C ALA C 486 52.74 -26.26 -18.04
N GLY C 487 54.02 -26.31 -17.59
CA GLY C 487 54.34 -26.70 -16.22
C GLY C 487 53.87 -25.70 -15.16
N ALA C 488 53.45 -24.48 -15.60
CA ALA C 488 52.97 -23.45 -14.67
C ALA C 488 51.46 -23.60 -14.38
N LYS C 489 50.82 -24.68 -14.89
CA LYS C 489 49.42 -25.01 -14.58
C LYS C 489 49.32 -26.27 -13.71
N PHE C 490 48.58 -26.22 -12.59
CA PHE C 490 48.58 -27.25 -11.52
C PHE C 490 48.62 -28.67 -12.09
N HIS C 491 47.67 -28.96 -12.98
CA HIS C 491 47.39 -30.32 -13.42
C HIS C 491 48.58 -31.00 -14.14
N VAL C 492 49.57 -30.23 -14.63
CA VAL C 492 50.68 -30.84 -15.37
C VAL C 492 51.69 -31.42 -14.36
N PRO C 493 52.38 -30.65 -13.47
CA PRO C 493 53.28 -31.28 -12.47
C PRO C 493 52.57 -32.22 -11.46
N ASN C 494 51.24 -32.01 -11.30
CA ASN C 494 50.45 -32.80 -10.35
C ASN C 494 49.79 -34.00 -11.03
N VAL C 495 50.11 -34.28 -12.32
CA VAL C 495 49.72 -35.45 -13.11
C VAL C 495 48.21 -35.75 -12.98
N THR C 496 47.36 -34.70 -13.13
CA THR C 496 45.91 -34.87 -13.13
C THR C 496 45.37 -34.69 -14.55
N PRO C 497 44.77 -35.72 -15.19
CA PRO C 497 44.23 -35.59 -16.55
C PRO C 497 43.24 -34.41 -16.64
N TYR C 498 43.07 -33.85 -17.87
CA TYR C 498 42.32 -32.63 -18.10
C TYR C 498 41.06 -32.80 -18.96
N ILE C 499 41.01 -33.82 -19.84
CA ILE C 499 39.86 -33.86 -20.79
C ILE C 499 38.52 -34.04 -20.04
N ARG C 500 38.59 -34.59 -18.80
CA ARG C 500 37.43 -34.64 -17.89
C ARG C 500 36.70 -33.28 -17.75
N TYR C 501 37.44 -32.17 -17.81
CA TYR C 501 36.81 -30.85 -17.64
C TYR C 501 36.03 -30.46 -18.90
N PHE C 502 36.57 -30.72 -20.12
CA PHE C 502 35.78 -30.46 -21.33
C PHE C 502 34.51 -31.34 -21.32
N VAL C 503 34.68 -32.64 -20.96
CA VAL C 503 33.51 -33.53 -20.81
C VAL C 503 32.50 -32.96 -19.80
N SER C 504 32.98 -32.56 -18.62
N SER C 504 32.98 -32.53 -18.64
CA SER C 504 32.12 -32.05 -17.55
CA SER C 504 32.09 -32.10 -17.58
C SER C 504 31.35 -30.80 -17.98
C SER C 504 31.39 -30.77 -17.91
N PHE C 505 32.02 -29.88 -18.68
CA PHE C 505 31.36 -28.60 -19.01
C PHE C 505 30.22 -28.79 -20.01
N VAL C 506 30.32 -29.84 -20.87
CA VAL C 506 29.16 -30.24 -21.67
C VAL C 506 28.12 -31.04 -20.86
N LEU C 507 28.56 -32.09 -20.11
CA LEU C 507 27.65 -32.96 -19.36
C LEU C 507 26.79 -32.15 -18.37
N GLN C 508 27.38 -31.15 -17.69
CA GLN C 508 26.65 -30.48 -16.61
C GLN C 508 25.37 -29.77 -17.10
N PHE C 509 25.35 -29.31 -18.39
CA PHE C 509 24.13 -28.71 -18.93
C PHE C 509 23.14 -29.83 -19.28
N GLN C 510 23.62 -31.03 -19.68
CA GLN C 510 22.71 -32.15 -19.91
C GLN C 510 22.01 -32.57 -18.60
N PHE C 511 22.80 -32.67 -17.53
CA PHE C 511 22.33 -32.97 -16.17
C PHE C 511 21.32 -31.91 -15.67
N HIS C 512 21.65 -30.62 -15.84
CA HIS C 512 20.80 -29.50 -15.43
C HIS C 512 19.43 -29.61 -16.11
N GLU C 513 19.46 -29.78 -17.43
CA GLU C 513 18.19 -29.90 -18.16
C GLU C 513 17.32 -31.06 -17.63
N ALA C 514 17.95 -32.22 -17.40
CA ALA C 514 17.17 -33.40 -17.00
C ALA C 514 16.64 -33.22 -15.56
N LEU C 515 17.43 -32.59 -14.67
CA LEU C 515 17.00 -32.44 -13.28
C LEU C 515 15.92 -31.34 -13.20
N CYS C 516 16.10 -30.27 -14.00
CA CYS C 516 15.03 -29.27 -14.12
C CYS C 516 13.68 -29.85 -14.58
N LYS C 517 13.68 -30.71 -15.62
CA LYS C 517 12.44 -31.35 -16.05
C LYS C 517 11.83 -32.25 -14.95
N GLU C 518 12.69 -33.03 -14.26
CA GLU C 518 12.22 -33.95 -13.22
C GLU C 518 11.62 -33.13 -12.05
N ALA C 519 12.12 -31.90 -11.83
CA ALA C 519 11.60 -31.01 -10.79
C ALA C 519 10.24 -30.41 -11.17
N GLY C 520 9.84 -30.55 -12.43
CA GLY C 520 8.56 -29.95 -12.84
C GLY C 520 8.65 -28.48 -13.22
N TYR C 521 9.87 -27.91 -13.34
CA TYR C 521 10.15 -26.55 -13.75
C TYR C 521 9.78 -26.33 -15.23
N GLU C 522 9.11 -25.20 -15.56
CA GLU C 522 8.57 -25.00 -16.89
C GLU C 522 9.02 -23.69 -17.56
N GLY C 523 9.85 -22.90 -16.87
CA GLY C 523 10.38 -21.64 -17.40
C GLY C 523 11.61 -21.84 -18.29
N PRO C 524 12.30 -20.74 -18.69
CA PRO C 524 13.56 -20.80 -19.44
C PRO C 524 14.61 -21.61 -18.67
N LEU C 525 15.38 -22.48 -19.35
CA LEU C 525 16.36 -23.34 -18.70
C LEU C 525 17.32 -22.53 -17.83
N HIS C 526 17.72 -21.33 -18.28
CA HIS C 526 18.74 -20.60 -17.56
C HIS C 526 18.18 -19.89 -16.29
N GLN C 527 16.87 -19.95 -16.03
CA GLN C 527 16.26 -19.44 -14.79
C GLN C 527 15.88 -20.58 -13.84
N CYS C 528 16.17 -21.85 -14.16
CA CYS C 528 15.74 -22.98 -13.32
C CYS C 528 16.57 -22.99 -12.02
N ASP C 529 15.91 -23.30 -10.89
CA ASP C 529 16.60 -23.59 -9.63
C ASP C 529 16.01 -24.88 -9.06
N ILE C 530 16.83 -25.94 -8.88
CA ILE C 530 16.31 -27.24 -8.43
C ILE C 530 16.25 -27.32 -6.90
N TYR C 531 16.61 -26.22 -6.21
CA TYR C 531 16.55 -26.19 -4.75
C TYR C 531 15.24 -26.80 -4.23
N ARG C 532 15.33 -27.66 -3.21
CA ARG C 532 14.19 -28.27 -2.50
C ARG C 532 13.40 -29.29 -3.35
N SER C 533 13.95 -29.71 -4.51
CA SER C 533 13.23 -30.73 -5.29
C SER C 533 13.72 -32.12 -4.91
N THR C 534 12.89 -32.83 -4.12
CA THR C 534 13.23 -34.20 -3.69
C THR C 534 13.17 -35.18 -4.89
N LYS C 535 12.37 -34.87 -5.93
CA LYS C 535 12.35 -35.74 -7.12
C LYS C 535 13.66 -35.59 -7.90
N ALA C 536 14.15 -34.34 -8.06
CA ALA C 536 15.47 -34.20 -8.69
C ALA C 536 16.56 -34.89 -7.84
N GLY C 537 16.49 -34.69 -6.49
CA GLY C 537 17.46 -35.39 -5.63
C GLY C 537 17.54 -36.91 -5.94
N ALA C 538 16.37 -37.53 -6.04
CA ALA C 538 16.31 -39.00 -6.16
C ALA C 538 16.96 -39.43 -7.50
N LYS C 539 16.74 -38.63 -8.56
CA LYS C 539 17.32 -38.96 -9.87
C LYS C 539 18.86 -38.81 -9.83
N LEU C 540 19.37 -37.78 -9.14
CA LEU C 540 20.82 -37.64 -9.01
C LEU C 540 21.43 -38.74 -8.13
N ARG C 541 20.76 -39.09 -7.02
N ARG C 541 20.74 -39.08 -7.03
CA ARG C 541 21.25 -40.15 -6.14
CA ARG C 541 21.19 -40.15 -6.12
C ARG C 541 21.42 -41.48 -6.90
C ARG C 541 21.39 -41.47 -6.88
N LYS C 542 20.50 -41.80 -7.82
CA LYS C 542 20.61 -43.06 -8.58
C LYS C 542 21.94 -43.14 -9.36
N VAL C 543 22.39 -42.01 -9.93
CA VAL C 543 23.69 -41.92 -10.59
C VAL C 543 24.81 -42.15 -9.56
N LEU C 544 24.71 -41.45 -8.41
CA LEU C 544 25.84 -41.41 -7.49
C LEU C 544 26.10 -42.80 -6.89
N ARG C 545 25.01 -43.54 -6.57
CA ARG C 545 25.11 -44.84 -5.96
C ARG C 545 25.68 -45.91 -6.91
N ALA C 546 25.63 -45.70 -8.24
CA ALA C 546 26.22 -46.66 -9.19
C ALA C 546 27.76 -46.74 -9.17
N GLY C 547 28.48 -45.69 -8.74
CA GLY C 547 29.93 -45.69 -8.95
C GLY C 547 30.31 -46.04 -10.40
N SER C 548 31.26 -46.98 -10.61
CA SER C 548 31.61 -47.42 -11.97
C SER C 548 31.08 -48.83 -12.25
N SER C 549 30.00 -49.22 -11.57
N SER C 549 30.02 -49.24 -11.53
CA SER C 549 29.53 -50.58 -11.66
CA SER C 549 29.48 -50.58 -11.68
C SER C 549 28.77 -50.84 -12.97
C SER C 549 28.99 -50.82 -13.10
N ARG C 550 28.41 -49.77 -13.70
CA ARG C 550 27.70 -49.85 -14.98
C ARG C 550 28.41 -49.00 -16.05
N PRO C 551 28.29 -49.33 -17.36
CA PRO C 551 28.88 -48.49 -18.41
C PRO C 551 28.32 -47.07 -18.36
N TRP C 552 29.18 -46.05 -18.54
CA TRP C 552 28.71 -44.67 -18.34
C TRP C 552 27.58 -44.33 -19.34
N GLN C 553 27.63 -44.88 -20.58
CA GLN C 553 26.62 -44.59 -21.59
C GLN C 553 25.21 -45.03 -21.16
N GLU C 554 25.12 -46.14 -20.41
CA GLU C 554 23.84 -46.61 -19.92
C GLU C 554 23.35 -45.80 -18.71
N VAL C 555 24.29 -45.34 -17.84
CA VAL C 555 23.92 -44.53 -16.70
C VAL C 555 23.35 -43.20 -17.24
N LEU C 556 24.01 -42.66 -18.27
CA LEU C 556 23.60 -41.36 -18.84
C LEU C 556 22.24 -41.50 -19.50
N LYS C 557 22.02 -42.60 -20.24
CA LYS C 557 20.71 -42.90 -20.84
C LYS C 557 19.57 -42.91 -19.80
N ASP C 558 19.76 -43.63 -18.67
CA ASP C 558 18.76 -43.63 -17.60
C ASP C 558 18.51 -42.22 -17.05
N MET C 559 19.56 -41.40 -16.95
CA MET C 559 19.44 -40.09 -16.30
C MET C 559 18.75 -39.03 -17.19
N VAL C 560 19.24 -38.88 -18.44
CA VAL C 560 18.85 -37.79 -19.34
C VAL C 560 18.11 -38.28 -20.59
N GLY C 561 18.11 -39.59 -20.85
CA GLY C 561 17.36 -40.05 -22.02
C GLY C 561 18.19 -40.27 -23.29
N LEU C 562 19.50 -40.05 -23.21
CA LEU C 562 20.38 -40.25 -24.36
C LEU C 562 21.68 -40.91 -23.89
N ASP C 563 22.33 -41.67 -24.78
CA ASP C 563 23.51 -42.48 -24.39
C ASP C 563 24.82 -41.85 -24.86
N ALA C 564 24.86 -40.51 -25.07
CA ALA C 564 26.03 -39.83 -25.62
C ALA C 564 26.14 -38.38 -25.10
N LEU C 565 27.38 -37.84 -25.06
CA LEU C 565 27.57 -36.41 -24.86
C LEU C 565 26.83 -35.65 -25.96
N ASP C 566 26.24 -34.50 -25.63
CA ASP C 566 25.43 -33.74 -26.61
C ASP C 566 25.50 -32.26 -26.21
N ALA C 567 25.89 -31.39 -27.16
CA ALA C 567 26.01 -29.96 -26.81
C ALA C 567 24.66 -29.23 -26.86
N GLN C 568 23.54 -29.84 -27.27
CA GLN C 568 22.30 -29.07 -27.44
C GLN C 568 21.85 -28.37 -26.14
N PRO C 569 21.89 -29.06 -24.97
CA PRO C 569 21.48 -28.42 -23.69
C PRO C 569 22.29 -27.15 -23.37
N LEU C 570 23.62 -27.18 -23.57
CA LEU C 570 24.43 -25.99 -23.40
C LEU C 570 23.99 -24.87 -24.37
N LEU C 571 23.80 -25.22 -25.66
CA LEU C 571 23.35 -24.25 -26.68
C LEU C 571 22.00 -23.63 -26.27
N LYS C 572 21.07 -24.46 -25.76
CA LYS C 572 19.74 -23.95 -25.42
C LYS C 572 19.82 -23.04 -24.20
N TYR C 573 20.68 -23.36 -23.19
CA TYR C 573 20.85 -22.46 -22.04
C TYR C 573 21.33 -21.06 -22.47
N PHE C 574 22.29 -21.01 -23.39
CA PHE C 574 22.91 -19.75 -23.79
C PHE C 574 22.26 -19.00 -24.97
N GLN C 575 21.22 -19.59 -25.61
CA GLN C 575 20.61 -19.10 -26.87
C GLN C 575 20.49 -17.57 -26.96
N LEU C 576 19.99 -16.90 -25.91
CA LEU C 576 19.64 -15.48 -26.02
C LEU C 576 20.90 -14.61 -26.14
N VAL C 577 21.94 -14.99 -25.38
CA VAL C 577 23.23 -14.30 -25.42
C VAL C 577 24.05 -14.67 -26.67
N THR C 578 23.97 -15.91 -27.16
CA THR C 578 24.58 -16.27 -28.45
C THR C 578 24.08 -15.32 -29.56
N GLN C 579 22.76 -15.11 -29.60
CA GLN C 579 22.14 -14.25 -30.61
C GLN C 579 22.58 -12.79 -30.42
N TRP C 580 22.56 -12.32 -29.16
CA TRP C 580 22.85 -10.92 -28.84
C TRP C 580 24.31 -10.56 -29.17
N LEU C 581 25.27 -11.43 -28.80
CA LEU C 581 26.69 -11.19 -29.11
C LEU C 581 26.92 -11.14 -30.63
N GLN C 582 26.27 -12.06 -31.35
CA GLN C 582 26.41 -12.09 -32.81
C GLN C 582 25.94 -10.75 -33.41
N GLU C 583 24.79 -10.27 -32.94
CA GLU C 583 24.25 -9.00 -33.43
C GLU C 583 25.16 -7.83 -33.06
N GLN C 584 25.68 -7.78 -31.82
CA GLN C 584 26.53 -6.67 -31.39
C GLN C 584 27.83 -6.65 -32.21
N ASN C 585 28.49 -7.79 -32.38
CA ASN C 585 29.75 -7.81 -33.12
C ASN C 585 29.57 -7.36 -34.57
N GLN C 586 28.50 -7.84 -35.25
CA GLN C 586 28.17 -7.37 -36.60
C GLN C 586 27.95 -5.85 -36.69
N GLN C 587 27.22 -5.26 -35.72
CA GLN C 587 26.95 -3.82 -35.75
C GLN C 587 28.22 -3.01 -35.52
N ASN C 588 29.19 -3.58 -34.80
CA ASN C 588 30.43 -2.87 -34.54
C ASN C 588 31.46 -3.17 -35.64
N GLY C 589 31.11 -3.98 -36.65
CA GLY C 589 32.04 -4.39 -37.71
C GLY C 589 33.26 -5.20 -37.20
N GLU C 590 33.10 -6.07 -36.20
CA GLU C 590 34.27 -6.82 -35.69
C GLU C 590 34.81 -7.84 -36.71
N VAL C 591 36.08 -8.20 -36.60
CA VAL C 591 36.59 -9.37 -37.30
C VAL C 591 36.53 -10.51 -36.29
N LEU C 592 35.88 -11.65 -36.62
CA LEU C 592 35.87 -12.79 -35.72
C LEU C 592 37.17 -13.56 -35.96
N GLY C 593 37.88 -13.91 -34.89
CA GLY C 593 39.18 -14.57 -35.05
C GLY C 593 40.33 -13.59 -34.98
N TRP C 594 41.54 -14.06 -35.36
CA TRP C 594 42.76 -13.31 -35.06
C TRP C 594 43.73 -13.56 -36.24
N PRO C 595 43.40 -13.07 -37.46
CA PRO C 595 44.23 -13.28 -38.66
C PRO C 595 45.68 -12.71 -38.59
N GLU C 596 45.95 -11.76 -37.67
CA GLU C 596 47.31 -11.30 -37.42
C GLU C 596 47.96 -12.17 -36.36
N TYR C 597 48.22 -13.45 -36.74
CA TYR C 597 48.51 -14.50 -35.81
C TYR C 597 49.91 -14.32 -35.19
N GLN C 598 50.81 -13.55 -35.81
CA GLN C 598 52.16 -13.36 -35.26
C GLN C 598 52.25 -12.18 -34.27
N TRP C 599 51.17 -11.41 -34.08
CA TRP C 599 51.26 -10.15 -33.32
C TRP C 599 51.51 -10.41 -31.84
N HIS C 600 52.42 -9.62 -31.23
CA HIS C 600 52.55 -9.66 -29.78
C HIS C 600 52.58 -8.19 -29.32
N PRO C 601 52.16 -7.88 -28.08
CA PRO C 601 52.18 -6.47 -27.62
C PRO C 601 53.64 -6.04 -27.37
N PRO C 602 53.95 -4.73 -27.32
CA PRO C 602 55.30 -4.30 -26.91
C PRO C 602 55.39 -4.31 -25.37
N LEU C 603 56.60 -4.12 -24.82
CA LEU C 603 56.84 -4.02 -23.38
C LEU C 603 56.43 -2.63 -22.89
N PRO C 604 55.90 -2.52 -21.65
CA PRO C 604 55.69 -1.23 -20.99
C PRO C 604 56.97 -0.40 -20.96
N ASP C 605 56.78 0.93 -20.97
CA ASP C 605 57.88 1.84 -20.70
C ASP C 605 58.46 1.52 -19.34
N ASN C 606 59.80 1.42 -19.31
CA ASN C 606 60.52 1.27 -18.07
C ASN C 606 60.59 -0.19 -17.61
N TYR C 607 59.79 -1.07 -18.24
CA TYR C 607 59.64 -2.41 -17.68
C TYR C 607 61.01 -3.07 -17.43
N PRO C 608 61.26 -3.80 -16.31
CA PRO C 608 60.36 -3.81 -15.14
C PRO C 608 60.42 -2.81 -13.96
N GLU C 609 60.33 -1.49 -14.19
CA GLU C 609 60.58 -0.50 -13.13
C GLU C 609 59.52 0.62 -13.14
N LEU D 1 -18.76 -3.53 26.12
CA LEU D 1 -20.16 -3.15 26.45
C LEU D 1 -20.63 -4.11 27.55
N ASP D 2 -21.26 -3.55 28.58
CA ASP D 2 -21.82 -4.36 29.65
C ASP D 2 -22.77 -5.42 29.08
N PRO D 3 -22.68 -6.68 29.59
CA PRO D 3 -23.65 -7.74 29.28
C PRO D 3 -25.12 -7.36 29.32
N GLY D 4 -25.54 -6.55 30.32
CA GLY D 4 -26.95 -6.17 30.44
C GLY D 4 -27.44 -5.33 29.25
N LEU D 5 -26.49 -4.73 28.51
CA LEU D 5 -26.77 -3.83 27.38
C LEU D 5 -26.64 -4.53 25.99
N GLN D 6 -26.19 -5.77 25.97
CA GLN D 6 -25.97 -6.51 24.72
C GLN D 6 -27.28 -7.11 24.22
N PRO D 7 -27.53 -7.22 22.89
CA PRO D 7 -28.73 -7.90 22.40
C PRO D 7 -28.64 -9.41 22.66
N GLY D 8 -29.74 -10.04 23.13
CA GLY D 8 -29.84 -11.48 23.23
C GLY D 8 -30.28 -12.14 21.91
N GLN D 9 -31.07 -13.23 21.99
CA GLN D 9 -31.46 -14.00 20.81
C GLN D 9 -32.92 -13.70 20.45
N PHE D 10 -33.20 -13.47 19.14
CA PHE D 10 -34.55 -13.23 18.60
C PHE D 10 -34.75 -14.00 17.28
N SER D 11 -36.00 -14.38 16.97
CA SER D 11 -36.27 -15.04 15.70
C SER D 11 -36.25 -14.04 14.54
N ALA D 12 -35.88 -14.55 13.32
CA ALA D 12 -35.73 -13.75 12.11
C ALA D 12 -37.07 -13.72 11.37
N ASP D 13 -38.07 -13.10 12.01
CA ASP D 13 -39.43 -13.01 11.46
C ASP D 13 -40.07 -11.77 12.08
N GLU D 14 -41.25 -11.38 11.56
CA GLU D 14 -41.82 -10.11 12.00
C GLU D 14 -42.13 -10.19 13.50
N ALA D 15 -42.62 -11.34 13.98
CA ALA D 15 -42.93 -11.51 15.41
C ALA D 15 -41.67 -11.28 16.28
N GLY D 16 -40.58 -12.00 15.93
CA GLY D 16 -39.29 -11.75 16.57
C GLY D 16 -38.76 -10.31 16.58
N ALA D 17 -38.97 -9.56 15.45
CA ALA D 17 -38.59 -8.20 15.31
C ALA D 17 -39.33 -7.27 16.30
N GLN D 18 -40.60 -7.56 16.65
N GLN D 18 -40.59 -7.58 16.63
CA GLN D 18 -41.26 -6.76 17.69
CA GLN D 18 -41.34 -6.83 17.66
C GLN D 18 -40.58 -6.95 19.06
C GLN D 18 -40.64 -6.97 19.03
N LEU D 19 -40.22 -8.21 19.37
CA LEU D 19 -39.51 -8.51 20.61
C LEU D 19 -38.13 -7.83 20.62
N PHE D 20 -37.42 -7.87 19.48
CA PHE D 20 -36.16 -7.14 19.31
C PHE D 20 -36.33 -5.64 19.59
N ALA D 21 -37.35 -5.03 18.98
CA ALA D 21 -37.55 -3.58 19.19
C ALA D 21 -37.86 -3.25 20.66
N GLN D 22 -38.67 -4.08 21.33
CA GLN D 22 -38.95 -3.87 22.75
C GLN D 22 -37.67 -3.92 23.58
N SER D 23 -36.85 -4.97 23.38
CA SER D 23 -35.63 -5.16 24.16
C SER D 23 -34.65 -4.02 23.83
N TYR D 24 -34.60 -3.57 22.56
CA TYR D 24 -33.76 -2.42 22.21
C TYR D 24 -34.14 -1.17 23.02
N GLN D 25 -35.44 -0.85 23.07
CA GLN D 25 -35.93 0.34 23.78
C GLN D 25 -35.53 0.32 25.26
N SER D 26 -35.65 -0.85 25.89
CA SER D 26 -35.29 -1.00 27.27
C SER D 26 -33.84 -0.55 27.53
N SER D 27 -32.84 -1.09 26.83
CA SER D 27 -31.45 -0.66 27.01
C SER D 27 -31.16 0.73 26.45
N ALA D 28 -31.83 1.12 25.35
CA ALA D 28 -31.54 2.42 24.73
C ALA D 28 -31.82 3.60 25.68
N GLU D 29 -32.88 3.50 26.48
CA GLU D 29 -33.25 4.61 27.38
C GLU D 29 -32.11 4.97 28.34
N GLN D 30 -31.40 3.94 28.86
N GLN D 30 -31.39 3.95 28.82
CA GLN D 30 -30.30 4.08 29.80
CA GLN D 30 -30.32 4.09 29.79
C GLN D 30 -29.07 4.71 29.13
C GLN D 30 -29.07 4.71 29.13
N VAL D 31 -28.76 4.26 27.90
CA VAL D 31 -27.60 4.79 27.19
C VAL D 31 -27.84 6.24 26.75
N LEU D 32 -29.06 6.49 26.26
CA LEU D 32 -29.40 7.86 25.83
C LEU D 32 -29.35 8.83 27.04
N PHE D 33 -29.93 8.44 28.17
CA PHE D 33 -29.90 9.30 29.36
C PHE D 33 -28.45 9.65 29.75
N GLN D 34 -27.52 8.67 29.74
CA GLN D 34 -26.12 8.96 30.12
C GLN D 34 -25.49 9.96 29.14
N SER D 35 -25.80 9.81 27.84
CA SER D 35 -25.32 10.72 26.81
CA SER D 35 -25.33 10.72 26.79
C SER D 35 -25.84 12.15 27.00
N VAL D 36 -27.16 12.31 27.21
CA VAL D 36 -27.77 13.65 27.31
C VAL D 36 -27.29 14.37 28.58
N ALA D 37 -27.26 13.62 29.71
CA ALA D 37 -26.72 14.10 30.97
C ALA D 37 -25.28 14.62 30.82
N ALA D 38 -24.39 13.86 30.11
CA ALA D 38 -23.01 14.35 29.98
C ALA D 38 -22.94 15.61 29.11
N SER D 39 -23.77 15.65 28.05
CA SER D 39 -23.83 16.79 27.14
C SER D 39 -24.35 18.03 27.87
N TRP D 40 -25.39 17.86 28.71
CA TRP D 40 -25.90 19.01 29.45
C TRP D 40 -24.80 19.56 30.38
N ALA D 41 -24.11 18.67 31.11
CA ALA D 41 -23.11 19.11 32.09
C ALA D 41 -21.96 19.88 31.39
N HIS D 42 -21.61 19.56 30.14
CA HIS D 42 -20.61 20.30 29.34
C HIS D 42 -21.17 21.64 28.81
N ASP D 43 -22.38 21.63 28.22
CA ASP D 43 -22.98 22.79 27.52
C ASP D 43 -23.37 23.90 28.51
N THR D 44 -23.58 23.54 29.80
CA THR D 44 -23.86 24.58 30.82
C THR D 44 -22.60 24.91 31.65
N ASN D 45 -21.41 24.40 31.25
CA ASN D 45 -20.19 24.60 32.05
C ASN D 45 -19.01 24.06 31.20
N ILE D 46 -18.56 24.80 30.18
CA ILE D 46 -17.53 24.31 29.25
C ILE D 46 -16.15 24.21 29.95
N THR D 47 -15.59 23.00 30.07
CA THR D 47 -14.29 22.76 30.70
C THR D 47 -13.63 21.55 30.03
N ALA D 48 -12.30 21.43 30.11
CA ALA D 48 -11.64 20.23 29.57
C ALA D 48 -12.20 18.95 30.16
N GLU D 49 -12.43 18.95 31.49
CA GLU D 49 -12.93 17.77 32.19
C GLU D 49 -14.32 17.35 31.69
N ASN D 50 -15.21 18.34 31.54
CA ASN D 50 -16.57 18.02 31.09
C ASN D 50 -16.59 17.57 29.63
N ALA D 51 -15.68 18.09 28.80
CA ALA D 51 -15.56 17.56 27.43
C ALA D 51 -15.11 16.08 27.44
N ARG D 52 -14.12 15.74 28.30
CA ARG D 52 -13.58 14.38 28.36
C ARG D 52 -14.73 13.46 28.79
N ARG D 53 -15.54 13.92 29.76
CA ARG D 53 -16.65 13.09 30.22
C ARG D 53 -17.70 12.84 29.13
N GLN D 54 -17.97 13.88 28.33
CA GLN D 54 -18.99 13.77 27.30
CA GLN D 54 -19.00 13.75 27.31
C GLN D 54 -18.51 12.85 26.17
N GLU D 55 -17.21 12.92 25.86
CA GLU D 55 -16.57 12.05 24.90
C GLU D 55 -16.63 10.58 25.33
N GLU D 56 -16.40 10.30 26.62
CA GLU D 56 -16.51 8.96 27.14
C GLU D 56 -17.94 8.41 26.95
N ALA D 57 -18.95 9.24 27.25
CA ALA D 57 -20.34 8.83 27.08
C ALA D 57 -20.67 8.63 25.60
N ALA D 58 -20.06 9.44 24.72
CA ALA D 58 -20.27 9.28 23.29
C ALA D 58 -19.67 7.95 22.78
N LEU D 59 -18.51 7.52 23.29
CA LEU D 59 -17.93 6.22 22.93
C LEU D 59 -18.85 5.05 23.29
N LEU D 60 -19.50 5.14 24.48
CA LEU D 60 -20.36 4.08 24.99
C LEU D 60 -21.56 4.00 24.03
N SER D 61 -22.06 5.16 23.61
N SER D 61 -22.08 5.16 23.69
CA SER D 61 -23.21 5.23 22.71
CA SER D 61 -23.19 5.22 22.74
C SER D 61 -22.87 4.64 21.33
C SER D 61 -22.79 4.50 21.46
N GLN D 62 -21.63 4.85 20.88
CA GLN D 62 -21.17 4.21 19.65
C GLN D 62 -21.05 2.67 19.78
N GLU D 63 -20.50 2.19 20.90
CA GLU D 63 -20.39 0.74 21.10
C GLU D 63 -21.79 0.09 21.10
N PHE D 64 -22.74 0.72 21.81
CA PHE D 64 -24.15 0.26 21.85
C PHE D 64 -24.81 0.26 20.45
N ALA D 65 -24.64 1.36 19.68
CA ALA D 65 -25.21 1.45 18.32
C ALA D 65 -24.65 0.34 17.40
N GLU D 66 -23.34 0.07 17.52
CA GLU D 66 -22.72 -0.98 16.73
C GLU D 66 -23.34 -2.37 17.05
N ALA D 67 -23.45 -2.75 18.34
CA ALA D 67 -23.92 -4.08 18.68
C ALA D 67 -25.37 -4.26 18.21
N TRP D 68 -26.21 -3.25 18.46
CA TRP D 68 -27.63 -3.42 18.09
C TRP D 68 -27.86 -3.30 16.57
N GLY D 69 -27.08 -2.44 15.94
CA GLY D 69 -27.16 -2.22 14.50
C GLY D 69 -26.73 -3.46 13.72
N GLN D 70 -25.59 -4.09 14.11
CA GLN D 70 -25.17 -5.33 13.45
C GLN D 70 -26.19 -6.45 13.63
N LYS D 71 -26.75 -6.54 14.85
CA LYS D 71 -27.73 -7.60 15.10
C LYS D 71 -28.98 -7.41 14.22
N ALA D 72 -29.50 -6.17 14.15
CA ALA D 72 -30.62 -5.83 13.29
C ALA D 72 -30.41 -6.32 11.83
N LYS D 73 -29.21 -6.03 11.27
CA LYS D 73 -28.88 -6.43 9.90
C LYS D 73 -28.78 -7.96 9.77
N GLU D 74 -28.13 -8.61 10.74
CA GLU D 74 -27.94 -10.03 10.71
C GLU D 74 -29.30 -10.76 10.73
N LEU D 75 -30.28 -10.20 11.47
CA LEU D 75 -31.55 -10.90 11.63
C LEU D 75 -32.54 -10.52 10.53
N TYR D 76 -32.58 -9.25 10.08
CA TYR D 76 -33.76 -8.67 9.44
C TYR D 76 -33.46 -8.06 8.06
N GLU D 77 -32.18 -8.11 7.64
CA GLU D 77 -31.74 -7.35 6.47
C GLU D 77 -32.52 -7.71 5.21
N PRO D 78 -32.68 -9.00 4.82
CA PRO D 78 -33.47 -9.32 3.64
C PRO D 78 -34.99 -9.17 3.81
N ILE D 79 -35.51 -8.75 5.01
CA ILE D 79 -36.93 -8.95 5.27
C ILE D 79 -37.67 -7.72 5.84
N TRP D 80 -36.99 -6.83 6.57
CA TRP D 80 -37.67 -5.76 7.28
C TRP D 80 -38.51 -4.85 6.38
N GLN D 81 -38.06 -4.59 5.15
CA GLN D 81 -38.76 -3.61 4.33
C GLN D 81 -40.16 -4.12 3.99
N GLN D 82 -40.38 -5.42 4.12
CA GLN D 82 -41.63 -6.09 3.75
C GLN D 82 -42.54 -6.29 4.98
N PHE D 83 -42.10 -5.88 6.20
CA PHE D 83 -42.94 -6.09 7.39
C PHE D 83 -44.23 -5.28 7.21
N THR D 84 -45.36 -5.73 7.77
CA THR D 84 -46.59 -4.97 7.51
C THR D 84 -46.92 -3.96 8.62
N ASP D 85 -46.08 -3.86 9.64
CA ASP D 85 -46.36 -2.88 10.67
C ASP D 85 -45.46 -1.66 10.39
N PRO D 86 -46.02 -0.51 9.95
CA PRO D 86 -45.18 0.59 9.46
C PRO D 86 -44.35 1.22 10.58
N GLN D 87 -44.84 1.25 11.82
CA GLN D 87 -43.98 1.72 12.91
C GLN D 87 -42.78 0.80 13.14
N LEU D 88 -43.00 -0.53 13.10
CA LEU D 88 -41.88 -1.44 13.29
C LEU D 88 -40.84 -1.24 12.18
N ARG D 89 -41.27 -1.01 10.93
CA ARG D 89 -40.34 -0.71 9.83
C ARG D 89 -39.50 0.53 10.14
N ARG D 90 -40.10 1.58 10.70
CA ARG D 90 -39.41 2.82 11.05
C ARG D 90 -38.35 2.59 12.14
N ILE D 91 -38.67 1.75 13.15
CA ILE D 91 -37.74 1.42 14.22
C ILE D 91 -36.54 0.65 13.64
N ILE D 92 -36.76 -0.46 12.94
N ILE D 92 -36.81 -0.45 12.91
CA ILE D 92 -35.59 -1.20 12.50
CA ILE D 92 -35.79 -1.35 12.38
C ILE D 92 -34.77 -0.32 11.57
C ILE D 92 -34.87 -0.58 11.42
N GLY D 93 -35.47 0.36 10.65
CA GLY D 93 -34.79 1.25 9.72
C GLY D 93 -33.84 2.22 10.43
N ALA D 94 -34.24 2.71 11.62
CA ALA D 94 -33.37 3.60 12.42
C ALA D 94 -32.22 2.81 13.06
N VAL D 95 -32.51 1.63 13.64
CA VAL D 95 -31.50 0.85 14.36
C VAL D 95 -30.36 0.42 13.41
N ARG D 96 -30.69 0.10 12.15
CA ARG D 96 -29.63 -0.42 11.24
C ARG D 96 -28.70 0.67 10.68
N THR D 97 -28.96 1.95 10.96
CA THR D 97 -28.09 3.05 10.53
C THR D 97 -27.07 3.32 11.65
N LEU D 98 -25.77 3.03 11.42
CA LEU D 98 -24.74 3.09 12.48
C LEU D 98 -24.10 4.50 12.62
N GLY D 99 -24.08 5.32 11.53
CA GLY D 99 -23.44 6.67 11.62
C GLY D 99 -21.97 6.55 12.11
N SER D 100 -21.58 7.39 13.08
N SER D 100 -21.57 7.43 13.04
CA SER D 100 -20.21 7.43 13.55
CA SER D 100 -20.19 7.46 13.52
C SER D 100 -19.77 6.09 14.15
C SER D 100 -19.77 6.12 14.17
N ALA D 101 -20.72 5.23 14.56
CA ALA D 101 -20.36 3.88 15.00
C ALA D 101 -19.71 2.99 13.93
N ASN D 102 -19.76 3.40 12.64
CA ASN D 102 -19.11 2.60 11.61
C ASN D 102 -17.59 2.83 11.63
N LEU D 103 -17.15 3.93 12.29
CA LEU D 103 -15.72 4.27 12.31
C LEU D 103 -14.96 3.29 13.23
N PRO D 104 -13.69 2.95 12.95
CA PRO D 104 -12.88 2.20 13.92
C PRO D 104 -12.58 3.06 15.15
N LEU D 105 -12.15 2.41 16.23
CA LEU D 105 -12.03 3.07 17.53
C LEU D 105 -11.23 4.37 17.48
N ALA D 106 -10.00 4.36 16.91
CA ALA D 106 -9.22 5.60 16.89
C ALA D 106 -9.96 6.78 16.24
N LYS D 107 -10.63 6.54 15.10
CA LYS D 107 -11.39 7.57 14.42
C LYS D 107 -12.66 7.98 15.16
N ARG D 108 -13.31 7.10 15.93
CA ARG D 108 -14.45 7.55 16.75
C ARG D 108 -13.93 8.59 17.75
N GLN D 109 -12.78 8.28 18.39
CA GLN D 109 -12.19 9.17 19.38
C GLN D 109 -11.85 10.51 18.73
N GLN D 110 -11.22 10.47 17.54
CA GLN D 110 -10.93 11.69 16.78
C GLN D 110 -12.21 12.49 16.49
N TYR D 111 -13.27 11.80 16.00
CA TYR D 111 -14.55 12.46 15.68
C TYR D 111 -15.19 13.13 16.91
N ASN D 112 -15.23 12.42 18.05
CA ASN D 112 -15.88 12.95 19.27
C ASN D 112 -15.10 14.17 19.79
N ALA D 113 -13.77 14.12 19.71
CA ALA D 113 -12.93 15.25 20.14
C ALA D 113 -13.14 16.48 19.24
N LEU D 114 -13.27 16.26 17.93
CA LEU D 114 -13.51 17.40 17.03
C LEU D 114 -14.84 18.08 17.40
N LEU D 115 -15.87 17.30 17.73
CA LEU D 115 -17.16 17.93 18.07
C LEU D 115 -16.99 18.80 19.34
N SER D 116 -16.26 18.29 20.37
CA SER D 116 -16.08 19.10 21.58
C SER D 116 -15.30 20.38 21.27
N GLN D 117 -14.17 20.27 20.55
CA GLN D 117 -13.32 21.43 20.31
C GLN D 117 -13.99 22.49 19.42
N MET D 118 -14.69 22.05 18.36
CA MET D 118 -15.39 23.05 17.53
C MET D 118 -16.44 23.78 18.40
N SER D 119 -17.16 23.06 19.28
CA SER D 119 -18.19 23.71 20.11
C SER D 119 -17.49 24.73 21.03
N ARG D 120 -16.36 24.35 21.64
CA ARG D 120 -15.62 25.26 22.53
C ARG D 120 -15.23 26.55 21.79
N ILE D 121 -14.61 26.43 20.60
CA ILE D 121 -14.13 27.58 19.87
C ILE D 121 -15.27 28.58 19.60
N TYR D 122 -16.39 28.06 19.09
CA TYR D 122 -17.52 28.95 18.76
C TYR D 122 -18.04 29.67 20.01
N SER D 123 -18.26 28.96 21.13
N SER D 123 -18.32 28.92 21.11
CA SER D 123 -19.03 29.57 22.21
CA SER D 123 -19.05 29.52 22.23
C SER D 123 -18.15 30.29 23.23
C SER D 123 -18.16 30.31 23.18
N THR D 124 -16.81 30.23 23.06
CA THR D 124 -15.90 30.99 23.95
C THR D 124 -15.13 32.09 23.21
N ALA D 125 -15.40 32.26 21.90
CA ALA D 125 -14.73 33.28 21.06
C ALA D 125 -15.14 34.68 21.55
N LYS D 126 -14.17 35.62 21.61
CA LYS D 126 -14.44 37.00 22.05
C LYS D 126 -13.84 38.00 21.07
N VAL D 127 -14.32 39.27 21.14
CA VAL D 127 -13.75 40.36 20.36
C VAL D 127 -13.16 41.37 21.36
N CYS D 128 -11.82 41.54 21.33
CA CYS D 128 -11.12 42.40 22.30
C CYS D 128 -10.89 43.78 21.69
N LEU D 129 -10.93 44.82 22.52
CA LEU D 129 -10.75 46.19 22.03
C LEU D 129 -9.26 46.52 22.01
N PRO D 130 -8.82 47.58 21.29
CA PRO D 130 -7.48 48.17 21.45
C PRO D 130 -6.76 48.24 22.81
N GLN D 131 -7.53 48.16 23.93
CA GLN D 131 -7.04 48.20 25.31
C GLN D 131 -5.96 47.13 25.52
N THR D 135 -11.59 45.12 28.56
CA THR D 135 -12.04 43.69 28.47
C THR D 135 -12.48 43.35 27.03
N CYS D 136 -13.28 42.29 26.91
CA CYS D 136 -13.60 41.72 25.60
C CYS D 136 -15.09 41.42 25.51
N TRP D 137 -15.64 41.50 24.29
CA TRP D 137 -17.06 41.27 24.08
C TRP D 137 -17.36 39.82 23.69
N SER D 138 -18.44 39.26 24.27
N SER D 138 -18.42 39.23 24.28
CA SER D 138 -19.00 37.97 23.84
CA SER D 138 -18.96 37.95 23.83
C SER D 138 -20.05 38.22 22.75
C SER D 138 -20.06 38.20 22.81
N LEU D 139 -20.42 37.15 22.04
CA LEU D 139 -21.44 37.27 21.01
C LEU D 139 -22.78 37.60 21.69
N ASP D 140 -23.13 36.83 22.73
CA ASP D 140 -24.38 37.01 23.47
C ASP D 140 -24.01 37.32 24.92
N PRO D 141 -24.29 38.55 25.48
CA PRO D 141 -25.10 39.59 24.82
C PRO D 141 -24.45 40.73 24.01
N ASP D 142 -23.11 40.89 24.11
CA ASP D 142 -22.50 42.15 23.76
C ASP D 142 -22.62 42.46 22.26
N LEU D 143 -22.20 41.51 21.39
CA LEU D 143 -22.12 41.84 19.98
C LEU D 143 -23.52 41.81 19.37
N THR D 144 -24.41 40.92 19.87
CA THR D 144 -25.79 40.90 19.43
C THR D 144 -26.42 42.29 19.63
N ASN D 145 -26.15 42.88 20.80
CA ASN D 145 -26.76 44.14 21.19
C ASN D 145 -26.23 45.23 20.26
N ILE D 146 -24.90 45.27 19.99
CA ILE D 146 -24.31 46.27 19.09
C ILE D 146 -24.94 46.13 17.68
N LEU D 147 -25.02 44.90 17.14
CA LEU D 147 -25.52 44.73 15.78
C LEU D 147 -26.98 45.20 15.70
N ALA D 148 -27.75 44.99 16.79
CA ALA D 148 -29.16 45.35 16.83
C ALA D 148 -29.43 46.86 16.95
N SER D 149 -28.55 47.61 17.64
CA SER D 149 -28.96 48.96 18.06
C SER D 149 -27.97 50.08 17.64
N SER D 150 -26.69 49.78 17.39
CA SER D 150 -25.75 50.78 16.87
C SER D 150 -26.12 51.21 15.45
N ARG D 151 -26.07 52.54 15.20
CA ARG D 151 -26.19 53.09 13.86
C ARG D 151 -24.88 53.80 13.48
N SER D 152 -23.75 53.46 14.13
CA SER D 152 -22.42 53.91 13.74
C SER D 152 -21.83 52.94 12.71
N TYR D 153 -21.59 53.37 11.46
CA TYR D 153 -21.03 52.47 10.45
C TYR D 153 -19.73 51.81 10.99
N ALA D 154 -18.84 52.59 11.61
CA ALA D 154 -17.51 52.08 11.98
C ALA D 154 -17.59 51.08 13.14
N MET D 155 -18.52 51.31 14.09
CA MET D 155 -18.71 50.45 15.25
C MET D 155 -19.28 49.09 14.78
N LEU D 156 -20.29 49.15 13.89
CA LEU D 156 -20.88 47.93 13.32
C LEU D 156 -19.79 47.15 12.57
N LEU D 157 -18.91 47.82 11.84
CA LEU D 157 -17.91 47.09 11.07
C LEU D 157 -16.87 46.44 12.00
N PHE D 158 -16.44 47.16 13.06
CA PHE D 158 -15.52 46.57 14.02
C PHE D 158 -16.07 45.26 14.61
N ALA D 159 -17.36 45.30 15.02
CA ALA D 159 -18.03 44.11 15.58
C ALA D 159 -18.15 42.94 14.60
N TRP D 160 -18.63 43.28 13.39
CA TRP D 160 -18.80 42.31 12.32
C TRP D 160 -17.47 41.64 11.98
N GLU D 161 -16.45 42.43 11.68
CA GLU D 161 -15.17 41.85 11.24
C GLU D 161 -14.51 41.12 12.43
N GLY D 162 -14.55 41.75 13.64
CA GLY D 162 -13.98 41.13 14.83
C GLY D 162 -14.54 39.71 15.07
N TRP D 163 -15.85 39.58 14.95
CA TRP D 163 -16.54 38.33 15.24
C TRP D 163 -16.17 37.28 14.17
N HIS D 164 -16.30 37.64 12.88
CA HIS D 164 -16.08 36.66 11.79
C HIS D 164 -14.63 36.16 11.91
N ASN D 165 -13.67 37.04 12.20
CA ASN D 165 -12.25 36.67 12.34
C ASN D 165 -12.02 35.73 13.53
N ALA D 166 -12.54 36.11 14.74
CA ALA D 166 -12.31 35.37 15.99
C ALA D 166 -12.88 33.93 15.94
N ALA D 167 -14.13 33.82 15.45
CA ALA D 167 -14.80 32.53 15.47
C ALA D 167 -14.38 31.67 14.26
N GLY D 168 -14.34 32.30 13.07
CA GLY D 168 -14.21 31.52 11.83
C GLY D 168 -12.77 31.01 11.58
N ILE D 169 -11.74 31.85 11.72
CA ILE D 169 -10.36 31.43 11.34
C ILE D 169 -9.88 30.15 12.04
N PRO D 170 -9.91 30.05 13.38
CA PRO D 170 -9.41 28.83 14.05
C PRO D 170 -10.21 27.56 13.74
N LEU D 171 -11.49 27.69 13.34
CA LEU D 171 -12.35 26.54 13.03
C LEU D 171 -11.94 25.79 11.78
N LYS D 172 -11.31 26.50 10.81
CA LYS D 172 -11.23 25.91 9.46
C LYS D 172 -10.52 24.54 9.42
N PRO D 173 -9.32 24.33 10.04
CA PRO D 173 -8.65 23.01 9.96
C PRO D 173 -9.46 21.90 10.61
N LEU D 174 -10.17 22.22 11.72
CA LEU D 174 -11.01 21.22 12.40
C LEU D 174 -12.20 20.84 11.51
N TYR D 175 -12.81 21.84 10.83
CA TYR D 175 -13.98 21.62 9.98
C TYR D 175 -13.66 20.65 8.84
N GLU D 176 -12.48 20.83 8.25
N GLU D 176 -12.46 20.82 8.26
CA GLU D 176 -12.01 19.96 7.18
CA GLU D 176 -11.99 19.97 7.17
C GLU D 176 -11.95 18.52 7.68
C GLU D 176 -11.84 18.52 7.61
N ASP D 177 -11.27 18.28 8.81
CA ASP D 177 -11.16 16.94 9.38
C ASP D 177 -12.51 16.30 9.69
N PHE D 178 -13.43 17.09 10.29
CA PHE D 178 -14.76 16.64 10.66
C PHE D 178 -15.50 16.18 9.40
N THR D 179 -15.42 16.97 8.32
CA THR D 179 -16.13 16.66 7.07
C THR D 179 -15.69 15.29 6.53
N ALA D 180 -14.38 15.02 6.54
CA ALA D 180 -13.87 13.73 6.01
C ALA D 180 -14.35 12.51 6.83
N LEU D 181 -14.32 12.63 8.18
CA LEU D 181 -14.68 11.51 9.06
C LEU D 181 -16.19 11.25 8.99
N SER D 182 -16.95 12.35 8.95
CA SER D 182 -18.41 12.23 8.81
C SER D 182 -18.78 11.50 7.53
N ASN D 183 -18.22 11.92 6.39
CA ASN D 183 -18.47 11.20 5.13
C ASN D 183 -18.05 9.74 5.20
N GLU D 184 -16.85 9.46 5.77
CA GLU D 184 -16.40 8.06 5.87
C GLU D 184 -17.44 7.23 6.66
N ALA D 185 -17.94 7.77 7.76
CA ALA D 185 -18.97 7.12 8.58
C ALA D 185 -20.23 6.74 7.77
N TYR D 186 -20.86 7.73 7.10
CA TYR D 186 -22.16 7.50 6.46
C TYR D 186 -22.01 6.71 5.16
N LYS D 187 -20.83 6.75 4.52
CA LYS D 187 -20.61 5.91 3.33
C LYS D 187 -20.91 4.44 3.65
N GLN D 188 -20.58 4.00 4.87
CA GLN D 188 -20.78 2.62 5.28
C GLN D 188 -22.25 2.28 5.56
N ASP D 189 -23.15 3.28 5.58
CA ASP D 189 -24.58 3.06 5.75
C ASP D 189 -25.26 3.10 4.36
N GLY D 190 -24.47 3.35 3.32
CA GLY D 190 -24.96 3.29 1.95
C GLY D 190 -25.18 4.68 1.33
N PHE D 191 -24.84 5.78 2.04
CA PHE D 191 -25.04 7.11 1.50
C PHE D 191 -23.81 7.60 0.70
N THR D 192 -24.05 8.40 -0.35
CA THR D 192 -22.92 8.88 -1.15
C THR D 192 -22.05 9.87 -0.32
N ASP D 193 -22.70 10.66 0.56
CA ASP D 193 -22.03 11.62 1.47
C ASP D 193 -22.98 11.95 2.63
N THR D 194 -22.53 12.72 3.65
CA THR D 194 -23.37 13.06 4.79
C THR D 194 -24.60 13.89 4.39
N GLY D 195 -24.46 14.76 3.38
CA GLY D 195 -25.62 15.59 2.98
C GLY D 195 -26.75 14.70 2.43
N ALA D 196 -26.40 13.63 1.69
CA ALA D 196 -27.43 12.70 1.18
C ALA D 196 -28.18 12.03 2.35
N TYR D 197 -27.46 11.76 3.46
CA TYR D 197 -28.07 11.19 4.64
C TYR D 197 -29.01 12.24 5.28
N TRP D 198 -28.60 13.51 5.43
CA TRP D 198 -29.49 14.54 5.99
C TRP D 198 -30.75 14.71 5.12
N ARG D 199 -30.59 14.74 3.77
CA ARG D 199 -31.75 14.96 2.92
C ARG D 199 -32.75 13.79 3.03
N SER D 200 -32.24 12.59 3.36
CA SER D 200 -33.10 11.38 3.31
C SER D 200 -34.22 11.43 4.36
N TRP D 201 -34.03 12.23 5.41
CA TRP D 201 -35.04 12.42 6.44
C TRP D 201 -36.37 12.94 5.90
N TYR D 202 -36.39 13.64 4.75
CA TYR D 202 -37.65 14.18 4.23
C TYR D 202 -38.37 13.15 3.34
N ASN D 203 -37.70 12.01 3.07
CA ASN D 203 -38.32 10.92 2.31
C ASN D 203 -39.07 11.44 1.07
N SER D 204 -38.35 12.24 0.25
CA SER D 204 -38.98 12.79 -0.94
C SER D 204 -38.01 12.73 -2.12
N PRO D 205 -38.28 11.92 -3.18
CA PRO D 205 -37.37 11.87 -4.31
C PRO D 205 -37.24 13.19 -5.06
N THR D 206 -38.18 14.13 -4.87
CA THR D 206 -38.03 15.37 -5.62
C THR D 206 -37.70 16.54 -4.68
N PHE D 207 -37.12 16.24 -3.50
CA PHE D 207 -36.86 17.26 -2.46
C PHE D 207 -36.18 18.51 -3.03
N GLU D 208 -34.99 18.42 -3.65
CA GLU D 208 -34.29 19.65 -4.05
C GLU D 208 -35.09 20.46 -5.07
N ASP D 209 -35.77 19.78 -6.00
CA ASP D 209 -36.53 20.50 -7.04
C ASP D 209 -37.75 21.17 -6.37
N ASP D 210 -38.30 20.52 -5.36
CA ASP D 210 -39.47 21.07 -4.69
C ASP D 210 -39.10 22.35 -3.94
N LEU D 211 -37.96 22.33 -3.28
CA LEU D 211 -37.51 23.53 -2.56
C LEU D 211 -37.26 24.67 -3.56
N GLU D 212 -36.64 24.37 -4.70
CA GLU D 212 -36.34 25.38 -5.72
C GLU D 212 -37.64 26.02 -6.22
N HIS D 213 -38.68 25.20 -6.42
CA HIS D 213 -39.97 25.70 -6.90
C HIS D 213 -40.60 26.63 -5.88
N LEU D 214 -40.47 26.36 -4.58
CA LEU D 214 -40.99 27.22 -3.53
C LEU D 214 -40.26 28.56 -3.55
N TYR D 215 -38.92 28.49 -3.58
CA TYR D 215 -38.05 29.67 -3.65
C TYR D 215 -38.48 30.59 -4.80
N GLN D 216 -38.75 30.02 -5.99
CA GLN D 216 -39.15 30.87 -7.12
C GLN D 216 -40.40 31.70 -6.81
N GLN D 217 -41.38 31.11 -6.10
CA GLN D 217 -42.61 31.82 -5.74
C GLN D 217 -42.35 32.94 -4.74
N LEU D 218 -41.32 32.76 -3.88
CA LEU D 218 -41.14 33.68 -2.75
C LEU D 218 -40.16 34.81 -3.08
N GLU D 219 -39.29 34.57 -4.08
CA GLU D 219 -38.21 35.52 -4.40
C GLU D 219 -38.71 36.94 -4.66
N PRO D 220 -39.81 37.19 -5.45
CA PRO D 220 -40.27 38.55 -5.70
C PRO D 220 -40.55 39.32 -4.40
N LEU D 221 -41.11 38.63 -3.40
CA LEU D 221 -41.36 39.30 -2.12
C LEU D 221 -40.05 39.78 -1.50
N TYR D 222 -39.01 38.92 -1.54
CA TYR D 222 -37.71 39.27 -1.01
C TYR D 222 -37.11 40.44 -1.79
N LEU D 223 -37.15 40.37 -3.14
CA LEU D 223 -36.52 41.42 -3.94
C LEU D 223 -37.11 42.81 -3.60
N ASN D 224 -38.45 42.87 -3.39
CA ASN D 224 -39.14 44.13 -3.08
C ASN D 224 -38.81 44.64 -1.68
N LEU D 225 -38.73 43.70 -0.68
CA LEU D 225 -38.34 44.12 0.68
C LEU D 225 -36.92 44.68 0.68
N HIS D 226 -36.01 43.99 -0.05
CA HIS D 226 -34.59 44.35 -0.21
C HIS D 226 -34.44 45.76 -0.78
N ALA D 227 -35.14 46.05 -1.88
CA ALA D 227 -34.98 47.36 -2.53
C ALA D 227 -35.48 48.50 -1.64
N PHE D 228 -36.54 48.24 -0.87
CA PHE D 228 -37.17 49.24 0.01
C PHE D 228 -36.27 49.57 1.21
N VAL D 229 -35.69 48.50 1.80
CA VAL D 229 -34.78 48.66 2.94
C VAL D 229 -33.47 49.33 2.44
N ARG D 230 -32.93 48.91 1.29
CA ARG D 230 -31.76 49.55 0.67
C ARG D 230 -31.94 51.08 0.55
N ARG D 231 -33.15 51.52 0.16
CA ARG D 231 -33.39 52.95 -0.05
C ARG D 231 -33.26 53.70 1.28
N ALA D 232 -33.83 53.14 2.34
CA ALA D 232 -33.75 53.76 3.67
C ALA D 232 -32.30 53.86 4.15
N LEU D 233 -31.50 52.79 3.92
CA LEU D 233 -30.08 52.78 4.32
C LEU D 233 -29.31 53.83 3.52
N HIS D 234 -29.69 54.02 2.24
CA HIS D 234 -29.02 55.04 1.44
C HIS D 234 -29.28 56.43 2.04
N ARG D 235 -30.50 56.67 2.52
CA ARG D 235 -30.79 57.95 3.14
C ARG D 235 -30.05 58.16 4.46
N ARG D 236 -29.70 57.09 5.18
CA ARG D 236 -29.05 57.21 6.49
C ARG D 236 -27.52 57.31 6.36
N TYR D 237 -26.93 56.51 5.46
CA TYR D 237 -25.48 56.39 5.38
C TYR D 237 -24.88 57.06 4.15
N GLY D 238 -25.70 57.43 3.15
CA GLY D 238 -25.26 58.15 1.97
C GLY D 238 -24.69 57.27 0.84
N ASP D 239 -24.40 57.94 -0.28
CA ASP D 239 -24.01 57.34 -1.54
C ASP D 239 -22.62 56.67 -1.47
N ARG D 240 -21.75 57.07 -0.54
CA ARG D 240 -20.46 56.42 -0.43
C ARG D 240 -20.61 54.95 0.03
N TYR D 241 -21.57 54.68 0.92
CA TYR D 241 -21.60 53.38 1.59
C TYR D 241 -22.75 52.48 1.10
N ILE D 242 -23.68 53.00 0.28
CA ILE D 242 -24.85 52.26 -0.17
C ILE D 242 -24.95 52.46 -1.69
N ASN D 243 -25.01 51.38 -2.47
CA ASN D 243 -25.15 51.42 -3.93
C ASN D 243 -26.58 51.01 -4.24
N LEU D 244 -27.39 51.91 -4.81
CA LEU D 244 -28.80 51.65 -5.10
C LEU D 244 -28.96 50.57 -6.17
N ARG D 245 -27.86 50.12 -6.80
CA ARG D 245 -27.99 49.03 -7.78
C ARG D 245 -27.01 47.89 -7.46
N GLY D 246 -26.55 47.83 -6.22
CA GLY D 246 -25.57 46.82 -5.84
C GLY D 246 -26.01 46.12 -4.55
N PRO D 247 -25.27 45.09 -4.07
CA PRO D 247 -25.65 44.38 -2.84
C PRO D 247 -25.49 45.30 -1.61
N ILE D 248 -26.21 44.97 -0.50
CA ILE D 248 -26.16 45.77 0.71
C ILE D 248 -24.97 45.33 1.56
N PRO D 249 -24.15 46.25 2.14
CA PRO D 249 -23.12 45.81 3.10
C PRO D 249 -23.67 44.96 4.28
N ALA D 250 -22.98 43.81 4.60
CA ALA D 250 -23.58 42.73 5.40
C ALA D 250 -23.81 43.09 6.88
N HIS D 251 -23.33 44.25 7.36
CA HIS D 251 -23.30 44.55 8.79
C HIS D 251 -24.37 45.60 9.16
N LEU D 252 -25.21 46.00 8.21
CA LEU D 252 -26.14 47.14 8.43
C LEU D 252 -27.61 46.74 8.63
N LEU D 253 -27.98 45.43 8.76
CA LEU D 253 -29.37 45.01 8.69
C LEU D 253 -29.92 44.52 10.05
N GLY D 254 -29.18 44.79 11.14
CA GLY D 254 -29.68 44.58 12.51
C GLY D 254 -29.25 43.29 13.21
N ASP D 255 -28.41 42.49 12.55
CA ASP D 255 -28.17 41.10 12.94
C ASP D 255 -26.79 40.67 12.40
N MET D 256 -26.00 39.85 13.16
CA MET D 256 -24.62 39.52 12.78
C MET D 256 -24.58 38.82 11.40
N TRP D 257 -25.65 38.08 11.04
CA TRP D 257 -25.69 37.28 9.80
C TRP D 257 -26.59 37.90 8.71
N ALA D 258 -27.10 39.14 8.96
CA ALA D 258 -28.09 39.77 8.07
C ALA D 258 -29.28 38.85 7.83
N GLN D 259 -29.61 38.00 8.81
CA GLN D 259 -30.52 36.89 8.53
C GLN D 259 -31.99 37.24 8.79
N SER D 260 -32.20 38.21 9.69
CA SER D 260 -33.52 38.82 9.80
C SER D 260 -33.35 40.27 10.27
N TRP D 261 -34.28 41.12 9.87
CA TRP D 261 -34.03 42.56 9.79
C TRP D 261 -34.90 43.36 10.77
N GLU D 262 -35.60 42.72 11.71
CA GLU D 262 -36.56 43.48 12.55
C GLU D 262 -35.89 44.54 13.43
N ASN D 263 -34.59 44.34 13.79
CA ASN D 263 -33.92 45.32 14.64
C ASN D 263 -33.74 46.69 13.98
N ILE D 264 -33.89 46.79 12.62
CA ILE D 264 -33.88 48.11 11.97
C ILE D 264 -35.27 48.62 11.61
N TYR D 265 -36.34 48.00 12.12
CA TYR D 265 -37.70 48.52 11.90
C TYR D 265 -37.80 50.03 12.19
N ASP D 266 -37.14 50.54 13.25
CA ASP D 266 -37.27 51.93 13.65
C ASP D 266 -36.71 52.90 12.58
N MET D 267 -35.93 52.39 11.63
CA MET D 267 -35.33 53.19 10.57
CA MET D 267 -35.35 53.21 10.59
C MET D 267 -36.21 53.14 9.31
N VAL D 268 -37.04 52.10 9.18
CA VAL D 268 -37.74 51.93 7.91
C VAL D 268 -39.26 52.05 8.05
N VAL D 269 -39.78 52.07 9.28
CA VAL D 269 -41.22 52.14 9.51
C VAL D 269 -41.78 53.38 8.79
N PRO D 270 -42.83 53.23 7.96
CA PRO D 270 -43.37 54.36 7.20
C PRO D 270 -44.30 55.35 7.90
N PHE D 271 -44.90 54.91 9.03
CA PHE D 271 -45.89 55.72 9.72
C PHE D 271 -45.56 55.79 11.21
N PRO D 272 -44.44 56.47 11.56
CA PRO D 272 -43.86 56.39 12.92
C PRO D 272 -44.69 57.12 13.98
N ASP D 273 -45.71 57.85 13.54
CA ASP D 273 -46.67 58.48 14.47
C ASP D 273 -47.65 57.47 15.06
N LYS D 274 -47.78 56.26 14.46
CA LYS D 274 -48.72 55.24 14.91
C LYS D 274 -48.10 54.52 16.10
N PRO D 275 -48.83 53.62 16.81
CA PRO D 275 -48.30 52.93 17.98
C PRO D 275 -47.03 52.14 17.67
N ASN D 276 -46.10 52.21 18.62
CA ASN D 276 -44.79 51.57 18.51
C ASN D 276 -44.92 50.06 18.74
N LEU D 277 -44.76 49.27 17.66
CA LEU D 277 -45.02 47.84 17.74
C LEU D 277 -43.83 47.07 18.32
N ASP D 278 -42.76 47.80 18.70
CA ASP D 278 -41.70 47.21 19.51
C ASP D 278 -41.94 47.45 21.00
N VAL D 279 -42.44 46.38 21.66
CA VAL D 279 -42.87 46.50 23.04
C VAL D 279 -41.71 46.35 24.04
N THR D 280 -40.45 46.24 23.57
CA THR D 280 -39.36 45.98 24.52
C THR D 280 -39.36 46.99 25.69
N SER D 281 -39.46 48.29 25.41
CA SER D 281 -39.30 49.23 26.51
C SER D 281 -40.44 49.10 27.51
N THR D 282 -41.63 48.67 27.03
CA THR D 282 -42.73 48.39 27.94
C THR D 282 -42.44 47.20 28.85
N MET D 283 -41.81 46.15 28.28
CA MET D 283 -41.47 44.98 29.10
C MET D 283 -40.49 45.38 30.21
N LEU D 284 -39.50 46.23 29.90
CA LEU D 284 -38.52 46.71 30.88
C LEU D 284 -39.17 47.59 31.95
N GLN D 285 -40.09 48.47 31.52
CA GLN D 285 -40.82 49.31 32.46
C GLN D 285 -41.67 48.51 33.45
N GLN D 286 -42.32 47.40 33.02
CA GLN D 286 -43.19 46.65 33.91
C GLN D 286 -42.41 45.64 34.74
N GLY D 287 -41.12 45.49 34.43
CA GLY D 287 -40.23 44.70 35.27
C GLY D 287 -40.23 43.20 34.94
N TRP D 288 -40.54 42.87 33.69
CA TRP D 288 -40.48 41.50 33.20
C TRP D 288 -39.07 40.96 33.43
N GLN D 289 -38.95 39.71 33.89
CA GLN D 289 -37.70 38.95 33.85
C GLN D 289 -37.87 37.67 33.04
N ALA D 290 -36.81 36.87 32.95
CA ALA D 290 -36.84 35.66 32.09
C ALA D 290 -37.94 34.68 32.53
N THR D 291 -38.10 34.53 33.84
N THR D 291 -38.00 34.46 33.85
CA THR D 291 -39.03 33.56 34.40
CA THR D 291 -39.01 33.65 34.52
C THR D 291 -40.50 33.95 34.08
C THR D 291 -40.41 33.98 33.97
N HIS D 292 -40.80 35.25 34.08
CA HIS D 292 -42.08 35.77 33.66
C HIS D 292 -42.34 35.49 32.18
N MET D 293 -41.28 35.58 31.35
CA MET D 293 -41.46 35.33 29.93
C MET D 293 -41.81 33.85 29.71
N PHE D 294 -41.14 32.93 30.45
CA PHE D 294 -41.43 31.49 30.35
C PHE D 294 -42.86 31.20 30.83
N ARG D 295 -43.31 31.86 31.88
CA ARG D 295 -44.66 31.60 32.43
C ARG D 295 -45.77 32.09 31.47
N VAL D 296 -45.58 33.27 30.85
CA VAL D 296 -46.53 33.78 29.86
C VAL D 296 -46.58 32.84 28.66
N ALA D 297 -45.41 32.35 28.19
CA ALA D 297 -45.41 31.33 27.11
C ALA D 297 -46.17 30.06 27.54
N GLU D 298 -45.87 29.58 28.74
CA GLU D 298 -46.55 28.38 29.21
C GLU D 298 -48.08 28.54 29.22
N GLU D 299 -48.59 29.72 29.60
CA GLU D 299 -50.02 29.87 29.76
C GLU D 299 -50.72 29.89 28.39
N PHE D 300 -50.02 30.32 27.32
CA PHE D 300 -50.57 30.21 25.97
C PHE D 300 -50.82 28.73 25.62
N PHE D 301 -49.86 27.85 25.93
CA PHE D 301 -49.98 26.42 25.64
C PHE D 301 -51.14 25.82 26.45
N THR D 302 -51.27 26.18 27.74
CA THR D 302 -52.38 25.61 28.51
C THR D 302 -53.74 26.18 28.06
N SER D 303 -53.77 27.39 27.46
CA SER D 303 -55.05 27.94 26.98
C SER D 303 -55.62 27.06 25.86
N LEU D 304 -54.71 26.38 25.17
CA LEU D 304 -55.00 25.47 24.07
C LEU D 304 -55.29 24.06 24.61
N GLU D 305 -55.30 23.88 25.93
CA GLU D 305 -55.39 22.56 26.56
C GLU D 305 -54.21 21.66 26.20
N LEU D 306 -53.03 22.23 25.95
CA LEU D 306 -51.78 21.46 25.89
C LEU D 306 -51.18 21.43 27.31
N SER D 307 -50.02 20.77 27.52
CA SER D 307 -49.51 20.52 28.87
C SER D 307 -48.74 21.69 29.45
N PRO D 308 -48.79 21.90 30.79
CA PRO D 308 -47.87 22.81 31.45
C PRO D 308 -46.49 22.17 31.58
N MET D 309 -45.49 23.00 31.96
CA MET D 309 -44.15 22.48 32.22
C MET D 309 -44.13 21.73 33.55
N PRO D 310 -43.53 20.52 33.64
CA PRO D 310 -43.45 19.81 34.93
C PRO D 310 -42.44 20.44 35.89
N PRO D 311 -42.49 20.11 37.19
CA PRO D 311 -41.56 20.69 38.18
C PRO D 311 -40.09 20.46 37.84
N GLU D 312 -39.79 19.30 37.20
CA GLU D 312 -38.43 18.97 36.78
C GLU D 312 -37.89 20.00 35.78
N PHE D 313 -38.76 20.61 34.96
CA PHE D 313 -38.36 21.66 34.02
C PHE D 313 -37.93 22.92 34.78
N TRP D 314 -38.77 23.42 35.71
CA TRP D 314 -38.41 24.60 36.51
C TRP D 314 -37.16 24.39 37.37
N GLU D 315 -37.05 23.20 37.99
N GLU D 315 -37.01 23.21 37.98
CA GLU D 315 -35.97 22.80 38.89
CA GLU D 315 -35.89 23.05 38.90
C GLU D 315 -34.63 22.75 38.14
C GLU D 315 -34.58 22.76 38.13
N GLY D 316 -34.65 22.23 36.92
CA GLY D 316 -33.41 21.88 36.20
C GLY D 316 -32.90 22.87 35.15
N SER D 317 -33.79 23.71 34.61
CA SER D 317 -33.47 24.52 33.42
C SER D 317 -32.43 25.58 33.72
N MET D 318 -31.76 26.08 32.68
CA MET D 318 -30.91 27.27 32.84
C MET D 318 -31.55 28.36 31.98
N LEU D 319 -32.26 29.30 32.65
CA LEU D 319 -33.08 30.33 31.96
C LEU D 319 -32.36 31.69 31.85
N GLU D 320 -31.17 31.85 32.42
CA GLU D 320 -30.37 33.08 32.27
C GLU D 320 -28.89 32.72 32.17
N LYS D 321 -28.10 33.54 31.45
CA LYS D 321 -26.65 33.32 31.37
C LYS D 321 -26.02 33.38 32.78
N PRO D 322 -25.20 32.40 33.25
CA PRO D 322 -24.68 32.43 34.62
C PRO D 322 -23.80 33.64 34.89
N ALA D 323 -23.92 34.20 36.09
CA ALA D 323 -23.18 35.40 36.47
C ALA D 323 -21.89 35.04 37.22
N ASP D 324 -21.63 33.75 37.42
CA ASP D 324 -20.47 33.28 38.16
C ASP D 324 -19.24 33.26 37.25
N GLY D 325 -19.38 33.70 35.99
CA GLY D 325 -18.22 33.63 35.11
C GLY D 325 -18.21 32.42 34.17
N ARG D 326 -18.65 31.22 34.61
CA ARG D 326 -18.68 30.00 33.80
C ARG D 326 -18.79 30.34 32.32
N GLU D 327 -18.13 29.56 31.44
CA GLU D 327 -18.42 29.56 30.02
C GLU D 327 -19.56 28.58 29.77
N VAL D 328 -20.52 29.00 28.90
CA VAL D 328 -21.65 28.16 28.51
C VAL D 328 -21.89 28.33 27.01
N VAL D 329 -22.63 27.36 26.42
CA VAL D 329 -23.21 27.57 25.09
C VAL D 329 -24.46 28.42 25.30
N CYS D 330 -24.45 29.67 24.81
CA CYS D 330 -25.62 30.52 24.94
C CYS D 330 -26.70 30.27 23.90
N HIS D 331 -26.33 29.82 22.67
CA HIS D 331 -27.35 29.57 21.66
C HIS D 331 -28.45 28.63 22.23
N ALA D 332 -29.74 29.03 22.10
CA ALA D 332 -30.77 28.36 22.92
C ALA D 332 -31.03 26.91 22.44
N SER D 333 -31.50 26.03 23.36
CA SER D 333 -31.79 24.65 22.99
C SER D 333 -32.70 24.02 24.07
N ALA D 334 -33.43 22.99 23.66
CA ALA D 334 -34.44 22.26 24.51
C ALA D 334 -34.04 20.78 24.54
N TRP D 335 -34.12 20.14 25.71
CA TRP D 335 -33.44 18.88 26.03
C TRP D 335 -34.46 17.81 26.47
N ASP D 336 -34.47 16.65 25.79
CA ASP D 336 -35.22 15.48 26.19
C ASP D 336 -34.20 14.45 26.72
N PHE D 337 -34.37 14.03 27.98
CA PHE D 337 -33.45 13.10 28.62
C PHE D 337 -33.80 11.64 28.36
N TYR D 338 -34.89 11.38 27.59
CA TYR D 338 -35.31 10.03 27.19
C TYR D 338 -35.72 9.20 28.41
N ASN D 339 -36.02 9.85 29.55
CA ASN D 339 -36.48 9.11 30.71
C ASN D 339 -37.97 9.38 31.00
N ARG D 340 -38.67 10.08 30.09
CA ARG D 340 -40.08 10.44 30.25
C ARG D 340 -40.37 11.38 31.45
N LYS D 341 -39.33 11.96 32.09
CA LYS D 341 -39.49 12.74 33.32
C LYS D 341 -38.74 14.08 33.28
N ASP D 342 -37.47 14.07 32.85
CA ASP D 342 -36.67 15.28 32.77
C ASP D 342 -36.69 15.88 31.37
N PHE D 343 -36.98 17.19 31.24
CA PHE D 343 -37.07 17.99 30.04
C PHE D 343 -36.65 19.40 30.49
N ARG D 344 -35.71 20.05 29.76
CA ARG D 344 -35.13 21.34 30.18
C ARG D 344 -34.88 22.27 29.00
N ILE D 345 -34.89 23.59 29.27
CA ILE D 345 -34.32 24.54 28.31
C ILE D 345 -33.04 25.17 28.86
N LYS D 346 -32.07 25.47 27.97
CA LYS D 346 -30.86 26.23 28.25
C LYS D 346 -30.87 27.44 27.31
N GLN D 347 -31.18 28.63 27.86
CA GLN D 347 -31.27 29.85 27.07
C GLN D 347 -30.63 31.00 27.90
N CYS D 348 -29.80 31.84 27.25
CA CYS D 348 -29.22 33.03 27.91
C CYS D 348 -30.21 34.20 27.77
N THR D 349 -31.42 34.05 28.37
CA THR D 349 -32.57 34.92 28.11
C THR D 349 -32.27 36.39 28.38
N ARG D 350 -32.71 37.23 27.41
CA ARG D 350 -32.64 38.69 27.57
C ARG D 350 -34.07 39.23 27.46
N VAL D 351 -34.35 40.34 28.16
CA VAL D 351 -35.71 40.89 28.20
C VAL D 351 -35.98 41.79 26.99
N THR D 352 -36.41 41.20 25.88
CA THR D 352 -36.69 41.92 24.64
C THR D 352 -37.86 41.23 23.92
N MET D 353 -38.53 41.94 23.01
CA MET D 353 -39.64 41.35 22.26
C MET D 353 -39.17 40.20 21.37
N ASP D 354 -38.00 40.31 20.73
CA ASP D 354 -37.60 39.16 19.90
C ASP D 354 -37.25 37.92 20.76
N GLN D 355 -36.75 38.15 21.98
CA GLN D 355 -36.48 37.04 22.90
C GLN D 355 -37.77 36.38 23.42
N LEU D 356 -38.89 37.12 23.47
CA LEU D 356 -40.14 36.50 23.86
C LEU D 356 -40.56 35.50 22.79
N SER D 357 -40.34 35.81 21.49
N SER D 357 -40.32 35.86 21.52
CA SER D 357 -40.56 34.83 20.44
CA SER D 357 -40.50 34.93 20.42
C SER D 357 -39.61 33.63 20.61
C SER D 357 -39.63 33.70 20.62
N THR D 358 -38.33 33.88 20.93
CA THR D 358 -37.42 32.75 21.08
C THR D 358 -37.90 31.79 22.21
N VAL D 359 -38.36 32.35 23.34
CA VAL D 359 -38.91 31.54 24.44
C VAL D 359 -40.05 30.65 23.92
N HIS D 360 -40.99 31.21 23.16
CA HIS D 360 -42.03 30.39 22.50
C HIS D 360 -41.45 29.28 21.59
N HIS D 361 -40.43 29.62 20.79
CA HIS D 361 -39.74 28.68 19.90
C HIS D 361 -39.26 27.47 20.70
N GLU D 362 -38.51 27.70 21.78
CA GLU D 362 -37.97 26.58 22.55
C GLU D 362 -39.05 25.82 23.31
N MET D 363 -40.07 26.53 23.82
N MET D 363 -40.05 26.55 23.82
CA MET D 363 -41.12 25.82 24.53
CA MET D 363 -41.17 25.91 24.51
C MET D 363 -42.01 24.98 23.58
C MET D 363 -41.98 24.99 23.58
N GLY D 364 -42.10 25.36 22.29
CA GLY D 364 -42.70 24.48 21.27
C GLY D 364 -41.97 23.12 21.21
N HIS D 365 -40.62 23.16 21.23
CA HIS D 365 -39.86 21.90 21.24
C HIS D 365 -40.18 21.05 22.47
N ILE D 366 -40.19 21.65 23.69
CA ILE D 366 -40.57 20.93 24.93
C ILE D 366 -41.97 20.32 24.81
N GLN D 367 -42.95 21.10 24.32
CA GLN D 367 -44.30 20.55 24.21
C GLN D 367 -44.33 19.29 23.32
N TYR D 368 -43.59 19.32 22.18
CA TYR D 368 -43.49 18.12 21.33
C TYR D 368 -43.02 16.94 22.18
N TYR D 369 -41.91 17.11 22.97
CA TYR D 369 -41.35 16.03 23.79
C TYR D 369 -42.40 15.51 24.79
N LEU D 370 -43.17 16.44 25.41
CA LEU D 370 -44.18 16.00 26.41
C LEU D 370 -45.24 15.14 25.75
N GLN D 371 -45.63 15.48 24.53
CA GLN D 371 -46.75 14.82 23.86
C GLN D 371 -46.38 13.44 23.28
N TYR D 372 -45.11 13.24 22.85
CA TYR D 372 -44.74 11.95 22.24
C TYR D 372 -43.91 11.08 23.20
N LYS D 373 -43.87 11.40 24.51
CA LYS D 373 -42.96 10.71 25.45
C LYS D 373 -43.27 9.20 25.58
N ASP D 374 -44.49 8.75 25.24
CA ASP D 374 -44.81 7.33 25.38
C ASP D 374 -44.57 6.50 24.13
N LEU D 375 -44.07 7.11 23.03
CA LEU D 375 -43.75 6.35 21.82
C LEU D 375 -42.45 5.57 22.05
N PRO D 376 -42.15 4.48 21.26
CA PRO D 376 -40.81 3.87 21.24
C PRO D 376 -39.77 4.97 20.98
N VAL D 377 -38.58 4.87 21.63
CA VAL D 377 -37.60 5.93 21.59
C VAL D 377 -37.25 6.31 20.15
N SER D 378 -37.18 5.34 19.21
CA SER D 378 -36.82 5.67 17.82
C SER D 378 -37.78 6.63 17.15
N LEU D 379 -39.02 6.73 17.67
CA LEU D 379 -40.07 7.54 17.04
C LEU D 379 -40.30 8.87 17.81
N ARG D 380 -39.47 9.16 18.84
CA ARG D 380 -39.52 10.44 19.56
C ARG D 380 -38.75 11.54 18.80
N ARG D 381 -39.35 12.00 17.69
CA ARG D 381 -38.81 13.06 16.84
C ARG D 381 -39.97 13.72 16.11
N GLY D 382 -39.68 14.77 15.34
CA GLY D 382 -40.78 15.45 14.65
C GLY D 382 -41.22 14.59 13.44
N ALA D 383 -42.35 14.91 12.79
CA ALA D 383 -42.70 14.15 11.60
C ALA D 383 -41.62 14.34 10.52
N ASN D 384 -41.06 15.56 10.50
CA ASN D 384 -39.74 15.82 9.92
C ASN D 384 -39.11 16.97 10.74
N PRO D 385 -37.80 17.26 10.59
CA PRO D 385 -37.15 18.27 11.44
C PRO D 385 -37.77 19.64 11.33
N GLY D 386 -38.32 19.97 10.17
CA GLY D 386 -39.00 21.26 9.97
C GLY D 386 -40.26 21.39 10.84
N PHE D 387 -41.00 20.28 11.02
CA PHE D 387 -42.13 20.29 11.95
C PHE D 387 -41.65 20.72 13.35
N HIS D 388 -40.55 20.13 13.87
CA HIS D 388 -40.08 20.48 15.22
C HIS D 388 -39.78 21.98 15.33
N GLU D 389 -39.09 22.54 14.32
CA GLU D 389 -38.77 23.98 14.41
C GLU D 389 -39.99 24.91 14.29
N ALA D 390 -41.13 24.43 13.76
CA ALA D 390 -42.26 25.31 13.43
C ALA D 390 -43.23 25.50 14.63
N ILE D 391 -43.30 24.55 15.58
CA ILE D 391 -44.40 24.50 16.56
C ILE D 391 -44.48 25.83 17.35
N GLY D 392 -43.36 26.26 17.98
CA GLY D 392 -43.46 27.43 18.84
C GLY D 392 -43.60 28.74 18.05
N ASP D 393 -43.01 28.73 16.83
CA ASP D 393 -43.14 29.87 15.91
C ASP D 393 -44.64 30.13 15.63
N VAL D 394 -45.43 29.06 15.46
CA VAL D 394 -46.87 29.21 15.17
C VAL D 394 -47.52 30.04 16.29
N LEU D 395 -47.26 29.64 17.53
CA LEU D 395 -47.91 30.35 18.63
C LEU D 395 -47.41 31.79 18.64
N ALA D 396 -46.10 32.00 18.35
CA ALA D 396 -45.57 33.37 18.38
C ALA D 396 -46.22 34.31 17.35
N LEU D 397 -46.72 33.77 16.22
CA LEU D 397 -47.45 34.57 15.26
C LEU D 397 -48.72 35.19 15.89
N SER D 398 -49.42 34.39 16.71
CA SER D 398 -50.58 34.98 17.40
C SER D 398 -50.17 35.99 18.47
N VAL D 399 -49.10 35.70 19.21
CA VAL D 399 -48.68 36.56 20.31
C VAL D 399 -48.32 37.97 19.81
N SER D 400 -47.68 38.08 18.63
N SER D 400 -47.68 38.05 18.62
CA SER D 400 -47.18 39.34 18.10
CA SER D 400 -47.17 39.27 18.01
C SER D 400 -48.28 40.27 17.59
C SER D 400 -48.26 40.23 17.55
N THR D 401 -49.51 39.77 17.37
CA THR D 401 -50.56 40.62 16.81
C THR D 401 -50.87 41.78 17.77
N PRO D 402 -51.13 43.02 17.26
CA PRO D 402 -51.45 44.14 18.16
C PRO D 402 -52.58 43.81 19.14
N GLU D 403 -53.51 42.98 18.69
CA GLU D 403 -54.62 42.66 19.54
C GLU D 403 -54.23 41.75 20.71
N HIS D 404 -53.35 40.76 20.47
CA HIS D 404 -52.93 39.88 21.55
C HIS D 404 -52.04 40.68 22.53
N LEU D 405 -51.09 41.48 22.00
CA LEU D 405 -50.27 42.35 22.83
C LEU D 405 -51.15 43.21 23.74
N HIS D 406 -52.29 43.67 23.22
CA HIS D 406 -53.17 44.45 24.07
C HIS D 406 -53.75 43.61 25.22
N LYS D 407 -54.19 42.37 24.94
CA LYS D 407 -54.75 41.53 25.99
C LYS D 407 -53.72 41.23 27.09
N ILE D 408 -52.40 41.26 26.77
CA ILE D 408 -51.41 40.90 27.78
C ILE D 408 -50.72 42.15 28.38
N GLY D 409 -51.29 43.34 28.15
CA GLY D 409 -50.87 44.58 28.79
C GLY D 409 -49.60 45.22 28.23
N LEU D 410 -49.23 44.85 26.99
CA LEU D 410 -47.98 45.29 26.36
C LEU D 410 -48.22 46.37 25.30
N LEU D 411 -49.49 46.71 24.99
CA LEU D 411 -49.80 47.69 23.95
C LEU D 411 -51.16 48.36 24.21
N ASP D 412 -51.11 49.62 24.65
CA ASP D 412 -52.27 50.33 25.17
C ASP D 412 -53.16 50.93 24.08
N ARG D 413 -52.57 51.78 23.21
CA ARG D 413 -53.26 52.31 22.04
C ARG D 413 -53.71 51.14 21.16
N VAL D 414 -55.03 51.02 20.95
CA VAL D 414 -55.58 50.22 19.87
C VAL D 414 -55.80 51.18 18.68
N THR D 415 -55.26 50.82 17.50
CA THR D 415 -55.62 51.49 16.25
C THR D 415 -56.06 50.40 15.28
N ASN D 416 -56.91 50.71 14.30
CA ASN D 416 -57.23 49.71 13.29
C ASN D 416 -57.49 50.36 11.93
N ASP D 417 -56.42 50.81 11.29
CA ASP D 417 -56.49 51.53 10.03
C ASP D 417 -55.43 50.96 9.09
N THR D 418 -55.51 51.33 7.81
CA THR D 418 -54.57 50.97 6.74
C THR D 418 -53.11 51.18 7.17
N GLU D 419 -52.80 52.34 7.75
CA GLU D 419 -51.40 52.61 8.07
C GLU D 419 -50.85 51.60 9.08
N SER D 420 -51.66 51.30 10.11
CA SER D 420 -51.25 50.42 11.19
C SER D 420 -50.99 49.01 10.66
N ASP D 421 -51.88 48.57 9.75
CA ASP D 421 -51.74 47.31 9.04
C ASP D 421 -50.42 47.18 8.30
N ILE D 422 -50.04 48.21 7.54
CA ILE D 422 -48.81 48.21 6.78
C ILE D 422 -47.61 48.17 7.75
N ASN D 423 -47.68 48.98 8.82
CA ASN D 423 -46.58 48.96 9.79
C ASN D 423 -46.35 47.54 10.35
N TYR D 424 -47.45 46.85 10.77
CA TYR D 424 -47.41 45.53 11.38
C TYR D 424 -46.82 44.51 10.41
N LEU D 425 -47.40 44.46 9.20
CA LEU D 425 -46.94 43.48 8.21
C LEU D 425 -45.52 43.74 7.71
N LEU D 426 -45.11 45.01 7.62
CA LEU D 426 -43.70 45.32 7.39
C LEU D 426 -42.82 44.75 8.50
N LYS D 427 -43.24 44.92 9.76
CA LYS D 427 -42.41 44.42 10.86
C LYS D 427 -42.31 42.89 10.77
N MET D 428 -43.43 42.19 10.54
CA MET D 428 -43.37 40.74 10.34
C MET D 428 -42.55 40.35 9.09
N ALA D 429 -42.64 41.12 7.99
CA ALA D 429 -41.84 40.79 6.81
C ALA D 429 -40.34 40.93 7.10
N LEU D 430 -39.91 41.92 7.89
CA LEU D 430 -38.48 42.01 8.22
C LEU D 430 -37.98 40.75 8.96
N GLU D 431 -38.87 40.12 9.75
CA GLU D 431 -38.55 38.93 10.57
C GLU D 431 -38.62 37.62 9.77
N LYS D 432 -39.63 37.51 8.88
CA LYS D 432 -39.92 36.24 8.20
C LYS D 432 -39.46 36.20 6.72
N ILE D 433 -39.77 37.23 5.90
N ILE D 433 -39.77 37.24 5.92
CA ILE D 433 -39.40 37.20 4.49
CA ILE D 433 -39.44 37.23 4.50
C ILE D 433 -37.90 37.40 4.29
C ILE D 433 -37.92 37.43 4.29
N ALA D 434 -37.29 38.33 5.06
CA ALA D 434 -35.85 38.55 4.96
C ALA D 434 -35.06 37.26 5.19
N PHE D 435 -35.62 36.35 5.99
CA PHE D 435 -34.90 35.13 6.39
C PHE D 435 -34.82 34.11 5.25
N LEU D 436 -35.85 34.09 4.35
CA LEU D 436 -36.01 32.99 3.41
C LEU D 436 -34.74 32.73 2.59
N PRO D 437 -34.06 33.73 1.96
CA PRO D 437 -32.82 33.39 1.22
C PRO D 437 -31.72 32.74 2.08
N PHE D 438 -31.60 33.13 3.35
CA PHE D 438 -30.56 32.59 4.23
C PHE D 438 -30.95 31.16 4.62
N GLY D 439 -32.22 30.96 5.05
CA GLY D 439 -32.70 29.59 5.33
C GLY D 439 -32.45 28.61 4.17
N TYR D 440 -32.52 29.10 2.92
CA TYR D 440 -32.35 28.22 1.76
C TYR D 440 -30.84 28.01 1.46
N LEU D 441 -29.99 29.04 1.64
CA LEU D 441 -28.59 28.94 1.18
C LEU D 441 -27.64 28.12 2.07
N VAL D 442 -27.86 28.06 3.41
CA VAL D 442 -26.81 27.52 4.27
C VAL D 442 -26.52 26.06 3.91
N ASP D 443 -27.59 25.26 3.78
CA ASP D 443 -27.35 23.87 3.41
C ASP D 443 -26.95 23.70 1.94
N GLN D 444 -27.25 24.67 1.06
CA GLN D 444 -26.66 24.57 -0.28
C GLN D 444 -25.13 24.65 -0.15
N TRP D 445 -24.63 25.52 0.72
CA TRP D 445 -23.17 25.58 0.90
C TRP D 445 -22.70 24.24 1.48
N ARG D 446 -23.31 23.80 2.59
CA ARG D 446 -22.83 22.57 3.24
C ARG D 446 -22.97 21.28 2.41
N TRP D 447 -24.04 21.14 1.60
CA TRP D 447 -24.18 19.96 0.75
C TRP D 447 -23.02 19.92 -0.26
N GLY D 448 -22.62 21.10 -0.76
CA GLY D 448 -21.48 21.14 -1.69
C GLY D 448 -20.14 20.79 -1.01
N VAL D 449 -19.98 21.18 0.26
CA VAL D 449 -18.77 20.75 1.01
C VAL D 449 -18.78 19.23 1.22
N PHE D 450 -19.93 18.68 1.62
CA PHE D 450 -20.00 17.22 1.84
C PHE D 450 -19.80 16.43 0.54
N SER D 451 -20.32 16.93 -0.60
CA SER D 451 -20.14 16.20 -1.84
C SER D 451 -18.74 16.32 -2.44
N GLY D 452 -17.89 17.26 -1.98
CA GLY D 452 -16.58 17.55 -2.57
C GLY D 452 -16.63 18.59 -3.70
N ARG D 453 -17.85 19.05 -4.06
CA ARG D 453 -17.92 20.18 -5.01
C ARG D 453 -17.17 21.43 -4.52
N THR D 454 -17.15 21.67 -3.20
CA THR D 454 -16.51 22.82 -2.58
C THR D 454 -15.40 22.30 -1.66
N PRO D 455 -14.13 22.19 -2.13
CA PRO D 455 -13.03 21.79 -1.24
C PRO D 455 -12.63 22.94 -0.32
N PRO D 456 -11.79 22.67 0.70
CA PRO D 456 -11.28 23.73 1.58
C PRO D 456 -10.75 24.96 0.82
N SER D 457 -10.13 24.78 -0.36
CA SER D 457 -9.57 25.95 -1.08
C SER D 457 -10.63 26.93 -1.63
N ARG D 458 -11.91 26.55 -1.54
CA ARG D 458 -13.00 27.42 -1.96
C ARG D 458 -14.09 27.55 -0.88
N TYR D 459 -13.83 27.19 0.41
CA TYR D 459 -14.89 27.41 1.41
C TYR D 459 -15.48 28.84 1.40
N ASN D 460 -14.63 29.87 1.39
CA ASN D 460 -15.09 31.25 1.52
C ASN D 460 -15.63 31.81 0.20
N PHE D 461 -14.89 31.58 -0.89
CA PHE D 461 -15.35 31.92 -2.25
C PHE D 461 -16.79 31.44 -2.51
N ASP D 462 -17.09 30.15 -2.20
CA ASP D 462 -18.40 29.58 -2.47
C ASP D 462 -19.47 30.08 -1.46
N TRP D 463 -19.06 30.36 -0.20
CA TRP D 463 -20.00 30.93 0.78
C TRP D 463 -20.48 32.30 0.27
N TRP D 464 -19.54 33.18 -0.14
CA TRP D 464 -19.84 34.52 -0.59
C TRP D 464 -20.59 34.54 -1.93
N TYR D 465 -20.26 33.59 -2.87
CA TYR D 465 -21.10 33.37 -4.06
C TYR D 465 -22.58 33.21 -3.66
N LEU D 466 -22.89 32.32 -2.68
CA LEU D 466 -24.27 32.03 -2.29
C LEU D 466 -24.91 33.18 -1.51
N ARG D 467 -24.16 33.82 -0.59
CA ARG D 467 -24.61 34.99 0.13
C ARG D 467 -25.07 36.08 -0.86
N THR D 468 -24.21 36.42 -1.84
CA THR D 468 -24.58 37.43 -2.85
C THR D 468 -25.76 36.95 -3.71
N LYS D 469 -25.68 35.68 -4.25
CA LYS D 469 -26.72 35.15 -5.14
C LYS D 469 -28.12 35.31 -4.51
N TYR D 470 -28.25 34.89 -3.23
CA TYR D 470 -29.59 34.79 -2.64
C TYR D 470 -29.95 36.05 -1.81
N GLN D 471 -29.07 36.48 -0.90
CA GLN D 471 -29.43 37.57 0.00
C GLN D 471 -29.10 38.94 -0.62
N GLY D 472 -28.27 39.00 -1.69
CA GLY D 472 -27.95 40.34 -2.19
C GLY D 472 -27.18 41.21 -1.20
N ILE D 473 -26.21 40.57 -0.49
CA ILE D 473 -25.35 41.31 0.44
C ILE D 473 -23.88 41.10 0.04
N CYS D 474 -22.96 41.96 0.52
CA CYS D 474 -21.54 41.85 0.25
C CYS D 474 -20.80 42.08 1.59
N PRO D 475 -19.58 41.49 1.77
CA PRO D 475 -18.81 41.75 2.98
C PRO D 475 -18.28 43.18 3.01
N PRO D 476 -18.35 43.87 4.18
CA PRO D 476 -17.91 45.28 4.25
C PRO D 476 -16.39 45.53 4.31
N VAL D 477 -15.61 44.44 4.41
CA VAL D 477 -14.15 44.46 4.32
C VAL D 477 -13.75 43.31 3.40
N THR D 478 -12.58 43.45 2.75
CA THR D 478 -12.18 42.37 1.84
C THR D 478 -11.97 41.06 2.61
N ARG D 479 -12.42 39.92 2.01
CA ARG D 479 -12.28 38.59 2.59
C ARG D 479 -11.43 37.75 1.63
N ASN D 480 -10.70 36.75 2.15
CA ASN D 480 -9.95 35.82 1.31
C ASN D 480 -10.06 34.40 1.90
N GLU D 481 -9.29 33.43 1.40
CA GLU D 481 -9.41 32.05 1.89
C GLU D 481 -8.71 31.74 3.23
N THR D 482 -8.01 32.69 3.85
CA THR D 482 -7.66 32.59 5.27
C THR D 482 -8.90 32.65 6.16
N HIS D 483 -9.87 33.50 5.77
CA HIS D 483 -11.20 33.59 6.39
C HIS D 483 -12.06 32.35 6.15
N PHE D 484 -12.94 32.04 7.14
CA PHE D 484 -13.89 30.95 7.09
C PHE D 484 -15.19 31.48 7.70
N ASP D 485 -15.85 32.33 6.95
CA ASP D 485 -17.04 33.06 7.40
C ASP D 485 -18.23 32.14 7.70
N ALA D 486 -18.37 30.99 7.00
CA ALA D 486 -19.43 30.04 7.36
C ALA D 486 -19.23 29.57 8.83
N GLY D 487 -17.99 29.42 9.27
CA GLY D 487 -17.72 28.87 10.60
C GLY D 487 -18.13 29.83 11.73
N ALA D 488 -18.39 31.10 11.40
CA ALA D 488 -18.88 32.11 12.35
C ALA D 488 -20.41 32.11 12.56
N LYS D 489 -21.10 31.07 12.03
CA LYS D 489 -22.54 30.87 12.28
C LYS D 489 -22.72 29.58 13.10
N PHE D 490 -23.51 29.64 14.21
CA PHE D 490 -23.57 28.58 15.22
C PHE D 490 -23.71 27.17 14.62
N HIS D 491 -24.64 27.02 13.67
CA HIS D 491 -25.02 25.67 13.23
C HIS D 491 -23.89 24.94 12.48
N VAL D 492 -22.86 25.66 12.00
CA VAL D 492 -21.79 25.03 11.25
C VAL D 492 -20.83 24.25 12.19
N PRO D 493 -20.14 24.90 13.14
CA PRO D 493 -19.30 24.14 14.12
C PRO D 493 -20.12 23.22 15.04
N ASN D 494 -21.44 23.52 15.26
CA ASN D 494 -22.23 22.68 16.16
C ASN D 494 -22.98 21.60 15.36
N VAL D 495 -22.70 21.44 14.04
CA VAL D 495 -23.19 20.30 13.25
C VAL D 495 -24.71 20.16 13.40
N THR D 496 -25.44 21.30 13.31
CA THR D 496 -26.90 21.29 13.27
C THR D 496 -27.34 21.56 11.83
N PRO D 497 -28.11 20.68 11.15
CA PRO D 497 -28.64 20.95 9.82
C PRO D 497 -29.53 22.19 9.75
N TYR D 498 -29.64 22.82 8.54
CA TYR D 498 -30.29 24.14 8.44
C TYR D 498 -31.55 24.14 7.54
N ILE D 499 -31.66 23.21 6.55
CA ILE D 499 -32.79 23.33 5.63
C ILE D 499 -34.14 23.20 6.36
N ARG D 500 -34.12 22.56 7.55
CA ARG D 500 -35.28 22.56 8.47
C ARG D 500 -35.87 23.97 8.69
N TYR D 501 -35.05 25.02 8.67
CA TYR D 501 -35.58 26.37 8.96
C TYR D 501 -36.32 26.93 7.73
N PHE D 502 -35.82 26.63 6.52
CA PHE D 502 -36.55 27.07 5.32
C PHE D 502 -37.92 26.36 5.28
N VAL D 503 -37.91 25.03 5.52
CA VAL D 503 -39.14 24.25 5.59
C VAL D 503 -40.09 24.83 6.67
N SER D 504 -39.56 25.10 7.87
N SER D 504 -39.55 25.12 7.85
CA SER D 504 -40.34 25.65 8.98
CA SER D 504 -40.38 25.59 8.94
C SER D 504 -41.00 26.98 8.64
C SER D 504 -40.97 26.98 8.68
N PHE D 505 -40.26 27.86 7.96
CA PHE D 505 -40.80 29.22 7.72
C PHE D 505 -41.99 29.15 6.74
N VAL D 506 -42.01 28.11 5.84
CA VAL D 506 -43.12 27.93 4.92
C VAL D 506 -44.26 27.26 5.68
N LEU D 507 -43.96 26.15 6.38
CA LEU D 507 -44.92 25.30 7.06
C LEU D 507 -45.67 26.11 8.16
N GLN D 508 -45.00 27.04 8.83
CA GLN D 508 -45.65 27.69 9.97
C GLN D 508 -46.87 28.52 9.52
N PHE D 509 -46.81 29.07 8.30
CA PHE D 509 -47.96 29.79 7.75
C PHE D 509 -49.07 28.85 7.35
N GLN D 510 -48.73 27.64 6.83
CA GLN D 510 -49.73 26.63 6.54
C GLN D 510 -50.45 26.20 7.82
N PHE D 511 -49.67 25.97 8.89
CA PHE D 511 -50.24 25.61 10.19
C PHE D 511 -51.17 26.71 10.72
N HIS D 512 -50.69 27.95 10.67
CA HIS D 512 -51.45 29.10 11.19
C HIS D 512 -52.80 29.21 10.50
N GLU D 513 -52.77 29.07 9.16
CA GLU D 513 -54.00 29.19 8.41
C GLU D 513 -55.01 28.13 8.87
N ALA D 514 -54.54 26.89 9.02
CA ALA D 514 -55.40 25.74 9.34
C ALA D 514 -55.96 25.86 10.76
N LEU D 515 -55.12 26.35 11.71
CA LEU D 515 -55.50 26.49 13.11
C LEU D 515 -56.52 27.63 13.27
N CYS D 516 -56.34 28.72 12.50
CA CYS D 516 -57.26 29.85 12.53
C CYS D 516 -58.62 29.45 11.96
N LYS D 517 -58.62 28.69 10.87
CA LYS D 517 -59.86 28.12 10.34
C LYS D 517 -60.57 27.23 11.36
N GLU D 518 -59.83 26.30 12.01
CA GLU D 518 -60.39 25.37 13.00
C GLU D 518 -61.01 26.12 14.18
N ALA D 519 -60.38 27.24 14.61
CA ALA D 519 -60.85 28.08 15.71
C ALA D 519 -62.09 28.91 15.37
N GLY D 520 -62.56 28.87 14.12
CA GLY D 520 -63.71 29.64 13.68
C GLY D 520 -63.42 31.12 13.39
N TYR D 521 -62.14 31.51 13.21
CA TYR D 521 -61.79 32.89 12.96
C TYR D 521 -62.13 33.22 11.50
N GLU D 522 -62.77 34.38 11.25
CA GLU D 522 -63.20 34.73 9.91
C GLU D 522 -62.66 36.09 9.44
N GLY D 523 -61.78 36.73 10.19
CA GLY D 523 -61.16 37.97 9.73
C GLY D 523 -59.89 37.77 8.88
N PRO D 524 -59.11 38.82 8.58
CA PRO D 524 -57.87 38.71 7.79
C PRO D 524 -56.85 37.84 8.50
N LEU D 525 -56.14 37.00 7.73
CA LEU D 525 -55.27 35.99 8.33
C LEU D 525 -54.24 36.62 9.27
N HIS D 526 -53.74 37.82 8.92
CA HIS D 526 -52.65 38.42 9.71
C HIS D 526 -53.17 39.00 11.03
N GLN D 527 -54.51 39.05 11.25
CA GLN D 527 -55.14 39.52 12.47
C GLN D 527 -55.68 38.35 13.32
N CYS D 528 -55.53 37.11 12.88
CA CYS D 528 -55.94 35.97 13.70
C CYS D 528 -55.11 35.83 14.99
N ASP D 529 -55.80 35.45 16.09
CA ASP D 529 -55.15 35.05 17.34
C ASP D 529 -55.84 33.76 17.80
N ILE D 530 -55.11 32.64 17.89
CA ILE D 530 -55.70 31.36 18.27
C ILE D 530 -55.75 31.15 19.80
N TYR D 531 -55.34 32.17 20.60
CA TYR D 531 -55.37 32.03 22.05
C TYR D 531 -56.74 31.52 22.55
N ARG D 532 -56.71 30.55 23.47
CA ARG D 532 -57.88 29.98 24.16
C ARG D 532 -58.78 29.15 23.23
N SER D 533 -58.37 28.89 21.97
CA SER D 533 -59.13 27.98 21.11
C SER D 533 -58.85 26.52 21.48
N THR D 534 -59.79 25.84 22.14
CA THR D 534 -59.57 24.44 22.53
C THR D 534 -59.60 23.52 21.31
N LYS D 535 -60.44 23.84 20.31
CA LYS D 535 -60.50 23.11 19.05
C LYS D 535 -59.18 23.24 18.27
N ALA D 536 -58.59 24.44 18.20
CA ALA D 536 -57.28 24.53 17.52
C ALA D 536 -56.23 23.72 18.25
N GLY D 537 -56.25 23.81 19.59
CA GLY D 537 -55.43 22.95 20.44
C GLY D 537 -55.50 21.47 20.08
N ALA D 538 -56.71 20.91 19.94
CA ALA D 538 -56.86 19.49 19.67
C ALA D 538 -56.24 19.12 18.32
N LYS D 539 -56.37 20.00 17.31
CA LYS D 539 -55.75 19.82 16.00
C LYS D 539 -54.21 19.79 16.10
N LEU D 540 -53.62 20.70 16.88
CA LEU D 540 -52.17 20.72 17.06
C LEU D 540 -51.70 19.49 17.83
N ARG D 541 -52.46 19.07 18.83
CA ARG D 541 -52.07 17.94 19.67
C ARG D 541 -51.98 16.66 18.82
N LYS D 542 -52.91 16.46 17.85
CA LYS D 542 -52.83 15.27 16.97
C LYS D 542 -51.47 15.19 16.26
N VAL D 543 -50.95 16.35 15.84
CA VAL D 543 -49.63 16.38 15.19
C VAL D 543 -48.55 15.96 16.19
N LEU D 544 -48.55 16.63 17.35
CA LEU D 544 -47.50 16.42 18.34
C LEU D 544 -47.42 14.96 18.82
N ARG D 545 -48.57 14.30 19.06
CA ARG D 545 -48.61 12.93 19.57
C ARG D 545 -48.14 11.89 18.52
N ALA D 546 -48.12 12.28 17.23
CA ALA D 546 -47.67 11.36 16.18
C ALA D 546 -46.15 11.12 16.20
N GLY D 547 -45.34 12.07 16.74
CA GLY D 547 -43.87 11.99 16.61
C GLY D 547 -43.50 11.60 15.18
N SER D 548 -42.60 10.61 14.96
CA SER D 548 -42.22 10.17 13.61
C SER D 548 -42.84 8.81 13.24
N SER D 549 -43.95 8.42 13.88
CA SER D 549 -44.65 7.17 13.65
C SER D 549 -45.27 7.04 12.25
N ARG D 550 -45.57 8.17 11.55
CA ARG D 550 -46.30 8.16 10.29
C ARG D 550 -45.63 9.08 9.28
N PRO D 551 -45.76 8.84 7.94
CA PRO D 551 -45.18 9.77 6.96
C PRO D 551 -45.60 11.23 7.22
N TRP D 552 -44.65 12.16 7.13
CA TRP D 552 -44.96 13.58 7.38
C TRP D 552 -46.01 14.10 6.39
N GLN D 553 -46.01 13.57 5.14
CA GLN D 553 -46.97 14.09 4.15
C GLN D 553 -48.40 13.73 4.58
N GLU D 554 -48.59 12.54 5.20
CA GLU D 554 -49.90 12.15 5.69
C GLU D 554 -50.33 12.94 6.95
N VAL D 555 -49.39 13.17 7.89
CA VAL D 555 -49.67 14.01 9.06
C VAL D 555 -50.06 15.44 8.62
N LEU D 556 -49.34 16.03 7.64
CA LEU D 556 -49.69 17.32 7.07
C LEU D 556 -51.10 17.33 6.46
N LYS D 557 -51.45 16.26 5.73
CA LYS D 557 -52.76 16.19 5.05
C LYS D 557 -53.89 16.24 6.08
N ASP D 558 -53.74 15.46 7.16
CA ASP D 558 -54.75 15.43 8.22
C ASP D 558 -54.93 16.80 8.86
N MET D 559 -53.82 17.54 8.98
CA MET D 559 -53.86 18.83 9.66
C MET D 559 -54.36 19.94 8.73
N VAL D 560 -53.86 20.06 7.47
CA VAL D 560 -54.07 21.30 6.73
C VAL D 560 -54.90 21.08 5.48
N GLY D 561 -55.09 19.80 5.10
CA GLY D 561 -55.84 19.45 3.91
C GLY D 561 -54.99 19.18 2.68
N LEU D 562 -53.65 19.31 2.78
CA LEU D 562 -52.77 19.09 1.64
C LEU D 562 -51.56 18.24 2.08
N ASP D 563 -51.08 17.35 1.20
CA ASP D 563 -49.94 16.50 1.57
C ASP D 563 -48.59 17.08 1.15
N ALA D 564 -48.44 18.41 0.99
CA ALA D 564 -47.21 18.98 0.43
C ALA D 564 -46.92 20.35 1.04
N LEU D 565 -45.65 20.78 1.03
CA LEU D 565 -45.29 22.16 1.35
C LEU D 565 -45.93 23.10 0.32
N ASP D 566 -46.45 24.24 0.77
CA ASP D 566 -47.18 25.16 -0.10
C ASP D 566 -46.92 26.61 0.35
N ALA D 567 -46.53 27.48 -0.57
CA ALA D 567 -46.25 28.88 -0.24
C ALA D 567 -47.51 29.79 -0.20
N GLN D 568 -48.69 29.29 -0.57
CA GLN D 568 -49.84 30.19 -0.76
C GLN D 568 -50.28 30.75 0.59
N PRO D 569 -50.28 29.97 1.71
CA PRO D 569 -50.59 30.58 3.02
C PRO D 569 -49.72 31.79 3.35
N LEU D 570 -48.39 31.64 3.18
CA LEU D 570 -47.49 32.75 3.43
C LEU D 570 -47.84 33.94 2.54
N LEU D 571 -48.12 33.70 1.25
CA LEU D 571 -48.43 34.80 0.33
C LEU D 571 -49.75 35.47 0.71
N LYS D 572 -50.70 34.67 1.19
CA LYS D 572 -51.99 35.21 1.63
C LYS D 572 -51.81 36.12 2.87
N TYR D 573 -50.99 35.70 3.86
CA TYR D 573 -50.77 36.49 5.06
C TYR D 573 -50.19 37.87 4.71
N PHE D 574 -49.27 37.90 3.72
CA PHE D 574 -48.48 39.10 3.45
C PHE D 574 -49.07 39.99 2.35
N GLN D 575 -50.14 39.58 1.69
CA GLN D 575 -50.54 40.20 0.45
C GLN D 575 -50.63 41.74 0.50
N LEU D 576 -51.23 42.32 1.56
CA LEU D 576 -51.36 43.79 1.60
C LEU D 576 -50.00 44.51 1.52
N VAL D 577 -48.98 44.00 2.25
CA VAL D 577 -47.68 44.66 2.29
C VAL D 577 -46.87 44.31 1.01
N THR D 578 -47.07 43.11 0.43
CA THR D 578 -46.50 42.78 -0.88
C THR D 578 -46.87 43.86 -1.92
N GLN D 579 -48.16 44.18 -2.00
CA GLN D 579 -48.69 45.13 -2.99
C GLN D 579 -48.13 46.55 -2.72
N TRP D 580 -48.17 46.92 -1.44
CA TRP D 580 -47.72 48.24 -0.96
C TRP D 580 -46.23 48.40 -1.24
N LEU D 581 -45.41 47.36 -1.04
CA LEU D 581 -43.97 47.48 -1.27
C LEU D 581 -43.70 47.63 -2.78
N GLN D 582 -44.38 46.82 -3.62
CA GLN D 582 -44.23 47.00 -5.06
C GLN D 582 -44.51 48.46 -5.48
N GLU D 583 -45.55 49.06 -4.89
CA GLU D 583 -45.97 50.37 -5.36
C GLU D 583 -44.95 51.41 -4.90
N GLN D 584 -44.48 51.29 -3.66
CA GLN D 584 -43.46 52.23 -3.18
C GLN D 584 -42.22 52.17 -4.06
N ASN D 585 -41.68 50.94 -4.31
CA ASN D 585 -40.51 50.81 -5.16
C ASN D 585 -40.73 51.40 -6.56
N GLN D 586 -41.90 51.18 -7.19
CA GLN D 586 -42.21 51.73 -8.51
C GLN D 586 -42.19 53.25 -8.52
N GLN D 587 -42.87 53.89 -7.57
CA GLN D 587 -42.91 55.34 -7.46
C GLN D 587 -41.51 55.90 -7.20
N ASN D 588 -40.64 55.15 -6.55
CA ASN D 588 -39.28 55.60 -6.33
C ASN D 588 -38.34 55.21 -7.49
N GLY D 589 -38.83 54.52 -8.53
CA GLY D 589 -38.01 54.06 -9.66
C GLY D 589 -36.82 53.18 -9.25
N GLU D 590 -37.05 52.27 -8.31
CA GLU D 590 -36.02 51.32 -7.85
C GLU D 590 -35.66 50.28 -8.92
N VAL D 591 -34.39 49.84 -8.89
CA VAL D 591 -33.97 48.66 -9.65
C VAL D 591 -34.19 47.48 -8.71
N LEU D 592 -34.99 46.47 -9.08
CA LEU D 592 -35.07 45.30 -8.20
C LEU D 592 -33.85 44.40 -8.48
N GLY D 593 -33.13 43.99 -7.44
CA GLY D 593 -31.94 43.15 -7.60
C GLY D 593 -30.67 43.98 -7.44
N TRP D 594 -29.50 43.39 -7.79
CA TRP D 594 -28.20 43.99 -7.53
C TRP D 594 -27.29 43.68 -8.73
N PRO D 595 -27.60 44.22 -9.94
CA PRO D 595 -26.86 43.90 -11.15
C PRO D 595 -25.39 44.32 -11.08
N GLU D 596 -25.05 45.28 -10.18
CA GLU D 596 -23.65 45.60 -9.95
C GLU D 596 -23.05 44.63 -8.93
N TYR D 597 -22.91 43.35 -9.32
CA TYR D 597 -22.64 42.25 -8.40
C TYR D 597 -21.21 42.32 -7.85
N GLN D 598 -20.31 43.08 -8.48
CA GLN D 598 -18.94 43.18 -7.98
C GLN D 598 -18.76 44.23 -6.87
N TRP D 599 -19.80 45.01 -6.57
CA TRP D 599 -19.60 46.21 -5.76
C TRP D 599 -19.36 45.87 -4.28
N HIS D 600 -18.39 46.58 -3.68
CA HIS D 600 -18.19 46.52 -2.22
C HIS D 600 -17.98 47.95 -1.71
N PRO D 601 -18.37 48.29 -0.46
CA PRO D 601 -18.16 49.65 0.01
C PRO D 601 -16.69 49.91 0.34
N PRO D 602 -16.28 51.20 0.41
CA PRO D 602 -14.95 51.57 0.91
C PRO D 602 -14.88 51.51 2.44
N LEU D 603 -13.64 51.56 2.97
CA LEU D 603 -13.43 51.54 4.41
C LEU D 603 -13.81 52.93 4.93
N PRO D 604 -14.34 53.10 6.16
CA PRO D 604 -14.49 54.45 6.71
C PRO D 604 -13.12 55.10 6.93
N ASP D 605 -13.12 56.43 7.13
CA ASP D 605 -11.89 57.21 7.20
C ASP D 605 -11.09 56.78 8.44
N ASN D 606 -9.80 56.45 8.25
CA ASN D 606 -8.90 56.00 9.31
C ASN D 606 -9.37 54.75 10.07
N TYR D 607 -9.95 53.75 9.40
CA TYR D 607 -10.37 52.55 10.11
C TYR D 607 -9.16 51.65 10.38
N PRO D 608 -9.01 50.98 11.56
CA PRO D 608 -9.92 51.10 12.73
C PRO D 608 -9.63 52.15 13.80
N ILE E 1 38.64 -31.66 -7.79
CA ILE E 1 39.90 -30.88 -8.12
C ILE E 1 39.43 -29.86 -9.14
N PRO E 2 39.35 -28.52 -8.83
CA PRO E 2 38.76 -27.56 -9.76
C PRO E 2 39.60 -27.52 -11.05
N PRO E 3 38.98 -27.17 -12.18
CA PRO E 3 39.76 -26.92 -13.41
C PRO E 3 40.85 -25.87 -13.19
N ILE F 1 -13.10 23.42 -36.56
CA ILE F 1 -13.36 24.79 -35.97
C ILE F 1 -12.39 24.87 -34.80
N PRO F 2 -11.40 25.78 -34.83
CA PRO F 2 -10.39 25.77 -33.77
C PRO F 2 -11.03 26.19 -32.44
N PRO F 3 -10.44 25.80 -31.29
CA PRO F 3 -10.97 26.21 -30.00
C PRO F 3 -10.94 27.75 -29.91
N ILE G 1 6.16 -22.32 24.86
CA ILE G 1 5.88 -20.96 25.44
C ILE G 1 6.84 -20.89 26.62
N PRO G 2 7.82 -19.96 26.64
CA PRO G 2 8.82 -19.95 27.71
C PRO G 2 8.11 -19.60 29.04
N PRO G 3 8.69 -20.00 30.19
CA PRO G 3 8.20 -19.52 31.50
C PRO G 3 8.27 -17.99 31.57
N ILE H 1 -33.86 24.81 18.71
CA ILE H 1 -32.58 25.56 18.42
C ILE H 1 -32.97 26.70 17.47
N PRO H 2 -32.90 28.00 17.88
CA PRO H 2 -33.36 29.07 16.99
C PRO H 2 -32.53 29.09 15.70
N PRO H 3 -33.10 29.59 14.59
CA PRO H 3 -32.30 29.82 13.37
C PRO H 3 -31.11 30.77 13.64
C1 NAG I . 18.13 12.99 -26.79
C2 NAG I . 17.57 11.98 -27.80
C3 NAG I . 16.72 10.95 -27.07
C4 NAG I . 17.54 10.32 -25.95
C5 NAG I . 17.94 11.39 -24.94
C6 NAG I . 18.76 10.80 -23.77
C7 NAG I . 17.07 13.04 -29.94
C8 NAG I . 16.04 13.64 -30.83
N2 NAG I . 16.69 12.64 -28.75
O3 NAG I . 16.40 9.98 -28.07
O4 NAG I . 16.68 9.50 -25.19
O5 NAG I . 18.72 12.34 -25.66
O6 NAG I . 19.72 9.79 -24.28
O7 NAG I . 18.25 12.94 -30.27
C1 FUC I . 20.44 9.10 -23.28
C2 FUC I . 21.23 8.04 -23.98
C3 FUC I . 22.33 8.64 -24.86
C4 FUC I . 23.21 9.48 -23.95
C5 FUC I . 22.36 10.56 -23.33
C6 FUC I . 23.12 11.48 -22.41
O2 FUC I . 20.33 7.10 -24.54
O3 FUC I . 23.15 7.61 -25.39
O4 FUC I . 23.69 8.61 -22.89
O5 FUC I . 21.33 9.94 -22.54
C1 NAG J . 37.38 -32.66 34.61
C2 NAG J . 36.94 -33.66 33.55
C3 NAG J . 36.14 -34.78 34.21
C4 NAG J . 36.91 -35.40 35.36
C5 NAG J . 37.27 -34.33 36.39
C6 NAG J . 38.13 -34.83 37.54
C7 NAG J . 36.34 -32.47 31.45
C8 NAG J . 35.20 -31.87 30.68
N2 NAG J . 36.03 -33.08 32.59
O3 NAG J . 36.02 -35.74 33.17
O4 NAG J . 36.04 -36.36 35.96
O5 NAG J . 38.03 -33.33 35.68
O6 NAG J . 39.18 -35.75 37.07
O7 NAG J . 37.51 -32.36 31.08
C1 FUC J . 39.72 -36.64 38.03
C2 FUC J . 40.79 -37.47 37.30
C3 FUC J . 41.80 -36.51 36.69
C4 FUC J . 42.47 -35.69 37.80
C5 FUC J . 41.41 -34.97 38.62
C6 FUC J . 41.95 -34.31 39.87
O2 FUC J . 40.20 -38.31 36.32
O3 FUC J . 42.79 -37.19 35.93
O4 FUC J . 43.19 -36.58 38.65
O5 FUC J . 40.38 -35.87 39.08
C1 NAG K . 10.51 -14.01 -16.61
C2 NAG K . 9.88 -15.15 -15.80
C3 NAG K . 9.75 -16.36 -16.71
C4 NAG K . 9.00 -16.01 -17.98
C5 NAG K . 9.66 -14.86 -18.73
C6 NAG K . 8.83 -14.40 -19.91
C7 NAG K . 10.78 -15.20 -13.44
C8 NAG K . 11.99 -15.60 -12.67
N2 NAG K . 10.71 -15.63 -14.72
O3 NAG K . 9.14 -17.44 -16.02
O4 NAG K . 9.17 -17.18 -18.77
O5 NAG K . 9.82 -13.73 -17.84
O6 NAG K . 9.33 -13.25 -20.62
O7 NAG K . 9.88 -14.52 -12.94
C1 NAG K . 8.15 -17.92 -19.51
C2 NAG K . 8.12 -18.81 -20.75
C3 NAG K . 6.80 -19.57 -20.76
C4 NAG K . 6.41 -20.12 -19.39
C5 NAG K . 6.44 -19.05 -18.32
C6 NAG K . 6.18 -19.58 -16.93
C7 NAG K . 9.45 -17.51 -22.47
C8 NAG K . 9.32 -16.48 -23.54
N2 NAG K . 8.30 -17.92 -21.89
O3 NAG K . 6.96 -20.68 -21.64
O4 NAG K . 5.10 -20.66 -19.48
O5 NAG K . 7.77 -18.52 -18.28
O6 NAG K . 6.56 -20.95 -16.83
O7 NAG K . 10.54 -17.99 -22.17
C1 FUC K . 10.53 -13.42 -21.34
C2 FUC K . 10.54 -12.39 -22.48
C3 FUC K . 10.51 -10.98 -21.90
C4 FUC K . 11.67 -10.74 -20.95
C5 FUC K . 11.72 -11.83 -19.89
C6 FUC K . 12.96 -11.81 -19.01
O2 FUC K . 9.45 -12.61 -23.36
O3 FUC K . 10.58 -10.02 -22.95
O4 FUC K . 12.90 -10.65 -21.71
O5 FUC K . 11.65 -13.16 -20.46
C1 NAG L . -4.15 3.10 45.44
C2 NAG L . -4.94 4.23 46.14
C3 NAG L . -5.33 5.30 45.09
C4 NAG L . -4.11 5.73 44.33
C5 NAG L . -3.53 4.47 43.68
C6 NAG L . -2.36 4.84 42.85
C7 NAG L . -7.04 3.14 45.91
C8 NAG L . -8.34 2.70 46.49
N2 NAG L . -6.19 3.79 46.70
O3 NAG L . -6.16 6.41 45.43
O4 NAG L . -4.57 6.60 43.30
O5 NAG L . -3.03 3.59 44.72
O6 NAG L . -1.65 5.65 43.74
O7 NAG L . -6.76 2.92 44.72
C1 FUC L . -0.31 5.31 43.82
C2 FUC L . 0.37 6.41 44.57
C3 FUC L . -0.14 6.51 46.00
C4 FUC L . 0.06 5.18 46.69
C5 FUC L . -0.61 4.08 45.88
C6 FUC L . -0.37 2.69 46.40
O2 FUC L . 0.26 7.61 43.79
O3 FUC L . 0.65 7.45 46.72
O4 FUC L . 1.48 5.02 46.69
O5 FUC L . -0.16 4.09 44.49
C1 NAG M . 65.65 -17.72 -23.48
C2 NAG M . 67.10 -17.58 -23.98
C3 NAG M . 68.04 -17.39 -22.79
C4 NAG M . 67.56 -16.20 -21.97
C5 NAG M . 66.14 -16.54 -21.54
C6 NAG M . 65.60 -15.51 -20.60
C7 NAG M . 67.81 -19.95 -24.36
C8 NAG M . 68.33 -20.91 -25.40
N2 NAG M . 67.61 -18.68 -24.76
O3 NAG M . 69.41 -17.25 -23.18
O4 NAG M . 68.43 -16.06 -20.84
O5 NAG M . 65.27 -16.58 -22.70
O6 NAG M . 65.56 -14.36 -21.42
O7 NAG M . 67.51 -20.33 -23.21
C1 FUC M . 64.35 -13.68 -21.39
C2 FUC M . 64.78 -12.30 -21.86
C3 FUC M . 65.25 -12.30 -23.30
C4 FUC M . 64.16 -12.89 -24.13
C5 FUC M . 63.90 -14.31 -23.67
C6 FUC M . 62.83 -15.06 -24.44
O2 FUC M . 65.81 -11.80 -20.99
O3 FUC M . 65.44 -10.94 -23.67
O4 FUC M . 63.03 -12.04 -23.91
O5 FUC M . 63.46 -14.30 -22.29
C1 NAG N . -59.84 45.93 11.84
C2 NAG N . -60.72 44.74 12.27
C3 NAG N . -60.99 43.87 11.05
C4 NAG N . -61.52 44.69 9.88
C5 NAG N . -60.45 45.71 9.53
C6 NAG N . -60.72 46.64 8.36
C7 NAG N . -59.84 44.13 14.54
C8 NAG N . -59.06 43.08 15.27
N2 NAG N . -60.07 43.88 13.25
O3 NAG N . -61.85 42.77 11.37
O4 NAG N . -61.72 43.73 8.85
O5 NAG N . -60.35 46.57 10.68
O6 NAG N . -61.62 46.01 7.48
O7 NAG N . -60.25 45.15 15.09
C1 NAG N . -62.74 42.64 8.50
C2 NAG N . -62.63 41.95 7.14
C3 NAG N . -63.92 41.18 6.85
C4 NAG N . -64.36 40.34 8.04
C5 NAG N . -64.39 41.12 9.35
C6 NAG N . -64.63 40.20 10.53
C7 NAG N . -61.23 42.89 5.33
C8 NAG N . -59.95 43.36 5.96
N2 NAG N . -62.33 42.90 6.09
O3 NAG N . -63.69 40.36 5.71
O4 NAG N . -65.67 39.83 7.80
O5 NAG N . -63.13 41.81 9.58
O6 NAG N . -64.36 40.88 11.76
O7 NAG N . -61.27 42.57 4.15
C1 NAG O . -21.84 39.20 -52.09
C2 NAG O . -21.36 39.09 -53.54
C3 NAG O . -22.20 40.05 -54.40
C4 NAG O . -23.67 39.73 -54.19
C5 NAG O . -24.04 40.03 -52.75
C6 NAG O . -25.49 39.74 -52.39
C7 NAG O . -19.06 38.35 -53.98
C8 NAG O . -17.63 38.72 -54.15
N2 NAG O . -19.93 39.32 -53.69
O3 NAG O . -21.77 39.73 -55.73
O4 NAG O . -24.51 40.55 -55.03
O5 NAG O . -23.26 39.06 -51.99
O6 NAG O . -25.84 40.26 -51.06
O7 NAG O . -19.43 37.19 -54.09
C1 NAG O . -24.99 40.22 -56.39
C2 NAG O . -26.09 41.18 -56.85
C3 NAG O . -26.38 40.90 -58.34
C4 NAG O . -25.11 41.08 -59.15
C5 NAG O . -24.05 40.12 -58.58
C6 NAG O . -22.73 40.17 -59.31
C7 NAG O . -27.69 41.78 -55.04
C8 NAG O . -28.89 41.28 -54.27
N2 NAG O . -27.22 40.95 -55.98
O3 NAG O . -27.40 41.76 -58.83
O4 NAG O . -25.34 40.88 -60.54
O5 NAG O . -23.84 40.44 -57.18
O6 NAG O . -21.82 41.09 -58.68
O7 NAG O . -27.18 42.88 -54.82
ZN ZN P . 7.13 -23.73 26.08
CL CL Q . -0.14 -27.55 33.20
MG MG R . 16.77 -13.73 31.31
C1 PGE S . -1.81 -29.21 23.01
O1 PGE S . -1.40 -30.40 22.35
C2 PGE S . -0.64 -28.48 23.64
O2 PGE S . 0.40 -28.27 22.67
C3 PGE S . 1.71 -28.15 23.21
C4 PGE S . 1.85 -26.94 24.10
O4 PGE S . 3.39 -24.89 24.81
C6 PGE S . 2.10 -24.71 25.38
C5 PGE S . 1.02 -24.72 24.34
O3 PGE S . 1.34 -25.77 23.44
O37 12P T . 25.23 -22.98 10.55
C36 12P T . 24.55 -24.05 11.24
C35 12P T . 25.44 -25.19 11.64
O34 12P T . 26.07 -24.89 12.87
C33 12P T . 26.85 -25.94 13.45
C32 12P T . 27.51 -25.41 14.68
O31 12P T . 28.39 -24.36 14.27
C30 12P T . 28.49 -23.24 15.14
C29 12P T . 29.57 -22.30 14.63
O28 12P T . 29.06 -21.00 14.33
C27 12P T . 27.74 -20.93 13.74
C26 12P T . 27.50 -19.72 12.80
O25 12P T . 28.38 -18.62 13.12
C24 12P T . 27.73 -17.35 13.13
C23 12P T . 28.69 -16.30 12.66
O22 12P T . 27.95 -15.14 12.31
C21 12P T . 28.39 -14.53 11.10
C20 12P T . 27.33 -14.49 10.08
O19 12P T . 27.80 -13.83 8.91
C18 12P T . 27.38 -14.42 7.68
C17 12P T . 26.08 -15.09 7.88
O16 12P T . 25.28 -15.21 6.69
C15 12P T . 24.40 -16.34 6.74
C14 12P T . 25.20 -17.62 6.60
O13 12P T . 24.43 -18.75 7.01
C12 12P T . 25.07 -19.59 7.98
C11 12P T . 24.11 -20.65 8.52
O10 12P T . 23.33 -21.22 7.46
C9 12P T . 23.25 -22.64 7.49
C8 12P T . 22.16 -23.10 6.56
O7 12P T . 22.09 -22.22 5.44
C6 12P T . 20.85 -22.25 4.75
C5 12P T . 20.22 -20.92 4.84
O4 12P T . 20.60 -20.11 3.75
C3 12P T . 21.42 -18.99 4.13
C2 12P T . 20.61 -17.78 4.45
O1 12P T . 21.37 -16.82 5.16
O1 XPE U . 32.57 -4.67 49.12
C2 XPE U . 32.45 -5.16 47.79
C3 XPE U . 32.61 -4.13 46.72
O4 XPE U . 32.54 -4.77 45.43
C5 XPE U . 33.84 -5.15 44.94
C6 XPE U . 33.73 -6.12 43.74
O7 XPE U . 34.63 -7.24 43.89
C8 XPE U . 34.47 -8.30 42.95
C9 XPE U . 33.78 -9.57 43.50
O10 XPE U . 34.61 -10.20 44.47
C11 XPE U . 34.16 -11.39 45.12
C12 XPE U . 33.11 -12.15 44.36
O13 XPE U . 31.87 -11.82 45.04
C14 XPE U . 30.78 -12.58 44.53
C15 XPE U . 29.52 -12.28 45.36
O16 XPE U . 29.78 -12.59 46.73
C17 XPE U . 28.59 -12.47 47.56
C18 XPE U . 29.04 -12.65 48.99
O19 XPE U . 29.90 -11.58 49.41
C20 XPE U . 30.66 -11.93 50.57
C21 XPE U . 31.20 -10.72 51.23
O22 XPE U . 32.16 -10.06 50.40
C23 XPE U . 32.74 -8.94 51.08
C24 XPE U . 33.87 -8.36 50.26
O25 XPE U . 34.91 -9.31 50.06
C26 XPE U . 36.21 -8.76 50.02
C27 XPE U . 36.85 -9.14 48.73
O28 XPE U . 37.39 -10.45 48.83
C29 XPE U . 36.95 -11.30 47.78
C30 XPE U . 37.37 -12.71 48.05
O31 XPE U . 36.74 -13.59 47.16
C1 PEG V . 36.54 -22.56 46.60
O1 PEG V . 37.53 -23.35 45.92
C2 PEG V . 37.13 -21.58 47.58
O2 PEG V . 36.21 -20.53 47.86
C3 PEG V . 36.83 -19.28 48.22
C4 PEG V . 35.85 -18.35 48.93
O4 PEG V . 35.20 -17.36 48.08
C1 PGE W . -2.75 -20.53 25.09
O1 PGE W . -2.10 -21.38 26.04
C2 PGE W . -1.79 -19.59 24.41
O2 PGE W . -1.33 -20.16 23.19
C3 PGE W . -0.45 -19.31 22.46
C4 PGE W . -0.26 -19.87 21.06
O4 PGE W . -1.90 -22.90 19.03
C6 PGE W . -1.34 -21.82 19.79
C5 PGE W . 0.07 -22.07 20.17
O3 PGE W . 0.50 -21.08 21.08
C1 PEG X . -4.80 -33.42 28.53
O1 PEG X . -3.44 -33.81 28.60
C2 PEG X . -4.97 -32.08 27.89
O2 PEG X . -3.74 -31.33 27.98
C3 PEG X . -3.95 -29.93 27.91
C4 PEG X . -2.68 -29.24 27.52
O4 PEG X . -2.34 -29.47 26.18
C1 EDO Y . -25.72 -30.71 13.90
O1 EDO Y . -25.11 -29.40 14.22
C2 EDO Y . -24.95 -31.95 14.29
O2 EDO Y . -25.45 -32.78 15.38
C1 EDO Z . -27.04 -42.29 16.12
O1 EDO Z . -27.23 -43.32 15.22
C2 EDO Z . -27.68 -41.14 15.37
O2 EDO Z . -26.82 -40.17 14.91
C1 PEG AA . -0.95 -21.58 6.94
O1 PEG AA . -1.11 -22.48 5.85
C2 PEG AA . -1.93 -20.43 6.88
O2 PEG AA . -1.51 -19.30 7.67
C3 PEG AA . -0.66 -18.37 6.97
C4 PEG AA . -0.93 -18.34 5.48
O4 PEG AA . 0.15 -18.86 4.70
C1 EDO BA . -6.24 -30.99 20.28
O1 EDO BA . -7.54 -31.50 20.01
C2 EDO BA . -5.17 -32.04 20.33
O2 EDO BA . -3.80 -31.56 20.44
C1 PEG CA . -13.89 -35.39 38.94
O1 PEG CA . -14.35 -36.30 39.94
C2 PEG CA . -14.97 -35.00 37.97
O2 PEG CA . -14.43 -34.74 36.68
C3 PEG CA . -15.21 -35.22 35.58
C4 PEG CA . -15.51 -36.66 35.75
O4 PEG CA . -15.64 -37.32 34.51
C1 EDO DA . -7.44 -0.91 27.29
O1 EDO DA . -8.66 -1.19 27.98
C2 EDO DA . -6.57 -0.10 28.22
O2 EDO DA . -5.17 -0.40 28.18
C1 EDO EA . -8.09 -26.28 45.77
O1 EDO EA . -7.80 -25.18 44.95
C2 EDO EA . -6.84 -27.10 45.65
O2 EDO EA . -5.77 -26.17 45.34
C1 NAG FA . 36.69 -37.83 35.94
C2 NAG FA . 35.68 -38.48 36.88
C3 NAG FA . 35.93 -39.98 36.87
C4 NAG FA . 35.85 -40.50 35.46
C5 NAG FA . 36.85 -39.75 34.58
C6 NAG FA . 36.87 -40.14 33.11
C7 NAG FA . 34.63 -37.28 38.65
C8 NAG FA . 34.96 -36.04 39.41
N2 NAG FA . 35.67 -37.98 38.22
O3 NAG FA . 34.98 -40.63 37.71
O4 NAG FA . 36.27 -41.84 35.65
O5 NAG FA . 36.50 -38.35 34.64
O6 NAG FA . 35.54 -40.17 32.58
O7 NAG FA . 33.47 -37.62 38.40
C1 BMA GA . 35.54 -43.18 34.95
C2 BMA GA . 36.35 -44.16 34.08
C3 BMA GA . 35.61 -45.48 33.89
C4 BMA GA . 34.94 -45.97 35.16
C5 BMA GA . 34.08 -44.86 35.78
C6 BMA GA . 33.35 -45.26 37.04
O2 BMA GA . 37.69 -44.26 34.58
O3 BMA GA . 36.44 -46.49 33.31
O4 BMA GA . 34.09 -47.05 34.81
O5 BMA GA . 34.95 -43.76 36.11
O6 BMA GA . 32.80 -44.12 37.72
C1 NAG HA . -5.39 8.68 42.91
C2 NAG HA . -4.83 9.16 41.56
C3 NAG HA . -3.66 10.14 41.72
C4 NAG HA . -3.52 10.74 43.10
C5 NAG HA . -3.51 9.62 44.15
C6 NAG HA . -3.25 10.13 45.54
C7 NAG HA . -3.49 7.56 40.10
C8 NAG HA . -3.66 6.65 38.92
N2 NAG HA . -4.62 8.08 40.61
O3 NAG HA . -3.91 11.18 40.77
O4 NAG HA . -2.31 11.50 43.20
O5 NAG HA . -4.81 8.99 44.17
O6 NAG HA . -2.22 9.35 46.15
O7 NAG HA . -2.39 7.81 40.56
C1 NAG IA . -2.66 -6.88 9.20
C2 NAG IA . -2.17 -6.97 7.74
C3 NAG IA . -3.00 -6.01 6.89
C4 NAG IA . -4.51 -6.23 7.05
C5 NAG IA . -4.88 -6.22 8.54
C6 NAG IA . -6.31 -6.62 8.87
C7 NAG IA . 0.15 -7.57 7.30
C8 NAG IA . 1.57 -7.07 7.20
N2 NAG IA . -0.77 -6.66 7.60
O3 NAG IA . -2.58 -6.29 5.55
O4 NAG IA . -5.19 -5.18 6.35
O5 NAG IA . -4.06 -7.19 9.22
O6 NAG IA . -6.80 -5.96 10.06
O7 NAG IA . -0.15 -8.76 7.17
C1 NAG JA . -6.29 -5.95 5.02
C2 NAG JA . -7.17 -4.72 4.81
C3 NAG JA . -8.00 -4.89 3.55
C4 NAG JA . -7.17 -5.36 2.36
C5 NAG JA . -6.31 -6.58 2.72
C6 NAG JA . -5.34 -6.93 1.62
C7 NAG JA . -8.02 -3.37 6.77
C8 NAG JA . -9.08 -3.36 7.85
N2 NAG JA . -8.04 -4.44 5.94
O3 NAG JA . -8.62 -3.66 3.26
O4 NAG JA . -8.09 -5.69 1.31
O5 NAG JA . -5.51 -6.28 3.89
O6 NAG JA . -4.45 -5.84 1.44
O7 NAG JA . -7.19 -2.48 6.68
ZN ZN KA . -12.10 22.04 -35.35
CL CL LA . -19.35 18.20 -28.18
MG MG MA . -2.35 31.92 -30.20
C1 PEG NA . -33.27 10.69 -23.80
O1 PEG NA . -34.05 9.93 -22.88
C2 PEG NA . -34.06 11.18 -24.98
O2 PEG NA . -34.41 10.06 -25.78
C3 PEG NA . -33.96 10.14 -27.12
C4 PEG NA . -33.21 8.90 -27.49
O4 PEG NA . -34.08 7.78 -27.70
C1 EDO OA . -20.89 25.88 -54.86
O1 EDO OA . -20.66 26.81 -53.80
C2 EDO OA . -20.34 24.52 -54.61
O2 EDO OA . -20.16 23.71 -55.79
C1 PEG PA . -17.41 20.01 -37.16
O1 PEG PA . -16.25 20.81 -36.96
C2 PEG PA . -17.12 18.60 -37.65
O2 PEG PA . -18.15 18.12 -38.53
C3 PEG PA . -18.71 16.85 -38.16
C4 PEG PA . -19.88 16.46 -39.05
O4 PEG PA . -21.08 16.16 -38.32
C1 PEG QA . -25.77 19.12 -40.63
O1 PEG QA . -25.44 17.76 -40.37
C2 PEG QA . -24.80 19.79 -41.59
O2 PEG QA . -24.90 21.21 -41.51
C3 PEG QA . -25.77 21.79 -42.48
C4 PEG QA . -25.60 23.30 -42.55
O4 PEG QA . -24.22 23.73 -42.58
C1 PEG RA . -19.23 23.49 -41.62
O1 PEG RA . -18.80 22.94 -40.37
C2 PEG RA . -20.57 24.13 -41.50
O2 PEG RA . -20.42 25.36 -40.79
C3 PEG RA . -19.27 25.42 -39.94
C4 PEG RA . -19.36 26.67 -39.05
O4 PEG RA . -20.36 26.60 -38.01
C1 PGE SA . -25.03 14.52 -41.49
O1 PGE SA . -24.08 13.45 -41.22
C2 PGE SA . -26.48 14.11 -41.35
O2 PGE SA . -27.34 14.97 -42.11
C3 PGE SA . -28.73 14.79 -41.81
C4 PGE SA . -29.59 15.34 -42.91
O4 PGE SA . -31.57 18.53 -41.55
C6 PGE SA . -32.07 18.00 -42.79
C5 PGE SA . -31.02 17.16 -43.45
O3 PGE SA . -30.27 16.50 -42.45
C1 EDO TA . -22.29 15.69 -34.30
O1 EDO TA . -23.48 16.43 -34.31
C2 EDO TA . -22.49 14.67 -33.28
O2 EDO TA . -23.09 13.51 -33.79
C1 EDO UA . 7.10 47.97 -13.30
O1 EDO UA . 6.43 49.22 -13.12
C2 EDO UA . 8.40 47.89 -12.61
O2 EDO UA . 8.60 46.63 -12.03
C1 EDO VA . -42.22 34.04 -37.82
O1 EDO VA . -43.48 34.30 -38.59
C2 EDO VA . -41.98 34.40 -36.38
O2 EDO VA . -42.96 34.96 -35.40
C ACT WA . -26.08 19.50 -16.19
O ACT WA . -27.06 20.28 -16.57
OXT ACT WA . -26.19 18.25 -15.99
CH3 ACT WA . -24.68 20.13 -15.87
C1 NAG XA . 16.52 8.05 -24.70
C2 NAG XA . 15.74 7.40 -23.56
C3 NAG XA . 16.06 5.92 -23.57
C4 NAG XA . 15.97 5.36 -24.99
C5 NAG XA . 16.95 6.09 -25.90
C6 NAG XA . 17.07 5.59 -27.30
C7 NAG XA . 15.70 8.99 -21.63
C8 NAG XA . 16.51 9.49 -20.47
N2 NAG XA . 16.23 7.97 -22.32
O3 NAG XA . 15.07 5.34 -22.72
O4 NAG XA . 16.36 4.00 -24.97
O5 NAG XA . 16.54 7.47 -25.99
O6 NAG XA . 15.83 5.22 -27.81
O7 NAG XA . 14.60 9.46 -21.92
C1 BMA YA . 14.91 3.04 -25.32
C2 BMA YA . 15.57 1.68 -25.52
C3 BMA YA . 14.47 0.63 -25.62
C4 BMA YA . 13.57 0.72 -24.37
C5 BMA YA . 12.96 2.12 -24.22
C6 BMA YA . 12.02 2.28 -23.04
O2 BMA YA . 16.34 1.39 -24.34
O3 BMA YA . 15.04 -0.67 -25.79
O4 BMA YA . 12.46 -0.16 -24.45
O5 BMA YA . 14.04 3.09 -24.15
O6 BMA YA . 12.60 1.84 -21.80
C1 NAG ZA . -22.96 48.92 -15.48
C2 NAG ZA . -23.65 50.07 -14.75
C3 NAG ZA . -24.09 51.17 -15.72
C4 NAG ZA . -22.92 51.58 -16.61
C5 NAG ZA . -22.32 50.34 -17.27
C6 NAG ZA . -21.09 50.75 -18.01
C7 NAG ZA . -25.93 49.15 -14.28
C8 NAG ZA . -26.91 48.84 -13.20
N2 NAG ZA . -24.76 49.69 -13.89
O3 NAG ZA . -24.64 52.32 -15.07
O4 NAG ZA . -23.33 52.48 -17.63
O5 NAG ZA . -21.88 49.38 -16.28
O6 NAG ZA . -20.55 51.80 -17.18
O7 NAG ZA . -26.16 48.93 -15.47
C1 FUC AB . -18.73 51.14 -17.31
C2 FUC AB . -17.96 52.23 -16.58
C3 FUC AB . -18.32 52.29 -15.10
C4 FUC AB . -18.25 50.92 -14.45
C5 FUC AB . -19.15 49.94 -15.20
C6 FUC AB . -19.09 48.52 -14.70
O2 FUC AB . -18.21 53.47 -17.25
O3 FUC AB . -17.38 53.15 -14.44
O4 FUC AB . -16.89 50.53 -14.54
O5 FUC AB . -18.80 49.90 -16.61
C1 EDO BB . 29.48 -23.61 11.33
O1 EDO BB . 28.21 -22.99 11.54
C2 EDO BB . 29.73 -25.05 11.74
O2 EDO BB . 30.52 -25.91 10.92
ZN ZN CB . 37.11 -31.62 -9.18
CL CL DB . 39.99 -37.90 -17.61
MG MG EB . 37.89 -16.98 -11.23
C1 PEG FB . 45.00 -50.26 -3.99
O1 PEG FB . 46.07 -49.94 -4.88
C2 PEG FB . 43.69 -50.66 -4.68
O2 PEG FB . 43.19 -49.60 -5.52
C3 PEG FB . 41.78 -49.41 -5.45
C4 PEG FB . 41.30 -48.64 -6.64
O4 PEG FB . 40.72 -47.40 -6.30
O1 PG4 GB . 65.12 -54.54 -9.78
C1 PG4 GB . 64.01 -54.42 -8.82
C2 PG4 GB . 62.64 -54.80 -9.31
O2 PG4 GB . 61.64 -54.84 -8.30
C3 PG4 GB . 60.32 -54.96 -8.83
C4 PG4 GB . 60.04 -56.40 -9.28
O3 PG4 GB . 59.65 -56.52 -10.67
C5 PG4 GB . 59.58 -55.30 -11.42
C6 PG4 GB . 58.14 -54.96 -11.75
O4 PG4 GB . 57.56 -55.94 -12.62
C7 PG4 GB . 56.14 -55.93 -12.62
C8 PG4 GB . 55.60 -57.30 -12.99
O5 PG4 GB . 56.04 -57.74 -14.26
OH2 1PE HB . 39.58 -42.07 -8.53
C12 1PE HB . 38.66 -42.43 -7.52
C22 1PE HB . 37.48 -41.51 -7.48
OH3 1PE HB . 37.89 -40.20 -7.11
C13 1PE HB . 37.62 -37.99 -8.00
C23 1PE HB . 38.12 -39.37 -8.26
OH4 1PE HB . 38.36 -37.08 -8.81
C14 1PE HB . 40.52 -36.72 -7.79
C24 1PE HB . 39.13 -36.15 -8.06
OH5 1PE HB . 40.60 -37.31 -6.49
C15 1PE HB . 41.97 -37.21 -4.47
C25 1PE HB . 41.12 -36.44 -5.49
OH6 1PE HB . 42.88 -36.32 -3.82
C16 1PE HB . 44.87 -35.21 -4.49
C26 1PE HB . 44.24 -36.54 -4.19
OH7 1PE HB . 45.57 -35.19 -5.77
C1 PGE IB . 50.90 -30.33 -31.42
O1 PGE IB . 50.05 -30.89 -30.41
C2 PGE IB . 50.16 -29.51 -32.48
O2 PGE IB . 49.32 -30.31 -33.31
C3 PGE IB . 48.85 -29.65 -34.48
C4 PGE IB . 49.99 -29.12 -35.33
O4 PGE IB . 49.22 -29.08 -40.04
C6 PGE IB . 48.76 -28.75 -38.73
C5 PGE IB . 49.89 -28.77 -37.72
O3 PGE IB . 49.47 -28.35 -36.42
C1 EDO JB . 60.06 -8.63 -25.42
O1 EDO JB . 58.95 -8.07 -26.11
C2 EDO JB . 59.46 -9.63 -24.54
O2 EDO JB . 60.19 -9.92 -23.34
C1 EDO KB . 45.47 -53.00 -23.62
O1 EDO KB . 44.86 -52.19 -24.61
C2 EDO KB . 44.63 -53.06 -22.37
O2 EDO KB . 43.87 -54.23 -22.18
C1 EDO LB . 17.87 -29.91 -26.71
O1 EDO LB . 17.50 -29.41 -25.43
C2 EDO LB . 18.06 -31.39 -26.68
O2 EDO LB . 18.26 -31.88 -25.34
C1 EDO MB . 27.88 -17.46 -35.10
O1 EDO MB . 27.16 -18.48 -35.80
C2 EDO MB . 28.07 -16.16 -35.80
O2 EDO MB . 29.42 -15.93 -36.03
C ACT NB . 21.68 -47.89 -9.20
O ACT NB . 21.65 -47.65 -10.48
OXT ACT NB . 21.31 -49.03 -8.59
CH3 ACT NB . 22.01 -46.72 -8.35
C1 BMA OB . 5.01 -22.39 -19.65
C2 BMA OB . 3.66 -22.76 -19.01
C3 BMA OB . 3.37 -24.25 -19.08
C4 BMA OB . 3.63 -24.72 -20.51
C5 BMA OB . 5.10 -24.45 -20.90
C6 BMA OB . 5.47 -25.04 -22.23
O2 BMA OB . 2.61 -22.05 -19.66
O3 BMA OB . 2.05 -24.58 -18.60
O4 BMA OB . 3.42 -26.11 -20.63
O5 BMA OB . 5.32 -23.02 -20.93
O6 BMA OB . 6.75 -24.60 -22.62
C1 NAG PB . 68.39 -14.18 -19.63
C2 NAG PB . 69.75 -14.59 -19.06
C3 NAG PB . 70.36 -13.34 -18.46
C4 NAG PB . 70.60 -12.30 -19.56
C5 NAG PB . 69.34 -12.11 -20.42
C6 NAG PB . 69.64 -11.47 -21.74
C7 NAG PB . 68.59 -15.84 -17.36
C8 NAG PB . 68.46 -17.16 -16.65
N2 NAG PB . 69.65 -15.70 -18.14
O3 NAG PB . 71.54 -13.68 -17.76
O4 NAG PB . 70.98 -11.03 -19.03
O5 NAG PB . 68.66 -13.35 -20.74
O6 NAG PB . 68.96 -12.23 -22.76
O7 NAG PB . 67.78 -14.94 -17.23
C1 NAG QB . 54.53 -30.86 9.77
C2 NAG QB . 53.98 -30.93 11.20
C3 NAG QB . 55.10 -31.18 12.20
C4 NAG QB . 55.97 -32.36 11.79
C5 NAG QB . 56.51 -32.12 10.38
C6 NAG QB . 57.35 -33.26 9.83
C7 NAG QB . 52.05 -29.60 11.75
C8 NAG QB . 51.50 -28.23 12.02
N2 NAG QB . 53.34 -29.67 11.50
O3 NAG QB . 54.52 -31.42 13.48
O4 NAG QB . 57.09 -32.38 12.68
O5 NAG QB . 55.36 -31.98 9.50
O6 NAG QB . 58.23 -32.79 8.80
O7 NAG QB . 51.36 -30.60 11.72
C1 NAG RB . 57.71 -33.72 13.50
C2 NAG RB . 59.19 -33.72 13.90
C3 NAG RB . 59.35 -34.67 15.08
C4 NAG RB . 58.38 -34.27 16.20
C5 NAG RB . 56.94 -34.39 15.67
C6 NAG RB . 55.87 -34.06 16.70
C7 NAG RB . 60.75 -33.19 12.03
C8 NAG RB . 61.24 -33.71 10.70
N2 NAG RB . 60.10 -34.07 12.81
O3 NAG RB . 60.68 -34.68 15.55
O4 NAG RB . 58.55 -35.14 17.31
O5 NAG RB . 56.79 -33.47 14.56
O6 NAG RB . 55.66 -32.66 16.82
O7 NAG RB . 60.93 -32.03 12.37
C1 PGE SB . -21.61 27.13 -5.33
O1 PGE SB . -22.08 26.17 -4.36
C2 PGE SB . -22.41 27.13 -6.61
O2 PGE SB . -21.57 27.60 -7.66
C3 PGE SB . -22.24 28.25 -8.71
C4 PGE SB . -22.04 27.47 -9.97
O4 PGE SB . -23.25 26.29 -13.94
C6 PGE SB . -22.66 26.59 -12.66
C5 PGE SB . -22.94 27.98 -12.15
O3 PGE SB . -22.06 28.35 -11.10
ZN ZN TB . -35.41 25.10 17.32
CL CL UB . -33.05 19.15 8.49
MG MG VB . -33.32 39.71 16.17
O1 XPE WB . -46.01 38.98 33.40
O1 XPE WB . -50.80 37.72 31.16
C2 XPE WB . -47.18 39.84 33.43
C2 XPE WB . -51.06 36.33 31.18
C3 XPE WB . -48.17 39.44 32.40
C3 XPE WB . -49.91 35.53 31.77
O4 XPE WB . -49.50 39.65 32.85
O4 XPE WB . -50.32 34.76 32.89
C5 XPE WB . -50.45 39.33 31.84
C5 XPE WB . -49.32 34.67 33.92
C6 XPE WB . -50.24 37.92 31.37
C6 XPE WB . -48.82 36.05 34.40
O7 XPE WB . -50.43 37.00 32.45
O7 XPE WB . -48.49 36.07 35.79
C8 XPE WB . -50.66 35.65 32.04
C8 XPE WB . -47.43 35.18 36.13
C9 XPE WB . -49.41 34.83 32.21
C9 XPE WB . -47.10 35.19 37.63
O10 XPE WB . -49.54 33.87 33.27
O10 XPE WB . -46.44 33.98 38.04
C11 XPE WB . -49.00 34.32 34.51
C11 XPE WB . -47.22 32.80 37.81
C12 XPE WB . -47.67 33.66 34.75
C12 XPE WB . -46.70 31.52 38.48
O13 XPE WB . -47.22 33.90 36.09
O13 XPE WB . -46.08 31.80 39.74
C14 XPE WB . -47.35 32.78 36.96
C14 XPE WB . -45.23 30.75 40.16
C15 XPE WB . -46.10 32.57 37.80
C15 XPE WB . -44.33 31.23 41.29
O16 XPE WB . -46.31 31.57 38.80
O16 XPE WB . -43.88 32.54 40.97
C17 XPE WB . -45.09 31.04 39.32
C17 XPE WB . -43.19 33.22 42.02
C18 XPE WB . -44.65 31.83 40.53
C18 XPE WB . -42.66 34.54 41.56
O19 XPE WB . -43.26 32.15 40.44
O19 XPE WB . -43.74 35.34 41.07
C20 XPE WB . -42.88 33.21 41.31
C20 XPE WB . -43.39 36.66 40.67
C21 XPE WB . -42.50 34.44 40.53
C21 XPE WB . -44.61 37.37 40.13
O22 XPE WB . -43.68 35.15 40.17
O22 XPE WB . -44.43 38.76 40.34
C23 XPE WB . -43.44 36.29 39.35
C23 XPE WB . -44.89 39.54 39.23
C24 XPE WB . -44.50 37.31 39.55
C24 XPE WB . -43.96 40.66 38.93
O25 XPE WB . -43.92 38.60 39.41
O25 XPE WB . -43.65 40.62 37.55
C26 XPE WB . -44.51 39.59 40.24
C26 XPE WB . -44.17 41.70 36.77
C27 XPE WB . -44.34 40.92 39.61
C27 XPE WB . -43.80 41.50 35.32
O28 XPE WB . -43.92 40.74 38.27
O28 XPE WB . -44.95 41.35 34.49
C29 XPE WB . -43.67 41.98 37.60
C29 XPE WB . -45.12 40.05 33.96
C30 XPE WB . -44.23 41.96 36.22
C30 XPE WB . -46.60 39.83 33.69
O31 XPE WB . -44.14 40.67 35.62
O31 XPE WB . -47.03 38.54 34.12
O1 PG4 XB . -28.90 20.14 21.80
C1 PG4 XB . -29.13 18.88 22.43
C2 PG4 XB . -30.42 18.24 22.00
O2 PG4 XB . -31.24 19.14 21.25
C3 PG4 XB . -32.06 18.49 20.27
C4 PG4 XB . -32.11 19.29 18.98
O3 PG4 XB . -33.41 19.84 18.71
C5 PG4 XB . -34.20 19.11 17.76
C6 PG4 XB . -35.16 18.20 18.52
O4 PG4 XB . -35.44 16.99 17.81
C7 PG4 XB . -35.39 15.79 18.57
C8 PG4 XB . -34.41 14.81 17.94
O5 PG4 XB . -35.00 13.55 17.65
C1 PEG YB . -32.63 12.79 37.29
O1 PEG YB . -31.98 11.57 37.58
C2 PEG YB . -32.13 13.40 36.02
O2 PEG YB . -31.16 14.40 36.29
C3 PEG YB . -30.49 14.91 35.14
C4 PEG YB . -29.20 15.42 35.62
O4 PEG YB . -28.48 16.07 34.59
C1 PEG ZB . -31.62 2.49 3.55
O1 PEG ZB . -32.32 1.32 3.13
C2 PEG ZB . -30.19 2.48 3.08
O2 PEG ZB . -29.78 3.79 2.67
C3 PEG ZB . -30.22 4.12 1.35
C4 PEG ZB . -29.16 4.89 0.66
O4 PEG ZB . -29.45 5.14 -0.72
C1 EDO AC . -18.76 -0.85 9.35
O1 EDO AC . -19.53 -0.96 10.55
C2 EDO AC . -17.33 -0.50 9.54
O2 EDO AC . -16.55 -1.34 8.72
C1 EDO BC . -36.02 36.09 16.75
O1 EDO BC . -37.35 35.73 17.16
C2 EDO BC . -35.91 36.00 15.28
O2 EDO BC . -36.13 37.22 14.57
C1 EDO CC . -15.87 41.78 -6.90
O1 EDO CC . -15.59 40.52 -6.29
C2 EDO CC . -14.97 42.99 -6.71
O2 EDO CC . -14.14 42.84 -5.58
C ACT DC . -26.80 17.93 -3.58
O ACT DC . -27.27 19.10 -3.39
OXT ACT DC . -27.49 16.95 -4.05
CH3 ACT DC . -25.32 17.69 -3.23
C1 BMA EC . -66.11 37.89 7.19
C2 BMA EC . -67.46 37.78 7.90
C3 BMA EC . -68.02 36.38 7.83
C4 BMA EC . -67.96 35.83 6.40
C5 BMA EC . -66.53 35.97 5.82
C6 BMA EC . -66.38 35.45 4.40
O2 BMA EC . -68.38 38.72 7.35
O3 BMA EC . -69.37 36.40 8.33
O4 BMA EC . -68.36 34.46 6.34
O5 BMA EC . -66.13 37.38 5.86
O6 BMA EC . -65.83 36.42 3.50
C1 EDO FC . -9.97 17.63 -3.58
O1 EDO FC . -10.73 18.41 -4.50
C2 EDO FC . -8.62 18.20 -3.31
O2 EDO FC . -8.62 19.62 -3.27
C1 NAG GC . -6.31 38.10 3.71
C2 NAG GC . -4.91 38.47 3.20
C3 NAG GC . -4.07 38.92 4.40
C4 NAG GC . -4.74 40.13 5.03
C5 NAG GC . -6.12 39.67 5.50
C6 NAG GC . -6.95 40.77 6.16
C7 NAG GC . -4.11 36.18 2.70
C8 NAG GC . -3.63 35.24 1.61
N2 NAG GC . -4.29 37.46 2.35
O3 NAG GC . -2.80 39.24 3.86
O4 NAG GC . -4.01 40.69 6.11
O5 NAG GC . -6.82 39.30 4.29
O6 NAG GC . -6.74 41.99 5.44
O7 NAG GC . -4.37 35.79 3.84
C1 NAG HC . -4.44 42.97 6.89
C2 NAG HC . -3.24 42.38 7.62
C3 NAG HC . -2.27 43.54 7.86
C4 NAG HC . -1.79 44.13 6.53
C5 NAG HC . -2.90 44.20 5.46
C6 NAG HC . -2.39 44.14 4.02
C7 NAG HC . -3.13 40.32 9.12
C8 NAG HC . -1.79 39.89 8.59
N2 NAG HC . -3.58 41.53 8.76
O3 NAG HC . -1.16 43.21 8.68
O4 NAG HC . -1.27 45.43 6.78
O5 NAG HC . -3.93 43.19 5.58
O6 NAG HC . -1.32 43.19 3.83
O7 NAG HC . -3.78 39.60 9.86
C1 FUC IC . -8.12 42.33 3.99
C2 FUC IC . -8.67 43.73 4.32
C3 FUC IC . -7.56 44.79 4.40
C4 FUC IC . -6.75 44.74 3.10
C5 FUC IC . -6.10 43.35 2.97
C6 FUC IC . -5.25 43.18 1.74
O2 FUC IC . -9.47 43.70 5.49
O3 FUC IC . -8.19 46.07 4.58
O4 FUC IC . -7.66 44.95 2.02
O5 FUC IC . -7.12 42.31 2.93
C1 NAG JC . -18.16 22.98 36.38
C2 NAG JC . -18.78 22.80 37.76
C3 NAG JC . -17.68 22.43 38.76
C4 NAG JC . -16.94 21.18 38.30
C5 NAG JC . -16.38 21.44 36.90
C6 NAG JC . -15.70 20.24 36.26
C7 NAG JC . -20.73 24.21 38.24
C8 NAG JC . -21.18 25.57 38.65
N2 NAG JC . -19.44 24.04 38.12
O3 NAG JC . -18.41 22.14 39.93
O4 NAG JC . -15.88 20.80 39.18
O5 NAG JC . -17.53 21.74 36.06
O6 NAG JC . -14.86 20.66 35.16
O7 NAG JC . -21.52 23.30 37.98
C1 NAG KC . -16.34 19.24 40.68
C2 NAG KC . -14.83 19.13 40.91
C3 NAG KC . -14.53 18.40 42.24
C4 NAG KC . -15.34 18.96 43.42
C5 NAG KC . -16.79 19.28 43.02
C6 NAG KC . -17.50 20.16 44.01
C7 NAG KC . -13.15 18.98 39.09
C8 NAG KC . -12.42 17.95 38.29
N2 NAG KC . -14.23 18.51 39.74
O3 NAG KC . -13.13 18.47 42.50
O4 NAG KC . -15.28 18.07 44.53
O5 NAG KC . -16.84 20.00 41.77
O6 NAG KC . -16.91 21.47 44.01
O7 NAG KC . -12.80 20.15 39.16
#